data_8RHN
#
_entry.id   8RHN
#
_cell.length_a   1.00
_cell.length_b   1.00
_cell.length_c   1.00
_cell.angle_alpha   90.00
_cell.angle_beta   90.00
_cell.angle_gamma   90.00
#
_symmetry.space_group_name_H-M   'P 1'
#
loop_
_entity.id
_entity.type
_entity.pdbx_description
1 polymer 'ATPase family gene 2 protein homolog A'
2 polymer 'ATPase family gene 2 protein homolog B'
3 polymer 'cDNA FLJ55172'
4 polymer 'Cyclin-dependent kinase 2-interacting protein'
#
loop_
_entity_poly.entity_id
_entity_poly.type
_entity_poly.pdbx_seq_one_letter_code
_entity_poly.pdbx_strand_id
1 'polypeptide(L)'
;MSYYHHHHHHDYDIPTTENLYFQGAMGMSSKKNRKRLNQSAENGSSLPSAASSCAEARAPSAGSDFAATSGTLTVTNLLE
KVDDKIPKTFQNSLIHLGLNTMKSANICIGRPVLLTSLNGKQEVYTAWPMAGFPGGKVGLSEMAQKNVGVRPGDAIQVQP
LVGAVLQAEEMDVALSDKDMEINEEELTGCILRKLDGKIVLPGNFLYCTFYGRPYKLQVLRVKGADGMILGGPQSDSDTD
AQRMAFEQSSMETSSLELSLQLSQLDLEDTQIPTSRSTPYKPIDDRITNKASDVLLDVTQSPGDGSGLMLEEVTGLKCNF
ESAREGNEQLTEEERLLKFSIGAKCNTDTFYFISSTTRVNFTEIDKNSKEQDNQFKVTYDMIGGLSSQLKAIREIIELPL
KQPELFKSYGIPAPRGVLLYGPPGTGKTMIARAVANEVGAYVSVINGPEIISKFYGETEAKLRQIFAEATLRHPSIIFID
ELDALCPKREGAQNEVEKRVVASLLTLMDGIGSEVSEGQVLVLGATNRPHALDAALRRPGRFDKEIEIGVPNAQDRLDIL
QKLLRRVPHLLTEAELLQLANSAHGYVGADLKVLCNEAGLCALRRILKKQPNLPDVKVAGLVKITLKDFLQAMNDIRPSA
MREIAIDVPNVSWSDIGGLESIKLKLEQAVEWPLKHPESFIRMGIQPPKGVLLYGPPGCSKTMIAKALANESGLNFLAIK
GPELMNKYVGESERAVRETFRKARAVAPSIIFFDELDALAVERGSSLGAGNVADRVLAQLLTEMDGIEQLKDVTILAATN
RPDRIDKALMRPGRIDRIIYVPLPDAATRREIFKLQFHSMPVSNEVDLDELILQTDAYSGAEIVAVCREAALLALEEDIQ
ANLIMKRHFTQALSTVTPRIPESLRRFYEDYQEKSGLHTL
;
K,L,M,N,E,F,G,H
2 'polypeptide(L)'
;MDYKDDDDKGGGSENLYFQGAGSTMAPDSDPFPEGPLLKLLPLDARDRGTQRCRLGPAALHALGARLGSAVKISLPDGGS
CLCTAWPRRDGADGFVQLDPLCASPGAAVGASRSRRSLSLNRLLLVPCPPLRRVAVWPVLRERAGAPGARNTAAVLEAAQ
ELLRNRPISLGHVVVAPPGAPGLVAALHIVGGTPSPDPAGLVTPRTRVSLGGEPPSEAQPQPEVPLGGLSEAADSLRELL
RLPLRYPRALTALGLAVPRGVLLAGPPGVGKTQLVRAVAREAGAELLAVSAPALQGSRPGETEENVRRVFQRARELASRG
PSLLFLDEMDALCPQRGSRAPESRVVAQVLTLLDGASGDREVVVVGATNRPDALDPALRRPGRFDREVVIGTPTLKQRKE
ILQVITSKMPISSHVDLGLLAEMTVGYVGADLTALCREAAMHALLHSEKNQDNPVIDEIDFLEAFKNIQPSSFRSVIGLM
DIKPVDWEEIGGLEDVKLKLKQSIEWPLKFPWEFVRMGLTQPKGVLLYGPPGCAKTTLVRALATSCHCSFVSVSGADLFS
PFVGDSEKVLSQIFRQARASTPAILFLDEIDSILGARSASKTGCDVQERVLSVLLNELDGVGLKTIERRGSKSSQQEFQE
VFNRSVMIIAATNRPDVLDTALLRPGRLDKIIYIPPPDHKGRLSILKVCTKTMPIGPDVSLENLAAETCFFSGADLRNLC
TEAALLALQENGLDATTVKQEHFLKSLKTVKPSLSCKDLALYENLFKKEGFSNVEGI
;
O,P,I,J
3 'polypeptide(L)'
;MSAWSHPQFEKGGGSGGGSGGSAWSHPQFEKGAGSENLYFQGAGSDSLEFIASKLAGGGSTMTQDRPLLAVQEALKKCFP
VVEEQQGLWQSALRDCQPLLSSLSNLAEQLQAAQNLRFEDVPALRAFPDLKERLRRKQLVAGDIVLDKLGERLAILLKVR
DMVSSHVERVFQIYEQHADTVGIDAVLQPSAVSPSVADMLEWLQDIERHYRKSYLKRKYLLSSIQWGDLANIQALPKAWD
RISKDEHQDLVQDILLNVSFFLEE
;
A,B
4 'polypeptide(L)'
;MSYYHHHHHHDYDIPTTENLYFQGAMEAKTLGTVTPRKPVLSVSARKIKDNAADWHNLILKWETLNDAGFTTANNIANLK
ISLLNKDKIELDSSSPASKENEEKVCLEYNEELEKLCEELQATLDGLTKIQVKMEKLSSTTKGICELENYHYGEESKRPP
LFHTWPTTHFYEVSHKLLEMYRKELLLKRTVAKELAHTGDPDLTLSYLSMWLHQPYVESDSRLHLESMLLETGHRAL
;
C,D
#
# COMPACT_ATOMS: atom_id res chain seq x y z
N VAL A 377 -3.70 -27.75 42.64
CA VAL A 377 -3.17 -26.78 41.70
C VAL A 377 -1.69 -26.58 42.02
N THR A 378 -1.23 -27.29 43.03
CA THR A 378 0.16 -27.19 43.46
C THR A 378 1.10 -27.45 42.31
N TYR A 379 2.33 -26.96 42.43
CA TYR A 379 3.29 -27.14 41.36
C TYR A 379 3.78 -28.58 41.26
N ASP A 380 3.19 -29.50 42.01
CA ASP A 380 3.38 -30.93 41.82
C ASP A 380 2.26 -31.56 40.99
N MET A 381 1.21 -30.80 40.69
CA MET A 381 0.04 -31.38 40.04
C MET A 381 0.40 -31.99 38.71
N ILE A 382 0.76 -31.18 37.72
CA ILE A 382 1.13 -31.80 36.47
C ILE A 382 2.52 -32.37 36.70
N GLY A 383 2.58 -33.64 37.06
CA GLY A 383 3.84 -34.27 37.37
C GLY A 383 4.66 -34.47 36.12
N GLY A 384 5.64 -35.37 36.20
CA GLY A 384 6.50 -35.59 35.06
C GLY A 384 7.50 -34.47 34.91
N LEU A 385 8.69 -34.78 34.39
CA LEU A 385 9.77 -33.81 34.29
C LEU A 385 10.15 -33.27 35.67
N SER A 386 9.88 -34.05 36.71
CA SER A 386 10.14 -33.61 38.08
C SER A 386 11.58 -33.17 38.27
N SER A 387 12.50 -33.70 37.49
CA SER A 387 13.90 -33.29 37.59
C SER A 387 14.07 -31.81 37.29
N GLN A 388 13.76 -31.41 36.06
CA GLN A 388 13.83 -30.00 35.70
C GLN A 388 12.91 -29.18 36.59
N LEU A 389 11.80 -29.75 37.01
CA LEU A 389 10.91 -29.09 37.95
C LEU A 389 11.66 -28.63 39.19
N LYS A 390 12.24 -29.59 39.93
CA LYS A 390 12.93 -29.26 41.17
C LYS A 390 14.13 -28.36 40.91
N ALA A 391 14.84 -28.60 39.80
CA ALA A 391 15.98 -27.77 39.47
C ALA A 391 15.57 -26.31 39.38
N ILE A 392 14.62 -26.01 38.50
CA ILE A 392 14.16 -24.63 38.33
C ILE A 392 13.53 -24.13 39.62
N ARG A 393 12.90 -25.02 40.39
CA ARG A 393 12.31 -24.63 41.66
C ARG A 393 13.36 -23.99 42.57
N GLU A 394 14.40 -24.75 42.89
CA GLU A 394 15.45 -24.22 43.75
C GLU A 394 16.13 -23.01 43.12
N ILE A 395 16.36 -23.06 41.80
CA ILE A 395 17.05 -21.97 41.13
C ILE A 395 16.28 -20.67 41.28
N ILE A 396 14.96 -20.74 41.27
CA ILE A 396 14.18 -19.52 41.40
C ILE A 396 14.03 -19.14 42.86
N GLU A 397 13.92 -20.14 43.73
CA GLU A 397 13.68 -19.87 45.15
C GLU A 397 14.89 -19.20 45.79
N LEU A 398 16.02 -19.91 45.82
CA LEU A 398 17.14 -19.49 46.66
C LEU A 398 17.55 -18.03 46.52
N PRO A 399 17.68 -17.47 45.30
CA PRO A 399 18.15 -16.08 45.21
C PRO A 399 17.34 -15.12 46.05
N LEU A 400 16.02 -15.11 45.87
CA LEU A 400 15.19 -14.19 46.63
C LEU A 400 15.35 -14.38 48.13
N LYS A 401 15.54 -15.63 48.57
CA LYS A 401 15.53 -15.89 50.00
C LYS A 401 16.87 -15.55 50.64
N GLN A 402 17.93 -16.21 50.21
CA GLN A 402 19.27 -16.00 50.75
C GLN A 402 20.19 -15.60 49.62
N PRO A 403 20.06 -14.37 49.11
CA PRO A 403 21.00 -13.91 48.08
C PRO A 403 22.38 -13.66 48.66
N GLU A 404 22.51 -13.79 49.98
CA GLU A 404 23.80 -13.56 50.62
C GLU A 404 24.78 -14.67 50.31
N LEU A 405 24.36 -15.93 50.48
CA LEU A 405 25.21 -17.04 50.06
C LEU A 405 25.45 -16.99 48.56
N PHE A 406 24.53 -16.40 47.81
CA PHE A 406 24.69 -16.19 46.38
C PHE A 406 25.88 -15.27 46.14
N LYS A 407 25.77 -14.02 46.59
CA LYS A 407 26.83 -13.03 46.40
C LYS A 407 28.13 -13.46 47.04
N SER A 408 28.08 -14.39 48.00
CA SER A 408 29.31 -14.93 48.56
C SER A 408 30.18 -15.55 47.47
N TYR A 409 29.57 -16.06 46.42
CA TYR A 409 30.31 -16.63 45.30
C TYR A 409 30.73 -15.60 44.28
N GLY A 410 30.45 -14.32 44.53
CA GLY A 410 30.81 -13.27 43.61
C GLY A 410 30.25 -13.55 42.23
N ILE A 411 28.94 -13.61 42.12
CA ILE A 411 28.32 -14.11 40.91
C ILE A 411 27.14 -13.22 40.53
N PRO A 412 26.91 -12.99 39.25
CA PRO A 412 25.75 -12.18 38.86
C PRO A 412 24.46 -12.87 39.22
N ALA A 413 23.44 -12.07 39.50
CA ALA A 413 22.14 -12.62 39.82
C ALA A 413 21.58 -13.39 38.63
N PRO A 414 20.86 -14.46 38.89
CA PRO A 414 20.25 -15.18 37.77
C PRO A 414 19.11 -14.34 37.24
N ARG A 415 19.33 -13.69 36.10
CA ARG A 415 18.37 -12.70 35.63
C ARG A 415 17.31 -13.32 34.74
N GLY A 416 17.72 -13.88 33.62
CA GLY A 416 16.78 -14.32 32.63
C GLY A 416 16.58 -15.82 32.55
N VAL A 417 15.43 -16.28 33.01
CA VAL A 417 15.05 -17.67 32.88
C VAL A 417 14.10 -17.76 31.70
N LEU A 418 14.05 -18.94 31.08
CA LEU A 418 13.26 -19.12 29.89
C LEU A 418 13.10 -20.61 29.63
N LEU A 419 11.87 -21.02 29.30
CA LEU A 419 11.55 -22.39 28.98
C LEU A 419 11.02 -22.46 27.56
N TYR A 420 11.04 -23.66 26.98
CA TYR A 420 10.41 -23.77 25.67
C TYR A 420 9.95 -25.20 25.39
N GLY A 421 8.79 -25.31 24.78
CA GLY A 421 8.20 -26.57 24.40
C GLY A 421 6.99 -26.37 23.51
N PRO A 422 6.51 -27.45 22.90
CA PRO A 422 5.37 -27.35 21.97
C PRO A 422 4.06 -27.03 22.67
N PRO A 423 3.70 -27.67 23.78
CA PRO A 423 2.33 -27.50 24.29
C PRO A 423 2.02 -26.07 24.69
N GLY A 424 0.74 -25.81 24.91
CA GLY A 424 0.33 -24.56 25.51
C GLY A 424 0.09 -24.73 26.99
N THR A 425 -0.67 -25.78 27.33
CA THR A 425 -1.02 -25.99 28.73
C THR A 425 0.19 -26.40 29.54
N GLY A 426 1.19 -27.04 28.94
CA GLY A 426 2.33 -27.47 29.71
C GLY A 426 3.07 -26.30 30.33
N LYS A 427 3.68 -25.51 29.46
CA LYS A 427 4.31 -24.27 29.87
C LYS A 427 3.39 -23.45 30.78
N THR A 428 2.13 -23.29 30.36
CA THR A 428 1.28 -22.34 31.04
C THR A 428 0.95 -22.80 32.46
N MET A 429 0.57 -24.07 32.60
CA MET A 429 0.37 -24.68 33.92
C MET A 429 1.60 -24.48 34.77
N ILE A 430 2.77 -24.84 34.22
CA ILE A 430 4.01 -24.70 34.99
C ILE A 430 4.08 -23.30 35.57
N ALA A 431 4.07 -22.30 34.69
CA ALA A 431 4.24 -20.92 35.11
C ALA A 431 3.21 -20.56 36.17
N ARG A 432 1.93 -20.69 35.80
CA ARG A 432 0.86 -20.24 36.67
C ARG A 432 0.99 -20.85 38.06
N ALA A 433 1.04 -22.19 38.12
CA ALA A 433 1.01 -22.86 39.41
C ALA A 433 2.23 -22.53 40.25
N VAL A 434 3.43 -22.69 39.66
CA VAL A 434 4.63 -22.43 40.45
C VAL A 434 4.60 -21.01 40.98
N ALA A 435 4.21 -20.06 40.13
CA ALA A 435 4.26 -18.65 40.51
C ALA A 435 3.27 -18.36 41.63
N ASN A 436 2.05 -18.85 41.51
CA ASN A 436 1.08 -18.64 42.57
C ASN A 436 1.57 -19.24 43.88
N GLU A 437 2.26 -20.38 43.80
CA GLU A 437 2.66 -21.08 45.02
C GLU A 437 4.04 -20.72 45.51
N VAL A 438 4.70 -19.72 44.91
CA VAL A 438 6.01 -19.30 45.43
C VAL A 438 5.88 -18.76 46.85
N GLY A 439 4.77 -18.09 47.16
CA GLY A 439 4.66 -17.35 48.40
C GLY A 439 5.01 -15.88 48.30
N ALA A 440 5.04 -15.33 47.09
CA ALA A 440 5.31 -13.92 46.88
C ALA A 440 4.51 -13.46 45.67
N TYR A 441 4.86 -12.29 45.14
CA TYR A 441 4.00 -11.61 44.17
C TYR A 441 4.29 -12.08 42.75
N VAL A 442 3.26 -12.01 41.91
CA VAL A 442 3.31 -12.42 40.51
C VAL A 442 2.53 -11.41 39.69
N SER A 443 2.75 -11.44 38.37
CA SER A 443 1.87 -10.76 37.43
C SER A 443 1.89 -11.57 36.14
N VAL A 444 0.89 -12.42 35.96
CA VAL A 444 0.76 -13.13 34.69
C VAL A 444 0.40 -12.11 33.62
N ILE A 445 1.23 -12.03 32.59
CA ILE A 445 1.07 -11.03 31.54
C ILE A 445 1.04 -11.77 30.22
N ASN A 446 -0.16 -12.05 29.71
CA ASN A 446 -0.28 -12.83 28.49
C ASN A 446 0.13 -12.01 27.29
N GLY A 447 0.87 -12.65 26.38
CA GLY A 447 1.63 -11.96 25.37
C GLY A 447 0.84 -11.03 24.48
N PRO A 448 0.01 -11.60 23.60
CA PRO A 448 -0.67 -10.76 22.61
C PRO A 448 -1.61 -9.74 23.21
N GLU A 449 -1.99 -9.90 24.48
CA GLU A 449 -2.95 -8.99 25.10
C GLU A 449 -2.43 -7.55 25.10
N ILE A 450 -1.12 -7.37 25.28
CA ILE A 450 -0.56 -6.01 25.31
C ILE A 450 -0.41 -5.43 23.92
N ILE A 451 -0.56 -6.24 22.87
CA ILE A 451 -0.34 -5.75 21.52
C ILE A 451 -1.47 -4.80 21.14
N SER A 452 -1.22 -3.50 21.26
CA SER A 452 -2.12 -2.46 20.80
C SER A 452 -1.28 -1.44 20.04
N LYS A 453 -1.66 -1.14 18.79
CA LYS A 453 -0.82 -0.34 17.93
C LYS A 453 -0.63 1.08 18.44
N PHE A 454 -1.44 1.53 19.39
CA PHE A 454 -1.17 2.77 20.09
C PHE A 454 0.19 2.68 20.78
N TYR A 455 1.09 3.59 20.43
CA TYR A 455 2.41 3.56 21.02
C TYR A 455 2.34 3.90 22.50
N GLY A 456 3.47 3.71 23.18
CA GLY A 456 3.56 4.02 24.60
C GLY A 456 2.85 3.01 25.47
N GLU A 457 1.57 2.77 25.16
CA GLU A 457 0.74 1.89 25.97
C GLU A 457 1.45 0.58 26.28
N THR A 458 2.04 -0.03 25.26
CA THR A 458 2.79 -1.26 25.47
C THR A 458 3.96 -1.02 26.42
N GLU A 459 4.86 -0.13 26.04
CA GLU A 459 6.08 0.07 26.83
C GLU A 459 5.77 0.68 28.18
N ALA A 460 4.92 1.70 28.21
CA ALA A 460 4.58 2.31 29.49
C ALA A 460 3.82 1.33 30.38
N LYS A 461 3.05 0.43 29.78
CA LYS A 461 2.38 -0.60 30.56
C LYS A 461 3.41 -1.51 31.21
N LEU A 462 4.38 -1.96 30.41
CA LEU A 462 5.52 -2.69 30.97
C LEU A 462 6.15 -1.90 32.10
N ARG A 463 6.26 -0.59 31.92
CA ARG A 463 6.84 0.27 32.96
C ARG A 463 6.03 0.17 34.24
N GLN A 464 4.71 0.22 34.12
CA GLN A 464 3.86 0.06 35.28
C GLN A 464 4.11 -1.28 35.95
N ILE A 465 4.20 -2.32 35.14
CA ILE A 465 4.47 -3.65 35.70
C ILE A 465 5.76 -3.62 36.49
N PHE A 466 6.79 -3.01 35.93
CA PHE A 466 8.09 -3.00 36.59
C PHE A 466 8.04 -2.18 37.87
N ALA A 467 7.34 -1.05 37.85
CA ALA A 467 7.21 -0.26 39.05
C ALA A 467 6.48 -1.03 40.13
N GLU A 468 5.43 -1.75 39.74
CA GLU A 468 4.69 -2.56 40.69
C GLU A 468 5.60 -3.59 41.33
N ALA A 469 6.24 -4.40 40.48
CA ALA A 469 7.19 -5.39 40.98
C ALA A 469 8.26 -4.75 41.84
N THR A 470 8.60 -3.50 41.58
CA THR A 470 9.53 -2.80 42.43
C THR A 470 8.93 -2.61 43.82
N LEU A 471 7.75 -1.99 43.88
CA LEU A 471 7.10 -1.82 45.16
C LEU A 471 6.64 -3.17 45.72
N ARG A 472 6.21 -4.07 44.84
CA ARG A 472 6.05 -5.46 45.23
C ARG A 472 7.43 -6.07 45.35
N HIS A 473 8.21 -5.59 46.34
CA HIS A 473 9.65 -5.75 46.42
C HIS A 473 10.09 -7.16 46.05
N PRO A 474 9.66 -8.22 46.78
CA PRO A 474 9.97 -9.58 46.30
C PRO A 474 8.90 -10.09 45.35
N SER A 475 9.24 -10.38 44.10
CA SER A 475 8.22 -10.71 43.10
C SER A 475 8.85 -11.42 41.92
N ILE A 476 8.00 -11.85 40.99
CA ILE A 476 8.40 -12.53 39.77
C ILE A 476 7.47 -12.10 38.65
N ILE A 477 8.03 -11.75 37.51
CA ILE A 477 7.26 -11.34 36.34
C ILE A 477 7.41 -12.39 35.25
N PHE A 478 6.31 -12.80 34.67
CA PHE A 478 6.32 -13.79 33.61
C PHE A 478 5.59 -13.28 32.38
N ILE A 479 6.01 -13.77 31.23
CA ILE A 479 5.40 -13.44 29.95
C ILE A 479 5.12 -14.73 29.21
N ASP A 480 3.85 -14.98 28.92
CA ASP A 480 3.46 -16.12 28.10
C ASP A 480 3.50 -15.72 26.63
N GLU A 481 3.82 -16.69 25.77
CA GLU A 481 3.94 -16.45 24.34
C GLU A 481 4.84 -15.26 24.05
N LEU A 482 5.99 -15.24 24.73
CA LEU A 482 6.92 -14.14 24.57
C LEU A 482 7.37 -13.98 23.12
N ASP A 483 7.48 -15.09 22.39
CA ASP A 483 7.89 -15.01 20.99
C ASP A 483 6.93 -14.18 20.17
N ALA A 484 5.63 -14.26 20.49
CA ALA A 484 4.67 -13.38 19.83
C ALA A 484 4.99 -11.93 20.10
N LEU A 485 5.47 -11.62 21.31
CA LEU A 485 5.80 -10.25 21.64
C LEU A 485 7.06 -9.79 20.91
N CYS A 486 8.08 -10.64 20.85
CA CYS A 486 9.36 -10.29 20.25
C CYS A 486 9.71 -11.23 19.10
N PRO A 487 8.96 -11.17 17.98
CA PRO A 487 9.36 -11.94 16.81
C PRO A 487 10.73 -11.54 16.31
N LYS A 488 11.36 -12.46 15.59
CA LYS A 488 12.72 -12.28 15.12
C LYS A 488 12.82 -11.06 14.21
N ARG A 489 14.03 -10.51 14.11
CA ARG A 489 14.23 -9.27 13.36
C ARG A 489 13.82 -9.44 11.90
N GLU A 490 14.23 -10.55 11.27
CA GLU A 490 13.76 -10.80 9.91
C GLU A 490 12.33 -11.31 9.91
N GLY A 491 11.89 -11.93 11.01
CA GLY A 491 10.54 -12.42 11.11
C GLY A 491 9.53 -11.32 11.39
N ALA A 492 9.86 -10.44 12.33
CA ALA A 492 8.97 -9.33 12.67
C ALA A 492 8.92 -8.34 11.51
N GLN A 493 7.80 -8.29 10.80
CA GLN A 493 7.60 -7.33 9.75
C GLN A 493 6.90 -6.07 10.24
N ASN A 494 7.10 -5.73 11.52
CA ASN A 494 6.70 -4.44 12.08
C ASN A 494 7.85 -3.91 12.92
N GLU A 495 8.24 -2.66 12.67
CA GLU A 495 9.35 -2.08 13.40
C GLU A 495 8.92 -1.54 14.75
N VAL A 496 7.62 -1.35 14.97
CA VAL A 496 7.11 -1.04 16.30
C VAL A 496 7.56 -2.10 17.29
N GLU A 497 7.54 -3.36 16.85
CA GLU A 497 7.96 -4.45 17.72
C GLU A 497 9.44 -4.36 18.03
N LYS A 498 10.28 -4.13 17.02
CA LYS A 498 11.70 -3.93 17.26
C LYS A 498 11.91 -2.84 18.29
N ARG A 499 11.21 -1.73 18.12
CA ARG A 499 11.25 -0.61 19.06
C ARG A 499 10.95 -1.05 20.48
N VAL A 500 9.76 -1.65 20.67
CA VAL A 500 9.29 -1.92 22.01
C VAL A 500 10.14 -3.01 22.67
N VAL A 501 10.65 -3.96 21.90
CA VAL A 501 11.48 -4.98 22.52
C VAL A 501 12.84 -4.42 22.88
N ALA A 502 13.37 -3.49 22.08
CA ALA A 502 14.59 -2.81 22.50
C ALA A 502 14.37 -2.06 23.81
N SER A 503 13.22 -1.39 23.92
CA SER A 503 12.84 -0.76 25.17
C SER A 503 12.87 -1.78 26.29
N LEU A 504 11.98 -2.77 26.22
CA LEU A 504 11.93 -3.87 27.16
C LEU A 504 13.32 -4.33 27.58
N LEU A 505 14.21 -4.48 26.60
CA LEU A 505 15.58 -4.88 26.85
C LEU A 505 16.25 -3.95 27.85
N THR A 506 16.35 -2.66 27.50
CA THR A 506 17.04 -1.75 28.40
C THR A 506 16.33 -1.65 29.74
N LEU A 507 15.00 -1.74 29.74
CA LEU A 507 14.25 -1.70 30.98
C LEU A 507 14.72 -2.80 31.92
N MET A 508 14.61 -4.05 31.47
CA MET A 508 14.96 -5.16 32.34
C MET A 508 16.42 -5.07 32.76
N ASP A 509 17.29 -4.68 31.84
CA ASP A 509 18.69 -4.52 32.19
C ASP A 509 18.81 -3.58 33.39
N GLY A 510 18.25 -2.38 33.24
CA GLY A 510 18.38 -1.40 34.29
C GLY A 510 17.79 -1.86 35.60
N ILE A 511 16.62 -2.50 35.55
CA ILE A 511 15.96 -2.87 36.80
C ILE A 511 16.78 -3.93 37.52
N GLY A 512 17.07 -5.04 36.83
CA GLY A 512 17.81 -6.10 37.46
C GLY A 512 19.20 -5.70 37.87
N SER A 513 19.73 -4.63 37.29
CA SER A 513 21.03 -4.15 37.73
C SER A 513 20.90 -3.29 38.98
N GLU A 514 20.21 -2.14 38.86
CA GLU A 514 20.31 -1.13 39.90
C GLU A 514 19.32 -1.35 41.04
N VAL A 515 18.12 -1.87 40.75
CA VAL A 515 17.12 -1.96 41.81
C VAL A 515 17.61 -2.87 42.92
N SER A 516 18.25 -3.97 42.55
CA SER A 516 18.85 -4.92 43.48
C SER A 516 19.71 -5.87 42.65
N GLU A 517 20.22 -6.91 43.29
CA GLU A 517 20.96 -7.97 42.61
C GLU A 517 20.19 -9.29 42.73
N GLY A 518 18.88 -9.23 42.51
CA GLY A 518 18.07 -10.43 42.51
C GLY A 518 16.71 -10.30 43.16
N GLN A 519 16.55 -9.31 44.04
CA GLN A 519 15.32 -9.20 44.82
C GLN A 519 14.10 -8.93 43.95
N VAL A 520 14.33 -8.69 42.67
CA VAL A 520 13.28 -8.70 41.65
C VAL A 520 13.74 -9.58 40.51
N LEU A 521 12.89 -10.50 40.09
CA LEU A 521 13.29 -11.57 39.19
C LEU A 521 12.25 -11.76 38.10
N VAL A 522 12.72 -12.02 36.88
CA VAL A 522 11.85 -12.17 35.73
C VAL A 522 11.78 -13.64 35.36
N LEU A 523 10.75 -13.98 34.58
CA LEU A 523 10.50 -15.34 34.11
C LEU A 523 10.34 -15.33 32.60
N GLY A 524 9.90 -16.45 32.03
CA GLY A 524 9.64 -16.48 30.61
C GLY A 524 9.38 -17.87 30.04
N ALA A 525 8.68 -17.91 28.92
CA ALA A 525 8.42 -19.16 28.20
C ALA A 525 7.86 -18.82 26.83
N THR A 526 8.08 -19.71 25.88
CA THR A 526 7.63 -19.49 24.51
C THR A 526 7.04 -20.77 23.95
N ASN A 527 6.62 -20.68 22.70
CA ASN A 527 6.30 -21.84 21.90
C ASN A 527 7.45 -22.27 21.01
N ARG A 528 8.38 -21.37 20.74
CA ARG A 528 9.51 -21.69 19.88
C ARG A 528 10.72 -20.84 20.26
N PRO A 529 11.77 -21.45 20.80
CA PRO A 529 12.97 -20.68 21.10
C PRO A 529 13.68 -20.19 19.86
N HIS A 530 13.48 -20.83 18.72
CA HIS A 530 14.11 -20.34 17.49
C HIS A 530 13.47 -19.04 17.05
N ALA A 531 12.16 -18.93 17.15
CA ALA A 531 11.43 -17.73 16.76
C ALA A 531 11.67 -16.56 17.69
N LEU A 532 12.61 -16.74 18.62
CA LEU A 532 12.99 -15.70 19.56
C LEU A 532 14.06 -14.82 18.94
N ASP A 533 14.29 -13.65 19.54
CA ASP A 533 15.29 -12.72 19.07
C ASP A 533 16.67 -13.07 19.60
N ALA A 534 17.68 -12.83 18.76
CA ALA A 534 19.06 -13.10 19.14
C ALA A 534 19.46 -12.29 20.37
N ALA A 535 19.20 -11.00 20.35
CA ALA A 535 19.73 -10.11 21.38
C ALA A 535 19.02 -10.26 22.70
N LEU A 536 18.22 -11.30 22.91
CA LEU A 536 17.57 -11.47 24.20
C LEU A 536 18.40 -12.30 25.16
N ARG A 537 19.12 -13.30 24.66
CA ARG A 537 19.92 -14.15 25.51
C ARG A 537 21.26 -13.54 25.88
N ARG A 538 21.42 -12.22 25.73
CA ARG A 538 22.67 -11.57 26.09
C ARG A 538 22.92 -11.73 27.60
N PRO A 539 24.17 -11.62 28.02
CA PRO A 539 24.48 -11.85 29.44
C PRO A 539 23.67 -10.93 30.33
N GLY A 540 23.32 -11.46 31.49
CA GLY A 540 22.52 -10.70 32.45
C GLY A 540 21.13 -10.41 31.93
N ARG A 541 20.75 -11.03 30.81
CA ARG A 541 19.42 -10.84 30.26
C ARG A 541 18.63 -12.13 30.14
N PHE A 542 19.22 -13.16 29.52
CA PHE A 542 18.53 -14.44 29.38
C PHE A 542 19.59 -15.53 29.23
N ASP A 543 19.79 -16.30 30.29
CA ASP A 543 20.75 -17.40 30.27
C ASP A 543 20.09 -18.74 30.55
N LYS A 544 19.24 -18.81 31.57
CA LYS A 544 18.72 -20.07 32.07
C LYS A 544 17.70 -20.62 31.07
N GLU A 545 18.21 -21.24 30.02
CA GLU A 545 17.36 -21.87 29.02
C GLU A 545 17.01 -23.30 29.44
N ILE A 546 15.76 -23.68 29.25
CA ILE A 546 15.33 -25.04 29.55
C ILE A 546 14.48 -25.58 28.39
N GLU A 547 14.78 -26.81 28.01
CA GLU A 547 13.94 -27.56 27.09
C GLU A 547 12.97 -28.41 27.90
N ILE A 548 11.70 -28.39 27.52
CA ILE A 548 10.67 -29.16 28.19
C ILE A 548 9.70 -29.64 27.12
N GLY A 549 9.53 -30.95 27.00
CA GLY A 549 8.73 -31.49 25.92
C GLY A 549 8.11 -32.84 26.18
N VAL A 550 8.11 -33.69 25.17
CA VAL A 550 7.44 -34.98 25.18
C VAL A 550 7.83 -35.77 26.43
N PRO A 551 6.88 -36.15 27.26
CA PRO A 551 7.21 -36.97 28.43
C PRO A 551 7.62 -38.37 28.04
N ASN A 552 7.83 -39.23 29.03
CA ASN A 552 8.28 -40.58 28.76
C ASN A 552 7.37 -41.59 29.42
N ALA A 553 7.76 -42.87 29.38
CA ALA A 553 6.93 -43.92 29.94
C ALA A 553 6.49 -43.58 31.35
N GLN A 554 7.45 -43.44 32.26
CA GLN A 554 7.11 -43.11 33.63
C GLN A 554 6.43 -41.76 33.72
N ASP A 555 6.86 -40.80 32.91
CA ASP A 555 6.25 -39.48 32.94
C ASP A 555 4.83 -39.53 32.38
N ARG A 556 4.62 -40.25 31.29
CA ARG A 556 3.26 -40.45 30.79
C ARG A 556 2.39 -41.04 31.88
N LEU A 557 2.90 -42.04 32.59
CA LEU A 557 2.13 -42.69 33.63
C LEU A 557 1.80 -41.74 34.76
N ASP A 558 2.79 -40.97 35.22
CA ASP A 558 2.55 -39.97 36.24
C ASP A 558 1.49 -38.98 35.80
N ILE A 559 1.56 -38.55 34.55
CA ILE A 559 0.57 -37.62 34.02
C ILE A 559 -0.81 -38.24 34.11
N LEU A 560 -0.95 -39.47 33.61
CA LEU A 560 -2.23 -40.16 33.67
C LEU A 560 -2.74 -40.21 35.10
N GLN A 561 -1.87 -40.56 36.04
CA GLN A 561 -2.30 -40.79 37.41
C GLN A 561 -2.78 -39.51 38.06
N LYS A 562 -1.98 -38.46 38.01
CA LYS A 562 -2.40 -37.23 38.66
C LYS A 562 -3.57 -36.59 37.92
N LEU A 563 -3.69 -36.80 36.60
CA LEU A 563 -4.89 -36.38 35.91
C LEU A 563 -6.11 -37.08 36.49
N LEU A 564 -6.10 -38.41 36.48
CA LEU A 564 -7.26 -39.18 36.93
C LEU A 564 -7.44 -39.17 38.43
N ARG A 565 -6.64 -38.39 39.17
CA ARG A 565 -6.86 -38.20 40.60
C ARG A 565 -8.35 -38.13 40.98
N ARG A 566 -9.12 -37.29 40.30
CA ARG A 566 -10.47 -36.99 40.75
C ARG A 566 -11.53 -37.34 39.72
N VAL A 567 -11.44 -38.52 39.12
CA VAL A 567 -12.50 -38.99 38.23
C VAL A 567 -12.98 -40.35 38.71
N PRO A 568 -14.28 -40.53 38.99
CA PRO A 568 -14.77 -41.87 39.32
C PRO A 568 -14.64 -42.77 38.10
N HIS A 569 -13.74 -43.74 38.18
CA HIS A 569 -13.31 -44.48 37.01
C HIS A 569 -13.44 -45.98 37.26
N LEU A 570 -13.09 -46.75 36.24
CA LEU A 570 -13.05 -48.21 36.32
C LEU A 570 -11.66 -48.80 36.15
N LEU A 571 -10.71 -48.04 35.63
CA LEU A 571 -9.45 -48.62 35.20
C LEU A 571 -8.64 -49.16 36.37
N THR A 572 -7.69 -50.02 36.05
CA THR A 572 -6.75 -50.55 37.04
C THR A 572 -5.32 -50.38 36.55
N GLU A 573 -4.38 -51.01 37.26
CA GLU A 573 -2.97 -50.81 36.95
C GLU A 573 -2.62 -51.25 35.54
N ALA A 574 -2.81 -52.54 35.24
CA ALA A 574 -2.24 -53.11 34.02
C ALA A 574 -2.78 -52.46 32.77
N GLU A 575 -4.09 -52.18 32.73
CA GLU A 575 -4.64 -51.51 31.57
C GLU A 575 -4.09 -50.10 31.44
N LEU A 576 -3.85 -49.42 32.56
CA LEU A 576 -3.19 -48.12 32.49
C LEU A 576 -1.79 -48.25 31.93
N LEU A 577 -1.07 -49.30 32.34
CA LEU A 577 0.25 -49.57 31.78
C LEU A 577 0.18 -49.68 30.27
N GLN A 578 -0.64 -50.60 29.78
CA GLN A 578 -0.72 -50.81 28.33
C GLN A 578 -1.22 -49.55 27.62
N LEU A 579 -2.09 -48.78 28.27
CA LEU A 579 -2.56 -47.54 27.70
C LEU A 579 -1.40 -46.57 27.47
N ALA A 580 -0.63 -46.31 28.53
CA ALA A 580 0.55 -45.48 28.39
C ALA A 580 1.49 -46.03 27.34
N ASN A 581 1.58 -47.36 27.25
CA ASN A 581 2.38 -47.97 26.21
C ASN A 581 1.85 -47.61 24.83
N SER A 582 0.55 -47.41 24.72
CA SER A 582 -0.05 -47.00 23.46
C SER A 582 0.05 -45.50 23.20
N ALA A 583 0.74 -44.76 24.06
CA ALA A 583 0.83 -43.31 23.93
C ALA A 583 2.08 -42.95 23.14
N HIS A 584 1.89 -42.19 22.06
CA HIS A 584 3.01 -41.82 21.19
C HIS A 584 2.70 -40.44 20.61
N GLY A 585 3.22 -39.40 21.24
CA GLY A 585 3.07 -38.06 20.74
C GLY A 585 2.03 -37.20 21.45
N TYR A 586 1.81 -37.41 22.74
CA TYR A 586 0.84 -36.64 23.52
C TYR A 586 1.54 -35.65 24.43
N VAL A 587 0.76 -34.71 24.95
CA VAL A 587 1.19 -33.82 26.01
C VAL A 587 0.02 -33.65 26.98
N GLY A 588 0.20 -32.82 28.00
CA GLY A 588 -0.77 -32.65 29.06
C GLY A 588 -2.20 -32.46 28.61
N ALA A 589 -2.51 -31.35 27.95
CA ALA A 589 -3.87 -31.11 27.52
C ALA A 589 -4.39 -32.22 26.62
N ASP A 590 -3.50 -32.86 25.87
CA ASP A 590 -3.91 -33.95 25.00
C ASP A 590 -4.49 -35.09 25.81
N LEU A 591 -3.78 -35.52 26.84
CA LEU A 591 -4.32 -36.58 27.70
C LEU A 591 -5.53 -36.08 28.47
N LYS A 592 -5.58 -34.80 28.80
CA LYS A 592 -6.76 -34.25 29.47
C LYS A 592 -8.00 -34.46 28.61
N VAL A 593 -7.98 -33.94 27.38
CA VAL A 593 -9.12 -34.11 26.49
C VAL A 593 -9.37 -35.58 26.20
N LEU A 594 -8.31 -36.40 26.19
CA LEU A 594 -8.49 -37.84 26.04
C LEU A 594 -9.41 -38.39 27.11
N CYS A 595 -9.05 -38.16 28.37
CA CYS A 595 -9.89 -38.65 29.46
C CYS A 595 -11.28 -38.01 29.42
N ASN A 596 -11.37 -36.76 29.00
CA ASN A 596 -12.67 -36.11 28.90
C ASN A 596 -13.57 -36.84 27.92
N GLU A 597 -13.05 -37.12 26.73
CA GLU A 597 -13.86 -37.81 25.72
C GLU A 597 -14.16 -39.23 26.14
N ALA A 598 -13.24 -39.89 26.83
CA ALA A 598 -13.54 -41.22 27.37
C ALA A 598 -14.72 -41.16 28.33
N GLY A 599 -14.72 -40.18 29.24
CA GLY A 599 -15.83 -40.05 30.17
C GLY A 599 -17.13 -39.70 29.48
N LEU A 600 -17.06 -38.84 28.46
CA LEU A 600 -18.28 -38.49 27.76
C LEU A 600 -18.83 -39.66 26.97
N CYS A 601 -17.96 -40.50 26.41
CA CYS A 601 -18.47 -41.68 25.71
C CYS A 601 -18.97 -42.73 26.69
N ALA A 602 -18.43 -42.76 27.91
CA ALA A 602 -19.01 -43.60 28.95
C ALA A 602 -20.41 -43.13 29.31
N LEU A 603 -20.57 -41.83 29.48
CA LEU A 603 -21.90 -41.25 29.69
C LEU A 603 -22.82 -41.59 28.52
N ARG A 604 -22.29 -41.54 27.31
CA ARG A 604 -23.07 -41.88 26.12
C ARG A 604 -23.55 -43.32 26.19
N ARG A 605 -22.65 -44.24 26.52
CA ARG A 605 -23.06 -45.63 26.68
C ARG A 605 -24.14 -45.75 27.75
N ILE A 606 -23.98 -45.05 28.86
CA ILE A 606 -24.96 -45.13 29.94
C ILE A 606 -26.33 -44.70 29.45
N LEU A 607 -26.39 -43.61 28.68
CA LEU A 607 -27.67 -43.09 28.23
C LEU A 607 -28.12 -43.65 26.89
N LYS A 608 -27.36 -44.57 26.29
CA LYS A 608 -27.74 -45.21 25.04
C LYS A 608 -28.82 -46.27 25.21
N LYS A 609 -29.10 -46.69 26.45
CA LYS A 609 -30.12 -47.71 26.68
C LYS A 609 -31.19 -47.16 27.62
N GLN A 610 -30.78 -46.26 28.51
CA GLN A 610 -31.69 -45.61 29.46
C GLN A 610 -31.59 -44.11 29.21
N PRO A 611 -32.26 -43.60 28.16
CA PRO A 611 -32.18 -42.17 27.83
C PRO A 611 -33.19 -41.29 28.55
N ASN A 612 -34.05 -41.86 29.39
CA ASN A 612 -35.03 -41.10 30.16
C ASN A 612 -34.53 -40.79 31.56
N LEU A 613 -33.22 -40.60 31.71
CA LEU A 613 -32.61 -40.42 33.01
C LEU A 613 -32.18 -38.98 33.20
N PRO A 614 -32.65 -38.30 34.26
CA PRO A 614 -32.21 -36.93 34.50
C PRO A 614 -30.73 -36.85 34.86
N ASP A 615 -30.23 -35.64 35.12
CA ASP A 615 -28.81 -35.46 35.40
C ASP A 615 -28.40 -36.13 36.71
N VAL A 616 -29.34 -36.28 37.64
CA VAL A 616 -28.99 -36.69 39.00
C VAL A 616 -28.68 -38.18 39.07
N LYS A 617 -29.39 -39.00 38.30
CA LYS A 617 -29.17 -40.45 38.36
C LYS A 617 -28.02 -40.90 37.47
N VAL A 618 -27.38 -39.98 36.75
CA VAL A 618 -26.26 -40.32 35.88
C VAL A 618 -25.00 -39.54 36.20
N ALA A 619 -25.04 -38.46 36.98
CA ALA A 619 -23.85 -37.67 37.21
C ALA A 619 -22.80 -38.39 38.06
N GLY A 620 -23.18 -39.47 38.75
CA GLY A 620 -22.25 -40.13 39.64
C GLY A 620 -21.84 -41.54 39.26
N LEU A 621 -22.76 -42.29 38.65
CA LEU A 621 -22.52 -43.72 38.43
C LEU A 621 -21.51 -43.97 37.31
N VAL A 622 -21.45 -43.09 36.32
CA VAL A 622 -20.67 -43.36 35.12
C VAL A 622 -19.19 -43.39 35.48
N LYS A 623 -18.49 -44.43 35.02
CA LYS A 623 -17.06 -44.57 35.22
C LYS A 623 -16.42 -45.08 33.95
N ILE A 624 -15.19 -44.63 33.70
CA ILE A 624 -14.54 -44.87 32.42
C ILE A 624 -14.00 -46.30 32.37
N THR A 625 -14.51 -47.09 31.44
CA THR A 625 -13.89 -48.36 31.14
C THR A 625 -12.75 -48.17 30.16
N LEU A 626 -11.99 -49.24 29.92
CA LEU A 626 -10.90 -49.16 28.97
C LEU A 626 -11.41 -48.85 27.57
N LYS A 627 -12.53 -49.48 27.17
CA LYS A 627 -13.07 -49.28 25.83
C LYS A 627 -13.23 -47.81 25.50
N ASP A 628 -13.66 -47.02 26.49
CA ASP A 628 -13.73 -45.57 26.31
C ASP A 628 -12.41 -45.03 25.80
N PHE A 629 -11.33 -45.32 26.53
CA PHE A 629 -10.02 -44.81 26.15
C PHE A 629 -9.61 -45.34 24.78
N LEU A 630 -9.83 -46.63 24.53
CA LEU A 630 -9.42 -47.22 23.26
C LEU A 630 -10.08 -46.50 22.10
N GLN A 631 -11.42 -46.41 22.12
CA GLN A 631 -12.12 -45.77 21.02
C GLN A 631 -11.73 -44.32 20.89
N ALA A 632 -11.72 -43.57 22.00
CA ALA A 632 -11.38 -42.16 21.92
C ALA A 632 -9.98 -41.96 21.37
N MET A 633 -9.05 -42.84 21.76
CA MET A 633 -7.69 -42.77 21.26
C MET A 633 -7.68 -42.96 19.75
N ASN A 634 -8.40 -43.96 19.27
CA ASN A 634 -8.56 -44.10 17.82
C ASN A 634 -9.24 -42.89 17.22
N ASP A 635 -9.96 -42.11 18.02
CA ASP A 635 -10.64 -40.92 17.53
C ASP A 635 -9.71 -39.71 17.57
N ILE A 636 -9.22 -39.38 18.76
CA ILE A 636 -8.30 -38.26 18.92
C ILE A 636 -7.00 -38.59 18.23
N ARG A 637 -6.15 -37.58 18.03
CA ARG A 637 -4.88 -37.79 17.40
C ARG A 637 -3.79 -37.13 18.24
N PRO A 638 -2.66 -37.78 18.46
CA PRO A 638 -1.54 -37.13 19.16
C PRO A 638 -1.14 -35.86 18.45
N SER A 639 -0.64 -34.90 19.22
CA SER A 639 -0.38 -33.57 18.68
C SER A 639 0.79 -33.56 17.71
N ALA A 640 1.99 -33.86 18.21
CA ALA A 640 3.17 -33.76 17.38
C ALA A 640 3.70 -35.11 16.91
N MET A 641 4.08 -35.98 17.85
CA MET A 641 4.83 -37.21 17.59
C MET A 641 6.23 -36.89 17.07
N ARG A 642 6.51 -35.61 16.83
CA ARG A 642 7.85 -35.11 16.55
C ARG A 642 8.50 -34.75 17.88
N GLU A 643 9.55 -33.91 17.87
CA GLU A 643 10.39 -33.67 19.04
C GLU A 643 11.08 -34.97 19.45
N ILE A 644 12.01 -35.35 18.58
CA ILE A 644 12.60 -36.69 18.53
C ILE A 644 12.86 -37.23 19.93
N ALA A 645 12.34 -38.42 20.18
CA ALA A 645 12.19 -38.92 21.54
C ALA A 645 13.45 -39.60 22.03
N ILE A 646 13.67 -39.51 23.34
CA ILE A 646 14.74 -40.26 23.99
C ILE A 646 14.14 -41.61 24.33
N ASP A 647 14.14 -42.49 23.34
CA ASP A 647 13.41 -43.76 23.40
C ASP A 647 14.40 -44.91 23.47
N VAL A 648 14.81 -45.24 24.68
CA VAL A 648 15.62 -46.41 24.95
C VAL A 648 14.85 -47.63 24.44
N PRO A 649 15.31 -48.28 23.37
CA PRO A 649 14.52 -49.36 22.78
C PRO A 649 14.47 -50.60 23.65
N ASN A 650 13.85 -51.67 23.15
CA ASN A 650 13.74 -52.92 23.88
C ASN A 650 14.62 -54.01 23.31
N VAL A 651 15.41 -53.72 22.28
CA VAL A 651 16.23 -54.73 21.63
C VAL A 651 17.37 -55.15 22.55
N SER A 652 18.05 -56.24 22.21
CA SER A 652 19.16 -56.74 23.00
C SER A 652 20.08 -57.55 22.12
N TRP A 653 21.30 -57.77 22.60
CA TRP A 653 22.21 -58.69 21.92
C TRP A 653 21.54 -60.02 21.69
N SER A 654 20.96 -60.59 22.74
CA SER A 654 20.29 -61.88 22.64
C SER A 654 19.30 -61.92 21.48
N ASP A 655 18.65 -60.79 21.19
CA ASP A 655 17.66 -60.78 20.12
C ASP A 655 18.29 -61.11 18.78
N ILE A 656 19.51 -60.65 18.55
CA ILE A 656 20.25 -61.02 17.35
C ILE A 656 21.69 -61.29 17.73
N GLY A 657 22.04 -62.57 17.85
CA GLY A 657 23.35 -62.95 18.34
C GLY A 657 24.38 -63.08 17.24
N GLY A 658 25.55 -63.58 17.62
CA GLY A 658 26.61 -63.86 16.67
C GLY A 658 27.34 -62.60 16.25
N LEU A 659 28.31 -62.81 15.36
CA LEU A 659 29.18 -61.73 14.88
C LEU A 659 29.84 -61.01 16.04
N GLU A 660 30.20 -61.78 17.07
CA GLU A 660 30.83 -61.22 18.26
C GLU A 660 32.03 -60.37 17.92
N SER A 661 32.77 -60.73 16.87
CA SER A 661 33.88 -59.89 16.42
C SER A 661 33.40 -58.48 16.12
N ILE A 662 32.24 -58.36 15.46
CA ILE A 662 31.71 -57.04 15.18
C ILE A 662 31.28 -56.36 16.47
N LYS A 663 30.67 -57.11 17.38
CA LYS A 663 30.30 -56.57 18.68
C LYS A 663 31.49 -55.90 19.34
N LEU A 664 32.58 -56.65 19.52
CA LEU A 664 33.74 -56.12 20.20
C LEU A 664 34.44 -55.03 19.40
N LYS A 665 34.46 -55.15 18.07
CA LYS A 665 35.03 -54.09 17.24
C LYS A 665 34.34 -52.77 17.50
N LEU A 666 33.01 -52.77 17.45
CA LEU A 666 32.26 -51.55 17.66
C LEU A 666 32.37 -51.09 19.11
N GLU A 667 32.36 -52.04 20.05
CA GLU A 667 32.56 -51.71 21.46
C GLU A 667 33.86 -50.96 21.66
N GLN A 668 34.92 -51.42 21.00
CA GLN A 668 36.16 -50.66 20.98
C GLN A 668 35.89 -49.26 20.45
N ALA A 669 35.45 -49.18 19.19
CA ALA A 669 35.33 -47.90 18.50
C ALA A 669 34.48 -46.89 19.26
N VAL A 670 33.65 -47.32 20.20
CA VAL A 670 32.84 -46.39 21.00
C VAL A 670 33.42 -46.20 22.40
N GLU A 671 33.54 -47.27 23.18
CA GLU A 671 33.88 -47.17 24.59
C GLU A 671 35.38 -46.97 24.78
N TRP A 672 36.20 -47.70 24.03
CA TRP A 672 37.64 -47.67 24.23
C TRP A 672 38.22 -46.26 24.21
N PRO A 673 37.80 -45.33 23.33
CA PRO A 673 38.38 -43.98 23.37
C PRO A 673 37.88 -43.14 24.53
N LEU A 674 37.25 -43.76 25.52
CA LEU A 674 36.85 -43.06 26.73
C LEU A 674 37.73 -43.40 27.92
N LYS A 675 37.92 -44.69 28.19
CA LYS A 675 38.76 -45.15 29.30
C LYS A 675 40.16 -45.58 28.84
N HIS A 676 40.22 -46.23 27.70
CA HIS A 676 41.42 -46.67 26.98
C HIS A 676 42.35 -45.55 26.48
N PRO A 677 41.90 -44.26 26.35
CA PRO A 677 42.84 -43.20 25.94
C PRO A 677 44.24 -43.34 26.50
N GLU A 678 44.36 -43.83 27.74
CA GLU A 678 45.66 -44.21 28.26
C GLU A 678 46.39 -45.14 27.29
N SER A 679 45.68 -46.15 26.77
CA SER A 679 46.31 -47.07 25.83
C SER A 679 46.52 -46.41 24.48
N PHE A 680 45.53 -45.61 24.03
CA PHE A 680 45.65 -44.94 22.76
C PHE A 680 46.86 -44.01 22.72
N ILE A 681 47.20 -43.41 23.85
CA ILE A 681 48.33 -42.49 23.90
C ILE A 681 49.63 -43.25 24.11
N ARG A 682 49.60 -44.29 24.96
CA ARG A 682 50.83 -45.03 25.21
C ARG A 682 51.30 -45.74 23.95
N MET A 683 50.38 -46.30 23.17
CA MET A 683 50.70 -46.90 21.89
C MET A 683 49.56 -46.61 20.93
N GLY A 684 49.81 -46.84 19.65
CA GLY A 684 48.81 -46.60 18.64
C GLY A 684 49.03 -45.30 17.91
N ILE A 685 47.95 -44.79 17.32
CA ILE A 685 48.03 -43.57 16.54
C ILE A 685 47.09 -42.52 17.10
N GLN A 686 45.80 -42.80 17.02
CA GLN A 686 44.80 -41.82 17.42
C GLN A 686 43.45 -42.50 17.51
N PRO A 687 42.72 -42.33 18.61
CA PRO A 687 41.37 -42.89 18.69
C PRO A 687 40.44 -42.14 17.76
N PRO A 688 40.01 -42.79 16.69
CA PRO A 688 39.16 -42.09 15.72
C PRO A 688 37.76 -41.89 16.27
N LYS A 689 36.92 -41.21 15.53
CA LYS A 689 35.62 -40.88 16.08
C LYS A 689 34.46 -41.30 15.21
N GLY A 690 34.59 -41.17 13.89
CA GLY A 690 33.47 -41.48 13.01
C GLY A 690 33.53 -42.86 12.40
N VAL A 691 32.60 -43.73 12.80
CA VAL A 691 32.55 -45.10 12.32
C VAL A 691 31.38 -45.26 11.36
N LEU A 692 31.54 -46.16 10.40
CA LEU A 692 30.53 -46.39 9.38
C LEU A 692 30.42 -47.88 9.09
N LEU A 693 29.20 -48.41 9.12
CA LEU A 693 28.97 -49.82 8.86
C LEU A 693 28.61 -50.04 7.41
N TYR A 694 28.91 -51.24 6.92
CA TYR A 694 28.45 -51.60 5.57
C TYR A 694 28.36 -53.12 5.46
N GLY A 695 27.54 -53.57 4.52
CA GLY A 695 27.35 -54.98 4.26
C GLY A 695 26.16 -55.27 3.37
N PRO A 696 25.74 -56.52 3.34
CA PRO A 696 24.51 -56.89 2.62
C PRO A 696 23.30 -56.13 3.14
N PRO A 697 22.20 -56.12 2.40
CA PRO A 697 21.14 -55.13 2.66
C PRO A 697 20.15 -55.50 3.76
N GLY A 698 19.88 -54.53 4.63
CA GLY A 698 18.89 -54.67 5.69
C GLY A 698 19.18 -55.77 6.69
N CYS A 699 20.29 -56.48 6.51
CA CYS A 699 20.62 -57.67 7.29
C CYS A 699 21.04 -57.26 8.70
N SER A 700 20.05 -56.93 9.52
CA SER A 700 20.20 -56.72 10.95
C SER A 700 21.05 -55.50 11.29
N LYS A 701 21.39 -54.67 10.32
CA LYS A 701 22.30 -53.55 10.57
C LYS A 701 21.73 -52.59 11.61
N THR A 702 20.64 -51.92 11.25
CA THR A 702 20.02 -50.99 12.18
C THR A 702 19.63 -51.70 13.47
N MET A 703 19.21 -52.95 13.35
CA MET A 703 18.98 -53.76 14.54
C MET A 703 20.22 -53.81 15.41
N ILE A 704 21.38 -54.03 14.80
CA ILE A 704 22.62 -54.06 15.57
C ILE A 704 22.90 -52.72 16.20
N ALA A 705 22.61 -51.64 15.47
CA ALA A 705 22.80 -50.30 16.01
C ALA A 705 22.03 -50.11 17.30
N LYS A 706 20.71 -50.29 17.22
CA LYS A 706 19.87 -50.20 18.40
C LYS A 706 20.39 -51.13 19.50
N ALA A 707 20.84 -52.33 19.12
CA ALA A 707 21.31 -53.30 20.08
C ALA A 707 22.43 -52.72 20.93
N LEU A 708 23.54 -52.36 20.28
CA LEU A 708 24.64 -51.73 20.98
C LEU A 708 24.15 -50.56 21.82
N ALA A 709 23.36 -49.69 21.19
CA ALA A 709 22.94 -48.46 21.85
C ALA A 709 22.28 -48.74 23.18
N ASN A 710 21.43 -49.75 23.23
CA ASN A 710 20.77 -50.05 24.50
C ASN A 710 21.64 -50.86 25.42
N GLU A 711 22.54 -51.67 24.88
CA GLU A 711 23.34 -52.55 25.73
C GLU A 711 24.35 -51.74 26.54
N SER A 712 25.08 -50.83 25.88
CA SER A 712 26.06 -50.06 26.61
C SER A 712 25.42 -49.02 27.53
N GLY A 713 24.20 -48.60 27.24
CA GLY A 713 23.50 -47.68 28.11
C GLY A 713 23.55 -46.23 27.69
N LEU A 714 23.30 -45.96 26.41
CA LEU A 714 23.22 -44.61 25.91
C LEU A 714 21.82 -44.36 25.36
N ASN A 715 21.62 -43.17 24.80
CA ASN A 715 20.31 -42.76 24.33
C ASN A 715 20.30 -42.72 22.80
N PHE A 716 19.47 -43.55 22.19
CA PHE A 716 19.39 -43.61 20.74
C PHE A 716 18.71 -42.37 20.18
N LEU A 717 19.27 -41.82 19.12
CA LEU A 717 18.63 -40.76 18.37
C LEU A 717 18.75 -41.07 16.89
N ALA A 718 17.62 -41.10 16.19
CA ALA A 718 17.58 -41.56 14.82
C ALA A 718 17.33 -40.42 13.85
N ILE A 719 18.02 -40.46 12.72
CA ILE A 719 17.71 -39.63 11.56
C ILE A 719 17.96 -40.49 10.33
N LYS A 720 16.90 -40.82 9.60
CA LYS A 720 17.01 -41.67 8.43
C LYS A 720 16.93 -40.81 7.16
N GLY A 721 17.82 -41.09 6.22
CA GLY A 721 17.86 -40.39 4.96
C GLY A 721 16.51 -40.30 4.27
N PRO A 722 15.84 -41.44 4.09
CA PRO A 722 14.48 -41.42 3.52
C PRO A 722 13.56 -40.47 4.28
N GLU A 723 13.45 -40.64 5.60
CA GLU A 723 12.66 -39.71 6.40
C GLU A 723 13.22 -38.31 6.36
N LEU A 724 14.43 -38.13 5.86
CA LEU A 724 15.03 -36.81 5.70
C LEU A 724 14.76 -36.23 4.31
N MET A 725 14.07 -36.97 3.45
CA MET A 725 13.87 -36.51 2.07
C MET A 725 12.85 -35.36 2.04
N ASN A 726 13.17 -34.27 2.73
CA ASN A 726 12.29 -33.12 2.82
C ASN A 726 12.71 -32.09 1.78
N LYS A 727 11.76 -31.67 0.94
CA LYS A 727 11.98 -30.51 0.10
C LYS A 727 12.12 -29.23 0.91
N TYR A 728 11.92 -29.30 2.23
CA TYR A 728 11.99 -28.14 3.12
C TYR A 728 13.44 -27.72 3.27
N VAL A 729 13.81 -26.65 2.57
CA VAL A 729 15.18 -26.15 2.62
C VAL A 729 15.45 -25.56 4.01
N GLY A 730 16.58 -25.94 4.60
CA GLY A 730 16.93 -25.45 5.92
C GLY A 730 16.16 -26.14 7.02
N GLU A 731 14.84 -26.27 6.84
CA GLU A 731 14.00 -26.93 7.83
C GLU A 731 14.53 -28.32 8.16
N SER A 732 14.89 -29.08 7.14
CA SER A 732 15.58 -30.35 7.38
C SER A 732 16.90 -30.11 8.11
N GLU A 733 17.72 -29.20 7.57
CA GLU A 733 18.99 -28.88 8.19
C GLU A 733 18.80 -28.40 9.62
N ARG A 734 17.80 -27.54 9.84
CA ARG A 734 17.59 -27.02 11.19
C ARG A 734 17.12 -28.12 12.13
N ALA A 735 16.32 -29.06 11.64
CA ALA A 735 15.94 -30.19 12.48
C ALA A 735 17.17 -31.00 12.84
N VAL A 736 18.07 -31.22 11.89
CA VAL A 736 19.28 -31.98 12.17
C VAL A 736 20.12 -31.25 13.22
N ARG A 737 20.21 -29.93 13.07
CA ARG A 737 20.86 -29.11 14.09
C ARG A 737 20.25 -29.40 15.45
N GLU A 738 18.93 -29.26 15.55
CA GLU A 738 18.21 -29.50 16.80
C GLU A 738 18.54 -30.86 17.39
N THR A 739 18.58 -31.89 16.53
CA THR A 739 18.93 -33.21 17.00
C THR A 739 20.32 -33.21 17.61
N PHE A 740 21.27 -32.56 16.94
CA PHE A 740 22.62 -32.48 17.49
C PHE A 740 22.60 -31.79 18.85
N ARG A 741 21.86 -30.69 18.95
CA ARG A 741 21.75 -29.99 20.23
C ARG A 741 21.27 -30.96 21.30
N LYS A 742 20.18 -31.67 21.00
CA LYS A 742 19.63 -32.63 21.95
C LYS A 742 20.68 -33.64 22.38
N ALA A 743 21.37 -34.21 21.40
CA ALA A 743 22.44 -35.15 21.69
C ALA A 743 23.41 -34.56 22.70
N ARG A 744 23.88 -33.35 22.42
CA ARG A 744 24.74 -32.66 23.37
C ARG A 744 24.08 -32.60 24.74
N ALA A 745 22.78 -32.35 24.77
CA ALA A 745 22.07 -32.17 26.03
C ALA A 745 21.96 -33.47 26.81
N VAL A 746 22.08 -34.61 26.13
CA VAL A 746 21.99 -35.91 26.78
C VAL A 746 23.35 -36.55 26.61
N ALA A 747 24.41 -35.73 26.69
CA ALA A 747 25.75 -35.93 26.16
C ALA A 747 26.20 -37.38 26.11
N PRO A 748 26.12 -38.18 27.19
CA PRO A 748 26.49 -39.58 27.01
C PRO A 748 25.43 -40.29 26.18
N SER A 749 25.73 -40.52 24.90
CA SER A 749 24.73 -41.01 23.96
C SER A 749 25.34 -41.34 22.61
N ILE A 750 24.50 -41.78 21.67
CA ILE A 750 24.94 -42.16 20.33
C ILE A 750 23.91 -41.67 19.33
N ILE A 751 24.30 -40.72 18.49
CA ILE A 751 23.47 -40.28 17.37
C ILE A 751 23.47 -41.41 16.35
N PHE A 752 22.56 -41.36 15.39
CA PHE A 752 22.49 -42.45 14.42
C PHE A 752 22.05 -41.94 13.05
N PHE A 753 22.45 -42.68 12.03
CA PHE A 753 22.00 -42.45 10.67
C PHE A 753 21.75 -43.78 10.01
N ASP A 754 20.70 -43.85 9.20
CA ASP A 754 20.35 -45.06 8.45
C ASP A 754 20.37 -44.73 6.98
N GLU A 755 21.38 -45.25 6.28
CA GLU A 755 21.57 -45.02 4.84
C GLU A 755 21.43 -43.54 4.50
N LEU A 756 22.34 -42.75 5.06
CA LEU A 756 22.37 -41.32 4.77
C LEU A 756 22.48 -41.03 3.29
N ASP A 757 22.91 -42.03 2.49
CA ASP A 757 23.03 -41.86 1.05
C ASP A 757 21.74 -41.37 0.41
N ALA A 758 20.60 -41.46 1.11
CA ALA A 758 19.36 -40.93 0.58
C ALA A 758 19.46 -39.43 0.32
N LEU A 759 20.18 -38.70 1.16
CA LEU A 759 20.60 -37.35 0.85
C LEU A 759 22.10 -37.18 0.92
N ALA A 760 22.86 -38.26 1.14
CA ALA A 760 24.29 -38.29 0.88
C ALA A 760 24.56 -38.96 -0.47
N VAL A 761 23.68 -38.69 -1.43
CA VAL A 761 23.73 -39.24 -2.78
C VAL A 761 25.08 -38.96 -3.41
N GLU A 762 25.45 -39.76 -4.41
CA GLU A 762 26.57 -39.42 -5.25
C GLU A 762 26.33 -38.06 -5.90
N ARG A 763 27.21 -37.11 -5.61
CA ARG A 763 26.98 -35.73 -6.03
C ARG A 763 26.89 -35.63 -7.54
N GLY A 764 26.22 -34.59 -8.00
CA GLY A 764 26.13 -34.30 -9.44
C GLY A 764 25.00 -34.97 -10.19
N SER A 765 24.84 -36.28 -10.02
CA SER A 765 23.80 -37.02 -10.73
C SER A 765 22.40 -36.55 -10.38
N SER A 766 22.24 -35.85 -9.27
CA SER A 766 20.96 -35.27 -8.86
C SER A 766 21.05 -33.76 -9.10
N LEU A 767 20.61 -33.33 -10.28
CA LEU A 767 20.66 -31.91 -10.64
C LEU A 767 19.52 -31.15 -9.96
N GLY A 768 18.28 -31.52 -10.27
CA GLY A 768 17.12 -30.89 -9.69
C GLY A 768 16.75 -31.35 -8.30
N ALA A 769 17.56 -32.23 -7.70
CA ALA A 769 17.30 -32.69 -6.34
C ALA A 769 18.58 -32.74 -5.50
N GLY A 770 19.68 -32.15 -5.97
CA GLY A 770 20.94 -32.24 -5.26
C GLY A 770 21.43 -30.94 -4.65
N ASN A 771 20.74 -29.84 -4.95
CA ASN A 771 21.09 -28.56 -4.33
C ASN A 771 20.95 -28.64 -2.82
N VAL A 772 19.73 -28.92 -2.33
CA VAL A 772 19.52 -29.09 -0.91
C VAL A 772 20.30 -30.30 -0.39
N ALA A 773 20.67 -31.24 -1.27
CA ALA A 773 21.48 -32.37 -0.85
C ALA A 773 22.88 -31.93 -0.42
N ASP A 774 23.56 -31.17 -1.27
CA ASP A 774 24.85 -30.62 -0.85
C ASP A 774 24.68 -29.64 0.30
N ARG A 775 23.54 -28.94 0.37
CA ARG A 775 23.28 -28.03 1.47
C ARG A 775 23.25 -28.78 2.80
N VAL A 776 22.46 -29.86 2.87
CA VAL A 776 22.37 -30.63 4.10
C VAL A 776 23.70 -31.34 4.36
N LEU A 777 24.43 -31.70 3.30
CA LEU A 777 25.76 -32.27 3.47
C LEU A 777 26.68 -31.30 4.21
N ALA A 778 26.71 -30.06 3.75
CA ALA A 778 27.56 -29.05 4.39
C ALA A 778 27.09 -28.76 5.81
N GLN A 779 25.78 -28.72 6.03
CA GLN A 779 25.27 -28.53 7.37
C GLN A 779 25.72 -29.66 8.28
N LEU A 780 25.54 -30.90 7.82
CA LEU A 780 26.04 -32.07 8.51
C LEU A 780 27.51 -31.90 8.89
N LEU A 781 28.33 -31.54 7.90
CA LEU A 781 29.73 -31.25 8.19
C LEU A 781 29.85 -30.27 9.34
N THR A 782 29.34 -29.06 9.14
CA THR A 782 29.52 -27.97 10.10
C THR A 782 29.16 -28.41 11.50
N GLU A 783 27.95 -28.94 11.68
CA GLU A 783 27.54 -29.36 13.01
C GLU A 783 28.44 -30.47 13.53
N MET A 784 28.71 -31.47 12.70
CA MET A 784 29.68 -32.49 13.06
C MET A 784 31.06 -31.89 13.23
N ASP A 785 31.38 -30.87 12.43
CA ASP A 785 32.75 -30.38 12.30
C ASP A 785 33.38 -30.01 13.63
N GLY A 786 32.61 -29.99 14.71
CA GLY A 786 33.22 -30.04 16.02
C GLY A 786 33.72 -31.45 16.26
N ILE A 787 34.67 -31.89 15.45
CA ILE A 787 35.22 -33.23 15.62
C ILE A 787 35.65 -33.45 17.06
N GLU A 788 36.14 -32.39 17.71
CA GLU A 788 36.47 -32.48 19.11
C GLU A 788 35.27 -32.20 20.00
N GLN A 789 34.33 -31.37 19.56
CA GLN A 789 33.10 -31.15 20.32
C GLN A 789 32.50 -32.49 20.66
N LEU A 790 32.72 -33.47 19.81
CA LEU A 790 32.23 -34.82 19.98
C LEU A 790 33.09 -35.48 21.04
N LYS A 791 32.59 -35.50 22.27
CA LYS A 791 33.24 -36.18 23.38
C LYS A 791 32.16 -36.93 24.14
N ASP A 792 32.34 -38.25 24.25
CA ASP A 792 31.25 -39.14 24.68
C ASP A 792 30.05 -39.04 23.75
N VAL A 793 30.31 -38.72 22.48
CA VAL A 793 29.28 -38.62 21.46
C VAL A 793 29.84 -39.18 20.17
N THR A 794 29.16 -40.16 19.59
CA THR A 794 29.61 -40.81 18.37
C THR A 794 28.65 -40.52 17.24
N ILE A 795 28.96 -41.09 16.08
CA ILE A 795 28.12 -40.97 14.90
C ILE A 795 28.05 -42.34 14.24
N LEU A 796 26.89 -42.70 13.71
CA LEU A 796 26.66 -44.07 13.29
C LEU A 796 25.74 -44.06 12.07
N ALA A 797 26.31 -44.29 10.90
CA ALA A 797 25.57 -44.51 9.67
C ALA A 797 25.92 -45.89 9.13
N ALA A 798 25.17 -46.32 8.13
CA ALA A 798 25.45 -47.61 7.51
C ALA A 798 24.85 -47.60 6.11
N THR A 799 25.25 -48.58 5.31
CA THR A 799 24.83 -48.64 3.92
C THR A 799 25.16 -50.02 3.38
N ASN A 800 24.90 -50.19 2.09
CA ASN A 800 25.25 -51.40 1.38
C ASN A 800 26.23 -51.13 0.25
N ARG A 801 26.55 -49.87 -0.03
CA ARG A 801 27.33 -49.46 -1.19
C ARG A 801 28.53 -48.66 -0.73
N PRO A 802 29.67 -49.30 -0.47
CA PRO A 802 30.88 -48.55 -0.13
C PRO A 802 31.36 -47.65 -1.24
N ASP A 803 30.76 -47.72 -2.42
CA ASP A 803 31.09 -46.82 -3.52
C ASP A 803 30.20 -45.60 -3.55
N ARG A 804 28.90 -45.76 -3.29
CA ARG A 804 27.98 -44.62 -3.23
C ARG A 804 28.31 -43.67 -2.09
N ILE A 805 29.32 -43.99 -1.28
CA ILE A 805 29.73 -43.10 -0.22
C ILE A 805 30.33 -41.82 -0.80
N ASP A 806 30.45 -40.81 0.04
CA ASP A 806 31.01 -39.51 -0.32
C ASP A 806 32.39 -39.42 0.34
N LYS A 807 33.44 -39.62 -0.47
CA LYS A 807 34.80 -39.66 0.06
C LYS A 807 35.25 -38.34 0.64
N ALA A 808 34.57 -37.23 0.31
CA ALA A 808 34.87 -35.96 0.95
C ALA A 808 34.57 -36.02 2.44
N LEU A 809 33.51 -36.72 2.82
CA LEU A 809 33.20 -36.98 4.22
C LEU A 809 34.10 -38.02 4.84
N MET A 810 35.17 -38.40 4.15
CA MET A 810 36.10 -39.39 4.66
C MET A 810 37.53 -38.86 4.73
N ARG A 811 37.74 -37.58 4.44
CA ARG A 811 39.03 -36.96 4.77
C ARG A 811 39.15 -37.03 6.28
N PRO A 812 40.06 -37.86 6.78
CA PRO A 812 39.99 -38.29 8.18
C PRO A 812 39.96 -37.13 9.17
N GLY A 813 39.48 -37.44 10.37
CA GLY A 813 39.24 -36.45 11.40
C GLY A 813 37.80 -36.43 11.88
N ARG A 814 36.86 -36.74 10.98
CA ARG A 814 35.44 -36.75 11.32
C ARG A 814 34.82 -38.13 11.22
N ILE A 815 34.96 -38.81 10.09
CA ILE A 815 34.42 -40.16 9.93
C ILE A 815 35.49 -41.03 9.30
N ASP A 816 36.13 -41.88 10.10
CA ASP A 816 37.29 -42.63 9.66
C ASP A 816 37.03 -44.14 9.60
N ARG A 817 36.64 -44.75 10.71
CA ARG A 817 36.51 -46.20 10.74
C ARG A 817 35.41 -46.68 9.81
N ILE A 818 35.64 -47.81 9.17
CA ILE A 818 34.58 -48.54 8.48
C ILE A 818 34.63 -49.99 8.94
N ILE A 819 33.45 -50.54 9.23
CA ILE A 819 33.32 -51.94 9.62
C ILE A 819 32.47 -52.67 8.60
N TYR A 820 32.83 -53.90 8.33
CA TYR A 820 32.08 -54.78 7.45
C TYR A 820 31.22 -55.74 8.27
N VAL A 821 30.04 -56.04 7.74
CA VAL A 821 29.15 -57.01 8.34
C VAL A 821 28.95 -58.14 7.35
N PRO A 822 29.42 -59.34 7.64
CA PRO A 822 29.31 -60.44 6.68
C PRO A 822 27.91 -61.01 6.64
N LEU A 823 27.68 -61.88 5.67
CA LEU A 823 26.49 -62.71 5.69
C LEU A 823 26.49 -63.56 6.95
N PRO A 824 25.32 -63.92 7.47
CA PRO A 824 25.28 -64.81 8.61
C PRO A 824 25.96 -66.12 8.28
N ASP A 825 26.53 -66.75 9.31
CA ASP A 825 27.17 -68.04 9.16
C ASP A 825 26.25 -69.13 9.70
N ALA A 826 26.67 -70.38 9.55
CA ALA A 826 25.94 -71.50 10.13
C ALA A 826 25.62 -71.24 11.59
N ALA A 827 26.57 -70.66 12.32
CA ALA A 827 26.35 -70.35 13.73
C ALA A 827 25.25 -69.31 13.89
N THR A 828 25.38 -68.17 13.20
CA THR A 828 24.39 -67.10 13.35
C THR A 828 23.03 -67.54 12.82
N ARG A 829 23.00 -68.26 11.70
CA ARG A 829 21.74 -68.74 11.17
C ARG A 829 21.08 -69.70 12.15
N ARG A 830 21.87 -70.59 12.74
CA ARG A 830 21.32 -71.51 13.74
C ARG A 830 20.82 -70.76 14.95
N GLU A 831 21.53 -69.71 15.36
CA GLU A 831 21.05 -68.83 16.41
C GLU A 831 19.67 -68.28 16.09
N ILE A 832 19.56 -67.62 14.92
CA ILE A 832 18.32 -66.95 14.55
C ILE A 832 17.17 -67.95 14.52
N PHE A 833 17.39 -69.10 13.90
CA PHE A 833 16.35 -70.11 13.84
C PHE A 833 16.01 -70.64 15.23
N LYS A 834 16.99 -70.77 16.11
CA LYS A 834 16.72 -71.09 17.51
C LYS A 834 15.75 -70.09 18.10
N LEU A 835 16.01 -68.80 17.86
CA LEU A 835 15.10 -67.76 18.35
C LEU A 835 13.70 -67.96 17.78
N GLN A 836 13.62 -68.31 16.50
CA GLN A 836 12.32 -68.47 15.87
C GLN A 836 11.56 -69.64 16.49
N PHE A 837 12.21 -70.79 16.60
CA PHE A 837 11.56 -71.94 17.22
C PHE A 837 11.23 -71.67 18.67
N HIS A 838 12.02 -70.82 19.33
CA HIS A 838 11.67 -70.35 20.66
C HIS A 838 10.46 -69.43 20.64
N SER A 839 10.18 -68.82 19.49
CA SER A 839 9.04 -67.93 19.36
C SER A 839 7.92 -68.54 18.51
N MET A 840 8.13 -69.72 17.94
CA MET A 840 7.11 -70.37 17.11
C MET A 840 7.01 -71.84 17.51
N PRO A 841 5.82 -72.32 17.85
CA PRO A 841 5.67 -73.76 18.13
C PRO A 841 5.94 -74.58 16.88
N VAL A 842 7.01 -75.36 16.89
CA VAL A 842 7.50 -76.03 15.70
C VAL A 842 7.55 -77.53 15.97
N SER A 843 7.43 -78.31 14.89
CA SER A 843 7.51 -79.77 14.97
C SER A 843 8.96 -80.19 15.16
N ASN A 844 9.18 -81.11 16.10
CA ASN A 844 10.53 -81.59 16.38
C ASN A 844 11.10 -82.43 15.24
N GLU A 845 10.24 -82.95 14.36
CA GLU A 845 10.72 -83.79 13.27
C GLU A 845 11.55 -83.04 12.24
N VAL A 846 11.55 -81.71 12.29
CA VAL A 846 12.34 -80.89 11.37
C VAL A 846 13.53 -80.37 12.18
N ASP A 847 14.63 -81.10 12.11
CA ASP A 847 15.86 -80.63 12.75
C ASP A 847 16.38 -79.39 12.04
N LEU A 848 16.88 -78.44 12.83
CA LEU A 848 17.41 -77.21 12.25
C LEU A 848 18.61 -77.49 11.36
N ASP A 849 19.38 -78.53 11.67
CA ASP A 849 20.59 -78.81 10.91
C ASP A 849 20.31 -78.95 9.42
N GLU A 850 19.10 -79.41 9.06
CA GLU A 850 18.74 -79.44 7.65
C GLU A 850 18.71 -78.05 7.05
N LEU A 851 17.94 -77.15 7.67
CA LEU A 851 17.93 -75.76 7.23
C LEU A 851 19.35 -75.22 7.12
N ILE A 852 20.17 -75.48 8.14
CA ILE A 852 21.57 -75.08 8.10
C ILE A 852 22.24 -75.60 6.84
N LEU A 853 21.94 -76.86 6.48
CA LEU A 853 22.45 -77.43 5.24
C LEU A 853 21.85 -76.77 4.01
N GLN A 854 20.78 -75.99 4.16
CA GLN A 854 20.22 -75.26 3.03
C GLN A 854 20.18 -73.75 3.21
N THR A 855 20.33 -73.23 4.43
CA THR A 855 20.18 -71.79 4.65
C THR A 855 21.49 -71.03 4.47
N ASP A 856 22.56 -71.69 4.07
CA ASP A 856 23.81 -70.97 3.92
C ASP A 856 23.71 -69.93 2.81
N ALA A 857 24.47 -68.84 2.96
CA ALA A 857 24.42 -67.71 2.04
C ALA A 857 23.03 -67.10 2.00
N TYR A 858 22.40 -66.99 3.16
CA TYR A 858 21.12 -66.32 3.31
C TYR A 858 21.33 -65.03 4.11
N SER A 859 20.23 -64.39 4.47
CA SER A 859 20.25 -63.22 5.35
C SER A 859 19.27 -63.42 6.48
N GLY A 860 19.56 -62.76 7.61
CA GLY A 860 18.65 -62.82 8.75
C GLY A 860 17.24 -62.46 8.36
N ALA A 861 17.08 -61.36 7.61
CA ALA A 861 15.76 -60.99 7.12
C ALA A 861 15.15 -62.11 6.28
N GLU A 862 15.90 -62.61 5.30
CA GLU A 862 15.39 -63.71 4.50
C GLU A 862 15.08 -64.93 5.34
N ILE A 863 15.87 -65.17 6.39
CA ILE A 863 15.65 -66.36 7.21
C ILE A 863 14.34 -66.23 7.98
N VAL A 864 14.11 -65.07 8.60
CA VAL A 864 12.86 -64.92 9.34
C VAL A 864 11.69 -64.91 8.37
N ALA A 865 11.91 -64.45 7.14
CA ALA A 865 10.88 -64.59 6.12
C ALA A 865 10.58 -66.06 5.86
N VAL A 866 11.62 -66.90 5.82
CA VAL A 866 11.43 -68.33 5.69
C VAL A 866 10.54 -68.84 6.82
N CYS A 867 10.85 -68.43 8.04
CA CYS A 867 10.07 -68.89 9.18
C CYS A 867 8.61 -68.47 9.05
N ARG A 868 8.38 -67.22 8.68
CA ARG A 868 7.00 -66.75 8.52
C ARG A 868 6.28 -67.53 7.43
N GLU A 869 6.97 -67.78 6.31
CA GLU A 869 6.39 -68.56 5.23
C GLU A 869 5.98 -69.95 5.73
N ALA A 870 6.88 -70.64 6.41
CA ALA A 870 6.57 -71.97 6.90
C ALA A 870 5.40 -71.93 7.87
N ALA A 871 5.35 -70.92 8.72
CA ALA A 871 4.24 -70.79 9.66
C ALA A 871 2.92 -70.61 8.91
N LEU A 872 2.92 -69.74 7.90
CA LEU A 872 1.70 -69.52 7.14
C LEU A 872 1.27 -70.78 6.42
N LEU A 873 2.22 -71.55 5.90
CA LEU A 873 1.88 -72.83 5.29
C LEU A 873 1.22 -73.76 6.30
N ALA A 874 1.84 -73.87 7.48
CA ALA A 874 1.30 -74.72 8.53
C ALA A 874 -0.14 -74.35 8.85
N LEU A 875 -0.39 -73.06 9.05
CA LEU A 875 -1.73 -72.64 9.43
C LEU A 875 -2.70 -72.63 8.25
N GLU A 876 -2.19 -72.65 7.02
CA GLU A 876 -3.08 -72.64 5.87
C GLU A 876 -3.44 -74.03 5.38
N GLU A 877 -2.66 -75.05 5.73
CA GLU A 877 -3.13 -76.41 5.53
C GLU A 877 -4.26 -76.71 6.50
N ASP A 878 -3.97 -76.64 7.80
CA ASP A 878 -4.98 -76.71 8.84
C ASP A 878 -4.93 -75.42 9.65
N ILE A 879 -6.10 -74.87 9.97
CA ILE A 879 -6.15 -73.61 10.69
C ILE A 879 -5.49 -73.73 12.06
N GLN A 880 -5.58 -74.90 12.69
CA GLN A 880 -5.07 -75.11 14.04
C GLN A 880 -3.94 -76.12 14.06
N ALA A 881 -3.03 -76.03 13.09
CA ALA A 881 -1.86 -76.90 13.09
C ALA A 881 -0.93 -76.50 14.23
N ASN A 882 -0.70 -77.42 15.17
CA ASN A 882 0.09 -77.14 16.35
C ASN A 882 1.58 -77.40 16.17
N LEU A 883 1.98 -77.95 15.02
CA LEU A 883 3.38 -78.28 14.79
C LEU A 883 3.72 -78.02 13.33
N ILE A 884 4.82 -77.29 13.12
CA ILE A 884 5.26 -76.96 11.76
C ILE A 884 5.99 -78.16 11.16
N MET A 885 5.27 -78.96 10.39
CA MET A 885 5.82 -80.17 9.81
C MET A 885 6.70 -79.83 8.60
N LYS A 886 7.20 -80.88 7.94
CA LYS A 886 8.27 -80.70 6.98
C LYS A 886 7.78 -80.11 5.66
N ARG A 887 6.52 -80.36 5.30
CA ARG A 887 5.99 -79.79 4.07
C ARG A 887 6.14 -78.27 4.05
N HIS A 888 5.94 -77.65 5.20
CA HIS A 888 6.00 -76.19 5.29
C HIS A 888 7.39 -75.68 4.96
N PHE A 889 8.42 -76.22 5.63
CA PHE A 889 9.79 -75.83 5.33
C PHE A 889 10.16 -76.18 3.89
N THR A 890 9.63 -77.30 3.39
CA THR A 890 9.96 -77.74 2.05
C THR A 890 9.49 -76.72 1.02
N GLN A 891 8.20 -76.41 1.03
CA GLN A 891 7.70 -75.39 0.12
C GLN A 891 8.26 -74.01 0.46
N ALA A 892 8.68 -73.80 1.70
CA ALA A 892 9.33 -72.54 2.06
C ALA A 892 10.61 -72.37 1.27
N LEU A 893 11.53 -73.32 1.40
CA LEU A 893 12.70 -73.36 0.54
C LEU A 893 12.30 -73.25 -0.92
N SER A 894 11.19 -73.88 -1.30
CA SER A 894 10.67 -73.75 -2.65
C SER A 894 10.16 -72.35 -2.95
N THR A 895 9.95 -71.51 -1.94
CA THR A 895 9.43 -70.17 -2.14
C THR A 895 10.40 -69.09 -1.68
N VAL A 896 11.62 -69.47 -1.28
CA VAL A 896 12.62 -68.51 -0.86
C VAL A 896 13.90 -68.75 -1.64
N THR A 897 14.72 -67.70 -1.76
CA THR A 897 15.92 -67.75 -2.55
C THR A 897 17.04 -66.96 -1.87
N PRO A 898 18.27 -67.46 -1.92
CA PRO A 898 19.40 -66.64 -1.48
C PRO A 898 19.75 -65.57 -2.50
N ARG A 899 19.08 -64.42 -2.43
CA ARG A 899 19.38 -63.33 -3.33
C ARG A 899 20.79 -62.83 -3.11
N ILE A 900 21.65 -62.98 -4.12
CA ILE A 900 23.04 -62.53 -4.02
C ILE A 900 23.36 -61.58 -5.17
N PRO A 901 22.91 -60.33 -5.13
CA PRO A 901 23.40 -59.33 -6.11
C PRO A 901 24.81 -58.88 -5.78
N GLU A 902 25.34 -57.92 -6.54
CA GLU A 902 26.66 -57.37 -6.27
C GLU A 902 26.78 -55.94 -6.80
N PHE B 375 -35.83 -20.55 6.42
CA PHE B 375 -37.25 -20.81 6.28
C PHE B 375 -37.62 -22.17 6.85
N LYS B 376 -37.87 -22.21 8.16
CA LYS B 376 -38.37 -23.41 8.84
C LYS B 376 -37.57 -24.65 8.43
N VAL B 377 -36.29 -24.45 8.16
CA VAL B 377 -35.47 -25.51 7.56
C VAL B 377 -35.35 -26.65 8.57
N THR B 378 -36.02 -27.74 8.28
CA THR B 378 -36.27 -28.77 9.27
C THR B 378 -35.52 -30.04 8.92
N TYR B 379 -35.15 -30.81 9.95
CA TYR B 379 -34.59 -32.13 9.73
C TYR B 379 -35.43 -32.94 8.75
N ASP B 380 -36.73 -32.70 8.73
CA ASP B 380 -37.64 -33.35 7.80
C ASP B 380 -37.38 -32.95 6.36
N MET B 381 -36.45 -32.05 6.10
CA MET B 381 -36.09 -31.66 4.75
C MET B 381 -34.72 -32.15 4.31
N ILE B 382 -33.77 -32.26 5.24
CA ILE B 382 -32.42 -32.63 4.86
C ILE B 382 -32.37 -34.12 4.55
N GLY B 383 -31.82 -34.45 3.39
CA GLY B 383 -31.75 -35.83 2.95
C GLY B 383 -30.38 -36.44 3.13
N GLY B 384 -30.35 -37.77 3.14
CA GLY B 384 -29.14 -38.53 3.33
C GLY B 384 -28.44 -38.14 4.62
N LEU B 385 -27.17 -38.53 4.70
CA LEU B 385 -26.28 -38.16 5.79
C LEU B 385 -26.78 -38.62 7.15
N SER B 386 -27.76 -39.52 7.17
CA SER B 386 -28.47 -39.95 8.38
C SER B 386 -27.55 -40.13 9.58
N SER B 387 -26.49 -40.93 9.42
CA SER B 387 -25.56 -41.18 10.50
C SER B 387 -24.96 -39.87 11.00
N GLN B 388 -24.50 -39.03 10.08
CA GLN B 388 -23.93 -37.74 10.47
C GLN B 388 -24.98 -36.87 11.14
N LEU B 389 -26.22 -36.93 10.67
CA LEU B 389 -27.30 -36.20 11.34
C LEU B 389 -27.40 -36.59 12.79
N LYS B 390 -27.49 -37.89 13.05
CA LYS B 390 -27.59 -38.38 14.43
C LYS B 390 -26.37 -37.94 15.23
N ALA B 391 -25.18 -38.04 14.65
CA ALA B 391 -23.97 -37.69 15.38
C ALA B 391 -23.98 -36.22 15.79
N ILE B 392 -24.28 -35.33 14.86
CA ILE B 392 -24.31 -33.90 15.18
C ILE B 392 -25.39 -33.63 16.21
N ARG B 393 -26.58 -34.18 15.97
CA ARG B 393 -27.70 -33.96 16.88
C ARG B 393 -27.31 -34.32 18.30
N GLU B 394 -26.63 -35.45 18.50
CA GLU B 394 -26.29 -35.84 19.85
C GLU B 394 -25.15 -35.02 20.42
N ILE B 395 -24.10 -34.76 19.62
CA ILE B 395 -23.00 -33.95 20.14
C ILE B 395 -23.44 -32.55 20.49
N ILE B 396 -24.59 -32.10 20.01
CA ILE B 396 -25.05 -30.77 20.31
C ILE B 396 -26.18 -30.75 21.34
N GLU B 397 -27.04 -31.77 21.37
CA GLU B 397 -28.28 -31.66 22.10
C GLU B 397 -28.05 -31.65 23.61
N LEU B 398 -27.49 -32.73 24.14
CA LEU B 398 -27.21 -32.84 25.57
C LEU B 398 -26.62 -31.57 26.18
N PRO B 399 -25.58 -30.94 25.62
CA PRO B 399 -25.15 -29.65 26.18
C PRO B 399 -26.21 -28.58 26.05
N LEU B 400 -26.84 -28.50 24.90
CA LEU B 400 -27.87 -27.49 24.76
C LEU B 400 -29.14 -27.88 25.42
N LYS B 401 -29.15 -28.96 26.20
CA LYS B 401 -30.32 -29.34 26.98
C LYS B 401 -30.05 -29.26 28.48
N GLN B 402 -29.02 -29.93 28.96
CA GLN B 402 -28.67 -29.95 30.39
C GLN B 402 -27.21 -29.59 30.56
N PRO B 403 -26.84 -28.32 30.31
CA PRO B 403 -25.44 -27.92 30.52
C PRO B 403 -25.01 -28.03 31.97
N GLU B 404 -25.95 -27.91 32.91
CA GLU B 404 -25.61 -28.06 34.32
C GLU B 404 -25.26 -29.49 34.68
N LEU B 405 -25.65 -30.46 33.85
CA LEU B 405 -25.07 -31.80 33.94
C LEU B 405 -23.58 -31.76 33.63
N PHE B 406 -23.21 -31.05 32.57
CA PHE B 406 -21.80 -30.94 32.20
C PHE B 406 -21.01 -30.23 33.29
N LYS B 407 -21.58 -29.17 33.87
CA LYS B 407 -20.92 -28.49 34.97
C LYS B 407 -20.84 -29.37 36.21
N SER B 408 -21.90 -30.15 36.46
CA SER B 408 -21.88 -31.12 37.56
C SER B 408 -20.76 -32.12 37.35
N TYR B 409 -20.61 -32.61 36.12
CA TYR B 409 -19.43 -33.40 35.79
C TYR B 409 -18.16 -32.57 35.82
N GLY B 410 -18.27 -31.25 35.72
CA GLY B 410 -17.12 -30.40 35.55
C GLY B 410 -16.38 -30.60 34.25
N ILE B 411 -16.74 -31.61 33.46
CA ILE B 411 -16.09 -31.83 32.18
C ILE B 411 -16.48 -30.71 31.22
N PRO B 412 -15.55 -30.12 30.48
CA PRO B 412 -15.89 -28.95 29.66
C PRO B 412 -16.94 -29.27 28.61
N ALA B 413 -17.55 -28.20 28.11
CA ALA B 413 -18.51 -28.28 27.01
C ALA B 413 -17.81 -27.93 25.72
N PRO B 414 -18.00 -28.73 24.66
CA PRO B 414 -17.26 -28.50 23.42
C PRO B 414 -17.51 -27.11 22.86
N ARG B 415 -16.42 -26.33 22.73
CA ARG B 415 -16.52 -24.98 22.22
C ARG B 415 -17.19 -24.98 20.85
N GLY B 416 -16.57 -25.64 19.88
CA GLY B 416 -17.10 -25.70 18.54
C GLY B 416 -16.89 -27.08 17.95
N VAL B 417 -17.43 -27.26 16.76
CA VAL B 417 -17.24 -28.49 15.99
C VAL B 417 -16.93 -28.07 14.56
N LEU B 418 -15.89 -28.66 14.00
CA LEU B 418 -15.47 -28.32 12.66
C LEU B 418 -16.18 -29.23 11.67
N LEU B 419 -17.03 -28.65 10.84
CA LEU B 419 -17.64 -29.37 9.74
C LEU B 419 -16.76 -29.27 8.50
N TYR B 420 -16.77 -30.33 7.70
CA TYR B 420 -16.06 -30.21 6.44
C TYR B 420 -16.61 -31.22 5.45
N GLY B 421 -16.30 -30.97 4.18
CA GLY B 421 -16.86 -31.68 3.05
C GLY B 421 -16.83 -30.78 1.84
N PRO B 422 -16.65 -31.38 0.66
CA PRO B 422 -16.51 -30.58 -0.56
C PRO B 422 -17.72 -29.69 -0.77
N PRO B 423 -17.57 -28.62 -1.54
CA PRO B 423 -18.71 -27.72 -1.75
C PRO B 423 -19.82 -28.41 -2.52
N GLY B 424 -20.89 -27.70 -2.76
CA GLY B 424 -22.03 -28.30 -3.43
C GLY B 424 -23.06 -28.82 -2.47
N THR B 425 -22.64 -29.65 -1.52
CA THR B 425 -23.59 -30.10 -0.52
C THR B 425 -23.97 -29.00 0.46
N GLY B 426 -23.47 -27.79 0.26
CA GLY B 426 -23.93 -26.59 0.94
C GLY B 426 -24.29 -26.77 2.39
N LYS B 427 -23.33 -27.22 3.19
CA LYS B 427 -23.59 -27.58 4.59
C LYS B 427 -24.42 -26.54 5.32
N THR B 428 -24.39 -25.30 4.87
CA THR B 428 -25.29 -24.25 5.32
C THR B 428 -26.69 -24.78 5.51
N MET B 429 -27.12 -25.65 4.59
CA MET B 429 -28.36 -26.39 4.80
C MET B 429 -28.39 -26.95 6.23
N ILE B 430 -27.44 -27.81 6.56
CA ILE B 430 -27.41 -28.43 7.88
C ILE B 430 -27.36 -27.38 8.96
N ALA B 431 -26.56 -26.33 8.74
CA ALA B 431 -26.35 -25.33 9.76
C ALA B 431 -27.67 -24.67 10.15
N ARG B 432 -28.31 -24.01 9.18
CA ARG B 432 -29.59 -23.36 9.48
C ARG B 432 -30.61 -24.37 9.96
N ALA B 433 -30.53 -25.61 9.50
CA ALA B 433 -31.49 -26.62 9.93
C ALA B 433 -31.41 -26.83 11.44
N VAL B 434 -30.25 -27.28 11.91
CA VAL B 434 -30.10 -27.49 13.34
C VAL B 434 -30.35 -26.19 14.09
N ALA B 435 -30.04 -25.06 13.46
CA ALA B 435 -30.21 -23.76 14.10
C ALA B 435 -31.67 -23.52 14.44
N ASN B 436 -32.50 -23.40 13.42
CA ASN B 436 -33.91 -23.19 13.68
C ASN B 436 -34.61 -24.44 14.10
N GLU B 437 -33.88 -25.50 14.44
CA GLU B 437 -34.53 -26.73 14.85
C GLU B 437 -34.86 -26.75 16.33
N VAL B 438 -33.86 -26.64 17.20
CA VAL B 438 -34.14 -26.86 18.63
C VAL B 438 -34.40 -25.57 19.39
N GLY B 439 -33.38 -24.74 19.57
CA GLY B 439 -33.56 -23.54 20.35
C GLY B 439 -32.68 -22.39 19.94
N ALA B 440 -31.96 -22.56 18.84
CA ALA B 440 -30.87 -21.65 18.53
C ALA B 440 -31.37 -20.31 18.00
N TYR B 441 -30.73 -19.24 18.45
CA TYR B 441 -30.83 -17.94 17.81
C TYR B 441 -29.75 -17.87 16.75
N VAL B 442 -30.16 -17.80 15.48
CA VAL B 442 -29.21 -17.91 14.38
C VAL B 442 -28.32 -16.68 14.34
N SER B 443 -27.07 -16.88 13.93
CA SER B 443 -26.15 -15.79 13.69
C SER B 443 -25.09 -16.33 12.74
N VAL B 444 -24.98 -15.76 11.55
CA VAL B 444 -24.14 -16.32 10.50
C VAL B 444 -23.23 -15.24 9.94
N ILE B 445 -22.00 -15.63 9.64
CA ILE B 445 -21.02 -14.77 8.98
C ILE B 445 -20.28 -15.60 7.95
N ASN B 446 -19.95 -15.00 6.82
CA ASN B 446 -19.31 -15.69 5.72
C ASN B 446 -18.08 -14.92 5.27
N GLY B 447 -17.08 -15.68 4.82
CA GLY B 447 -15.76 -15.14 4.52
C GLY B 447 -15.77 -14.03 3.50
N PRO B 448 -16.08 -14.35 2.24
CA PRO B 448 -16.16 -13.31 1.21
C PRO B 448 -17.17 -12.23 1.52
N GLU B 449 -17.98 -12.39 2.57
CA GLU B 449 -18.83 -11.32 3.04
C GLU B 449 -18.13 -10.41 4.03
N ILE B 450 -17.17 -10.94 4.79
CA ILE B 450 -16.51 -10.17 5.84
C ILE B 450 -15.15 -9.65 5.39
N ILE B 451 -14.31 -10.49 4.80
CA ILE B 451 -12.95 -10.05 4.53
C ILE B 451 -12.93 -9.15 3.30
N SER B 452 -13.14 -7.87 3.55
CA SER B 452 -12.94 -6.77 2.61
C SER B 452 -11.57 -6.13 2.90
N LYS B 453 -11.35 -4.94 2.38
CA LYS B 453 -10.11 -4.20 2.60
C LYS B 453 -10.06 -3.52 3.97
N PHE B 454 -10.87 -3.96 4.92
CA PHE B 454 -10.79 -3.50 6.30
C PHE B 454 -9.63 -4.17 7.03
N TYR B 455 -9.26 -3.59 8.16
CA TYR B 455 -8.14 -4.07 8.97
C TYR B 455 -8.54 -3.97 10.44
N GLY B 456 -8.90 -5.10 11.04
CA GLY B 456 -9.43 -5.13 12.37
C GLY B 456 -10.91 -4.80 12.45
N GLU B 457 -11.41 -4.02 11.49
CA GLU B 457 -12.85 -3.83 11.40
C GLU B 457 -13.54 -5.16 11.15
N THR B 458 -12.89 -6.06 10.43
CA THR B 458 -13.32 -7.45 10.42
C THR B 458 -13.38 -8.00 11.83
N GLU B 459 -12.29 -7.83 12.57
CA GLU B 459 -12.26 -8.25 13.97
C GLU B 459 -13.29 -7.48 14.79
N ALA B 460 -13.52 -6.20 14.44
CA ALA B 460 -14.52 -5.43 15.15
C ALA B 460 -15.90 -6.06 14.99
N LYS B 461 -16.33 -6.24 13.74
CA LYS B 461 -17.57 -6.94 13.45
C LYS B 461 -17.63 -8.27 14.19
N LEU B 462 -16.53 -9.02 14.13
CA LEU B 462 -16.45 -10.33 14.77
C LEU B 462 -16.78 -10.21 16.25
N ARG B 463 -15.93 -9.51 16.99
CA ARG B 463 -16.11 -9.37 18.42
C ARG B 463 -17.48 -8.83 18.77
N GLN B 464 -18.02 -7.96 17.92
CA GLN B 464 -19.35 -7.43 18.19
C GLN B 464 -20.40 -8.53 18.11
N ILE B 465 -20.35 -9.32 17.04
CA ILE B 465 -21.23 -10.49 16.94
C ILE B 465 -21.08 -11.37 18.17
N PHE B 466 -19.83 -11.65 18.52
CA PHE B 466 -19.54 -12.55 19.62
C PHE B 466 -20.21 -12.08 20.90
N ALA B 467 -19.97 -10.82 21.27
CA ALA B 467 -20.53 -10.30 22.51
C ALA B 467 -22.05 -10.24 22.44
N GLU B 468 -22.60 -9.75 21.33
CA GLU B 468 -24.05 -9.58 21.26
C GLU B 468 -24.76 -10.91 21.36
N ALA B 469 -24.22 -11.96 20.73
CA ALA B 469 -24.79 -13.28 20.87
C ALA B 469 -24.47 -13.91 22.20
N THR B 470 -23.42 -13.43 22.88
CA THR B 470 -23.18 -13.84 24.25
C THR B 470 -24.33 -13.37 25.14
N LEU B 471 -24.70 -12.09 25.00
CA LEU B 471 -25.91 -11.60 25.63
C LEU B 471 -27.12 -12.45 25.25
N ARG B 472 -27.06 -13.10 24.10
CA ARG B 472 -28.11 -13.96 23.58
C ARG B 472 -27.75 -15.43 23.74
N HIS B 473 -27.21 -15.82 24.91
CA HIS B 473 -26.62 -17.12 25.20
C HIS B 473 -27.27 -18.27 24.43
N PRO B 474 -28.61 -18.36 24.36
CA PRO B 474 -29.20 -19.33 23.44
C PRO B 474 -28.98 -18.94 21.99
N SER B 475 -27.74 -19.03 21.52
CA SER B 475 -27.42 -18.69 20.14
C SER B 475 -26.23 -19.53 19.70
N ILE B 476 -26.07 -19.62 18.38
CA ILE B 476 -24.99 -20.37 17.76
C ILE B 476 -24.43 -19.55 16.61
N ILE B 477 -23.13 -19.38 16.58
CA ILE B 477 -22.45 -18.72 15.48
C ILE B 477 -21.85 -19.79 14.58
N PHE B 478 -21.94 -19.56 13.28
CA PHE B 478 -21.32 -20.44 12.30
C PHE B 478 -20.50 -19.60 11.34
N ILE B 479 -19.44 -20.19 10.82
CA ILE B 479 -18.67 -19.58 9.74
C ILE B 479 -18.40 -20.64 8.68
N ASP B 480 -18.54 -20.25 7.42
CA ASP B 480 -18.12 -21.03 6.28
C ASP B 480 -16.77 -20.52 5.78
N GLU B 481 -16.19 -21.27 4.86
CA GLU B 481 -14.86 -21.00 4.29
C GLU B 481 -13.90 -20.47 5.35
N LEU B 482 -13.83 -21.20 6.46
CA LEU B 482 -13.00 -20.74 7.56
C LEU B 482 -11.53 -20.65 7.16
N ASP B 483 -11.10 -21.46 6.21
CA ASP B 483 -9.75 -21.31 5.68
C ASP B 483 -9.59 -20.00 4.92
N ALA B 484 -10.67 -19.50 4.31
CA ALA B 484 -10.58 -18.26 3.55
C ALA B 484 -10.29 -17.09 4.49
N LEU B 485 -11.13 -16.92 5.51
CA LEU B 485 -10.90 -15.84 6.47
C LEU B 485 -9.58 -16.01 7.18
N CYS B 486 -9.15 -17.26 7.39
CA CYS B 486 -7.91 -17.55 8.10
C CYS B 486 -7.08 -18.48 7.22
N PRO B 487 -6.41 -17.95 6.21
CA PRO B 487 -5.52 -18.78 5.39
C PRO B 487 -4.21 -19.04 6.12
N LYS B 488 -3.36 -19.84 5.49
CA LYS B 488 -2.13 -20.27 6.11
C LYS B 488 -1.22 -19.08 6.39
N ARG B 489 -0.37 -19.22 7.42
CA ARG B 489 0.61 -18.19 7.73
C ARG B 489 1.64 -18.07 6.62
N GLU B 490 2.36 -19.16 6.35
CA GLU B 490 3.27 -19.19 5.21
C GLU B 490 2.52 -19.18 3.88
N GLY B 491 1.26 -19.60 3.88
CA GLY B 491 0.45 -19.64 2.68
C GLY B 491 -0.28 -18.34 2.35
N ALA B 492 -0.15 -17.32 3.19
CA ALA B 492 -0.70 -16.00 2.91
C ALA B 492 0.36 -14.96 3.22
N GLN B 493 0.03 -13.71 2.95
CA GLN B 493 0.99 -12.62 3.16
C GLN B 493 0.44 -11.49 4.01
N ASN B 494 -0.84 -11.16 3.89
CA ASN B 494 -1.39 -10.00 4.57
C ASN B 494 -1.39 -10.24 6.06
N GLU B 495 -0.45 -9.59 6.76
CA GLU B 495 -0.38 -9.73 8.21
C GLU B 495 -1.66 -9.27 8.89
N VAL B 496 -2.44 -8.41 8.25
CA VAL B 496 -3.74 -8.04 8.80
C VAL B 496 -4.61 -9.27 8.99
N GLU B 497 -4.60 -10.18 8.01
CA GLU B 497 -5.38 -11.40 8.13
C GLU B 497 -4.92 -12.22 9.33
N LYS B 498 -3.62 -12.23 9.61
CA LYS B 498 -3.12 -12.97 10.76
C LYS B 498 -3.48 -12.26 12.07
N ARG B 499 -3.53 -10.93 12.05
CA ARG B 499 -4.12 -10.22 13.19
C ARG B 499 -5.55 -10.69 13.43
N VAL B 500 -6.32 -10.84 12.35
CA VAL B 500 -7.68 -11.35 12.48
C VAL B 500 -7.66 -12.76 13.06
N VAL B 501 -6.70 -13.57 12.63
CA VAL B 501 -6.54 -14.91 13.21
C VAL B 501 -6.37 -14.82 14.71
N ALA B 502 -5.40 -14.04 15.15
CA ALA B 502 -5.13 -13.91 16.57
C ALA B 502 -6.35 -13.42 17.33
N SER B 503 -7.06 -12.45 16.77
CA SER B 503 -8.26 -11.95 17.42
C SER B 503 -9.32 -13.04 17.53
N LEU B 504 -9.47 -13.83 16.48
CA LEU B 504 -10.40 -14.96 16.54
C LEU B 504 -10.01 -15.92 17.64
N LEU B 505 -8.71 -16.18 17.78
CA LEU B 505 -8.23 -17.03 18.86
C LEU B 505 -8.65 -16.48 20.20
N THR B 506 -8.35 -15.20 20.45
CA THR B 506 -8.72 -14.56 21.70
C THR B 506 -10.21 -14.67 21.95
N LEU B 507 -11.02 -14.39 20.92
CA LEU B 507 -12.46 -14.46 21.07
C LEU B 507 -12.89 -15.87 21.44
N MET B 508 -12.30 -16.87 20.81
CA MET B 508 -12.68 -18.25 21.08
C MET B 508 -12.28 -18.66 22.48
N ASP B 509 -11.20 -18.11 23.01
CA ASP B 509 -10.91 -18.30 24.42
C ASP B 509 -11.94 -17.57 25.28
N GLY B 510 -12.41 -16.42 24.81
CA GLY B 510 -13.59 -15.78 25.38
C GLY B 510 -14.84 -16.63 25.27
N ILE B 511 -14.81 -17.66 24.44
CA ILE B 511 -15.86 -18.66 24.44
C ILE B 511 -15.55 -19.78 25.43
N GLY B 512 -14.27 -19.96 25.76
CA GLY B 512 -13.92 -20.81 26.89
C GLY B 512 -14.04 -20.05 28.19
N SER B 513 -14.95 -19.09 28.22
CA SER B 513 -15.12 -18.22 29.38
C SER B 513 -16.08 -18.85 30.38
N GLU B 514 -15.98 -18.38 31.63
CA GLU B 514 -16.72 -18.99 32.72
C GLU B 514 -18.20 -18.60 32.68
N VAL B 515 -18.47 -17.32 32.47
CA VAL B 515 -19.84 -16.81 32.60
C VAL B 515 -20.82 -17.58 31.71
N SER B 516 -20.36 -18.03 30.56
CA SER B 516 -21.17 -18.73 29.58
C SER B 516 -20.44 -19.97 29.07
N GLU B 517 -19.92 -20.77 30.00
CA GLU B 517 -19.13 -21.94 29.63
C GLU B 517 -19.89 -22.85 28.68
N GLY B 518 -19.39 -22.96 27.45
CA GLY B 518 -19.97 -23.82 26.44
C GLY B 518 -21.39 -23.44 26.04
N GLN B 519 -21.58 -22.21 25.58
CA GLN B 519 -22.89 -21.81 25.12
C GLN B 519 -22.83 -21.10 23.78
N VAL B 520 -21.71 -20.44 23.48
CA VAL B 520 -21.54 -19.75 22.19
C VAL B 520 -20.89 -20.78 21.27
N LEU B 521 -21.73 -21.62 20.67
CA LEU B 521 -21.20 -22.66 19.80
C LEU B 521 -20.74 -22.03 18.49
N VAL B 522 -19.45 -22.10 18.23
CA VAL B 522 -18.88 -21.70 16.96
C VAL B 522 -18.91 -22.89 16.02
N LEU B 523 -19.23 -22.66 14.76
CA LEU B 523 -19.32 -23.73 13.79
C LEU B 523 -18.51 -23.35 12.56
N GLY B 524 -17.50 -24.15 12.25
CA GLY B 524 -16.63 -23.90 11.12
C GLY B 524 -16.82 -24.97 10.05
N ALA B 525 -16.84 -24.53 8.79
CA ALA B 525 -17.11 -25.44 7.70
C ALA B 525 -16.45 -24.92 6.44
N THR B 526 -15.52 -25.71 5.90
CA THR B 526 -14.95 -25.43 4.59
C THR B 526 -14.39 -26.72 4.04
N ASN B 527 -14.08 -26.68 2.74
CA ASN B 527 -13.52 -27.85 2.09
C ASN B 527 -12.18 -28.23 2.70
N ARG B 528 -11.22 -27.34 2.65
CA ARG B 528 -9.83 -27.70 2.86
C ARG B 528 -9.56 -27.81 4.36
N PRO B 529 -9.20 -28.98 4.86
CA PRO B 529 -8.71 -29.07 6.24
C PRO B 529 -7.25 -28.66 6.33
N HIS B 530 -6.54 -28.77 5.21
CA HIS B 530 -5.11 -28.45 5.22
C HIS B 530 -4.88 -26.97 5.45
N ALA B 531 -5.42 -26.12 4.57
CA ALA B 531 -5.17 -24.69 4.63
C ALA B 531 -5.60 -24.05 5.95
N LEU B 532 -6.29 -24.80 6.80
CA LEU B 532 -6.64 -24.28 8.12
C LEU B 532 -5.38 -23.96 8.91
N ASP B 533 -5.54 -23.13 9.93
CA ASP B 533 -4.41 -22.73 10.76
C ASP B 533 -4.14 -23.81 11.80
N ALA B 534 -2.87 -24.20 11.90
CA ALA B 534 -2.50 -25.33 12.77
C ALA B 534 -3.00 -25.13 14.19
N ALA B 535 -2.71 -23.97 14.77
CA ALA B 535 -3.08 -23.72 16.16
C ALA B 535 -4.56 -23.90 16.42
N LEU B 536 -5.40 -23.81 15.38
CA LEU B 536 -6.81 -24.08 15.58
C LEU B 536 -7.07 -25.51 16.01
N ARG B 537 -6.14 -26.42 15.71
CA ARG B 537 -6.26 -27.81 16.13
C ARG B 537 -5.79 -28.04 17.57
N ARG B 538 -5.18 -27.05 18.20
CA ARG B 538 -4.83 -27.17 19.60
C ARG B 538 -6.11 -27.42 20.40
N PRO B 539 -6.02 -28.15 21.51
CA PRO B 539 -7.22 -28.68 22.17
C PRO B 539 -8.17 -27.57 22.62
N GLY B 540 -9.42 -27.97 22.86
CA GLY B 540 -10.43 -27.05 23.32
C GLY B 540 -10.80 -25.95 22.35
N ARG B 541 -10.33 -26.03 21.11
CA ARG B 541 -10.64 -25.03 20.10
C ARG B 541 -11.36 -25.63 18.90
N PHE B 542 -10.84 -26.71 18.33
CA PHE B 542 -11.52 -27.42 17.25
C PHE B 542 -11.15 -28.89 17.35
N ASP B 543 -12.00 -29.66 18.03
CA ASP B 543 -11.72 -31.07 18.25
C ASP B 543 -12.47 -31.97 17.29
N LYS B 544 -13.79 -31.91 17.30
CA LYS B 544 -14.62 -32.85 16.55
C LYS B 544 -14.69 -32.38 15.10
N GLU B 545 -14.05 -33.12 14.21
CA GLU B 545 -14.12 -32.85 12.79
C GLU B 545 -15.12 -33.84 12.18
N ILE B 546 -16.26 -33.33 11.72
CA ILE B 546 -17.30 -34.15 11.12
C ILE B 546 -17.23 -33.96 9.62
N GLU B 547 -17.04 -35.06 8.90
CA GLU B 547 -17.00 -35.04 7.45
C GLU B 547 -18.39 -35.25 6.88
N ILE B 548 -18.70 -34.51 5.83
CA ILE B 548 -19.94 -34.70 5.06
C ILE B 548 -19.50 -34.81 3.61
N GLY B 549 -19.30 -36.03 3.14
CA GLY B 549 -18.81 -36.25 1.80
C GLY B 549 -19.93 -36.31 0.77
N VAL B 550 -19.51 -36.54 -0.47
CA VAL B 550 -20.50 -36.65 -1.54
C VAL B 550 -21.41 -37.84 -1.27
N PRO B 551 -22.70 -37.71 -1.45
CA PRO B 551 -23.61 -38.81 -1.10
C PRO B 551 -23.42 -40.05 -1.95
N ASN B 552 -24.15 -41.10 -1.60
CA ASN B 552 -24.07 -42.40 -2.25
C ASN B 552 -25.40 -42.74 -2.90
N ALA B 553 -25.45 -43.92 -3.53
CA ALA B 553 -26.64 -44.32 -4.28
C ALA B 553 -27.90 -44.18 -3.45
N GLN B 554 -27.96 -44.91 -2.33
CA GLN B 554 -29.12 -44.79 -1.45
C GLN B 554 -29.29 -43.35 -0.97
N ASP B 555 -28.18 -42.67 -0.72
CA ASP B 555 -28.26 -41.31 -0.21
C ASP B 555 -28.77 -40.35 -1.27
N ARG B 556 -28.23 -40.45 -2.48
CA ARG B 556 -28.79 -39.70 -3.60
C ARG B 556 -30.28 -39.91 -3.68
N LEU B 557 -30.70 -41.18 -3.67
CA LEU B 557 -32.13 -41.49 -3.78
C LEU B 557 -32.93 -40.80 -2.67
N ASP B 558 -32.43 -40.87 -1.44
CA ASP B 558 -33.16 -40.30 -0.32
C ASP B 558 -33.34 -38.80 -0.50
N ILE B 559 -32.25 -38.09 -0.77
CA ILE B 559 -32.36 -36.64 -0.87
C ILE B 559 -33.22 -36.26 -2.07
N LEU B 560 -33.16 -37.05 -3.12
CA LEU B 560 -34.00 -36.78 -4.29
C LEU B 560 -35.47 -36.91 -3.92
N GLN B 561 -35.82 -37.97 -3.19
CA GLN B 561 -37.19 -38.14 -2.77
C GLN B 561 -37.64 -36.98 -1.90
N LYS B 562 -36.81 -36.60 -0.93
CA LYS B 562 -37.18 -35.53 -0.02
C LYS B 562 -37.44 -34.24 -0.80
N LEU B 563 -36.64 -33.98 -1.84
CA LEU B 563 -36.96 -32.86 -2.71
C LEU B 563 -38.29 -33.06 -3.40
N LEU B 564 -38.39 -34.11 -4.20
CA LEU B 564 -39.57 -34.34 -5.05
C LEU B 564 -40.87 -34.39 -4.27
N ARG B 565 -40.79 -34.47 -2.94
CA ARG B 565 -41.97 -34.58 -2.09
C ARG B 565 -43.21 -33.81 -2.55
N ARG B 566 -43.05 -32.57 -2.97
CA ARG B 566 -44.18 -31.70 -3.24
C ARG B 566 -44.28 -31.29 -4.70
N VAL B 567 -44.10 -32.23 -5.62
CA VAL B 567 -44.22 -31.94 -7.05
C VAL B 567 -45.00 -33.06 -7.72
N PRO B 568 -46.00 -32.74 -8.56
CA PRO B 568 -46.75 -33.79 -9.26
C PRO B 568 -45.87 -34.55 -10.23
N HIS B 569 -45.77 -35.86 -10.03
CA HIS B 569 -44.95 -36.70 -10.88
C HIS B 569 -45.57 -38.09 -10.96
N LEU B 570 -45.08 -38.88 -11.91
CA LEU B 570 -45.66 -40.17 -12.24
C LEU B 570 -44.57 -41.23 -12.36
N LEU B 571 -43.70 -41.32 -11.35
CA LEU B 571 -42.52 -42.16 -11.43
C LEU B 571 -42.62 -43.29 -10.41
N THR B 572 -41.99 -44.43 -10.73
CA THR B 572 -41.96 -45.58 -9.85
C THR B 572 -40.57 -45.70 -9.22
N GLU B 573 -40.56 -46.04 -7.93
CA GLU B 573 -39.32 -45.97 -7.16
C GLU B 573 -38.24 -46.90 -7.68
N ALA B 574 -38.57 -47.87 -8.53
CA ALA B 574 -37.56 -48.76 -9.08
C ALA B 574 -36.75 -48.06 -10.17
N GLU B 575 -37.43 -47.60 -11.22
CA GLU B 575 -36.75 -46.77 -12.21
C GLU B 575 -36.23 -45.48 -11.59
N LEU B 576 -36.85 -45.03 -10.49
CA LEU B 576 -36.26 -43.94 -9.74
C LEU B 576 -34.89 -44.33 -9.21
N LEU B 577 -34.78 -45.52 -8.63
CA LEU B 577 -33.49 -46.01 -8.18
C LEU B 577 -32.53 -46.13 -9.34
N GLN B 578 -33.03 -46.49 -10.52
CA GLN B 578 -32.19 -46.47 -11.71
C GLN B 578 -31.63 -45.07 -11.94
N LEU B 579 -32.52 -44.08 -11.99
CA LEU B 579 -32.10 -42.69 -12.17
C LEU B 579 -31.06 -42.31 -11.13
N ALA B 580 -31.27 -42.74 -9.89
CA ALA B 580 -30.27 -42.49 -8.85
C ALA B 580 -28.93 -43.08 -9.24
N ASN B 581 -28.92 -44.36 -9.61
CA ASN B 581 -27.69 -44.99 -10.08
C ASN B 581 -27.02 -44.17 -11.15
N SER B 582 -27.82 -43.50 -11.98
CA SER B 582 -27.23 -42.69 -13.04
C SER B 582 -26.40 -41.55 -12.49
N ALA B 583 -26.73 -41.07 -11.29
CA ALA B 583 -26.19 -39.78 -10.85
C ALA B 583 -24.79 -39.87 -10.27
N HIS B 584 -23.87 -40.51 -10.99
CA HIS B 584 -22.50 -40.51 -10.55
C HIS B 584 -21.96 -39.09 -10.51
N GLY B 585 -21.14 -38.82 -9.50
CA GLY B 585 -20.53 -37.51 -9.35
C GLY B 585 -21.54 -36.39 -9.31
N TYR B 586 -22.74 -36.67 -8.82
CA TYR B 586 -23.76 -35.65 -8.72
C TYR B 586 -23.86 -35.14 -7.28
N VAL B 587 -24.39 -33.94 -7.14
CA VAL B 587 -24.47 -33.27 -5.85
C VAL B 587 -25.90 -32.80 -5.60
N GLY B 588 -26.24 -32.68 -4.33
CA GLY B 588 -27.57 -32.23 -3.94
C GLY B 588 -28.02 -30.99 -4.66
N ALA B 589 -27.35 -29.85 -4.41
CA ALA B 589 -27.69 -28.61 -5.08
C ALA B 589 -27.97 -28.86 -6.54
N ASP B 590 -27.11 -29.64 -7.17
CA ASP B 590 -27.36 -30.00 -8.55
C ASP B 590 -28.59 -30.89 -8.70
N LEU B 591 -28.97 -31.64 -7.67
CA LEU B 591 -30.21 -32.39 -7.79
C LEU B 591 -31.41 -31.46 -7.78
N LYS B 592 -31.37 -30.41 -6.95
CA LYS B 592 -32.43 -29.42 -7.00
C LYS B 592 -32.49 -28.77 -8.37
N VAL B 593 -31.33 -28.41 -8.91
CA VAL B 593 -31.29 -27.85 -10.25
C VAL B 593 -31.88 -28.83 -11.24
N LEU B 594 -31.61 -30.12 -11.06
CA LEU B 594 -32.17 -31.14 -11.93
C LEU B 594 -33.68 -31.14 -11.87
N CYS B 595 -34.24 -31.09 -10.66
CA CYS B 595 -35.69 -31.08 -10.52
C CYS B 595 -36.29 -29.88 -11.23
N ASN B 596 -35.74 -28.69 -10.99
CA ASN B 596 -36.24 -27.51 -11.69
C ASN B 596 -36.15 -27.68 -13.19
N GLU B 597 -35.02 -28.20 -13.68
CA GLU B 597 -34.83 -28.36 -15.11
C GLU B 597 -35.88 -29.29 -15.69
N ALA B 598 -36.12 -30.41 -15.02
CA ALA B 598 -37.08 -31.38 -15.52
C ALA B 598 -38.48 -30.80 -15.55
N GLY B 599 -38.86 -30.09 -14.49
CA GLY B 599 -40.12 -29.39 -14.53
C GLY B 599 -40.21 -28.48 -15.74
N LEU B 600 -39.17 -27.69 -15.97
CA LEU B 600 -39.16 -26.78 -17.11
C LEU B 600 -39.34 -27.55 -18.41
N CYS B 601 -38.65 -28.67 -18.55
CA CYS B 601 -38.65 -29.34 -19.84
C CYS B 601 -39.98 -30.04 -20.10
N ALA B 602 -40.56 -30.64 -19.06
CA ALA B 602 -41.89 -31.21 -19.23
C ALA B 602 -42.89 -30.12 -19.56
N LEU B 603 -42.74 -28.95 -18.95
CA LEU B 603 -43.53 -27.80 -19.36
C LEU B 603 -43.40 -27.59 -20.86
N ARG B 604 -42.17 -27.46 -21.34
CA ARG B 604 -41.92 -27.30 -22.76
C ARG B 604 -42.62 -28.37 -23.58
N ARG B 605 -42.56 -29.62 -23.12
CA ARG B 605 -43.19 -30.71 -23.83
C ARG B 605 -44.68 -30.45 -23.99
N ILE B 606 -45.33 -30.04 -22.90
CA ILE B 606 -46.76 -29.74 -22.99
C ILE B 606 -47.00 -28.58 -23.94
N LEU B 607 -46.19 -27.52 -23.82
CA LEU B 607 -46.34 -26.38 -24.70
C LEU B 607 -46.24 -26.78 -26.16
N LYS B 608 -45.45 -27.80 -26.47
CA LYS B 608 -45.36 -28.29 -27.83
C LYS B 608 -46.55 -29.16 -28.23
N LYS B 609 -47.63 -29.12 -27.45
CA LYS B 609 -48.89 -29.71 -27.87
C LYS B 609 -50.06 -28.75 -27.83
N GLN B 610 -49.93 -27.60 -27.17
CA GLN B 610 -50.95 -26.57 -27.17
C GLN B 610 -50.34 -25.25 -27.63
N PRO B 611 -50.94 -24.57 -28.60
CA PRO B 611 -50.38 -23.31 -29.06
C PRO B 611 -50.48 -22.22 -28.00
N ASN B 612 -51.65 -22.09 -27.39
CA ASN B 612 -51.89 -21.06 -26.39
C ASN B 612 -52.78 -21.61 -25.28
N LEU B 613 -52.62 -21.03 -24.09
CA LEU B 613 -53.32 -21.50 -22.91
C LEU B 613 -53.09 -20.54 -21.74
N PRO B 614 -54.04 -20.43 -20.82
CA PRO B 614 -53.77 -19.72 -19.57
C PRO B 614 -53.15 -20.65 -18.53
N ASP B 615 -52.49 -20.02 -17.57
CA ASP B 615 -51.70 -20.77 -16.59
C ASP B 615 -52.51 -21.85 -15.88
N VAL B 616 -53.83 -21.73 -15.85
CA VAL B 616 -54.65 -22.66 -15.09
C VAL B 616 -54.51 -24.08 -15.65
N LYS B 617 -54.81 -24.27 -16.93
CA LYS B 617 -54.69 -25.61 -17.51
C LYS B 617 -53.24 -26.06 -17.58
N VAL B 618 -52.32 -25.12 -17.78
CA VAL B 618 -50.89 -25.44 -17.71
C VAL B 618 -50.58 -26.16 -16.40
N ALA B 619 -50.89 -25.49 -15.28
CA ALA B 619 -50.69 -26.12 -13.98
C ALA B 619 -51.46 -27.43 -13.88
N GLY B 620 -52.66 -27.49 -14.48
CA GLY B 620 -53.45 -28.70 -14.42
C GLY B 620 -52.86 -29.86 -15.19
N LEU B 621 -51.93 -29.60 -16.09
CA LEU B 621 -51.40 -30.66 -16.93
C LEU B 621 -49.95 -31.03 -16.66
N VAL B 622 -49.15 -30.12 -16.10
CA VAL B 622 -47.75 -30.42 -15.87
C VAL B 622 -47.64 -31.63 -14.96
N LYS B 623 -47.02 -32.70 -15.48
CA LYS B 623 -46.79 -33.92 -14.73
C LYS B 623 -45.42 -34.45 -15.12
N ILE B 624 -44.48 -34.40 -14.18
CA ILE B 624 -43.11 -34.79 -14.47
C ILE B 624 -43.02 -36.29 -14.64
N THR B 625 -42.37 -36.73 -15.71
CA THR B 625 -42.23 -38.16 -16.00
C THR B 625 -40.76 -38.53 -16.17
N LEU B 626 -40.52 -39.77 -16.60
CA LEU B 626 -39.16 -40.29 -16.64
C LEU B 626 -38.33 -39.60 -17.71
N LYS B 627 -38.76 -39.69 -18.98
CA LYS B 627 -38.00 -39.11 -20.07
C LYS B 627 -37.64 -37.66 -19.80
N ASP B 628 -38.53 -36.95 -19.10
CA ASP B 628 -38.21 -35.60 -18.66
C ASP B 628 -36.92 -35.59 -17.86
N PHE B 629 -36.88 -36.38 -16.78
CA PHE B 629 -35.67 -36.46 -15.97
C PHE B 629 -34.48 -36.89 -16.79
N LEU B 630 -34.70 -37.81 -17.74
CA LEU B 630 -33.60 -38.29 -18.56
C LEU B 630 -32.94 -37.14 -19.31
N GLN B 631 -33.72 -36.48 -20.17
CA GLN B 631 -33.17 -35.36 -20.93
C GLN B 631 -32.63 -34.28 -20.00
N ALA B 632 -33.30 -34.07 -18.87
CA ALA B 632 -32.85 -33.07 -17.91
C ALA B 632 -31.43 -33.38 -17.45
N MET B 633 -31.22 -34.57 -16.89
CA MET B 633 -29.89 -34.96 -16.47
C MET B 633 -28.90 -34.85 -17.61
N ASN B 634 -29.34 -35.19 -18.82
CA ASN B 634 -28.43 -35.17 -19.95
C ASN B 634 -28.04 -33.77 -20.39
N ASP B 635 -28.81 -32.75 -20.02
CA ASP B 635 -28.43 -31.43 -20.49
C ASP B 635 -27.43 -30.73 -19.58
N ILE B 636 -27.56 -30.89 -18.26
CA ILE B 636 -26.68 -30.21 -17.31
C ILE B 636 -25.78 -31.25 -16.64
N ARG B 637 -24.50 -30.92 -16.54
CA ARG B 637 -23.54 -31.81 -15.93
C ARG B 637 -23.22 -31.37 -14.51
N PRO B 638 -22.99 -32.31 -13.61
CA PRO B 638 -22.72 -31.96 -12.23
C PRO B 638 -21.30 -31.46 -12.01
N SER B 639 -21.01 -31.02 -10.79
CA SER B 639 -19.73 -30.41 -10.47
C SER B 639 -18.83 -31.28 -9.61
N ALA B 640 -19.31 -32.41 -9.12
CA ALA B 640 -18.47 -33.35 -8.38
C ALA B 640 -17.62 -34.15 -9.35
N MET B 641 -17.08 -35.27 -8.88
CA MET B 641 -16.26 -36.17 -9.69
C MET B 641 -14.94 -35.51 -10.04
N ARG B 642 -14.31 -34.92 -9.01
CA ARG B 642 -12.90 -34.58 -9.06
C ARG B 642 -12.28 -35.16 -7.80
N GLU B 643 -13.10 -35.29 -6.77
CA GLU B 643 -12.75 -35.85 -5.48
C GLU B 643 -13.05 -37.35 -5.46
N ILE B 644 -12.61 -37.99 -4.38
CA ILE B 644 -12.92 -39.40 -4.22
C ILE B 644 -14.40 -39.57 -3.94
N ALA B 645 -14.88 -40.79 -4.13
CA ALA B 645 -16.29 -41.10 -3.91
C ALA B 645 -16.41 -42.50 -3.35
N ILE B 646 -17.19 -42.66 -2.29
CA ILE B 646 -17.41 -43.96 -1.70
C ILE B 646 -18.44 -44.69 -2.55
N ASP B 647 -17.97 -45.41 -3.55
CA ASP B 647 -18.86 -46.02 -4.51
C ASP B 647 -19.37 -47.35 -3.96
N VAL B 648 -20.02 -48.13 -4.81
CA VAL B 648 -20.46 -49.47 -4.44
C VAL B 648 -20.12 -50.41 -5.60
N PRO B 649 -19.54 -51.57 -5.33
CA PRO B 649 -19.19 -52.51 -6.40
C PRO B 649 -20.44 -53.00 -7.11
N ASN B 650 -20.54 -52.68 -8.41
CA ASN B 650 -21.68 -53.08 -9.21
C ASN B 650 -21.47 -54.39 -9.94
N VAL B 651 -20.22 -54.77 -10.20
CA VAL B 651 -19.95 -55.97 -10.98
C VAL B 651 -20.17 -57.20 -10.11
N SER B 652 -20.31 -58.36 -10.74
CA SER B 652 -20.67 -59.58 -10.03
C SER B 652 -19.78 -60.73 -10.49
N TRP B 653 -19.69 -61.75 -9.63
CA TRP B 653 -19.04 -62.99 -10.01
C TRP B 653 -19.78 -63.68 -11.15
N SER B 654 -21.07 -63.39 -11.28
CA SER B 654 -21.86 -63.85 -12.42
C SER B 654 -21.52 -63.13 -13.69
N ASP B 655 -20.45 -62.34 -13.68
CA ASP B 655 -20.01 -61.59 -14.85
C ASP B 655 -18.64 -62.05 -15.33
N ILE B 656 -18.00 -62.97 -14.62
CA ILE B 656 -16.71 -63.51 -15.01
C ILE B 656 -16.80 -65.02 -14.94
N GLY B 657 -15.94 -65.70 -15.71
CA GLY B 657 -15.94 -67.15 -15.78
C GLY B 657 -14.78 -67.78 -15.04
N GLY B 658 -15.04 -68.97 -14.49
CA GLY B 658 -13.99 -69.80 -13.93
C GLY B 658 -13.34 -69.17 -12.71
N LEU B 659 -12.01 -69.22 -12.70
CA LEU B 659 -11.19 -68.63 -11.63
C LEU B 659 -11.46 -69.31 -10.29
N GLU B 660 -11.70 -70.62 -10.32
CA GLU B 660 -12.15 -71.33 -9.14
C GLU B 660 -11.16 -71.21 -7.99
N SER B 661 -9.95 -71.74 -8.18
CA SER B 661 -8.93 -71.61 -7.15
C SER B 661 -8.63 -70.14 -6.86
N ILE B 662 -8.75 -69.28 -7.87
CA ILE B 662 -8.61 -67.85 -7.64
C ILE B 662 -9.68 -67.37 -6.66
N LYS B 663 -10.93 -67.73 -6.94
CA LYS B 663 -12.03 -67.38 -6.04
C LYS B 663 -11.74 -67.82 -4.61
N LEU B 664 -11.35 -69.08 -4.45
CA LEU B 664 -11.19 -69.64 -3.11
C LEU B 664 -10.03 -68.99 -2.39
N LYS B 665 -8.87 -68.89 -3.06
CA LYS B 665 -7.72 -68.25 -2.41
C LYS B 665 -8.04 -66.81 -2.05
N LEU B 666 -8.83 -66.12 -2.88
CA LEU B 666 -9.13 -64.72 -2.61
C LEU B 666 -10.06 -64.58 -1.41
N GLU B 667 -11.13 -65.39 -1.37
CA GLU B 667 -12.01 -65.34 -0.22
C GLU B 667 -11.25 -65.71 1.05
N GLN B 668 -10.33 -66.67 0.97
CA GLN B 668 -9.50 -66.99 2.12
C GLN B 668 -8.68 -65.79 2.53
N ALA B 669 -8.01 -65.15 1.56
CA ALA B 669 -7.13 -64.05 1.88
C ALA B 669 -7.89 -62.92 2.56
N VAL B 670 -9.15 -62.72 2.17
CA VAL B 670 -9.87 -61.62 2.79
C VAL B 670 -10.49 -62.03 4.11
N GLU B 671 -10.80 -63.31 4.30
CA GLU B 671 -11.51 -63.72 5.51
C GLU B 671 -10.58 -64.17 6.64
N TRP B 672 -9.33 -64.50 6.34
CA TRP B 672 -8.41 -64.85 7.43
C TRP B 672 -8.22 -63.72 8.42
N PRO B 673 -8.00 -62.45 8.01
CA PRO B 673 -7.72 -61.41 9.00
C PRO B 673 -8.77 -61.28 10.09
N LEU B 674 -9.97 -61.80 9.89
CA LEU B 674 -10.92 -61.89 10.99
C LEU B 674 -10.83 -63.23 11.73
N LYS B 675 -10.10 -64.18 11.18
CA LYS B 675 -9.83 -65.43 11.88
C LYS B 675 -8.57 -65.34 12.74
N HIS B 676 -7.66 -64.44 12.41
CA HIS B 676 -6.40 -64.32 13.12
C HIS B 676 -6.57 -63.98 14.59
N PRO B 677 -7.68 -63.39 15.03
CA PRO B 677 -7.99 -63.49 16.46
C PRO B 677 -7.90 -64.93 16.92
N GLU B 678 -8.70 -65.81 16.31
CA GLU B 678 -8.70 -67.20 16.75
C GLU B 678 -7.55 -68.00 16.14
N SER B 679 -7.02 -67.59 14.99
CA SER B 679 -5.80 -68.26 14.53
C SER B 679 -4.62 -67.98 15.44
N PHE B 680 -4.54 -66.77 15.98
CA PHE B 680 -3.60 -66.46 17.04
C PHE B 680 -3.89 -67.22 18.31
N ILE B 681 -5.16 -67.30 18.70
CA ILE B 681 -5.59 -68.16 19.80
C ILE B 681 -5.08 -69.59 19.60
N ARG B 682 -4.97 -70.04 18.36
CA ARG B 682 -4.42 -71.37 18.09
C ARG B 682 -2.91 -71.37 18.32
N MET B 683 -2.16 -70.63 17.51
CA MET B 683 -0.74 -70.44 17.78
C MET B 683 -0.38 -68.98 18.01
N GLY B 684 -0.61 -68.12 17.04
CA GLY B 684 -0.23 -66.73 17.13
C GLY B 684 1.09 -66.44 16.47
N ILE B 685 1.07 -66.00 15.22
CA ILE B 685 2.32 -65.70 14.51
C ILE B 685 2.31 -64.31 13.93
N GLN B 686 1.40 -64.04 13.00
CA GLN B 686 1.46 -62.83 12.18
C GLN B 686 0.09 -62.40 11.68
N PRO B 687 -0.14 -61.10 11.55
CA PRO B 687 -1.34 -60.60 10.86
C PRO B 687 -1.08 -60.29 9.40
N PRO B 688 -1.06 -61.29 8.51
CA PRO B 688 -0.77 -61.00 7.10
C PRO B 688 -1.93 -60.31 6.42
N LYS B 689 -1.65 -59.18 5.76
CA LYS B 689 -2.71 -58.39 5.13
C LYS B 689 -2.58 -58.33 3.61
N GLY B 690 -1.46 -57.83 3.10
CA GLY B 690 -1.42 -57.35 1.73
C GLY B 690 -1.43 -58.43 0.66
N VAL B 691 -2.49 -58.46 -0.13
CA VAL B 691 -2.62 -59.41 -1.23
C VAL B 691 -2.40 -58.66 -2.54
N LEU B 692 -1.61 -59.26 -3.43
CA LEU B 692 -1.15 -58.61 -4.66
C LEU B 692 -1.29 -59.58 -5.81
N LEU B 693 -2.16 -59.25 -6.75
CA LEU B 693 -2.31 -60.02 -7.97
C LEU B 693 -1.37 -59.47 -9.03
N TYR B 694 -1.01 -60.31 -9.99
CA TYR B 694 -0.20 -59.82 -11.10
C TYR B 694 -0.35 -60.72 -12.31
N GLY B 695 -0.22 -60.12 -13.49
CA GLY B 695 -0.30 -60.86 -14.73
C GLY B 695 -0.39 -59.97 -15.95
N PRO B 696 -1.12 -60.43 -16.96
CA PRO B 696 -1.29 -59.67 -18.20
C PRO B 696 -1.98 -58.33 -17.93
N PRO B 697 -1.99 -57.41 -18.89
CA PRO B 697 -2.49 -56.06 -18.63
C PRO B 697 -4.01 -56.01 -18.55
N GLY B 698 -4.52 -55.52 -17.42
CA GLY B 698 -5.92 -55.23 -17.22
C GLY B 698 -6.86 -56.36 -17.59
N CYS B 699 -6.32 -57.55 -17.77
CA CYS B 699 -7.06 -58.68 -18.31
C CYS B 699 -7.97 -59.22 -17.21
N SER B 700 -9.14 -58.59 -17.09
CA SER B 700 -10.18 -59.02 -16.16
C SER B 700 -9.73 -58.97 -14.71
N LYS B 701 -8.51 -58.48 -14.45
CA LYS B 701 -8.00 -58.44 -13.09
C LYS B 701 -8.85 -57.54 -12.22
N THR B 702 -8.87 -56.24 -12.53
CA THR B 702 -9.68 -55.30 -11.77
C THR B 702 -11.11 -55.78 -11.66
N MET B 703 -11.59 -56.50 -12.68
CA MET B 703 -12.89 -57.13 -12.57
C MET B 703 -12.93 -58.07 -11.37
N ILE B 704 -11.91 -58.91 -11.24
CA ILE B 704 -11.85 -59.83 -10.10
C ILE B 704 -11.80 -59.05 -8.80
N ALA B 705 -11.08 -57.94 -8.80
CA ALA B 705 -10.97 -57.11 -7.61
C ALA B 705 -12.35 -56.63 -7.17
N LYS B 706 -13.06 -55.96 -8.08
CA LYS B 706 -14.40 -55.50 -7.76
C LYS B 706 -15.31 -56.67 -7.39
N ALA B 707 -15.07 -57.84 -7.96
CA ALA B 707 -15.90 -59.00 -7.65
C ALA B 707 -15.76 -59.39 -6.19
N LEU B 708 -14.52 -59.55 -5.74
CA LEU B 708 -14.31 -59.81 -4.32
C LEU B 708 -14.86 -58.68 -3.48
N ALA B 709 -14.73 -57.45 -3.95
CA ALA B 709 -15.25 -56.31 -3.21
C ALA B 709 -16.74 -56.47 -2.95
N ASN B 710 -17.51 -56.82 -3.98
CA ASN B 710 -18.94 -56.96 -3.81
C ASN B 710 -19.27 -58.20 -2.99
N GLU B 711 -18.51 -59.27 -3.15
CA GLU B 711 -18.76 -60.46 -2.34
C GLU B 711 -18.59 -60.14 -0.87
N SER B 712 -17.54 -59.40 -0.51
CA SER B 712 -17.38 -58.97 0.87
C SER B 712 -18.43 -57.96 1.27
N GLY B 713 -18.96 -57.22 0.32
CA GLY B 713 -19.86 -56.15 0.66
C GLY B 713 -19.20 -54.92 1.23
N LEU B 714 -17.87 -54.86 1.24
CA LEU B 714 -17.18 -53.70 1.79
C LEU B 714 -17.23 -52.58 0.76
N ASN B 715 -16.42 -51.54 0.97
CA ASN B 715 -16.47 -50.35 0.14
C ASN B 715 -15.18 -50.21 -0.67
N PHE B 716 -15.31 -49.56 -1.82
CA PHE B 716 -14.29 -49.52 -2.85
C PHE B 716 -13.72 -48.12 -2.95
N LEU B 717 -12.40 -48.02 -2.95
CA LEU B 717 -11.73 -46.73 -3.14
C LEU B 717 -10.63 -46.95 -4.17
N ALA B 718 -10.98 -46.83 -5.44
CA ALA B 718 -10.00 -47.03 -6.49
C ALA B 718 -9.08 -45.83 -6.62
N ILE B 719 -7.81 -46.09 -6.89
CA ILE B 719 -6.87 -45.03 -7.22
C ILE B 719 -6.02 -45.50 -8.39
N LYS B 720 -6.35 -45.04 -9.59
CA LYS B 720 -5.62 -45.46 -10.77
C LYS B 720 -4.25 -44.81 -10.79
N GLY B 721 -3.22 -45.63 -10.96
CA GLY B 721 -1.85 -45.22 -10.80
C GLY B 721 -1.44 -44.01 -11.63
N PRO B 722 -1.40 -44.17 -12.95
CA PRO B 722 -0.81 -43.11 -13.79
C PRO B 722 -1.44 -41.75 -13.61
N GLU B 723 -2.70 -41.69 -13.17
CA GLU B 723 -3.33 -40.40 -12.93
C GLU B 723 -2.67 -39.63 -11.80
N LEU B 724 -1.87 -40.30 -10.98
CA LEU B 724 -1.29 -39.66 -9.80
C LEU B 724 -0.32 -38.54 -10.17
N MET B 725 0.05 -38.41 -11.45
CA MET B 725 0.92 -37.34 -11.89
C MET B 725 0.09 -36.07 -12.08
N ASN B 726 0.34 -35.08 -11.22
CA ASN B 726 -0.29 -33.77 -11.35
C ASN B 726 0.78 -32.70 -11.26
N LYS B 727 0.56 -31.62 -12.01
CA LYS B 727 1.48 -30.48 -11.95
C LYS B 727 1.55 -29.90 -10.56
N TYR B 728 0.49 -30.07 -9.77
CA TYR B 728 0.45 -29.55 -8.41
C TYR B 728 1.33 -30.42 -7.53
N VAL B 729 2.52 -29.92 -7.23
CA VAL B 729 3.51 -30.68 -6.47
C VAL B 729 2.95 -30.99 -5.08
N GLY B 730 2.77 -32.28 -4.80
CA GLY B 730 2.28 -32.73 -3.52
C GLY B 730 0.79 -32.89 -3.43
N GLU B 731 0.00 -32.23 -4.29
CA GLU B 731 -1.44 -32.37 -4.21
C GLU B 731 -1.86 -33.81 -4.47
N SER B 732 -1.08 -34.54 -5.26
CA SER B 732 -1.28 -35.99 -5.37
C SER B 732 -1.16 -36.65 -4.00
N GLU B 733 -0.06 -36.36 -3.31
CA GLU B 733 0.08 -36.78 -1.92
C GLU B 733 -1.16 -36.40 -1.11
N ARG B 734 -1.62 -35.15 -1.27
CA ARG B 734 -2.78 -34.70 -0.54
C ARG B 734 -3.99 -35.57 -0.83
N ALA B 735 -4.15 -35.97 -2.10
CA ALA B 735 -5.23 -36.86 -2.48
C ALA B 735 -5.10 -38.19 -1.75
N VAL B 736 -3.89 -38.74 -1.76
CA VAL B 736 -3.66 -39.99 -1.05
C VAL B 736 -4.02 -39.83 0.42
N ARG B 737 -3.72 -38.66 0.97
CA ARG B 737 -3.92 -38.41 2.39
C ARG B 737 -5.40 -38.43 2.72
N GLU B 738 -6.18 -37.61 2.02
CA GLU B 738 -7.62 -37.62 2.25
C GLU B 738 -8.21 -38.98 1.93
N THR B 739 -7.63 -39.70 0.96
CA THR B 739 -8.07 -41.05 0.68
C THR B 739 -8.01 -41.90 1.92
N PHE B 740 -6.84 -41.96 2.53
CA PHE B 740 -6.67 -42.79 3.72
C PHE B 740 -7.56 -42.29 4.86
N ARG B 741 -7.73 -40.97 4.97
CA ARG B 741 -8.60 -40.44 6.00
C ARG B 741 -10.00 -41.00 5.84
N LYS B 742 -10.57 -40.90 4.64
CA LYS B 742 -11.90 -41.43 4.40
C LYS B 742 -11.93 -42.93 4.60
N ALA B 743 -10.87 -43.62 4.18
CA ALA B 743 -10.79 -45.06 4.37
C ALA B 743 -11.01 -45.40 5.84
N ARG B 744 -10.21 -44.80 6.71
CA ARG B 744 -10.38 -44.97 8.14
C ARG B 744 -11.82 -44.65 8.54
N ALA B 745 -12.34 -43.51 8.10
CA ALA B 745 -13.68 -43.10 8.48
C ALA B 745 -14.73 -44.12 8.10
N VAL B 746 -14.47 -44.93 7.09
CA VAL B 746 -15.43 -45.91 6.62
C VAL B 746 -14.83 -47.29 6.83
N ALA B 747 -14.15 -47.46 7.96
CA ALA B 747 -13.22 -48.53 8.29
C ALA B 747 -13.53 -49.88 7.62
N PRO B 748 -14.76 -50.41 7.68
CA PRO B 748 -15.01 -51.65 6.93
C PRO B 748 -14.98 -51.39 5.43
N SER B 749 -13.78 -51.24 4.88
CA SER B 749 -13.60 -50.90 3.47
C SER B 749 -12.26 -51.43 3.00
N ILE B 750 -12.04 -51.37 1.69
CA ILE B 750 -10.87 -51.95 1.05
C ILE B 750 -10.26 -50.93 0.10
N ILE B 751 -9.01 -50.56 0.35
CA ILE B 751 -8.27 -49.76 -0.62
C ILE B 751 -7.88 -50.65 -1.80
N PHE B 752 -7.83 -50.05 -2.99
CA PHE B 752 -7.42 -50.75 -4.18
C PHE B 752 -6.35 -49.97 -4.91
N PHE B 753 -5.45 -50.70 -5.57
CA PHE B 753 -4.43 -50.11 -6.42
C PHE B 753 -4.33 -50.89 -7.72
N ASP B 754 -3.73 -50.23 -8.71
CA ASP B 754 -3.59 -50.79 -10.03
C ASP B 754 -2.49 -50.05 -10.76
N GLU B 755 -1.76 -50.78 -11.61
CA GLU B 755 -0.67 -50.20 -12.39
C GLU B 755 0.34 -49.52 -11.48
N LEU B 756 0.71 -50.20 -10.40
CA LEU B 756 1.63 -49.63 -9.43
C LEU B 756 2.95 -49.22 -10.07
N ASP B 757 3.37 -49.95 -11.10
CA ASP B 757 4.66 -49.68 -11.72
C ASP B 757 4.73 -48.29 -12.36
N ALA B 758 3.58 -47.68 -12.65
CA ALA B 758 3.59 -46.33 -13.19
C ALA B 758 4.31 -45.37 -12.25
N LEU B 759 3.78 -45.20 -11.04
CA LEU B 759 4.50 -44.44 -10.03
C LEU B 759 5.82 -45.10 -9.66
N ALA B 760 5.97 -46.39 -9.96
CA ALA B 760 7.14 -47.15 -9.53
C ALA B 760 8.22 -47.20 -10.59
N VAL B 761 8.35 -46.18 -11.42
CA VAL B 761 9.56 -46.01 -12.20
C VAL B 761 10.62 -45.39 -11.30
N GLU B 762 11.77 -46.05 -11.20
CA GLU B 762 12.74 -45.70 -10.18
C GLU B 762 13.37 -44.34 -10.48
N ARG B 763 13.77 -43.65 -9.41
CA ARG B 763 14.27 -42.29 -9.52
C ARG B 763 15.63 -42.27 -10.21
N GLY B 764 16.06 -41.06 -10.57
CA GLY B 764 17.27 -40.85 -11.32
C GLY B 764 17.06 -40.82 -12.83
N SER B 765 16.11 -41.60 -13.35
CA SER B 765 15.80 -41.57 -14.77
C SER B 765 15.29 -40.19 -15.18
N SER B 766 14.14 -39.80 -14.64
CA SER B 766 13.60 -38.46 -14.83
C SER B 766 14.01 -37.61 -13.64
N LEU B 767 14.82 -36.57 -13.90
CA LEU B 767 15.40 -35.80 -12.81
C LEU B 767 14.37 -34.93 -12.10
N GLY B 768 13.44 -34.35 -12.85
CA GLY B 768 12.49 -33.41 -12.28
C GLY B 768 11.10 -33.97 -12.08
N ALA B 769 10.86 -35.20 -12.51
CA ALA B 769 9.55 -35.82 -12.48
C ALA B 769 9.41 -36.89 -11.41
N GLY B 770 10.42 -37.75 -11.23
CA GLY B 770 10.34 -38.77 -10.20
C GLY B 770 10.35 -38.23 -8.79
N ASN B 771 10.53 -36.93 -8.61
CA ASN B 771 10.56 -36.35 -7.27
C ASN B 771 9.19 -36.48 -6.60
N VAL B 772 8.15 -35.96 -7.26
CA VAL B 772 6.80 -36.14 -6.75
C VAL B 772 6.50 -37.62 -6.61
N ALA B 773 7.05 -38.45 -7.49
CA ALA B 773 6.81 -39.88 -7.41
C ALA B 773 7.31 -40.46 -6.09
N ASP B 774 8.56 -40.17 -5.76
CA ASP B 774 9.10 -40.71 -4.52
C ASP B 774 8.44 -40.07 -3.31
N ARG B 775 8.10 -38.79 -3.39
CA ARG B 775 7.33 -38.17 -2.30
C ARG B 775 6.04 -38.91 -2.08
N VAL B 776 5.34 -39.23 -3.16
CA VAL B 776 4.06 -39.94 -3.07
C VAL B 776 4.26 -41.31 -2.47
N LEU B 777 5.28 -42.04 -2.94
CA LEU B 777 5.50 -43.39 -2.43
C LEU B 777 5.85 -43.34 -0.95
N ALA B 778 6.69 -42.39 -0.56
CA ALA B 778 7.03 -42.23 0.85
C ALA B 778 5.80 -41.95 1.67
N GLN B 779 4.97 -41.01 1.22
CA GLN B 779 3.75 -40.73 1.97
C GLN B 779 2.82 -41.93 1.97
N LEU B 780 2.86 -42.75 0.93
CA LEU B 780 2.05 -43.95 0.89
C LEU B 780 2.48 -44.90 1.99
N LEU B 781 3.78 -45.15 2.09
CA LEU B 781 4.29 -45.93 3.21
C LEU B 781 3.88 -45.29 4.53
N THR B 782 3.95 -43.96 4.59
CA THR B 782 3.63 -43.25 5.81
C THR B 782 2.17 -43.44 6.20
N GLU B 783 1.30 -43.61 5.22
CA GLU B 783 -0.10 -43.85 5.51
C GLU B 783 -0.29 -45.30 5.95
N MET B 784 0.16 -46.24 5.13
CA MET B 784 -0.06 -47.65 5.42
C MET B 784 0.49 -48.05 6.77
N ASP B 785 1.42 -47.26 7.33
CA ASP B 785 2.07 -47.62 8.58
C ASP B 785 1.07 -48.01 9.66
N GLY B 786 -0.09 -47.38 9.69
CA GLY B 786 -1.05 -47.65 10.73
C GLY B 786 -1.69 -49.01 10.54
N ILE B 787 -0.85 -50.05 10.45
CA ILE B 787 -1.37 -51.39 10.19
C ILE B 787 -2.22 -51.86 11.35
N GLU B 788 -1.76 -51.66 12.58
CA GLU B 788 -2.64 -51.84 13.72
C GLU B 788 -3.86 -50.95 13.59
N GLN B 789 -3.63 -49.65 13.34
CA GLN B 789 -4.73 -48.74 13.06
C GLN B 789 -5.59 -49.25 11.90
N LEU B 790 -4.96 -49.90 10.93
CA LEU B 790 -5.72 -50.60 9.91
C LEU B 790 -6.29 -51.86 10.52
N LYS B 791 -7.27 -51.70 11.40
CA LYS B 791 -7.88 -52.84 12.09
C LYS B 791 -8.73 -53.63 11.12
N ASP B 792 -8.15 -54.66 10.52
CA ASP B 792 -8.80 -55.43 9.47
C ASP B 792 -9.31 -54.51 8.36
N VAL B 793 -8.42 -53.65 7.86
CA VAL B 793 -8.69 -52.79 6.72
C VAL B 793 -7.71 -53.21 5.63
N THR B 794 -8.13 -54.16 4.80
CA THR B 794 -7.22 -54.81 3.87
C THR B 794 -6.90 -53.91 2.69
N ILE B 795 -5.76 -54.18 2.06
CA ILE B 795 -5.33 -53.45 0.87
C ILE B 795 -5.09 -54.44 -0.25
N LEU B 796 -5.81 -54.26 -1.34
CA LEU B 796 -5.64 -55.08 -2.55
C LEU B 796 -5.03 -54.23 -3.64
N ALA B 797 -4.00 -54.77 -4.30
CA ALA B 797 -3.41 -54.13 -5.45
C ALA B 797 -3.11 -55.19 -6.50
N ALA B 798 -2.83 -54.72 -7.71
CA ALA B 798 -2.44 -55.62 -8.79
C ALA B 798 -1.74 -54.79 -9.85
N THR B 799 -0.80 -55.43 -10.54
CA THR B 799 -0.02 -54.76 -11.58
C THR B 799 0.38 -55.82 -12.60
N ASN B 800 1.20 -55.43 -13.56
CA ASN B 800 1.60 -56.32 -14.65
C ASN B 800 3.01 -56.83 -14.48
N ARG B 801 3.98 -55.93 -14.30
CA ARG B 801 5.37 -56.31 -14.10
C ARG B 801 5.73 -56.05 -12.64
N PRO B 802 5.47 -57.00 -11.74
CA PRO B 802 5.65 -56.74 -10.31
C PRO B 802 7.06 -56.37 -9.93
N ASP B 803 8.04 -56.70 -10.76
CA ASP B 803 9.42 -56.36 -10.45
C ASP B 803 9.61 -54.85 -10.31
N ARG B 804 8.94 -54.08 -11.16
CA ARG B 804 9.21 -52.66 -11.26
C ARG B 804 8.90 -51.89 -9.97
N ILE B 805 8.19 -52.50 -9.03
CA ILE B 805 7.88 -51.84 -7.76
C ILE B 805 9.13 -51.79 -6.89
N ASP B 806 9.08 -50.98 -5.84
CA ASP B 806 10.10 -51.03 -4.79
C ASP B 806 9.65 -52.05 -3.74
N LYS B 807 10.64 -52.77 -3.19
CA LYS B 807 10.32 -53.73 -2.14
C LYS B 807 9.91 -53.04 -0.84
N ALA B 808 9.98 -51.73 -0.77
CA ALA B 808 9.40 -51.01 0.36
C ALA B 808 7.93 -51.30 0.51
N LEU B 809 7.26 -51.69 -0.57
CA LEU B 809 5.90 -52.21 -0.48
C LEU B 809 5.89 -53.71 -0.34
N MET B 810 6.88 -54.38 -0.90
CA MET B 810 7.01 -55.83 -0.80
C MET B 810 7.86 -56.27 0.37
N ARG B 811 8.23 -55.36 1.26
CA ARG B 811 8.87 -55.78 2.50
C ARG B 811 7.84 -56.46 3.39
N PRO B 812 8.26 -57.44 4.18
CA PRO B 812 7.29 -58.29 4.88
C PRO B 812 6.43 -57.50 5.84
N GLY B 813 5.17 -57.90 5.95
CA GLY B 813 4.24 -57.31 6.88
C GLY B 813 3.12 -56.56 6.20
N ARG B 814 3.43 -55.82 5.14
CA ARG B 814 2.45 -54.94 4.52
C ARG B 814 1.75 -55.59 3.34
N ILE B 815 2.52 -56.02 2.33
CA ILE B 815 1.98 -56.67 1.13
C ILE B 815 2.79 -57.92 0.90
N ASP B 816 2.29 -59.05 1.37
CA ASP B 816 3.06 -60.28 1.36
C ASP B 816 2.42 -61.40 0.56
N ARG B 817 1.12 -61.61 0.71
CA ARG B 817 0.44 -62.63 -0.07
C ARG B 817 0.38 -62.21 -1.54
N ILE B 818 0.84 -63.08 -2.42
CA ILE B 818 0.91 -62.77 -3.85
C ILE B 818 0.24 -63.87 -4.64
N ILE B 819 -0.35 -63.49 -5.76
CA ILE B 819 -0.98 -64.44 -6.67
C ILE B 819 -0.75 -63.97 -8.11
N TYR B 820 -0.22 -64.87 -8.93
CA TYR B 820 -0.27 -64.65 -10.36
C TYR B 820 -1.62 -65.08 -10.88
N VAL B 821 -2.26 -64.22 -11.66
CA VAL B 821 -3.55 -64.53 -12.27
C VAL B 821 -3.32 -65.43 -13.46
N PRO B 822 -3.66 -66.72 -13.36
CA PRO B 822 -3.41 -67.63 -14.48
C PRO B 822 -4.25 -67.25 -15.69
N LEU B 823 -3.69 -67.48 -16.87
CA LEU B 823 -4.42 -67.24 -18.09
C LEU B 823 -5.65 -68.14 -18.15
N PRO B 824 -6.72 -67.70 -18.81
CA PRO B 824 -7.98 -68.47 -18.78
C PRO B 824 -7.81 -69.81 -19.47
N ASP B 825 -8.27 -70.86 -18.81
CA ASP B 825 -8.27 -72.18 -19.40
C ASP B 825 -9.43 -72.31 -20.39
N ALA B 826 -9.61 -73.52 -20.92
CA ALA B 826 -10.65 -73.74 -21.92
C ALA B 826 -12.03 -73.43 -21.36
N ALA B 827 -12.31 -73.91 -20.14
CA ALA B 827 -13.63 -73.67 -19.55
C ALA B 827 -13.86 -72.20 -19.32
N THR B 828 -12.83 -71.46 -18.87
CA THR B 828 -12.98 -70.03 -18.69
C THR B 828 -13.26 -69.33 -20.00
N ARG B 829 -12.58 -69.77 -21.08
CA ARG B 829 -12.84 -69.21 -22.39
C ARG B 829 -14.27 -69.46 -22.81
N ARG B 830 -14.77 -70.68 -22.59
CA ARG B 830 -16.16 -70.99 -22.93
C ARG B 830 -17.12 -70.13 -22.14
N GLU B 831 -16.80 -69.87 -20.88
CA GLU B 831 -17.65 -69.00 -20.07
C GLU B 831 -17.66 -67.57 -20.61
N ILE B 832 -16.49 -67.09 -21.00
CA ILE B 832 -16.41 -65.79 -21.67
C ILE B 832 -17.31 -65.79 -22.90
N PHE B 833 -17.27 -66.87 -23.67
CA PHE B 833 -18.11 -66.96 -24.86
C PHE B 833 -19.58 -66.94 -24.50
N LYS B 834 -19.96 -67.59 -23.41
CA LYS B 834 -21.35 -67.56 -22.98
C LYS B 834 -21.78 -66.14 -22.63
N LEU B 835 -20.97 -65.45 -21.83
CA LEU B 835 -21.27 -64.07 -21.47
C LEU B 835 -21.28 -63.16 -22.69
N GLN B 836 -20.61 -63.56 -23.77
CA GLN B 836 -20.68 -62.77 -24.99
C GLN B 836 -21.94 -63.05 -25.77
N PHE B 837 -22.26 -64.33 -25.97
CA PHE B 837 -23.45 -64.68 -26.74
C PHE B 837 -24.71 -64.23 -26.04
N HIS B 838 -24.67 -64.05 -24.72
CA HIS B 838 -25.87 -63.65 -24.03
C HIS B 838 -26.23 -62.19 -24.25
N SER B 839 -25.57 -61.49 -25.17
CA SER B 839 -25.92 -60.10 -25.46
C SER B 839 -25.93 -59.80 -26.96
N MET B 840 -25.75 -60.80 -27.82
CA MET B 840 -25.80 -60.60 -29.25
C MET B 840 -26.54 -61.78 -29.89
N PRO B 841 -27.46 -61.52 -30.80
CA PRO B 841 -28.11 -62.62 -31.52
C PRO B 841 -27.15 -63.28 -32.51
N VAL B 842 -26.74 -64.50 -32.20
CA VAL B 842 -25.74 -65.20 -33.00
C VAL B 842 -26.40 -66.33 -33.77
N SER B 843 -25.70 -66.81 -34.79
CA SER B 843 -26.20 -67.90 -35.62
C SER B 843 -26.00 -69.24 -34.93
N ASN B 844 -26.33 -70.31 -35.65
CA ASN B 844 -26.22 -71.66 -35.11
C ASN B 844 -24.99 -72.39 -35.61
N GLU B 845 -24.26 -71.84 -36.58
CA GLU B 845 -23.04 -72.49 -37.04
C GLU B 845 -21.89 -72.34 -36.06
N VAL B 846 -22.20 -71.87 -34.85
CA VAL B 846 -21.18 -71.72 -33.82
C VAL B 846 -20.64 -73.09 -33.42
N ASP B 847 -19.39 -73.09 -32.94
CA ASP B 847 -18.74 -74.31 -32.46
C ASP B 847 -17.67 -73.91 -31.45
N LEU B 848 -18.02 -74.05 -30.17
CA LEU B 848 -17.17 -73.56 -29.09
C LEU B 848 -15.79 -74.18 -29.13
N ASP B 849 -15.69 -75.42 -29.59
CA ASP B 849 -14.45 -76.19 -29.51
C ASP B 849 -13.30 -75.54 -30.26
N GLU B 850 -13.39 -75.43 -31.58
CA GLU B 850 -12.27 -74.86 -32.32
C GLU B 850 -12.11 -73.38 -32.06
N LEU B 851 -13.17 -72.69 -31.62
CA LEU B 851 -13.01 -71.33 -31.13
C LEU B 851 -12.03 -71.28 -29.97
N ILE B 852 -12.29 -72.09 -28.94
CA ILE B 852 -11.38 -72.15 -27.81
C ILE B 852 -10.01 -72.59 -28.26
N LEU B 853 -9.94 -73.44 -29.27
CA LEU B 853 -8.65 -73.90 -29.78
C LEU B 853 -7.83 -72.73 -30.34
N GLN B 854 -8.42 -71.99 -31.28
CA GLN B 854 -7.73 -70.89 -31.93
C GLN B 854 -7.82 -69.57 -31.16
N THR B 855 -8.08 -69.62 -29.86
CA THR B 855 -8.06 -68.43 -29.04
C THR B 855 -7.01 -68.48 -27.95
N ASP B 856 -6.19 -69.52 -27.92
CA ASP B 856 -5.07 -69.54 -27.00
C ASP B 856 -4.11 -68.40 -27.32
N ALA B 857 -3.24 -68.09 -26.36
CA ALA B 857 -2.31 -66.96 -26.41
C ALA B 857 -3.03 -65.62 -26.50
N TYR B 858 -4.35 -65.60 -26.35
CA TYR B 858 -5.12 -64.38 -26.29
C TYR B 858 -5.60 -64.14 -24.87
N SER B 859 -6.10 -62.94 -24.63
CA SER B 859 -6.75 -62.59 -23.38
C SER B 859 -8.25 -62.47 -23.60
N GLY B 860 -9.00 -62.72 -22.52
CA GLY B 860 -10.44 -62.70 -22.58
C GLY B 860 -11.01 -61.49 -23.27
N ALA B 861 -10.74 -60.30 -22.73
CA ALA B 861 -11.26 -59.08 -23.32
C ALA B 861 -10.87 -58.96 -24.79
N GLU B 862 -9.68 -59.43 -25.14
CA GLU B 862 -9.30 -59.46 -26.54
C GLU B 862 -10.25 -60.35 -27.34
N ILE B 863 -10.62 -61.51 -26.78
CA ILE B 863 -11.53 -62.39 -27.49
C ILE B 863 -12.92 -61.77 -27.60
N VAL B 864 -13.30 -60.99 -26.59
CA VAL B 864 -14.53 -60.21 -26.67
C VAL B 864 -14.44 -59.27 -27.86
N ALA B 865 -13.32 -58.59 -28.00
CA ALA B 865 -13.12 -57.74 -29.17
C ALA B 865 -13.17 -58.55 -30.46
N VAL B 866 -12.71 -59.79 -30.43
CA VAL B 866 -12.75 -60.63 -31.63
C VAL B 866 -14.18 -60.88 -32.06
N CYS B 867 -15.01 -61.39 -31.14
CA CYS B 867 -16.40 -61.62 -31.51
C CYS B 867 -17.10 -60.33 -31.84
N ARG B 868 -16.69 -59.23 -31.20
CA ARG B 868 -17.23 -57.91 -31.53
C ARG B 868 -16.94 -57.55 -32.99
N GLU B 869 -15.70 -57.75 -33.41
CA GLU B 869 -15.34 -57.43 -34.79
C GLU B 869 -16.00 -58.38 -35.77
N ALA B 870 -16.23 -59.64 -35.36
CA ALA B 870 -16.97 -60.55 -36.23
C ALA B 870 -18.40 -60.08 -36.41
N ALA B 871 -19.01 -59.57 -35.34
CA ALA B 871 -20.32 -58.94 -35.47
C ALA B 871 -20.26 -57.75 -36.41
N LEU B 872 -19.18 -56.97 -36.32
CA LEU B 872 -18.99 -55.86 -37.25
C LEU B 872 -18.93 -56.36 -38.69
N LEU B 873 -18.25 -57.48 -38.91
CA LEU B 873 -18.12 -58.02 -40.25
C LEU B 873 -19.46 -58.49 -40.78
N ALA B 874 -20.26 -59.15 -39.95
CA ALA B 874 -21.61 -59.51 -40.35
C ALA B 874 -22.43 -58.26 -40.66
N LEU B 875 -22.22 -57.19 -39.89
CA LEU B 875 -22.90 -55.94 -40.19
C LEU B 875 -22.46 -55.40 -41.55
N GLU B 876 -21.20 -55.61 -41.89
CA GLU B 876 -20.73 -55.26 -43.22
C GLU B 876 -21.39 -56.13 -44.28
N GLU B 877 -21.72 -57.38 -43.94
CA GLU B 877 -22.44 -58.23 -44.86
C GLU B 877 -23.79 -57.62 -45.22
N ASP B 878 -24.49 -57.09 -44.22
CA ASP B 878 -25.76 -56.40 -44.44
C ASP B 878 -26.00 -55.47 -43.27
N ILE B 879 -26.42 -54.24 -43.58
CA ILE B 879 -26.75 -53.28 -42.54
C ILE B 879 -27.99 -53.68 -41.76
N GLN B 880 -28.73 -54.69 -42.22
CA GLN B 880 -29.89 -55.15 -41.46
C GLN B 880 -29.97 -56.67 -41.40
N ALA B 881 -28.83 -57.35 -41.38
CA ALA B 881 -28.83 -58.79 -41.15
C ALA B 881 -29.16 -59.07 -39.69
N ASN B 882 -29.25 -60.36 -39.35
CA ASN B 882 -29.58 -60.75 -37.99
C ASN B 882 -28.45 -61.52 -37.31
N LEU B 883 -27.96 -62.59 -37.90
CA LEU B 883 -27.04 -63.49 -37.23
C LEU B 883 -25.67 -63.46 -37.88
N ILE B 884 -24.63 -63.50 -37.06
CA ILE B 884 -23.26 -63.46 -37.53
C ILE B 884 -22.84 -64.86 -37.96
N MET B 885 -22.12 -64.96 -39.06
CA MET B 885 -21.67 -66.23 -39.59
C MET B 885 -20.26 -66.53 -39.09
N LYS B 886 -20.06 -67.78 -38.64
CA LYS B 886 -18.78 -68.16 -38.04
C LYS B 886 -17.65 -68.17 -39.05
N ARG B 887 -17.93 -68.22 -40.34
CA ARG B 887 -16.88 -68.00 -41.33
C ARG B 887 -16.28 -66.62 -41.15
N HIS B 888 -17.14 -65.61 -40.97
CA HIS B 888 -16.65 -64.27 -40.66
C HIS B 888 -15.94 -64.25 -39.33
N PHE B 889 -16.36 -65.10 -38.38
CA PHE B 889 -15.64 -65.21 -37.12
C PHE B 889 -14.22 -65.70 -37.34
N THR B 890 -14.05 -66.75 -38.14
CA THR B 890 -12.71 -67.24 -38.47
C THR B 890 -11.91 -66.17 -39.19
N GLN B 891 -12.57 -65.40 -40.05
CA GLN B 891 -11.92 -64.28 -40.70
C GLN B 891 -11.36 -63.30 -39.67
N ALA B 892 -12.19 -62.94 -38.68
CA ALA B 892 -11.75 -62.06 -37.61
C ALA B 892 -10.59 -62.68 -36.85
N LEU B 893 -10.71 -63.97 -36.53
CA LEU B 893 -9.63 -64.70 -35.87
C LEU B 893 -8.32 -64.55 -36.63
N SER B 894 -8.38 -64.65 -37.96
CA SER B 894 -7.21 -64.41 -38.78
C SER B 894 -6.72 -62.99 -38.63
N THR B 895 -7.64 -62.03 -38.64
CA THR B 895 -7.25 -60.62 -38.54
C THR B 895 -6.61 -60.34 -37.19
N VAL B 896 -7.25 -60.76 -36.10
CA VAL B 896 -6.70 -60.49 -34.79
C VAL B 896 -5.47 -61.37 -34.56
N THR B 897 -4.42 -60.76 -34.03
CA THR B 897 -3.22 -61.48 -33.68
C THR B 897 -2.98 -61.37 -32.18
N PRO B 898 -2.45 -62.40 -31.55
CA PRO B 898 -2.11 -62.28 -30.13
C PRO B 898 -0.83 -61.48 -29.95
N ARG B 899 -0.98 -60.24 -29.52
CA ARG B 899 0.16 -59.38 -29.26
C ARG B 899 0.86 -59.72 -27.95
N ILE B 900 0.54 -60.87 -27.38
CA ILE B 900 1.17 -61.33 -26.14
C ILE B 900 1.89 -62.65 -26.43
N PRO B 901 3.22 -62.67 -26.41
CA PRO B 901 3.94 -63.92 -26.65
C PRO B 901 4.10 -64.75 -25.39
N GLU B 902 4.23 -66.06 -25.59
CA GLU B 902 4.37 -66.99 -24.48
C GLU B 902 5.58 -66.68 -23.61
N SER B 903 6.60 -66.00 -24.18
CA SER B 903 7.74 -65.57 -23.38
C SER B 903 7.30 -64.74 -22.18
N LEU B 904 6.23 -63.97 -22.35
CA LEU B 904 5.71 -63.19 -21.22
C LEU B 904 5.22 -64.11 -20.11
N ARG B 905 4.55 -65.20 -20.48
CA ARG B 905 4.11 -66.16 -19.47
C ARG B 905 5.31 -66.85 -18.82
N ARG B 906 6.33 -67.15 -19.61
CA ARG B 906 7.57 -67.71 -19.05
C ARG B 906 8.13 -66.79 -17.98
N PHE B 907 8.22 -65.50 -18.29
CA PHE B 907 8.74 -64.53 -17.32
C PHE B 907 7.85 -64.45 -16.10
N TYR B 908 6.53 -64.43 -16.31
CA TYR B 908 5.58 -64.41 -15.21
C TYR B 908 5.86 -65.56 -14.24
N GLU B 909 5.90 -66.78 -14.77
CA GLU B 909 6.09 -67.96 -13.93
C GLU B 909 7.47 -68.00 -13.31
N ASP B 910 8.48 -67.49 -14.02
CA ASP B 910 9.82 -67.41 -13.44
C ASP B 910 9.82 -66.50 -12.22
N TYR B 911 9.29 -65.29 -12.36
CA TYR B 911 9.16 -64.38 -11.23
C TYR B 911 8.41 -65.05 -10.09
N GLN B 912 7.30 -65.70 -10.41
CA GLN B 912 6.55 -66.48 -9.43
C GLN B 912 7.46 -67.42 -8.66
N GLU B 913 8.31 -68.16 -9.37
CA GLU B 913 9.19 -69.11 -8.73
C GLU B 913 10.27 -68.43 -7.90
N LYS B 914 10.73 -67.24 -8.33
CA LYS B 914 11.91 -66.61 -7.75
C LYS B 914 11.57 -65.39 -6.91
N SER B 915 10.45 -65.44 -6.19
CA SER B 915 10.00 -64.29 -5.41
C SER B 915 9.81 -64.71 -3.95
N GLY B 916 9.18 -63.84 -3.18
CA GLY B 916 8.97 -64.10 -1.78
C GLY B 916 7.80 -65.04 -1.54
N LEU B 917 6.93 -64.68 -0.60
CA LEU B 917 5.85 -65.58 -0.21
C LEU B 917 4.71 -65.54 -1.20
N HIS B 918 4.03 -66.68 -1.32
CA HIS B 918 2.76 -66.76 -2.03
C HIS B 918 1.57 -66.98 -1.10
N THR B 919 1.73 -67.80 -0.06
CA THR B 919 0.67 -68.00 0.92
C THR B 919 1.24 -67.93 2.34
N LYS C 376 -0.90 31.98 -37.74
CA LYS C 376 0.42 32.39 -38.21
C LYS C 376 1.10 31.25 -38.95
N VAL C 377 0.37 30.15 -39.13
CA VAL C 377 0.88 28.95 -39.78
C VAL C 377 -0.15 28.53 -40.81
N THR C 378 0.03 28.94 -42.06
CA THR C 378 -0.86 28.44 -43.08
C THR C 378 -0.52 26.99 -43.40
N TYR C 379 -1.37 26.39 -44.22
CA TYR C 379 -1.18 24.98 -44.56
C TYR C 379 0.13 24.77 -45.31
N ASP C 380 0.49 25.70 -46.19
CA ASP C 380 1.77 25.63 -46.89
C ASP C 380 2.92 25.47 -45.91
N MET C 381 2.86 26.18 -44.79
CA MET C 381 3.91 26.07 -43.78
C MET C 381 4.07 24.65 -43.26
N ILE C 382 3.01 23.83 -43.31
CA ILE C 382 3.15 22.47 -42.86
C ILE C 382 4.06 21.71 -43.80
N GLY C 383 5.04 21.01 -43.23
CA GLY C 383 5.94 20.24 -44.04
C GLY C 383 5.24 19.16 -44.83
N GLY C 384 5.12 19.37 -46.13
CA GLY C 384 4.66 18.37 -47.08
C GLY C 384 3.46 17.55 -46.70
N LEU C 385 3.41 16.31 -47.19
CA LEU C 385 2.28 15.41 -46.96
C LEU C 385 0.98 16.03 -47.46
N SER C 386 1.06 16.71 -48.60
CA SER C 386 -0.09 17.46 -49.12
C SER C 386 -1.30 16.56 -49.34
N SER C 387 -1.07 15.28 -49.60
CA SER C 387 -2.16 14.37 -49.91
C SER C 387 -3.15 14.31 -48.76
N GLN C 388 -2.71 13.83 -47.60
CA GLN C 388 -3.59 13.74 -46.45
C GLN C 388 -4.05 15.13 -46.02
N LEU C 389 -3.26 16.16 -46.32
CA LEU C 389 -3.68 17.52 -46.04
C LEU C 389 -4.98 17.84 -46.76
N LYS C 390 -5.00 17.69 -48.08
CA LYS C 390 -6.23 17.92 -48.84
C LYS C 390 -7.34 16.98 -48.38
N ALA C 391 -6.98 15.73 -48.08
CA ALA C 391 -7.98 14.77 -47.63
C ALA C 391 -8.72 15.29 -46.41
N ILE C 392 -7.99 15.51 -45.31
CA ILE C 392 -8.59 16.05 -44.11
C ILE C 392 -9.25 17.38 -44.39
N ARG C 393 -8.70 18.16 -45.33
CA ARG C 393 -9.27 19.47 -45.61
C ARG C 393 -10.72 19.35 -46.04
N GLU C 394 -10.96 18.63 -47.12
CA GLU C 394 -12.35 18.43 -47.56
C GLU C 394 -13.15 17.73 -46.48
N ILE C 395 -12.61 16.65 -45.90
CA ILE C 395 -13.34 15.84 -44.94
C ILE C 395 -13.78 16.66 -43.74
N ILE C 396 -13.10 17.75 -43.45
CA ILE C 396 -13.50 18.59 -42.33
C ILE C 396 -14.42 19.72 -42.79
N GLU C 397 -14.07 20.40 -43.88
CA GLU C 397 -14.86 21.57 -44.27
C GLU C 397 -16.25 21.16 -44.74
N LEU C 398 -16.34 20.24 -45.70
CA LEU C 398 -17.60 20.01 -46.37
C LEU C 398 -18.72 19.57 -45.44
N PRO C 399 -18.50 18.74 -44.41
CA PRO C 399 -19.58 18.44 -43.47
C PRO C 399 -20.19 19.72 -42.93
N LEU C 400 -19.33 20.59 -42.39
CA LEU C 400 -19.80 21.86 -41.87
C LEU C 400 -20.52 22.65 -42.94
N LYS C 401 -20.04 22.59 -44.18
CA LYS C 401 -20.60 23.42 -45.23
C LYS C 401 -22.02 22.99 -45.57
N GLN C 402 -22.16 21.73 -46.01
CA GLN C 402 -23.47 21.21 -46.41
C GLN C 402 -23.61 19.79 -45.88
N PRO C 403 -24.18 19.63 -44.69
CA PRO C 403 -24.59 18.30 -44.23
C PRO C 403 -25.57 17.66 -45.18
N GLU C 404 -26.24 18.51 -45.97
CA GLU C 404 -27.20 18.04 -46.96
C GLU C 404 -26.55 17.13 -48.00
N LEU C 405 -25.24 17.26 -48.21
CA LEU C 405 -24.58 16.36 -49.15
C LEU C 405 -24.43 14.96 -48.56
N PHE C 406 -24.03 14.87 -47.29
CA PHE C 406 -24.03 13.58 -46.61
C PHE C 406 -25.43 12.98 -46.60
N LYS C 407 -26.42 13.77 -46.17
CA LYS C 407 -27.78 13.29 -46.08
C LYS C 407 -28.37 12.98 -47.44
N SER C 408 -27.79 13.53 -48.51
CA SER C 408 -28.28 13.26 -49.84
C SER C 408 -28.09 11.79 -50.19
N TYR C 409 -26.95 11.21 -49.80
CA TYR C 409 -26.68 9.80 -50.04
C TYR C 409 -26.89 8.96 -48.78
N GLY C 410 -27.74 9.43 -47.87
CA GLY C 410 -28.07 8.65 -46.68
C GLY C 410 -26.86 8.30 -45.86
N ILE C 411 -26.04 9.27 -45.52
CA ILE C 411 -24.74 9.03 -44.91
C ILE C 411 -24.74 9.66 -43.53
N PRO C 412 -24.26 8.97 -42.51
CA PRO C 412 -24.05 9.64 -41.22
C PRO C 412 -22.90 10.62 -41.31
N ALA C 413 -23.01 11.72 -40.58
CA ALA C 413 -21.94 12.70 -40.55
C ALA C 413 -20.79 12.19 -39.71
N PRO C 414 -19.63 11.92 -40.31
CA PRO C 414 -18.53 11.34 -39.54
C PRO C 414 -18.11 12.26 -38.42
N ARG C 415 -18.10 11.72 -37.20
CA ARG C 415 -17.85 12.51 -36.01
C ARG C 415 -16.39 12.50 -35.59
N GLY C 416 -15.85 11.34 -35.30
CA GLY C 416 -14.53 11.29 -34.72
C GLY C 416 -13.42 10.92 -35.69
N VAL C 417 -12.65 11.90 -36.12
CA VAL C 417 -11.45 11.65 -36.89
C VAL C 417 -10.30 11.47 -35.92
N LEU C 418 -9.25 10.80 -36.38
CA LEU C 418 -8.09 10.57 -35.54
C LEU C 418 -6.88 10.31 -36.42
N LEU C 419 -5.78 10.98 -36.12
CA LEU C 419 -4.52 10.80 -36.82
C LEU C 419 -3.55 10.07 -35.92
N TYR C 420 -2.61 9.35 -36.54
CA TYR C 420 -1.65 8.63 -35.71
C TYR C 420 -0.32 8.50 -36.44
N GLY C 421 0.75 8.53 -35.65
CA GLY C 421 2.11 8.43 -36.15
C GLY C 421 3.12 8.72 -35.06
N PRO C 422 4.40 8.47 -35.35
CA PRO C 422 5.45 8.77 -34.38
C PRO C 422 5.44 10.25 -34.00
N PRO C 423 5.99 10.61 -32.84
CA PRO C 423 5.74 11.93 -32.29
C PRO C 423 6.43 13.03 -33.09
N GLY C 424 6.06 14.26 -32.74
CA GLY C 424 6.65 15.45 -33.33
C GLY C 424 6.39 15.59 -34.81
N THR C 425 5.79 14.56 -35.41
CA THR C 425 5.68 14.48 -36.86
C THR C 425 4.90 15.63 -37.45
N GLY C 426 4.10 16.33 -36.66
CA GLY C 426 3.30 17.41 -37.19
C GLY C 426 1.92 17.41 -36.56
N LYS C 427 1.72 16.47 -35.63
CA LYS C 427 0.48 16.40 -34.88
C LYS C 427 0.05 17.78 -34.42
N THR C 428 0.87 18.39 -33.59
CA THR C 428 0.58 19.71 -33.07
C THR C 428 0.65 20.75 -34.18
N MET C 429 1.56 20.56 -35.14
CA MET C 429 1.67 21.51 -36.24
C MET C 429 0.39 21.50 -37.07
N ILE C 430 -0.09 20.32 -37.44
CA ILE C 430 -1.38 20.22 -38.12
C ILE C 430 -2.47 20.88 -37.29
N ALA C 431 -2.45 20.60 -35.99
CA ALA C 431 -3.45 21.18 -35.10
C ALA C 431 -3.50 22.69 -35.23
N ARG C 432 -2.37 23.34 -34.98
CA ARG C 432 -2.35 24.80 -34.99
C ARG C 432 -2.67 25.35 -36.36
N ALA C 433 -2.18 24.69 -37.42
CA ALA C 433 -2.37 25.23 -38.75
C ALA C 433 -3.83 25.16 -39.18
N VAL C 434 -4.50 24.07 -38.86
CA VAL C 434 -5.93 24.05 -39.13
C VAL C 434 -6.64 25.05 -38.23
N ALA C 435 -6.16 25.21 -36.99
CA ALA C 435 -6.72 26.22 -36.10
C ALA C 435 -6.66 27.61 -36.72
N ASN C 436 -5.62 27.86 -37.52
CA ASN C 436 -5.58 29.09 -38.31
C ASN C 436 -6.60 29.04 -39.44
N GLU C 437 -6.50 28.03 -40.29
CA GLU C 437 -7.22 28.05 -41.56
C GLU C 437 -8.73 27.90 -41.39
N VAL C 438 -9.22 27.52 -40.21
CA VAL C 438 -10.62 27.11 -40.07
C VAL C 438 -11.58 28.19 -40.58
N GLY C 439 -11.54 29.36 -39.96
CA GLY C 439 -12.64 30.29 -40.11
C GLY C 439 -13.78 30.05 -39.15
N ALA C 440 -13.68 29.04 -38.29
CA ALA C 440 -14.66 28.80 -37.24
C ALA C 440 -13.93 28.49 -35.94
N TYR C 441 -14.67 28.09 -34.92
CA TYR C 441 -14.06 27.89 -33.61
C TYR C 441 -13.19 26.65 -33.58
N VAL C 442 -12.09 26.75 -32.83
CA VAL C 442 -11.26 25.61 -32.48
C VAL C 442 -10.83 25.79 -31.02
N SER C 443 -10.82 24.70 -30.26
CA SER C 443 -10.49 24.76 -28.84
C SER C 443 -9.44 23.71 -28.54
N VAL C 444 -8.16 24.08 -28.68
CA VAL C 444 -7.09 23.15 -28.38
C VAL C 444 -7.17 22.76 -26.92
N ILE C 445 -7.10 21.46 -26.66
CA ILE C 445 -7.15 20.92 -25.30
C ILE C 445 -6.00 19.94 -25.16
N ASN C 446 -4.92 20.36 -24.51
CA ASN C 446 -3.76 19.50 -24.33
C ASN C 446 -4.06 18.43 -23.31
N GLY C 447 -3.58 17.22 -23.58
CA GLY C 447 -4.07 16.03 -22.92
C GLY C 447 -3.87 16.01 -21.42
N PRO C 448 -2.62 15.86 -20.98
CA PRO C 448 -2.39 15.68 -19.54
C PRO C 448 -2.81 16.86 -18.69
N GLU C 449 -3.03 18.03 -19.31
CA GLU C 449 -3.38 19.22 -18.54
C GLU C 449 -4.68 19.02 -17.75
N ILE C 450 -5.63 18.26 -18.30
CA ILE C 450 -6.88 18.05 -17.57
C ILE C 450 -6.74 17.00 -16.47
N ILE C 451 -5.63 16.26 -16.45
CA ILE C 451 -5.49 15.19 -15.48
C ILE C 451 -5.29 15.78 -14.09
N SER C 452 -6.38 15.85 -13.32
CA SER C 452 -6.35 16.23 -11.92
C SER C 452 -7.19 15.21 -11.15
N LYS C 453 -6.58 14.57 -10.15
CA LYS C 453 -7.22 13.45 -9.47
C LYS C 453 -8.51 13.84 -8.76
N PHE C 454 -8.77 15.13 -8.59
CA PHE C 454 -10.07 15.57 -8.11
C PHE C 454 -11.17 15.06 -9.04
N TYR C 455 -12.06 14.24 -8.51
CA TYR C 455 -13.12 13.68 -9.33
C TYR C 455 -14.03 14.78 -9.86
N GLY C 456 -14.73 14.47 -10.95
CA GLY C 456 -15.68 15.40 -11.52
C GLY C 456 -15.05 16.49 -12.35
N GLU C 457 -13.96 17.06 -11.84
CA GLU C 457 -13.34 18.20 -12.50
C GLU C 457 -13.01 17.89 -13.95
N THR C 458 -12.43 16.73 -14.20
CA THR C 458 -12.09 16.36 -15.57
C THR C 458 -13.34 16.27 -16.43
N GLU C 459 -14.29 15.42 -16.01
CA GLU C 459 -15.47 15.18 -16.83
C GLU C 459 -16.34 16.42 -16.93
N ALA C 460 -16.54 17.13 -15.82
CA ALA C 460 -17.35 18.34 -15.89
C ALA C 460 -16.67 19.43 -16.70
N LYS C 461 -15.34 19.48 -16.68
CA LYS C 461 -14.63 20.41 -17.53
C LYS C 461 -14.88 20.08 -18.99
N LEU C 462 -14.79 18.79 -19.33
CA LEU C 462 -15.19 18.35 -20.66
C LEU C 462 -16.62 18.80 -20.95
N ARG C 463 -17.49 18.70 -19.95
CA ARG C 463 -18.88 19.10 -20.13
C ARG C 463 -18.97 20.56 -20.52
N GLN C 464 -18.22 21.40 -19.84
CA GLN C 464 -18.20 22.82 -20.18
C GLN C 464 -17.68 23.01 -21.60
N ILE C 465 -16.61 22.28 -21.94
CA ILE C 465 -16.08 22.33 -23.29
C ILE C 465 -17.19 22.06 -24.29
N PHE C 466 -17.99 21.04 -24.03
CA PHE C 466 -18.99 20.62 -24.99
C PHE C 466 -20.19 21.56 -25.00
N ALA C 467 -20.50 22.15 -23.86
CA ALA C 467 -21.54 23.17 -23.83
C ALA C 467 -21.14 24.35 -24.70
N GLU C 468 -19.91 24.82 -24.54
CA GLU C 468 -19.45 25.87 -25.43
C GLU C 468 -19.48 25.39 -26.86
N ALA C 469 -19.00 24.17 -27.11
CA ALA C 469 -19.07 23.57 -28.43
C ALA C 469 -20.47 23.73 -29.01
N THR C 470 -21.47 23.50 -28.19
CA THR C 470 -22.85 23.74 -28.62
C THR C 470 -23.03 25.19 -29.02
N LEU C 471 -22.74 26.11 -28.10
CA LEU C 471 -23.01 27.52 -28.39
C LEU C 471 -22.23 28.00 -29.61
N ARG C 472 -21.08 27.39 -29.88
CA ARG C 472 -20.21 27.78 -30.98
C ARG C 472 -20.46 26.95 -32.22
N HIS C 473 -21.72 26.58 -32.49
CA HIS C 473 -22.14 25.45 -33.31
C HIS C 473 -21.17 25.14 -34.46
N PRO C 474 -20.84 26.07 -35.35
CA PRO C 474 -19.81 25.75 -36.36
C PRO C 474 -18.43 25.79 -35.74
N SER C 475 -17.84 24.61 -35.50
CA SER C 475 -16.64 24.53 -34.70
C SER C 475 -16.03 23.13 -34.83
N ILE C 476 -14.99 22.89 -34.03
CA ILE C 476 -14.27 21.63 -34.03
C ILE C 476 -13.44 21.55 -32.76
N ILE C 477 -13.39 20.36 -32.16
CA ILE C 477 -12.68 20.13 -30.91
C ILE C 477 -11.58 19.13 -31.15
N PHE C 478 -10.40 19.41 -30.62
CA PHE C 478 -9.27 18.52 -30.74
C PHE C 478 -8.73 18.15 -29.36
N ILE C 479 -8.16 16.95 -29.28
CA ILE C 479 -7.54 16.44 -28.07
C ILE C 479 -6.15 15.93 -28.42
N ASP C 480 -5.15 16.44 -27.72
CA ASP C 480 -3.77 16.02 -27.92
C ASP C 480 -3.41 14.93 -26.90
N GLU C 481 -2.43 14.11 -27.29
CA GLU C 481 -1.95 13.03 -26.44
C GLU C 481 -3.11 12.23 -25.83
N LEU C 482 -4.11 11.96 -26.67
CA LEU C 482 -5.29 11.25 -26.23
C LEU C 482 -4.97 9.88 -25.64
N ASP C 483 -3.80 9.32 -25.99
CA ASP C 483 -3.39 8.03 -25.42
C ASP C 483 -3.32 8.09 -23.90
N ALA C 484 -2.95 9.25 -23.33
CA ALA C 484 -2.92 9.37 -21.88
C ALA C 484 -4.31 9.18 -21.30
N LEU C 485 -5.34 9.63 -22.01
CA LEU C 485 -6.70 9.54 -21.49
C LEU C 485 -7.27 8.14 -21.61
N CYS C 486 -6.81 7.35 -22.57
CA CYS C 486 -7.47 6.07 -22.80
C CYS C 486 -6.54 4.86 -22.75
N PRO C 487 -5.70 4.69 -21.72
CA PRO C 487 -4.93 3.45 -21.62
C PRO C 487 -5.84 2.27 -21.36
N LYS C 488 -5.49 1.13 -21.94
CA LYS C 488 -6.31 -0.07 -21.78
C LYS C 488 -6.33 -0.52 -20.33
N ARG C 489 -7.36 -1.29 -19.98
CA ARG C 489 -7.50 -1.77 -18.60
C ARG C 489 -6.28 -2.57 -18.17
N GLU C 490 -5.58 -3.19 -19.11
CA GLU C 490 -4.32 -3.82 -18.78
C GLU C 490 -3.21 -2.79 -18.59
N GLY C 491 -3.34 -1.61 -19.22
CA GLY C 491 -2.37 -0.56 -19.04
C GLY C 491 -2.80 0.48 -18.04
N ALA C 492 -4.07 0.86 -18.07
CA ALA C 492 -4.62 1.85 -17.15
C ALA C 492 -4.73 1.24 -15.77
N GLN C 493 -3.72 1.46 -14.93
CA GLN C 493 -3.78 1.03 -13.55
C GLN C 493 -4.51 2.04 -12.67
N ASN C 494 -5.33 2.89 -13.29
CA ASN C 494 -6.27 3.76 -12.60
C ASN C 494 -7.64 3.61 -13.27
N GLU C 495 -8.68 3.52 -12.46
CA GLU C 495 -10.03 3.34 -12.99
C GLU C 495 -10.74 4.65 -13.23
N VAL C 496 -10.20 5.75 -12.68
CA VAL C 496 -10.61 7.08 -13.12
C VAL C 496 -10.54 7.16 -14.64
N GLU C 497 -9.48 6.58 -15.22
CA GLU C 497 -9.36 6.50 -16.67
C GLU C 497 -10.59 5.84 -17.28
N LYS C 498 -10.99 4.70 -16.73
CA LYS C 498 -12.10 3.96 -17.33
C LYS C 498 -13.40 4.76 -17.24
N ARG C 499 -13.66 5.38 -16.09
CA ARG C 499 -14.91 6.12 -15.97
C ARG C 499 -14.90 7.37 -16.84
N VAL C 500 -13.76 8.05 -16.96
CA VAL C 500 -13.75 9.24 -17.81
C VAL C 500 -13.87 8.84 -19.27
N VAL C 501 -13.30 7.68 -19.64
CA VAL C 501 -13.53 7.15 -20.98
C VAL C 501 -15.02 6.92 -21.20
N ALA C 502 -15.69 6.34 -20.20
CA ALA C 502 -17.13 6.17 -20.28
C ALA C 502 -17.81 7.50 -20.57
N SER C 503 -17.47 8.53 -19.78
CA SER C 503 -18.10 9.82 -19.95
C SER C 503 -17.83 10.39 -21.34
N LEU C 504 -16.61 10.19 -21.84
CA LEU C 504 -16.29 10.60 -23.20
C LEU C 504 -17.22 9.94 -24.20
N LEU C 505 -17.42 8.63 -24.05
CA LEU C 505 -18.34 7.92 -24.94
C LEU C 505 -19.73 8.53 -24.87
N THR C 506 -20.20 8.78 -23.65
CA THR C 506 -21.50 9.40 -23.46
C THR C 506 -21.57 10.71 -24.25
N LEU C 507 -20.58 11.57 -24.03
CA LEU C 507 -20.50 12.82 -24.76
C LEU C 507 -20.67 12.59 -26.25
N MET C 508 -19.75 11.80 -26.81
CA MET C 508 -19.70 11.59 -28.26
C MET C 508 -21.06 11.18 -28.79
N ASP C 509 -21.61 10.10 -28.23
CA ASP C 509 -22.92 9.67 -28.68
C ASP C 509 -23.95 10.78 -28.50
N GLY C 510 -23.80 11.59 -27.45
CA GLY C 510 -24.74 12.68 -27.22
C GLY C 510 -24.66 13.77 -28.25
N ILE C 511 -23.51 13.91 -28.91
CA ILE C 511 -23.38 14.90 -29.97
C ILE C 511 -24.41 14.68 -31.07
N GLY C 512 -24.99 13.49 -31.14
CA GLY C 512 -25.92 13.15 -32.20
C GLY C 512 -27.20 13.95 -32.23
N SER C 513 -27.31 14.97 -31.38
CA SER C 513 -28.47 15.84 -31.41
C SER C 513 -28.63 16.43 -32.80
N GLU C 514 -29.86 16.37 -33.34
CA GLU C 514 -30.07 16.73 -34.74
C GLU C 514 -29.71 18.18 -35.02
N VAL C 515 -30.00 19.07 -34.07
CA VAL C 515 -29.57 20.46 -34.22
C VAL C 515 -28.06 20.55 -34.18
N SER C 516 -27.41 19.69 -33.40
CA SER C 516 -25.95 19.66 -33.35
C SER C 516 -25.35 19.09 -34.62
N GLU C 517 -26.11 18.32 -35.38
CA GLU C 517 -25.57 17.60 -36.53
C GLU C 517 -25.00 18.58 -37.56
N GLY C 518 -23.92 18.17 -38.21
CA GLY C 518 -23.27 18.98 -39.20
C GLY C 518 -22.53 20.20 -38.68
N GLN C 519 -22.70 20.54 -37.41
CA GLN C 519 -22.05 21.71 -36.84
C GLN C 519 -20.95 21.35 -35.86
N VAL C 520 -21.24 20.51 -34.89
CA VAL C 520 -20.19 20.08 -33.96
C VAL C 520 -19.41 18.93 -34.60
N LEU C 521 -18.10 18.93 -34.41
CA LEU C 521 -17.24 17.95 -35.04
C LEU C 521 -16.05 17.66 -34.13
N VAL C 522 -15.48 16.48 -34.27
CA VAL C 522 -14.46 16.00 -33.36
C VAL C 522 -13.17 15.74 -34.13
N LEU C 523 -12.04 16.04 -33.48
CA LEU C 523 -10.71 15.81 -34.00
C LEU C 523 -9.96 14.87 -33.06
N GLY C 524 -8.67 14.70 -33.31
CA GLY C 524 -7.86 13.89 -32.43
C GLY C 524 -6.52 13.49 -33.00
N ALA C 525 -5.59 13.10 -32.13
CA ALA C 525 -4.28 12.64 -32.54
C ALA C 525 -3.61 11.99 -31.33
N THR C 526 -2.76 11.01 -31.61
CA THR C 526 -2.08 10.26 -30.56
C THR C 526 -0.58 10.25 -30.81
N ASN C 527 0.13 9.77 -29.81
CA ASN C 527 1.51 9.34 -29.99
C ASN C 527 1.55 7.92 -30.54
N ARG C 528 0.55 7.12 -30.22
CA ARG C 528 0.54 5.72 -30.57
C ARG C 528 -0.89 5.22 -30.69
N PRO C 529 -1.34 4.87 -31.90
CA PRO C 529 -2.67 4.28 -32.04
C PRO C 529 -2.81 2.95 -31.34
N HIS C 530 -1.70 2.24 -31.12
CA HIS C 530 -1.78 0.98 -30.40
C HIS C 530 -2.20 1.20 -28.95
N ALA C 531 -1.66 2.24 -28.31
CA ALA C 531 -1.97 2.54 -26.92
C ALA C 531 -3.37 3.08 -26.72
N LEU C 532 -4.19 3.06 -27.76
CA LEU C 532 -5.55 3.56 -27.70
C LEU C 532 -6.43 2.52 -27.00
N ASP C 533 -7.75 2.74 -27.03
CA ASP C 533 -8.69 1.78 -26.47
C ASP C 533 -9.69 1.34 -27.53
N ALA C 534 -10.07 0.07 -27.48
CA ALA C 534 -11.01 -0.46 -28.46
C ALA C 534 -12.33 0.26 -28.43
N ALA C 535 -12.72 0.80 -27.28
CA ALA C 535 -14.03 1.42 -27.14
C ALA C 535 -14.18 2.67 -27.98
N LEU C 536 -13.12 3.14 -28.63
CA LEU C 536 -13.16 4.42 -29.31
C LEU C 536 -13.37 4.31 -30.80
N ARG C 537 -12.73 3.36 -31.45
CA ARG C 537 -12.95 3.24 -32.89
C ARG C 537 -14.31 2.63 -33.24
N ARG C 538 -15.20 2.44 -32.26
CA ARG C 538 -16.54 1.96 -32.54
C ARG C 538 -17.27 2.93 -33.47
N PRO C 539 -18.33 2.48 -34.13
CA PRO C 539 -19.03 3.35 -35.08
C PRO C 539 -19.55 4.60 -34.41
N GLY C 540 -19.75 5.64 -35.23
CA GLY C 540 -20.19 6.91 -34.73
C GLY C 540 -19.21 7.62 -33.82
N ARG C 541 -18.11 6.97 -33.44
CA ARG C 541 -17.17 7.52 -32.49
C ARG C 541 -15.81 7.81 -33.11
N PHE C 542 -15.20 6.83 -33.77
CA PHE C 542 -13.90 7.05 -34.42
C PHE C 542 -13.77 6.09 -35.59
N ASP C 543 -13.82 6.62 -36.80
CA ASP C 543 -13.66 5.83 -38.00
C ASP C 543 -12.46 6.27 -38.82
N LYS C 544 -12.33 7.57 -39.08
CA LYS C 544 -11.29 8.06 -39.96
C LYS C 544 -9.94 8.03 -39.25
N GLU C 545 -9.26 6.88 -39.35
CA GLU C 545 -7.94 6.70 -38.74
C GLU C 545 -6.89 6.99 -39.80
N ILE C 546 -6.51 8.25 -39.94
CA ILE C 546 -5.51 8.62 -40.93
C ILE C 546 -4.12 8.43 -40.35
N GLU C 547 -3.25 7.86 -41.17
CA GLU C 547 -1.87 7.59 -40.82
C GLU C 547 -0.98 8.70 -41.36
N ILE C 548 -0.05 9.16 -40.53
CA ILE C 548 0.95 10.14 -40.93
C ILE C 548 2.23 9.80 -40.19
N GLY C 549 3.30 9.55 -40.93
CA GLY C 549 4.54 9.08 -40.35
C GLY C 549 5.75 9.58 -41.09
N VAL C 550 6.76 8.73 -41.20
CA VAL C 550 8.05 9.09 -41.76
C VAL C 550 7.90 9.69 -43.14
N PRO C 551 8.41 10.89 -43.39
CA PRO C 551 8.34 11.46 -44.74
C PRO C 551 9.26 10.74 -45.71
N ASN C 552 9.35 11.25 -46.94
CA ASN C 552 10.10 10.58 -47.98
C ASN C 552 11.09 11.51 -48.65
N ALA C 553 11.70 11.04 -49.72
CA ALA C 553 12.73 11.82 -50.40
C ALA C 553 12.20 13.19 -50.81
N GLN C 554 11.21 13.20 -51.69
CA GLN C 554 10.59 14.46 -52.09
C GLN C 554 10.06 15.20 -50.88
N ASP C 555 9.48 14.47 -49.92
CA ASP C 555 8.98 15.12 -48.72
C ASP C 555 10.13 15.67 -47.87
N ARG C 556 11.24 14.94 -47.80
CA ARG C 556 12.41 15.47 -47.10
C ARG C 556 12.84 16.80 -47.70
N LEU C 557 13.01 16.82 -49.02
CA LEU C 557 13.40 18.07 -49.67
C LEU C 557 12.36 19.16 -49.46
N ASP C 558 11.07 18.79 -49.54
CA ASP C 558 10.00 19.74 -49.32
C ASP C 558 10.10 20.39 -47.96
N ILE C 559 10.16 19.56 -46.91
CA ILE C 559 10.18 20.09 -45.56
C ILE C 559 11.44 20.90 -45.33
N LEU C 560 12.54 20.50 -45.97
CA LEU C 560 13.74 21.35 -45.92
C LEU C 560 13.42 22.74 -46.43
N GLN C 561 12.84 22.82 -47.63
CA GLN C 561 12.55 24.11 -48.22
C GLN C 561 11.58 24.91 -47.36
N LYS C 562 10.57 24.24 -46.82
CA LYS C 562 9.57 24.92 -46.02
C LYS C 562 10.19 25.49 -44.75
N LEU C 563 11.01 24.69 -44.07
CA LEU C 563 11.74 25.19 -42.91
C LEU C 563 12.57 26.41 -43.28
N LEU C 564 13.42 26.26 -44.30
CA LEU C 564 14.35 27.32 -44.63
C LEU C 564 13.71 28.49 -45.36
N ARG C 565 12.39 28.45 -45.56
CA ARG C 565 11.63 29.53 -46.18
C ARG C 565 12.07 30.93 -45.77
N ARG C 566 12.39 31.14 -44.50
CA ARG C 566 12.68 32.49 -44.01
C ARG C 566 13.96 32.51 -43.18
N VAL C 567 15.03 31.93 -43.71
CA VAL C 567 16.33 32.01 -43.06
C VAL C 567 17.40 32.41 -44.07
N PRO C 568 18.25 33.39 -43.75
CA PRO C 568 19.39 33.68 -44.64
C PRO C 568 20.36 32.50 -44.65
N HIS C 569 20.63 31.98 -45.84
CA HIS C 569 21.36 30.73 -45.97
C HIS C 569 22.42 30.84 -47.05
N LEU C 570 23.52 30.13 -46.83
CA LEU C 570 24.59 29.98 -47.81
C LEU C 570 24.48 28.64 -48.55
N LEU C 571 23.26 28.20 -48.83
CA LEU C 571 23.04 26.91 -49.45
C LEU C 571 22.71 27.06 -50.93
N THR C 572 22.95 25.97 -51.66
CA THR C 572 22.66 25.89 -53.08
C THR C 572 21.71 24.73 -53.34
N GLU C 573 21.23 24.64 -54.58
CA GLU C 573 20.24 23.63 -54.92
C GLU C 573 20.79 22.22 -54.73
N ALA C 574 21.83 21.86 -55.51
CA ALA C 574 22.35 20.49 -55.47
C ALA C 574 22.90 20.14 -54.11
N GLU C 575 23.46 21.12 -53.40
CA GLU C 575 23.85 20.91 -52.01
C GLU C 575 22.67 20.42 -51.19
N LEU C 576 21.52 21.10 -51.35
CA LEU C 576 20.32 20.68 -50.62
C LEU C 576 19.86 19.30 -51.06
N LEU C 577 19.95 19.02 -52.35
CA LEU C 577 19.57 17.70 -52.85
C LEU C 577 20.38 16.61 -52.14
N GLN C 578 21.70 16.69 -52.24
CA GLN C 578 22.53 15.65 -51.63
C GLN C 578 22.35 15.62 -50.12
N LEU C 579 22.13 16.78 -49.50
CA LEU C 579 21.88 16.81 -48.06
C LEU C 579 20.65 16.00 -47.71
N ALA C 580 19.53 16.31 -48.37
CA ALA C 580 18.31 15.54 -48.14
C ALA C 580 18.55 14.06 -48.40
N ASN C 581 19.34 13.75 -49.43
CA ASN C 581 19.68 12.35 -49.69
C ASN C 581 20.36 11.73 -48.48
N SER C 582 21.17 12.51 -47.77
CA SER C 582 21.84 11.99 -46.59
C SER C 582 20.92 11.84 -45.39
N ALA C 583 19.65 12.15 -45.54
CA ALA C 583 18.71 12.14 -44.40
C ALA C 583 17.97 10.81 -44.38
N HIS C 584 18.03 10.11 -43.26
CA HIS C 584 17.49 8.76 -43.16
C HIS C 584 16.81 8.58 -41.80
N GLY C 585 15.53 8.95 -41.74
CA GLY C 585 14.73 8.80 -40.54
C GLY C 585 14.29 10.09 -39.88
N TYR C 586 14.74 11.24 -40.37
CA TYR C 586 14.47 12.51 -39.72
C TYR C 586 12.98 12.82 -39.71
N VAL C 587 12.61 13.79 -38.87
CA VAL C 587 11.21 14.20 -38.71
C VAL C 587 11.16 15.72 -38.69
N GLY C 588 9.96 16.26 -38.89
CA GLY C 588 9.76 17.68 -39.05
C GLY C 588 10.44 18.55 -38.02
N ALA C 589 9.98 18.51 -36.78
CA ALA C 589 10.63 19.29 -35.74
C ALA C 589 12.09 18.90 -35.58
N ASP C 590 12.43 17.65 -35.89
CA ASP C 590 13.82 17.23 -35.81
C ASP C 590 14.67 17.97 -36.83
N LEU C 591 14.18 18.08 -38.06
CA LEU C 591 14.89 18.87 -39.05
C LEU C 591 14.93 20.34 -38.67
N LYS C 592 13.90 20.83 -37.99
CA LYS C 592 13.95 22.20 -37.47
C LYS C 592 15.14 22.36 -36.54
N VAL C 593 15.27 21.44 -35.58
CA VAL C 593 16.43 21.43 -34.70
C VAL C 593 17.71 21.42 -35.53
N LEU C 594 17.75 20.58 -36.55
CA LEU C 594 18.95 20.43 -37.36
C LEU C 594 19.36 21.75 -37.99
N CYS C 595 18.44 22.39 -38.72
CA CYS C 595 18.81 23.62 -39.40
C CYS C 595 19.12 24.73 -38.42
N ASN C 596 18.40 24.76 -37.28
CA ASN C 596 18.70 25.77 -36.29
C ASN C 596 20.10 25.60 -35.72
N GLU C 597 20.50 24.34 -35.47
CA GLU C 597 21.82 24.10 -34.93
C GLU C 597 22.90 24.39 -35.96
N ALA C 598 22.62 24.15 -37.24
CA ALA C 598 23.56 24.55 -38.28
C ALA C 598 23.74 26.06 -38.30
N GLY C 599 22.64 26.81 -38.18
CA GLY C 599 22.74 28.25 -38.11
C GLY C 599 23.56 28.72 -36.90
N LEU C 600 23.34 28.07 -35.76
CA LEU C 600 24.12 28.44 -34.58
C LEU C 600 25.58 28.07 -34.75
N CYS C 601 25.88 26.97 -35.44
CA CYS C 601 27.26 26.62 -35.72
C CYS C 601 27.91 27.67 -36.63
N ALA C 602 27.15 28.19 -37.59
CA ALA C 602 27.68 29.25 -38.45
C ALA C 602 27.93 30.52 -37.65
N LEU C 603 27.00 30.88 -36.77
CA LEU C 603 27.22 32.03 -35.88
C LEU C 603 28.45 31.82 -35.02
N ARG C 604 28.63 30.59 -34.52
CA ARG C 604 29.78 30.27 -33.68
C ARG C 604 31.08 30.44 -34.46
N ARG C 605 31.11 29.93 -35.69
CA ARG C 605 32.29 30.12 -36.54
C ARG C 605 32.58 31.59 -36.75
N ILE C 606 31.54 32.37 -37.05
CA ILE C 606 31.72 33.80 -37.30
C ILE C 606 32.34 34.47 -36.08
N LEU C 607 31.72 34.28 -34.91
CA LEU C 607 32.22 34.91 -33.71
C LEU C 607 33.53 34.30 -33.22
N LYS C 608 33.91 33.12 -33.73
CA LYS C 608 35.22 32.56 -33.42
C LYS C 608 36.32 33.11 -34.31
N LYS C 609 35.97 33.61 -35.50
CA LYS C 609 36.95 34.33 -36.29
C LYS C 609 37.41 35.59 -35.56
N GLN C 610 36.46 36.42 -35.14
CA GLN C 610 36.75 37.60 -34.34
C GLN C 610 35.77 37.62 -33.17
N PRO C 611 36.26 37.72 -31.93
CA PRO C 611 35.37 37.59 -30.76
C PRO C 611 34.84 38.90 -30.18
N ASN C 612 35.16 40.05 -30.77
CA ASN C 612 34.72 41.34 -30.27
C ASN C 612 33.59 41.91 -31.13
N LEU C 613 32.71 41.03 -31.60
CA LEU C 613 31.63 41.42 -32.50
C LEU C 613 30.29 41.28 -31.79
N PRO C 614 29.68 42.36 -31.34
CA PRO C 614 28.31 42.27 -30.83
C PRO C 614 27.34 41.85 -31.94
N ASP C 615 26.16 41.40 -31.53
CA ASP C 615 25.18 40.87 -32.49
C ASP C 615 24.73 41.92 -33.51
N VAL C 616 24.98 43.19 -33.26
CA VAL C 616 24.57 44.23 -34.20
C VAL C 616 25.28 44.06 -35.54
N LYS C 617 26.49 43.51 -35.53
CA LYS C 617 27.25 43.29 -36.75
C LYS C 617 27.29 41.82 -37.17
N VAL C 618 26.54 40.96 -36.48
CA VAL C 618 26.56 39.53 -36.78
C VAL C 618 25.19 38.96 -37.07
N ALA C 619 24.09 39.60 -36.70
CA ALA C 619 22.77 39.00 -36.85
C ALA C 619 22.33 38.87 -38.30
N GLY C 620 23.00 39.52 -39.24
CA GLY C 620 22.59 39.46 -40.63
C GLY C 620 23.54 38.71 -41.54
N LEU C 621 24.84 38.81 -41.26
CA LEU C 621 25.84 38.26 -42.17
C LEU C 621 25.89 36.74 -42.11
N VAL C 622 25.55 36.15 -40.96
CA VAL C 622 25.72 34.72 -40.76
C VAL C 622 24.79 33.94 -41.68
N LYS C 623 25.36 32.97 -42.39
CA LYS C 623 24.59 32.07 -43.24
C LYS C 623 25.23 30.70 -43.21
N ILE C 624 24.46 29.69 -43.62
CA ILE C 624 24.78 28.30 -43.36
C ILE C 624 25.37 27.66 -44.61
N THR C 625 26.57 27.12 -44.48
CA THR C 625 27.15 26.27 -45.51
C THR C 625 26.90 24.82 -45.15
N LEU C 626 27.52 23.91 -45.91
CA LEU C 626 27.34 22.48 -45.63
C LEU C 626 27.99 22.09 -44.31
N LYS C 627 29.18 22.64 -44.04
CA LYS C 627 29.94 22.25 -42.86
C LYS C 627 29.11 22.38 -41.59
N ASP C 628 28.34 23.47 -41.49
CA ASP C 628 27.39 23.62 -40.39
C ASP C 628 26.49 22.40 -40.31
N PHE C 629 25.91 22.01 -41.44
CA PHE C 629 24.99 20.88 -41.47
C PHE C 629 25.67 19.60 -41.01
N LEU C 630 26.84 19.30 -41.58
CA LEU C 630 27.54 18.08 -41.22
C LEU C 630 27.84 18.04 -39.73
N GLN C 631 28.42 19.13 -39.21
CA GLN C 631 28.79 19.18 -37.80
C GLN C 631 27.57 18.96 -36.92
N ALA C 632 26.51 19.74 -37.15
CA ALA C 632 25.29 19.55 -36.38
C ALA C 632 24.59 18.24 -36.67
N MET C 633 24.99 17.53 -37.73
CA MET C 633 24.32 16.30 -38.14
C MET C 633 24.91 15.08 -37.45
N ASN C 634 26.23 14.97 -37.43
CA ASN C 634 26.85 13.80 -36.82
C ASN C 634 26.42 13.61 -35.38
N ASP C 635 25.98 14.66 -34.71
CA ASP C 635 25.37 14.55 -33.38
C ASP C 635 23.84 14.62 -33.48
N ILE C 636 23.27 13.64 -34.18
CA ILE C 636 21.82 13.55 -34.34
C ILE C 636 21.46 12.08 -34.50
N ARG C 637 20.47 11.63 -33.72
CA ARG C 637 19.89 10.30 -33.88
C ARG C 637 18.44 10.50 -34.31
N PRO C 638 18.19 10.64 -35.60
CA PRO C 638 16.88 11.11 -36.04
C PRO C 638 15.77 10.08 -35.89
N SER C 639 15.59 9.58 -34.67
CA SER C 639 14.51 8.64 -34.33
C SER C 639 14.29 7.62 -35.44
N ALA C 640 15.40 7.03 -35.90
CA ALA C 640 15.36 6.10 -37.01
C ALA C 640 15.89 4.74 -36.58
N MET C 641 15.42 4.24 -35.43
CA MET C 641 15.87 2.96 -34.91
C MET C 641 14.97 1.81 -35.34
N ARG C 642 13.66 2.04 -35.43
CA ARG C 642 12.73 0.98 -35.81
C ARG C 642 11.57 1.67 -36.54
N GLU C 643 11.64 1.70 -37.86
CA GLU C 643 10.60 2.35 -38.65
C GLU C 643 10.13 1.44 -39.78
N ILE C 644 9.33 1.98 -40.69
CA ILE C 644 8.79 1.24 -41.81
C ILE C 644 8.98 2.11 -43.03
N ALA C 645 10.01 1.82 -43.83
CA ALA C 645 10.40 2.69 -44.93
C ALA C 645 9.69 2.26 -46.20
N ILE C 646 8.93 3.18 -46.79
CA ILE C 646 8.39 2.97 -48.14
C ILE C 646 9.45 3.52 -49.07
N ASP C 647 10.45 2.68 -49.35
CA ASP C 647 11.68 3.12 -50.01
C ASP C 647 11.85 2.36 -51.32
N VAL C 648 11.30 2.93 -52.38
CA VAL C 648 11.54 2.42 -53.73
C VAL C 648 13.04 2.46 -53.99
N PRO C 649 13.70 1.31 -54.08
CA PRO C 649 15.16 1.31 -54.19
C PRO C 649 15.66 1.82 -55.52
N ASN C 650 16.97 1.77 -55.75
CA ASN C 650 17.57 2.23 -56.98
C ASN C 650 18.04 1.10 -57.88
N VAL C 651 17.84 -0.15 -57.46
CA VAL C 651 18.35 -1.29 -58.22
C VAL C 651 17.56 -1.46 -59.50
N SER C 652 18.07 -2.29 -60.41
CA SER C 652 17.42 -2.55 -61.68
C SER C 652 17.89 -3.90 -62.22
N TRP C 653 17.16 -4.41 -63.22
CA TRP C 653 17.64 -5.60 -63.91
C TRP C 653 19.05 -5.36 -64.45
N SER C 654 19.23 -4.22 -65.11
CA SER C 654 20.52 -3.88 -65.70
C SER C 654 21.65 -4.01 -64.71
N ASP C 655 21.37 -3.79 -63.42
CA ASP C 655 22.41 -3.90 -62.41
C ASP C 655 22.99 -5.31 -62.38
N ILE C 656 22.15 -6.33 -62.50
CA ILE C 656 22.63 -7.69 -62.67
C ILE C 656 21.66 -8.45 -63.54
N GLY C 657 22.11 -8.85 -64.73
CA GLY C 657 21.28 -9.51 -65.71
C GLY C 657 21.38 -11.01 -65.63
N GLY C 658 21.00 -11.65 -66.74
CA GLY C 658 21.05 -13.10 -66.83
C GLY C 658 19.94 -13.76 -66.04
N LEU C 659 19.98 -15.10 -66.05
CA LEU C 659 18.96 -15.93 -65.39
C LEU C 659 17.56 -15.51 -65.83
N GLU C 660 17.43 -15.22 -67.13
CA GLU C 660 16.19 -14.67 -67.65
C GLU C 660 15.00 -15.55 -67.32
N SER C 661 15.16 -16.87 -67.43
CA SER C 661 14.05 -17.77 -67.16
C SER C 661 13.59 -17.64 -65.71
N ILE C 662 14.52 -17.40 -64.79
CA ILE C 662 14.15 -17.30 -63.38
C ILE C 662 13.33 -16.04 -63.14
N LYS C 663 13.83 -14.88 -63.57
CA LYS C 663 13.08 -13.66 -63.41
C LYS C 663 11.75 -13.72 -64.15
N LEU C 664 11.72 -14.44 -65.27
CA LEU C 664 10.48 -14.59 -66.01
C LEU C 664 9.46 -15.38 -65.22
N LYS C 665 9.85 -16.58 -64.76
CA LYS C 665 8.93 -17.39 -63.97
C LYS C 665 8.47 -16.64 -62.72
N LEU C 666 9.37 -15.87 -62.12
CA LEU C 666 9.01 -15.14 -60.91
C LEU C 666 8.00 -14.04 -61.23
N GLU C 667 8.29 -13.20 -62.22
CA GLU C 667 7.36 -12.14 -62.56
C GLU C 667 6.04 -12.73 -63.03
N GLN C 668 6.07 -13.92 -63.62
CA GLN C 668 4.84 -14.65 -63.89
C GLN C 668 4.09 -14.89 -62.59
N ALA C 669 4.69 -15.64 -61.67
CA ALA C 669 4.04 -16.02 -60.43
C ALA C 669 3.52 -14.83 -59.64
N VAL C 670 4.10 -13.65 -59.82
CA VAL C 670 3.71 -12.49 -59.03
C VAL C 670 2.71 -11.62 -59.77
N GLU C 671 2.80 -11.53 -61.09
CA GLU C 671 2.08 -10.55 -61.88
C GLU C 671 0.92 -11.18 -62.63
N TRP C 672 1.17 -12.32 -63.27
CA TRP C 672 0.13 -13.06 -63.97
C TRP C 672 -1.13 -13.27 -63.15
N PRO C 673 -1.07 -13.71 -61.88
CA PRO C 673 -2.32 -14.02 -61.16
C PRO C 673 -3.34 -12.89 -61.14
N LEU C 674 -2.98 -11.73 -61.69
CA LEU C 674 -3.96 -10.67 -61.87
C LEU C 674 -4.44 -10.58 -63.32
N LYS C 675 -3.63 -11.06 -64.27
CA LYS C 675 -3.98 -10.94 -65.68
C LYS C 675 -4.13 -12.28 -66.38
N HIS C 676 -3.10 -13.11 -66.33
CA HIS C 676 -3.06 -14.33 -67.12
C HIS C 676 -3.99 -15.41 -66.56
N PRO C 677 -3.79 -15.93 -65.34
CA PRO C 677 -4.79 -16.88 -64.81
C PRO C 677 -6.19 -16.31 -64.77
N GLU C 678 -6.34 -14.98 -64.88
CA GLU C 678 -7.65 -14.44 -65.21
C GLU C 678 -8.08 -14.87 -66.60
N SER C 679 -7.25 -14.58 -67.61
CA SER C 679 -7.45 -15.12 -68.95
C SER C 679 -7.06 -16.58 -69.06
N PHE C 680 -6.59 -17.18 -67.97
CA PHE C 680 -6.29 -18.61 -67.90
C PHE C 680 -7.06 -19.30 -66.79
N ILE C 681 -8.09 -18.66 -66.25
CA ILE C 681 -9.05 -19.34 -65.39
C ILE C 681 -9.69 -20.46 -66.19
N ARG C 682 -9.53 -20.40 -67.52
CA ARG C 682 -9.93 -21.47 -68.42
C ARG C 682 -9.48 -22.82 -67.88
N MET C 683 -8.17 -23.03 -67.77
CA MET C 683 -7.63 -24.10 -66.96
C MET C 683 -7.11 -23.44 -65.68
N GLY C 684 -8.04 -23.18 -64.77
CA GLY C 684 -7.68 -22.53 -63.53
C GLY C 684 -7.26 -23.55 -62.50
N ILE C 685 -6.08 -24.15 -62.69
CA ILE C 685 -5.59 -25.16 -61.76
C ILE C 685 -5.48 -24.51 -60.38
N GLN C 686 -4.58 -23.55 -60.26
CA GLN C 686 -4.58 -22.60 -59.16
C GLN C 686 -3.52 -21.55 -59.41
N PRO C 687 -3.84 -20.27 -59.22
CA PRO C 687 -2.78 -19.27 -59.12
C PRO C 687 -2.25 -19.19 -57.71
N PRO C 688 -1.05 -19.70 -57.46
CA PRO C 688 -0.52 -19.72 -56.10
C PRO C 688 -0.08 -18.32 -55.69
N LYS C 689 0.18 -18.19 -54.38
CA LYS C 689 0.60 -16.91 -53.82
C LYS C 689 2.01 -16.96 -53.26
N GLY C 690 2.29 -17.86 -52.33
CA GLY C 690 3.58 -17.88 -51.69
C GLY C 690 4.67 -18.50 -52.53
N VAL C 691 5.72 -17.73 -52.80
CA VAL C 691 6.83 -18.17 -53.63
C VAL C 691 8.06 -18.32 -52.76
N LEU C 692 8.89 -19.31 -53.10
CA LEU C 692 10.16 -19.55 -52.41
C LEU C 692 11.14 -20.00 -53.49
N LEU C 693 11.88 -19.05 -54.05
CA LEU C 693 12.69 -19.26 -55.24
C LEU C 693 14.15 -19.10 -54.86
N TYR C 694 14.80 -20.21 -54.48
CA TYR C 694 16.09 -20.10 -53.81
C TYR C 694 17.00 -21.26 -54.15
N GLY C 695 18.31 -20.96 -54.17
CA GLY C 695 19.34 -21.94 -54.39
C GLY C 695 20.50 -21.73 -53.44
N PRO C 696 21.73 -21.81 -53.97
CA PRO C 696 22.91 -21.60 -53.13
C PRO C 696 22.96 -20.19 -52.60
N PRO C 697 23.66 -19.96 -51.49
CA PRO C 697 23.80 -18.59 -50.98
C PRO C 697 24.78 -17.79 -51.82
N GLY C 698 24.72 -16.48 -51.61
CA GLY C 698 25.59 -15.57 -52.32
C GLY C 698 25.28 -15.36 -53.78
N CYS C 699 24.18 -15.93 -54.28
CA CYS C 699 23.83 -15.74 -55.68
C CYS C 699 22.89 -14.55 -55.86
N SER C 700 23.28 -13.42 -55.27
CA SER C 700 22.65 -12.13 -55.54
C SER C 700 21.14 -12.16 -55.35
N LYS C 701 20.65 -13.01 -54.44
CA LYS C 701 19.22 -13.27 -54.36
C LYS C 701 18.44 -12.01 -53.98
N THR C 702 18.68 -11.49 -52.77
CA THR C 702 17.95 -10.31 -52.32
C THR C 702 18.09 -9.17 -53.30
N MET C 703 19.24 -9.09 -53.97
CA MET C 703 19.39 -8.13 -55.06
C MET C 703 18.29 -8.34 -56.09
N ILE C 704 18.05 -9.60 -56.47
CA ILE C 704 17.01 -9.90 -57.46
C ILE C 704 15.65 -9.51 -56.91
N ALA C 705 15.44 -9.76 -55.61
CA ALA C 705 14.18 -9.40 -54.99
C ALA C 705 13.89 -7.92 -55.18
N LYS C 706 14.79 -7.08 -54.67
CA LYS C 706 14.64 -5.65 -54.84
C LYS C 706 14.50 -5.29 -56.32
N ALA C 707 15.22 -5.99 -57.19
CA ALA C 707 15.19 -5.68 -58.61
C ALA C 707 13.78 -5.80 -59.15
N LEU C 708 13.20 -7.00 -59.07
CA LEU C 708 11.82 -7.19 -59.48
C LEU C 708 10.92 -6.15 -58.84
N ALA C 709 11.06 -5.98 -57.52
CA ALA C 709 10.17 -5.11 -56.78
C ALA C 709 10.12 -3.71 -57.38
N ASN C 710 11.27 -3.18 -57.76
CA ASN C 710 11.28 -1.84 -58.31
C ASN C 710 10.90 -1.83 -59.78
N GLU C 711 11.20 -2.90 -60.51
CA GLU C 711 10.96 -2.89 -61.94
C GLU C 711 9.47 -2.97 -62.25
N SER C 712 8.74 -3.85 -61.56
CA SER C 712 7.30 -3.94 -61.82
C SER C 712 6.54 -2.74 -61.29
N GLY C 713 7.10 -2.04 -60.31
CA GLY C 713 6.46 -0.85 -59.81
C GLY C 713 5.61 -1.06 -58.57
N LEU C 714 6.17 -1.74 -57.58
CA LEU C 714 5.48 -1.95 -56.32
C LEU C 714 6.30 -1.38 -55.18
N ASN C 715 5.62 -1.02 -54.10
CA ASN C 715 6.29 -0.41 -52.95
C ASN C 715 6.89 -1.51 -52.09
N PHE C 716 8.21 -1.61 -52.10
CA PHE C 716 8.91 -2.71 -51.46
C PHE C 716 8.95 -2.53 -49.95
N LEU C 717 8.84 -3.64 -49.23
CA LEU C 717 9.05 -3.68 -47.79
C LEU C 717 10.06 -4.77 -47.48
N ALA C 718 10.43 -4.88 -46.21
CA ALA C 718 11.45 -5.87 -45.86
C ALA C 718 11.39 -6.18 -44.37
N ILE C 719 11.49 -7.46 -44.04
CA ILE C 719 11.72 -7.91 -42.68
C ILE C 719 12.72 -9.04 -42.74
N LYS C 720 13.96 -8.76 -42.36
CA LYS C 720 15.00 -9.78 -42.41
C LYS C 720 14.96 -10.64 -41.15
N GLY C 721 15.14 -11.93 -41.33
CA GLY C 721 15.15 -12.87 -40.23
C GLY C 721 16.11 -12.50 -39.12
N PRO C 722 17.39 -12.34 -39.47
CA PRO C 722 18.36 -11.89 -38.46
C PRO C 722 17.95 -10.63 -37.73
N GLU C 723 17.63 -9.56 -38.47
CA GLU C 723 17.19 -8.33 -37.82
C GLU C 723 15.94 -8.54 -36.97
N LEU C 724 15.26 -9.67 -37.15
CA LEU C 724 14.15 -10.04 -36.29
C LEU C 724 14.59 -10.85 -35.09
N MET C 725 15.85 -11.30 -35.05
CA MET C 725 16.30 -12.19 -33.98
C MET C 725 16.40 -11.45 -32.66
N ASN C 726 15.27 -11.02 -32.13
CA ASN C 726 15.20 -10.23 -30.92
C ASN C 726 14.31 -10.92 -29.90
N LYS C 727 14.58 -10.65 -28.63
CA LYS C 727 13.81 -11.22 -27.53
C LYS C 727 12.51 -10.48 -27.27
N TYR C 728 12.07 -9.63 -28.20
CA TYR C 728 10.87 -8.83 -27.98
C TYR C 728 9.62 -9.68 -28.08
N VAL C 729 9.17 -10.22 -26.95
CA VAL C 729 7.98 -11.06 -26.94
C VAL C 729 6.78 -10.26 -27.40
N GLY C 730 6.09 -10.77 -28.41
CA GLY C 730 4.95 -10.06 -28.98
C GLY C 730 5.34 -8.88 -29.84
N GLU C 731 6.27 -8.04 -29.36
CA GLU C 731 6.68 -6.87 -30.12
C GLU C 731 7.24 -7.26 -31.49
N SER C 732 7.88 -8.42 -31.57
CA SER C 732 8.27 -8.95 -32.87
C SER C 732 7.04 -9.16 -33.75
N GLU C 733 6.14 -10.02 -33.29
CA GLU C 733 4.86 -10.20 -33.98
C GLU C 733 4.14 -8.88 -34.17
N ARG C 734 4.31 -7.94 -33.24
CA ARG C 734 3.71 -6.63 -33.38
C ARG C 734 4.24 -5.92 -34.62
N ALA C 735 5.56 -5.90 -34.78
CA ALA C 735 6.15 -5.34 -35.99
C ALA C 735 5.65 -6.07 -37.22
N VAL C 736 5.54 -7.39 -37.13
CA VAL C 736 5.01 -8.16 -38.26
C VAL C 736 3.64 -7.64 -38.66
N ARG C 737 2.74 -7.54 -37.68
CA ARG C 737 1.38 -7.11 -37.97
C ARG C 737 1.36 -5.69 -38.54
N GLU C 738 2.13 -4.80 -37.95
CA GLU C 738 2.16 -3.43 -38.44
C GLU C 738 2.67 -3.36 -39.87
N THR C 739 3.71 -4.13 -40.17
CA THR C 739 4.23 -4.16 -41.53
C THR C 739 3.19 -4.66 -42.51
N PHE C 740 2.51 -5.75 -42.15
CA PHE C 740 1.46 -6.26 -43.00
C PHE C 740 0.39 -5.20 -43.23
N ARG C 741 0.02 -4.49 -42.18
CA ARG C 741 -1.01 -3.48 -42.32
C ARG C 741 -0.56 -2.35 -43.24
N LYS C 742 0.69 -1.90 -43.09
CA LYS C 742 1.21 -0.89 -43.99
C LYS C 742 1.18 -1.39 -45.42
N ALA C 743 1.58 -2.64 -45.62
CA ALA C 743 1.52 -3.24 -46.94
C ALA C 743 0.13 -3.11 -47.53
N ARG C 744 -0.87 -3.58 -46.77
CA ARG C 744 -2.24 -3.46 -47.24
C ARG C 744 -2.58 -2.01 -47.54
N ALA C 745 -2.05 -1.09 -46.74
CA ALA C 745 -2.33 0.33 -46.95
C ALA C 745 -1.72 0.82 -48.25
N VAL C 746 -0.68 0.14 -48.73
CA VAL C 746 -0.05 0.51 -49.99
C VAL C 746 -0.26 -0.66 -50.92
N ALA C 747 -1.44 -1.28 -50.83
CA ALA C 747 -1.79 -2.63 -51.29
C ALA C 747 -1.04 -3.10 -52.54
N PRO C 748 -0.97 -2.33 -53.63
CA PRO C 748 -0.16 -2.83 -54.75
C PRO C 748 1.31 -2.79 -54.35
N SER C 749 1.87 -3.94 -53.99
CA SER C 749 3.16 -3.98 -53.34
C SER C 749 3.63 -5.41 -53.10
N ILE C 750 4.81 -5.56 -52.50
CA ILE C 750 5.39 -6.89 -52.26
C ILE C 750 6.06 -6.87 -50.88
N ILE C 751 5.47 -7.60 -49.94
CA ILE C 751 6.15 -7.84 -48.68
C ILE C 751 7.35 -8.72 -48.92
N PHE C 752 8.26 -8.75 -47.95
CA PHE C 752 9.48 -9.51 -48.16
C PHE C 752 10.04 -10.05 -46.86
N PHE C 753 10.77 -11.15 -46.97
CA PHE C 753 11.55 -11.69 -45.87
C PHE C 753 12.89 -12.15 -46.41
N ASP C 754 13.95 -11.92 -45.66
CA ASP C 754 15.27 -12.42 -45.99
C ASP C 754 15.75 -13.31 -44.85
N GLU C 755 16.18 -14.52 -45.21
CA GLU C 755 16.66 -15.50 -44.24
C GLU C 755 15.66 -15.69 -43.11
N LEU C 756 14.39 -15.83 -43.49
CA LEU C 756 13.33 -16.03 -42.51
C LEU C 756 13.56 -17.27 -41.67
N ASP C 757 14.33 -18.24 -42.17
CA ASP C 757 14.70 -19.39 -41.37
C ASP C 757 15.47 -19.00 -40.11
N ALA C 758 15.87 -17.74 -39.99
CA ALA C 758 16.46 -17.28 -38.73
C ALA C 758 15.47 -17.44 -37.57
N LEU C 759 14.21 -17.08 -37.79
CA LEU C 759 13.16 -17.42 -36.87
C LEU C 759 12.23 -18.51 -37.40
N ALA C 760 12.46 -18.99 -38.62
CA ALA C 760 11.86 -20.21 -39.10
C ALA C 760 12.82 -21.40 -39.01
N VAL C 761 13.63 -21.43 -37.95
CA VAL C 761 14.57 -22.50 -37.67
C VAL C 761 13.84 -23.84 -37.64
N GLU C 762 14.57 -24.93 -37.83
CA GLU C 762 13.99 -26.25 -37.62
C GLU C 762 13.44 -26.33 -36.20
N ARG C 763 12.14 -26.58 -36.10
CA ARG C 763 11.44 -26.42 -34.82
C ARG C 763 11.97 -27.40 -33.78
N GLY C 764 12.08 -26.93 -32.55
CA GLY C 764 12.43 -27.76 -31.41
C GLY C 764 13.91 -27.80 -31.07
N SER C 765 14.79 -27.65 -32.06
CA SER C 765 16.22 -27.75 -31.80
C SER C 765 16.71 -26.63 -30.89
N SER C 766 16.04 -25.47 -30.94
CA SER C 766 16.40 -24.31 -30.13
C SER C 766 15.31 -24.13 -29.09
N LEU C 767 15.54 -24.65 -27.89
CA LEU C 767 14.60 -24.49 -26.79
C LEU C 767 14.70 -23.12 -26.12
N GLY C 768 15.78 -22.40 -26.36
CA GLY C 768 15.97 -21.08 -25.77
C GLY C 768 15.68 -19.95 -26.73
N ALA C 769 15.55 -20.26 -28.02
CA ALA C 769 15.24 -19.25 -29.02
C ALA C 769 14.15 -19.67 -30.01
N GLY C 770 13.80 -20.95 -30.09
CA GLY C 770 12.77 -21.40 -31.00
C GLY C 770 11.40 -21.43 -30.36
N ASN C 771 11.36 -21.44 -29.03
CA ASN C 771 10.07 -21.36 -28.33
C ASN C 771 9.33 -20.10 -28.71
N VAL C 772 10.06 -19.00 -28.91
CA VAL C 772 9.46 -17.80 -29.47
C VAL C 772 9.20 -17.98 -30.96
N ALA C 773 10.05 -18.76 -31.64
CA ALA C 773 9.96 -18.88 -33.09
C ALA C 773 8.65 -19.52 -33.53
N ASP C 774 8.26 -20.61 -32.86
CA ASP C 774 7.02 -21.28 -33.23
C ASP C 774 5.83 -20.33 -33.11
N ARG C 775 5.75 -19.58 -32.00
CA ARG C 775 4.59 -18.74 -31.79
C ARG C 775 4.60 -17.51 -32.69
N VAL C 776 5.78 -16.96 -32.99
CA VAL C 776 5.81 -15.82 -33.89
C VAL C 776 5.46 -16.27 -35.30
N LEU C 777 5.88 -17.48 -35.67
CA LEU C 777 5.48 -18.04 -36.95
C LEU C 777 3.98 -18.27 -37.01
N ALA C 778 3.39 -18.74 -35.89
CA ALA C 778 1.95 -18.91 -35.85
C ALA C 778 1.23 -17.58 -36.00
N GLN C 779 1.75 -16.53 -35.37
CA GLN C 779 1.17 -15.21 -35.56
C GLN C 779 1.27 -14.76 -37.01
N LEU C 780 2.47 -14.86 -37.57
CA LEU C 780 2.69 -14.65 -38.99
C LEU C 780 1.65 -15.35 -39.85
N LEU C 781 1.40 -16.62 -39.54
CA LEU C 781 0.30 -17.34 -40.17
C LEU C 781 -0.98 -16.55 -40.01
N THR C 782 -1.41 -16.36 -38.77
CA THR C 782 -2.65 -15.67 -38.44
C THR C 782 -2.85 -14.46 -39.33
N GLU C 783 -1.77 -13.76 -39.64
CA GLU C 783 -1.90 -12.65 -40.57
C GLU C 783 -2.00 -13.14 -42.01
N MET C 784 -0.96 -13.81 -42.51
CA MET C 784 -0.91 -14.17 -43.93
C MET C 784 -2.16 -14.92 -44.37
N ASP C 785 -2.74 -15.70 -43.48
CA ASP C 785 -3.78 -16.67 -43.80
C ASP C 785 -4.99 -16.01 -44.45
N GLY C 786 -4.97 -14.68 -44.56
CA GLY C 786 -5.87 -14.03 -45.48
C GLY C 786 -5.39 -14.24 -46.90
N ILE C 787 -5.44 -15.48 -47.39
CA ILE C 787 -5.09 -15.72 -48.79
C ILE C 787 -5.81 -14.72 -49.68
N GLU C 788 -7.03 -14.36 -49.31
CA GLU C 788 -7.76 -13.34 -50.04
C GLU C 788 -7.36 -11.94 -49.63
N GLN C 789 -7.01 -11.72 -48.35
CA GLN C 789 -6.38 -10.45 -48.01
C GLN C 789 -5.14 -10.30 -48.87
N LEU C 790 -4.57 -11.43 -49.27
CA LEU C 790 -3.46 -11.47 -50.22
C LEU C 790 -4.05 -11.48 -51.62
N LYS C 791 -4.67 -10.35 -51.96
CA LYS C 791 -5.09 -10.07 -53.33
C LYS C 791 -4.28 -8.88 -53.81
N ASP C 792 -3.42 -9.12 -54.80
CA ASP C 792 -2.44 -8.14 -55.24
C ASP C 792 -1.41 -7.83 -54.15
N VAL C 793 -1.09 -8.84 -53.34
CA VAL C 793 -0.06 -8.75 -52.32
C VAL C 793 0.63 -10.09 -52.22
N THR C 794 1.93 -10.14 -52.49
CA THR C 794 2.68 -11.38 -52.49
C THR C 794 3.66 -11.40 -51.33
N ILE C 795 4.37 -12.52 -51.20
CA ILE C 795 5.27 -12.75 -50.07
C ILE C 795 6.54 -13.42 -50.58
N LEU C 796 7.68 -13.00 -50.05
CA LEU C 796 8.99 -13.57 -50.41
C LEU C 796 9.81 -13.72 -49.15
N ALA C 797 9.87 -14.94 -48.62
CA ALA C 797 10.84 -15.29 -47.60
C ALA C 797 12.18 -15.54 -48.29
N ALA C 798 13.14 -16.13 -47.59
CA ALA C 798 14.42 -16.41 -48.23
C ALA C 798 15.23 -17.37 -47.38
N THR C 799 15.99 -18.24 -48.05
CA THR C 799 16.98 -19.11 -47.42
C THR C 799 17.75 -19.79 -48.53
N ASN C 800 18.64 -20.71 -48.16
CA ASN C 800 19.41 -21.48 -49.13
C ASN C 800 19.45 -22.96 -48.80
N ARG C 801 18.66 -23.41 -47.83
CA ARG C 801 18.60 -24.81 -47.43
C ARG C 801 17.14 -25.23 -47.39
N PRO C 802 16.63 -25.84 -48.47
CA PRO C 802 15.21 -26.20 -48.50
C PRO C 802 14.82 -27.17 -47.41
N ASP C 803 15.74 -28.04 -46.97
CA ASP C 803 15.43 -28.94 -45.86
C ASP C 803 15.12 -28.15 -44.59
N ARG C 804 15.75 -26.99 -44.42
CA ARG C 804 15.48 -26.18 -43.24
C ARG C 804 14.01 -25.77 -43.17
N ILE C 805 13.39 -25.51 -44.33
CA ILE C 805 12.02 -25.05 -44.32
C ILE C 805 11.11 -26.14 -43.76
N ASP C 806 9.99 -25.72 -43.17
CA ASP C 806 9.04 -26.61 -42.55
C ASP C 806 7.85 -26.83 -43.48
N LYS C 807 7.59 -28.09 -43.82
CA LYS C 807 6.51 -28.40 -44.75
C LYS C 807 5.14 -28.05 -44.19
N ALA C 808 5.02 -27.82 -42.88
CA ALA C 808 3.78 -27.31 -42.33
C ALA C 808 3.42 -25.96 -42.94
N LEU C 809 4.42 -25.09 -43.11
CA LEU C 809 4.23 -23.83 -43.80
C LEU C 809 4.18 -24.01 -45.31
N MET C 810 4.10 -25.25 -45.77
CA MET C 810 3.95 -25.54 -47.17
C MET C 810 2.74 -26.41 -47.46
N ARG C 811 1.93 -26.74 -46.45
CA ARG C 811 0.64 -27.35 -46.68
C ARG C 811 -0.14 -26.35 -47.53
N PRO C 812 -0.39 -26.67 -48.80
CA PRO C 812 -0.67 -25.63 -49.79
C PRO C 812 -1.86 -24.75 -49.42
N GLY C 813 -1.89 -23.59 -50.07
CA GLY C 813 -2.87 -22.57 -49.77
C GLY C 813 -2.21 -21.24 -49.51
N ARG C 814 -1.03 -21.26 -48.88
CA ARG C 814 -0.35 -20.02 -48.51
C ARG C 814 0.96 -19.82 -49.24
N ILE C 815 1.89 -20.76 -49.16
CA ILE C 815 3.21 -20.63 -49.78
C ILE C 815 3.42 -21.89 -50.60
N ASP C 816 3.23 -21.79 -51.92
CA ASP C 816 3.22 -22.98 -52.75
C ASP C 816 4.35 -23.01 -53.78
N ARG C 817 4.43 -22.04 -54.68
CA ARG C 817 5.33 -22.18 -55.80
C ARG C 817 6.78 -22.06 -55.33
N ILE C 818 7.66 -22.80 -56.00
CA ILE C 818 9.07 -22.83 -55.63
C ILE C 818 9.91 -22.86 -56.90
N ILE C 819 10.97 -22.05 -56.90
CA ILE C 819 12.00 -22.08 -57.93
C ILE C 819 13.32 -22.34 -57.23
N TYR C 820 14.26 -22.95 -57.95
CA TYR C 820 15.65 -23.04 -57.51
C TYR C 820 16.47 -22.09 -58.35
N VAL C 821 17.20 -21.20 -57.69
CA VAL C 821 18.07 -20.26 -58.39
C VAL C 821 19.47 -20.84 -58.38
N PRO C 822 19.91 -21.46 -59.48
CA PRO C 822 21.19 -22.18 -59.45
C PRO C 822 22.40 -21.26 -59.51
N LEU C 823 23.58 -21.86 -59.61
CA LEU C 823 24.81 -21.10 -59.73
C LEU C 823 24.81 -20.30 -61.03
N PRO C 824 25.45 -19.13 -61.04
CA PRO C 824 25.57 -18.37 -62.29
C PRO C 824 26.33 -19.14 -63.35
N ASP C 825 26.17 -18.69 -64.58
CA ASP C 825 26.77 -19.36 -65.74
C ASP C 825 27.80 -18.44 -66.39
N ALA C 826 28.41 -18.96 -67.47
CA ALA C 826 29.37 -18.18 -68.23
C ALA C 826 28.72 -16.90 -68.75
N ALA C 827 27.45 -16.97 -69.14
CA ALA C 827 26.75 -15.77 -69.61
C ALA C 827 26.66 -14.74 -68.50
N THR C 828 26.14 -15.14 -67.35
CA THR C 828 26.09 -14.23 -66.20
C THR C 828 27.48 -13.78 -65.80
N ARG C 829 28.48 -14.67 -65.93
CA ARG C 829 29.84 -14.31 -65.60
C ARG C 829 30.32 -13.14 -66.45
N ARG C 830 30.23 -13.30 -67.77
CA ARG C 830 30.67 -12.22 -68.65
C ARG C 830 29.80 -10.98 -68.50
N GLU C 831 28.52 -11.16 -68.18
CA GLU C 831 27.68 -10.02 -67.83
C GLU C 831 28.29 -9.22 -66.71
N ILE C 832 28.48 -9.85 -65.56
CA ILE C 832 28.97 -9.16 -64.38
C ILE C 832 30.35 -8.57 -64.64
N PHE C 833 31.18 -9.26 -65.41
CA PHE C 833 32.49 -8.73 -65.72
C PHE C 833 32.40 -7.49 -66.58
N LYS C 834 31.51 -7.50 -67.58
CA LYS C 834 31.23 -6.28 -68.33
C LYS C 834 30.81 -5.16 -67.39
N LEU C 835 29.96 -5.47 -66.42
CA LEU C 835 29.53 -4.47 -65.46
C LEU C 835 30.72 -3.89 -64.71
N GLN C 836 31.62 -4.76 -64.27
CA GLN C 836 32.76 -4.30 -63.48
C GLN C 836 33.69 -3.44 -64.32
N PHE C 837 34.04 -3.92 -65.52
CA PHE C 837 34.94 -3.16 -66.38
C PHE C 837 34.28 -1.86 -66.82
N HIS C 838 32.94 -1.82 -66.82
CA HIS C 838 32.23 -0.57 -67.02
C HIS C 838 32.28 0.30 -65.78
N SER C 839 32.47 -0.29 -64.60
CA SER C 839 32.57 0.45 -63.36
C SER C 839 33.99 0.54 -62.84
N MET C 840 34.95 -0.10 -63.49
CA MET C 840 36.34 -0.06 -63.04
C MET C 840 37.22 0.18 -64.26
N PRO C 841 38.11 1.18 -64.22
CA PRO C 841 39.07 1.36 -65.32
C PRO C 841 40.03 0.19 -65.40
N VAL C 842 39.97 -0.58 -66.48
CA VAL C 842 40.74 -1.82 -66.61
C VAL C 842 41.56 -1.76 -67.88
N SER C 843 42.62 -2.56 -67.90
CA SER C 843 43.49 -2.67 -69.07
C SER C 843 42.86 -3.58 -70.11
N ASN C 844 42.86 -3.14 -71.36
CA ASN C 844 42.21 -3.90 -72.42
C ASN C 844 42.92 -5.22 -72.70
N GLU C 845 44.20 -5.35 -72.35
CA GLU C 845 44.93 -6.58 -72.64
C GLU C 845 44.37 -7.78 -71.87
N VAL C 846 43.65 -7.54 -70.77
CA VAL C 846 43.03 -8.64 -70.05
C VAL C 846 41.70 -8.97 -70.72
N ASP C 847 41.73 -9.92 -71.65
CA ASP C 847 40.53 -10.33 -72.35
C ASP C 847 39.55 -10.99 -71.39
N LEU C 848 38.28 -10.61 -71.50
CA LEU C 848 37.24 -11.19 -70.65
C LEU C 848 37.17 -12.70 -70.79
N ASP C 849 37.45 -13.22 -71.97
CA ASP C 849 37.29 -14.64 -72.21
C ASP C 849 38.27 -15.48 -71.42
N GLU C 850 39.40 -14.92 -71.00
CA GLU C 850 40.31 -15.67 -70.14
C GLU C 850 39.63 -15.98 -68.81
N LEU C 851 39.13 -14.94 -68.14
CA LEU C 851 38.29 -15.14 -66.97
C LEU C 851 37.20 -16.16 -67.25
N ILE C 852 36.43 -15.93 -68.31
CA ILE C 852 35.34 -16.83 -68.66
C ILE C 852 35.82 -18.28 -68.71
N LEU C 853 37.03 -18.49 -69.24
CA LEU C 853 37.64 -19.82 -69.28
C LEU C 853 38.09 -20.29 -67.91
N GLN C 854 38.24 -19.38 -66.95
CA GLN C 854 38.67 -19.76 -65.62
C GLN C 854 37.74 -19.29 -64.50
N THR C 855 36.60 -18.68 -64.82
CA THR C 855 35.68 -18.19 -63.81
C THR C 855 34.42 -19.03 -63.68
N ASP C 856 34.36 -20.18 -64.34
CA ASP C 856 33.18 -21.01 -64.17
C ASP C 856 33.13 -21.57 -62.76
N ALA C 857 31.92 -21.99 -62.36
CA ALA C 857 31.68 -22.48 -61.01
C ALA C 857 32.00 -21.43 -59.96
N TYR C 858 31.74 -20.17 -60.29
CA TYR C 858 31.91 -19.06 -59.37
C TYR C 858 30.54 -18.52 -59.00
N SER C 859 30.53 -17.45 -58.20
CA SER C 859 29.29 -16.79 -57.79
C SER C 859 29.42 -15.29 -58.00
N GLY C 860 28.27 -14.65 -58.23
CA GLY C 860 28.26 -13.21 -58.45
C GLY C 860 28.97 -12.46 -57.34
N ALA C 861 28.63 -12.76 -56.09
CA ALA C 861 29.32 -12.15 -54.97
C ALA C 861 30.82 -12.45 -55.03
N GLU C 862 31.16 -13.73 -55.20
CA GLU C 862 32.57 -14.09 -55.28
C GLU C 862 33.25 -13.39 -56.44
N ILE C 863 32.54 -13.25 -57.57
CA ILE C 863 33.17 -12.66 -58.75
C ILE C 863 33.43 -11.17 -58.53
N VAL C 864 32.47 -10.45 -57.95
CA VAL C 864 32.72 -9.04 -57.71
C VAL C 864 33.79 -8.86 -56.65
N ALA C 865 33.88 -9.80 -55.70
CA ALA C 865 35.00 -9.77 -54.78
C ALA C 865 36.31 -9.93 -55.54
N VAL C 866 36.32 -10.82 -56.54
CA VAL C 866 37.51 -11.01 -57.36
C VAL C 866 37.90 -9.70 -58.02
N CYS C 867 36.93 -9.01 -58.60
CA CYS C 867 37.24 -7.76 -59.27
C CYS C 867 37.75 -6.72 -58.27
N ARG C 868 37.14 -6.65 -57.09
CA ARG C 868 37.62 -5.76 -56.05
C ARG C 868 39.08 -6.07 -55.72
N GLU C 869 39.41 -7.35 -55.61
CA GLU C 869 40.76 -7.72 -55.22
C GLU C 869 41.76 -7.40 -56.33
N ALA C 870 41.35 -7.60 -57.58
CA ALA C 870 42.23 -7.23 -58.69
C ALA C 870 42.50 -5.73 -58.65
N ALA C 871 41.46 -4.94 -58.38
CA ALA C 871 41.67 -3.50 -58.22
C ALA C 871 42.62 -3.22 -57.07
N LEU C 872 42.45 -3.93 -55.95
CA LEU C 872 43.32 -3.74 -54.81
C LEU C 872 44.77 -4.02 -55.17
N LEU C 873 45.01 -5.08 -55.93
CA LEU C 873 46.37 -5.38 -56.37
C LEU C 873 46.90 -4.26 -57.25
N ALA C 874 46.09 -3.82 -58.21
CA ALA C 874 46.51 -2.75 -59.10
C ALA C 874 46.94 -1.51 -58.32
N LEU C 875 46.19 -1.16 -57.29
CA LEU C 875 46.54 0.02 -56.51
C LEU C 875 47.64 -0.26 -55.49
N GLU C 876 47.84 -1.53 -55.10
CA GLU C 876 48.83 -1.84 -54.09
C GLU C 876 50.24 -1.94 -54.68
N GLU C 877 50.35 -2.38 -55.94
CA GLU C 877 51.66 -2.33 -56.59
C GLU C 877 52.04 -0.89 -56.89
N ASP C 878 51.26 -0.22 -57.73
CA ASP C 878 51.41 1.21 -57.96
C ASP C 878 50.22 1.91 -57.34
N ILE C 879 50.50 2.81 -56.41
CA ILE C 879 49.42 3.54 -55.74
C ILE C 879 48.81 4.61 -56.62
N GLN C 880 49.38 4.87 -57.80
CA GLN C 880 48.84 5.84 -58.73
C GLN C 880 48.63 5.23 -60.11
N ALA C 881 48.31 3.93 -60.16
CA ALA C 881 48.09 3.25 -61.42
C ALA C 881 46.70 3.54 -61.96
N ASN C 882 46.50 3.22 -63.24
CA ASN C 882 45.20 3.45 -63.86
C ASN C 882 44.76 2.34 -64.79
N LEU C 883 45.40 1.16 -64.75
CA LEU C 883 45.03 0.07 -65.63
C LEU C 883 45.26 -1.26 -64.90
N ILE C 884 44.20 -2.03 -64.72
CA ILE C 884 44.30 -3.33 -64.06
C ILE C 884 44.86 -4.34 -65.06
N MET C 885 46.11 -4.72 -64.87
CA MET C 885 46.82 -5.52 -65.86
C MET C 885 46.61 -7.01 -65.60
N LYS C 886 47.25 -7.83 -66.45
CA LYS C 886 47.01 -9.27 -66.43
C LYS C 886 47.51 -9.88 -65.13
N ARG C 887 48.71 -9.53 -64.71
CA ARG C 887 49.27 -10.07 -63.47
C ARG C 887 48.36 -9.77 -62.28
N HIS C 888 47.69 -8.62 -62.30
CA HIS C 888 46.74 -8.31 -61.25
C HIS C 888 45.67 -9.38 -61.15
N PHE C 889 44.97 -9.64 -62.27
CA PHE C 889 43.96 -10.69 -62.28
C PHE C 889 44.55 -12.05 -61.95
N THR C 890 45.78 -12.31 -62.37
CA THR C 890 46.41 -13.59 -62.11
C THR C 890 46.56 -13.82 -60.61
N GLN C 891 47.25 -12.91 -59.93
CA GLN C 891 47.41 -13.06 -58.50
C GLN C 891 46.08 -12.94 -57.78
N ALA C 892 45.12 -12.22 -58.37
CA ALA C 892 43.78 -12.20 -57.80
C ALA C 892 43.18 -13.61 -57.77
N LEU C 893 43.20 -14.28 -58.92
CA LEU C 893 42.82 -15.69 -58.97
C LEU C 893 43.58 -16.48 -57.91
N SER C 894 44.88 -16.22 -57.78
CA SER C 894 45.66 -16.89 -56.75
C SER C 894 45.10 -16.60 -55.36
N THR C 895 44.59 -15.38 -55.15
CA THR C 895 44.05 -15.02 -53.85
C THR C 895 42.60 -15.46 -53.66
N VAL C 896 41.92 -15.84 -54.73
CA VAL C 896 40.50 -16.19 -54.62
C VAL C 896 40.30 -17.65 -54.97
N THR C 897 39.07 -18.12 -54.86
CA THR C 897 38.73 -19.51 -55.10
C THR C 897 37.22 -19.70 -55.16
N PRO C 898 36.74 -20.67 -55.91
CA PRO C 898 35.31 -20.99 -55.88
C PRO C 898 34.91 -21.71 -54.60
N ARG C 899 34.61 -20.95 -53.55
CA ARG C 899 34.22 -21.54 -52.27
C ARG C 899 32.82 -22.13 -52.44
N ILE C 900 32.77 -23.33 -52.97
CA ILE C 900 31.51 -24.00 -53.27
C ILE C 900 31.45 -25.32 -52.50
N PRO C 901 31.35 -25.29 -51.16
CA PRO C 901 31.40 -26.53 -50.38
C PRO C 901 30.13 -27.36 -50.52
N PHE D 375 33.06 31.39 -6.84
CA PHE D 375 33.93 32.10 -5.92
C PHE D 375 34.76 31.13 -5.10
N LYS D 376 34.08 30.23 -4.41
CA LYS D 376 34.76 29.16 -3.71
C LYS D 376 34.95 27.94 -4.59
N VAL D 377 34.40 27.97 -5.81
CA VAL D 377 34.47 26.85 -6.72
C VAL D 377 34.95 27.29 -8.09
N THR D 378 35.78 28.32 -8.14
CA THR D 378 36.23 28.90 -9.40
C THR D 378 36.78 27.85 -10.36
N TYR D 379 36.74 28.16 -11.65
CA TYR D 379 37.34 27.27 -12.65
C TYR D 379 38.79 26.96 -12.33
N ASP D 380 39.46 27.86 -11.61
CA ASP D 380 40.85 27.66 -11.27
C ASP D 380 41.06 26.58 -10.23
N MET D 381 39.98 25.95 -9.75
CA MET D 381 40.08 24.85 -8.81
C MET D 381 39.58 23.54 -9.40
N ILE D 382 39.54 23.43 -10.72
CA ILE D 382 39.20 22.19 -11.40
C ILE D 382 40.16 22.01 -12.57
N GLY D 383 40.82 20.86 -12.61
CA GLY D 383 41.80 20.55 -13.62
C GLY D 383 41.31 19.44 -14.54
N GLY D 384 42.08 19.23 -15.61
CA GLY D 384 41.64 18.32 -16.64
C GLY D 384 40.37 18.84 -17.28
N LEU D 385 39.83 18.01 -18.17
CA LEU D 385 38.56 18.27 -18.85
C LEU D 385 38.57 19.57 -19.64
N SER D 386 39.75 20.13 -19.91
CA SER D 386 39.92 21.40 -20.59
C SER D 386 39.02 21.55 -21.81
N SER D 387 39.08 20.58 -22.73
CA SER D 387 38.24 20.64 -23.92
C SER D 387 36.77 20.73 -23.56
N GLN D 388 36.31 19.88 -22.65
CA GLN D 388 34.92 19.94 -22.21
C GLN D 388 34.62 21.25 -21.52
N LEU D 389 35.60 21.78 -20.79
CA LEU D 389 35.44 23.09 -20.17
C LEU D 389 35.12 24.14 -21.23
N LYS D 390 35.93 24.20 -22.28
CA LYS D 390 35.69 25.17 -23.34
C LYS D 390 34.35 24.94 -24.01
N ALA D 391 33.99 23.67 -24.22
CA ALA D 391 32.71 23.37 -24.84
C ALA D 391 31.54 23.90 -24.02
N ILE D 392 31.57 23.67 -22.71
CA ILE D 392 30.48 24.16 -21.87
C ILE D 392 30.47 25.67 -21.82
N ARG D 393 31.66 26.28 -21.69
CA ARG D 393 31.77 27.72 -21.77
C ARG D 393 31.06 28.25 -23.00
N GLU D 394 31.31 27.62 -24.15
CA GLU D 394 30.61 27.99 -25.36
C GLU D 394 29.10 27.88 -25.17
N ILE D 395 28.63 26.66 -24.92
CA ILE D 395 27.19 26.40 -24.90
C ILE D 395 26.44 27.21 -23.86
N ILE D 396 27.14 27.87 -22.95
CA ILE D 396 26.48 28.57 -21.86
C ILE D 396 26.66 30.08 -21.96
N GLU D 397 27.90 30.54 -22.16
CA GLU D 397 28.23 31.93 -21.89
C GLU D 397 27.45 32.87 -22.80
N LEU D 398 27.67 32.79 -24.10
CA LEU D 398 27.03 33.70 -25.06
C LEU D 398 25.55 33.91 -24.79
N PRO D 399 24.70 32.89 -24.64
CA PRO D 399 23.32 33.18 -24.23
C PRO D 399 23.24 33.79 -22.84
N LEU D 400 23.85 33.13 -21.86
CA LEU D 400 23.79 33.65 -20.51
C LEU D 400 24.59 34.94 -20.33
N LYS D 401 25.20 35.45 -21.39
CA LYS D 401 25.84 36.75 -21.34
C LYS D 401 25.38 37.70 -22.43
N GLN D 402 24.74 37.20 -23.49
CA GLN D 402 24.15 38.06 -24.52
C GLN D 402 22.79 37.50 -24.91
N PRO D 403 21.85 37.46 -23.95
CA PRO D 403 20.58 36.75 -24.19
C PRO D 403 19.71 37.40 -25.25
N GLU D 404 19.53 38.72 -25.16
CA GLU D 404 18.77 39.41 -26.19
C GLU D 404 19.51 39.43 -27.52
N LEU D 405 20.83 39.22 -27.50
CA LEU D 405 21.58 39.01 -28.73
C LEU D 405 21.31 37.65 -29.34
N PHE D 406 20.73 36.72 -28.58
CA PHE D 406 20.18 35.49 -29.13
C PHE D 406 18.73 35.67 -29.55
N LYS D 407 17.96 36.40 -28.76
CA LYS D 407 16.56 36.65 -29.10
C LYS D 407 16.44 37.43 -30.40
N SER D 408 17.33 38.40 -30.62
CA SER D 408 17.33 39.19 -31.85
C SER D 408 17.52 38.30 -33.07
N TYR D 409 18.19 37.15 -32.90
CA TYR D 409 18.29 36.17 -33.97
C TYR D 409 16.96 35.52 -34.29
N GLY D 410 15.91 35.80 -33.51
CA GLY D 410 14.70 35.01 -33.62
C GLY D 410 14.93 33.54 -33.39
N ILE D 411 15.99 33.20 -32.66
CA ILE D 411 16.45 31.83 -32.53
C ILE D 411 16.23 31.36 -31.10
N PRO D 412 15.75 30.14 -30.88
CA PRO D 412 15.54 29.68 -29.50
C PRO D 412 16.86 29.50 -28.77
N ALA D 413 16.75 29.43 -27.44
CA ALA D 413 17.88 29.23 -26.55
C ALA D 413 17.81 27.84 -25.93
N PRO D 414 18.94 27.13 -25.86
CA PRO D 414 18.91 25.75 -25.35
C PRO D 414 18.40 25.70 -23.92
N ARG D 415 17.31 24.95 -23.72
CA ARG D 415 16.74 24.78 -22.39
C ARG D 415 17.80 24.32 -21.40
N GLY D 416 18.41 23.18 -21.68
CA GLY D 416 19.45 22.67 -20.83
C GLY D 416 20.23 21.62 -21.58
N VAL D 417 21.39 21.29 -21.03
CA VAL D 417 22.25 20.29 -21.63
C VAL D 417 22.38 19.15 -20.64
N LEU D 418 22.62 17.96 -21.16
CA LEU D 418 22.72 16.76 -20.35
C LEU D 418 24.18 16.43 -20.12
N LEU D 419 24.61 16.51 -18.88
CA LEU D 419 25.95 16.07 -18.50
C LEU D 419 25.91 14.59 -18.15
N TYR D 420 26.97 13.87 -18.52
CA TYR D 420 27.03 12.48 -18.10
C TYR D 420 28.48 12.02 -18.08
N GLY D 421 28.69 10.92 -17.37
CA GLY D 421 30.00 10.40 -17.07
C GLY D 421 29.94 9.61 -15.78
N PRO D 422 30.80 8.61 -15.66
CA PRO D 422 30.75 7.73 -14.49
C PRO D 422 30.88 8.52 -13.20
N PRO D 423 30.35 8.00 -12.10
CA PRO D 423 30.48 8.74 -10.84
C PRO D 423 31.92 8.79 -10.40
N GLY D 424 32.18 9.44 -9.28
CA GLY D 424 33.53 9.62 -8.81
C GLY D 424 34.14 10.91 -9.26
N THR D 425 33.95 11.28 -10.52
CA THR D 425 34.40 12.59 -10.95
C THR D 425 33.45 13.69 -10.51
N GLY D 426 32.44 13.36 -9.70
CA GLY D 426 31.62 14.32 -8.97
C GLY D 426 31.27 15.57 -9.74
N LYS D 427 30.60 15.41 -10.89
CA LYS D 427 30.34 16.52 -11.80
C LYS D 427 29.80 17.75 -11.08
N THR D 428 29.20 17.57 -9.91
CA THR D 428 28.83 18.63 -9.00
C THR D 428 29.93 19.69 -8.94
N MET D 429 31.17 19.24 -8.95
CA MET D 429 32.29 20.16 -9.08
C MET D 429 32.03 21.14 -10.21
N ILE D 430 31.89 20.63 -11.43
CA ILE D 430 31.71 21.50 -12.59
C ILE D 430 30.45 22.34 -12.43
N ALA D 431 29.40 21.72 -11.90
CA ALA D 431 28.12 22.42 -11.79
C ALA D 431 28.28 23.68 -10.95
N ARG D 432 28.62 23.51 -9.67
CA ARG D 432 28.81 24.69 -8.82
C ARG D 432 29.86 25.62 -9.38
N ALA D 433 30.85 25.07 -10.09
CA ALA D 433 31.90 25.92 -10.64
C ALA D 433 31.33 26.95 -11.60
N VAL D 434 30.72 26.47 -12.68
CA VAL D 434 30.13 27.40 -13.62
C VAL D 434 29.08 28.25 -12.92
N ALA D 435 28.38 27.68 -11.94
CA ALA D 435 27.32 28.40 -11.25
C ALA D 435 27.85 29.66 -10.60
N ASN D 436 28.76 29.50 -9.64
CA ASN D 436 29.30 30.65 -8.92
C ASN D 436 30.38 31.37 -9.71
N GLU D 437 30.66 30.97 -10.94
CA GLU D 437 31.45 31.85 -11.79
C GLU D 437 30.56 32.83 -12.55
N VAL D 438 29.61 32.31 -13.32
CA VAL D 438 28.85 33.19 -14.23
C VAL D 438 27.99 34.14 -13.44
N GLY D 439 27.58 33.78 -12.24
CA GLY D 439 26.81 34.68 -11.42
C GLY D 439 25.32 34.48 -11.62
N ALA D 440 24.87 33.25 -11.45
CA ALA D 440 23.46 32.92 -11.61
C ALA D 440 22.80 32.72 -10.25
N TYR D 441 21.47 32.76 -10.26
CA TYR D 441 20.71 32.41 -9.07
C TYR D 441 20.78 30.89 -8.90
N VAL D 442 21.79 30.44 -8.17
CA VAL D 442 22.04 29.01 -8.05
C VAL D 442 20.91 28.36 -7.26
N SER D 443 20.54 27.15 -7.68
CA SER D 443 19.54 26.38 -6.96
C SER D 443 19.74 24.93 -7.37
N VAL D 444 20.04 24.08 -6.40
CA VAL D 444 20.48 22.72 -6.68
C VAL D 444 19.63 21.74 -5.91
N ILE D 445 19.37 20.58 -6.53
CA ILE D 445 18.77 19.43 -5.87
C ILE D 445 19.58 18.21 -6.26
N ASN D 446 19.35 17.11 -5.56
CA ASN D 446 20.12 15.90 -5.73
C ASN D 446 19.20 14.75 -6.11
N GLY D 447 19.81 13.69 -6.66
CA GLY D 447 19.09 12.61 -7.29
C GLY D 447 18.17 11.84 -6.37
N PRO D 448 18.73 11.10 -5.44
CA PRO D 448 17.87 10.34 -4.52
C PRO D 448 17.28 11.25 -3.46
N GLU D 449 18.00 12.33 -3.16
CA GLU D 449 17.54 13.25 -2.11
C GLU D 449 16.20 13.87 -2.44
N ILE D 450 15.92 14.08 -3.73
CA ILE D 450 14.68 14.76 -4.10
C ILE D 450 13.49 13.83 -3.93
N ILE D 451 13.65 12.55 -4.26
CA ILE D 451 12.54 11.61 -4.22
C ILE D 451 12.41 11.14 -2.78
N SER D 452 11.57 11.84 -2.02
CA SER D 452 11.19 11.43 -0.68
C SER D 452 9.99 10.49 -0.79
N LYS D 453 9.31 10.22 0.32
CA LYS D 453 8.10 9.38 0.31
C LYS D 453 6.85 10.18 -0.04
N PHE D 454 7.00 11.28 -0.75
CA PHE D 454 5.88 12.12 -1.15
C PHE D 454 5.42 11.76 -2.56
N TYR D 455 4.16 12.08 -2.86
CA TYR D 455 3.53 11.73 -4.13
C TYR D 455 2.99 13.01 -4.76
N GLY D 456 3.76 13.57 -5.68
CA GLY D 456 3.46 14.86 -6.25
C GLY D 456 3.89 16.03 -5.39
N GLU D 457 3.96 15.83 -4.07
CA GLU D 457 4.55 16.86 -3.21
C GLU D 457 6.00 17.10 -3.59
N THR D 458 6.69 16.07 -4.07
CA THR D 458 7.99 16.28 -4.68
C THR D 458 7.85 17.10 -5.96
N GLU D 459 6.81 16.83 -6.74
CA GLU D 459 6.52 17.68 -7.88
C GLU D 459 6.16 19.09 -7.43
N ALA D 460 5.47 19.22 -6.30
CA ALA D 460 5.19 20.53 -5.76
C ALA D 460 6.49 21.28 -5.45
N LYS D 461 7.38 20.63 -4.72
CA LYS D 461 8.71 21.17 -4.44
C LYS D 461 9.39 21.61 -5.72
N LEU D 462 9.41 20.72 -6.71
CA LEU D 462 9.98 21.01 -8.02
C LEU D 462 9.41 22.32 -8.53
N ARG D 463 8.10 22.33 -8.77
CA ARG D 463 7.45 23.49 -9.36
C ARG D 463 7.77 24.76 -8.59
N GLN D 464 7.82 24.66 -7.26
CA GLN D 464 8.05 25.84 -6.45
C GLN D 464 9.46 26.38 -6.69
N ILE D 465 10.45 25.50 -6.69
CA ILE D 465 11.81 25.93 -7.01
C ILE D 465 11.85 26.53 -8.41
N PHE D 466 11.22 25.84 -9.36
CA PHE D 466 11.20 26.29 -10.73
C PHE D 466 10.71 27.72 -10.83
N ALA D 467 9.53 27.98 -10.26
CA ALA D 467 8.96 29.32 -10.34
C ALA D 467 9.83 30.33 -9.65
N GLU D 468 10.21 30.07 -8.39
CA GLU D 468 10.96 31.07 -7.64
C GLU D 468 12.28 31.40 -8.33
N ALA D 469 12.87 30.42 -9.01
CA ALA D 469 14.07 30.72 -9.79
C ALA D 469 13.71 31.48 -11.05
N THR D 470 12.53 31.22 -11.62
CA THR D 470 12.08 32.00 -12.77
C THR D 470 11.97 33.47 -12.41
N LEU D 471 11.59 33.75 -11.16
CA LEU D 471 11.62 35.13 -10.67
C LEU D 471 12.98 35.77 -10.93
N ARG D 472 14.04 35.13 -10.43
CA ARG D 472 15.41 35.58 -10.72
C ARG D 472 15.87 34.92 -12.00
N HIS D 473 15.40 35.46 -13.12
CA HIS D 473 15.70 34.95 -14.46
C HIS D 473 17.13 34.47 -14.63
N PRO D 474 18.17 35.18 -14.18
CA PRO D 474 19.51 34.55 -14.22
C PRO D 474 19.62 33.45 -13.18
N SER D 475 19.00 32.32 -13.49
CA SER D 475 18.97 31.17 -12.60
C SER D 475 19.45 29.95 -13.36
N ILE D 476 19.99 28.99 -12.61
CA ILE D 476 20.38 27.69 -13.16
C ILE D 476 19.99 26.62 -12.16
N ILE D 477 19.18 25.68 -12.60
CA ILE D 477 18.81 24.52 -11.80
C ILE D 477 19.60 23.33 -12.32
N PHE D 478 20.09 22.51 -11.40
CA PHE D 478 20.83 21.31 -11.75
C PHE D 478 20.28 20.14 -10.97
N ILE D 479 20.39 18.95 -11.55
CA ILE D 479 20.07 17.72 -10.86
C ILE D 479 21.16 16.70 -11.17
N ASP D 480 21.65 16.03 -10.15
CA ASP D 480 22.49 14.86 -10.36
C ASP D 480 21.61 13.62 -10.36
N GLU D 481 22.16 12.54 -10.91
CA GLU D 481 21.49 11.25 -10.93
C GLU D 481 20.02 11.41 -11.33
N LEU D 482 19.82 12.19 -12.39
CA LEU D 482 18.46 12.42 -12.87
C LEU D 482 17.80 11.12 -13.27
N ASP D 483 18.59 10.09 -13.56
CA ASP D 483 18.05 8.76 -13.74
C ASP D 483 17.27 8.29 -12.51
N ALA D 484 17.69 8.72 -11.32
CA ALA D 484 17.03 8.27 -10.10
C ALA D 484 15.60 8.80 -10.02
N LEU D 485 15.44 10.13 -10.07
CA LEU D 485 14.11 10.71 -10.01
C LEU D 485 13.21 10.15 -11.10
N CYS D 486 13.75 9.97 -12.29
CA CYS D 486 12.99 9.45 -13.43
C CYS D 486 13.72 8.20 -13.92
N PRO D 487 13.44 7.06 -13.33
CA PRO D 487 13.97 5.80 -13.85
C PRO D 487 13.13 5.32 -15.03
N LYS D 488 13.46 4.13 -15.52
CA LYS D 488 12.80 3.60 -16.70
C LYS D 488 11.30 3.47 -16.48
N ARG D 489 10.53 3.75 -17.53
CA ARG D 489 9.08 3.57 -17.46
C ARG D 489 8.72 2.11 -17.20
N GLU D 490 9.11 1.23 -18.11
CA GLU D 490 8.90 -0.20 -17.89
C GLU D 490 9.78 -0.73 -16.76
N GLY D 491 10.78 0.03 -16.34
CA GLY D 491 11.68 -0.35 -15.26
C GLY D 491 11.33 0.22 -13.90
N ALA D 492 10.20 0.91 -13.77
CA ALA D 492 9.76 1.44 -12.48
C ALA D 492 8.28 1.16 -12.32
N GLN D 493 7.93 0.49 -11.21
CA GLN D 493 6.53 0.12 -11.01
C GLN D 493 5.71 1.31 -10.53
N ASN D 494 6.29 2.16 -9.68
CA ASN D 494 5.54 3.23 -9.04
C ASN D 494 5.05 4.23 -10.09
N GLU D 495 3.75 4.23 -10.35
CA GLU D 495 3.18 5.19 -11.27
C GLU D 495 3.36 6.62 -10.79
N VAL D 496 3.49 6.82 -9.48
CA VAL D 496 3.73 8.17 -8.95
C VAL D 496 5.03 8.74 -9.52
N GLU D 497 6.05 7.90 -9.65
CA GLU D 497 7.30 8.36 -10.24
C GLU D 497 7.09 8.87 -11.66
N LYS D 498 6.24 8.19 -12.42
CA LYS D 498 5.95 8.64 -13.78
C LYS D 498 5.06 9.88 -13.78
N ARG D 499 4.21 10.04 -12.77
CA ARG D 499 3.53 11.31 -12.58
C ARG D 499 4.55 12.44 -12.41
N VAL D 500 5.58 12.18 -11.60
CA VAL D 500 6.65 13.15 -11.43
C VAL D 500 7.34 13.40 -12.77
N VAL D 501 7.52 12.35 -13.56
CA VAL D 501 8.10 12.51 -14.89
C VAL D 501 7.28 13.48 -15.71
N ALA D 502 5.97 13.23 -15.80
CA ALA D 502 5.09 14.09 -16.58
C ALA D 502 5.14 15.52 -16.09
N SER D 503 5.15 15.71 -14.77
CA SER D 503 5.23 17.06 -14.23
C SER D 503 6.53 17.71 -14.64
N LEU D 504 7.63 16.97 -14.60
CA LEU D 504 8.91 17.50 -15.07
C LEU D 504 8.80 17.94 -16.51
N LEU D 505 8.15 17.13 -17.34
CA LEU D 505 7.96 17.49 -18.74
C LEU D 505 7.23 18.82 -18.85
N THR D 506 6.08 18.94 -18.18
CA THR D 506 5.32 20.16 -18.23
C THR D 506 6.14 21.35 -17.77
N LEU D 507 6.90 21.18 -16.69
CA LEU D 507 7.71 22.26 -16.17
C LEU D 507 8.76 22.67 -17.19
N MET D 508 9.37 21.70 -17.86
CA MET D 508 10.41 22.00 -18.82
C MET D 508 9.84 22.70 -20.04
N ASP D 509 8.60 22.40 -20.39
CA ASP D 509 7.92 23.21 -21.40
C ASP D 509 7.66 24.61 -20.87
N GLY D 510 7.33 24.72 -19.59
CA GLY D 510 7.30 26.00 -18.92
C GLY D 510 8.64 26.70 -18.91
N ILE D 511 9.72 25.97 -19.19
CA ILE D 511 11.01 26.60 -19.45
C ILE D 511 11.12 27.03 -20.91
N GLY D 512 10.46 26.32 -21.82
CA GLY D 512 10.32 26.82 -23.17
C GLY D 512 9.21 27.84 -23.25
N SER D 513 9.14 28.71 -22.25
CA SER D 513 8.10 29.72 -22.15
C SER D 513 8.63 31.07 -22.62
N GLU D 514 7.70 31.96 -22.95
CA GLU D 514 8.06 33.23 -23.58
C GLU D 514 8.65 34.21 -22.57
N VAL D 515 8.04 34.31 -21.38
CA VAL D 515 8.41 35.34 -20.42
C VAL D 515 9.89 35.25 -20.08
N SER D 516 10.46 34.05 -20.05
CA SER D 516 11.85 33.82 -19.68
C SER D 516 12.49 32.85 -20.65
N GLU D 517 12.34 33.11 -21.95
CA GLU D 517 12.84 32.22 -22.99
C GLU D 517 14.34 31.95 -22.82
N GLY D 518 14.66 30.69 -22.51
CA GLY D 518 16.03 30.27 -22.36
C GLY D 518 16.78 30.92 -21.23
N GLN D 519 16.21 30.87 -20.02
CA GLN D 519 16.89 31.49 -18.89
C GLN D 519 16.97 30.54 -17.70
N VAL D 520 15.99 29.65 -17.55
CA VAL D 520 15.99 28.69 -16.46
C VAL D 520 16.73 27.45 -16.98
N LEU D 521 18.05 27.49 -16.89
CA LEU D 521 18.85 26.40 -17.42
C LEU D 521 18.73 25.19 -16.50
N VAL D 522 18.18 24.11 -17.04
CA VAL D 522 18.15 22.84 -16.33
C VAL D 522 19.43 22.08 -16.63
N LEU D 523 19.98 21.41 -15.62
CA LEU D 523 21.23 20.68 -15.78
C LEU D 523 21.04 19.27 -15.23
N GLY D 524 21.10 18.28 -16.11
CA GLY D 524 20.95 16.88 -15.74
C GLY D 524 22.28 16.16 -15.82
N ALA D 525 22.54 15.33 -14.83
CA ALA D 525 23.81 14.63 -14.76
C ALA D 525 23.61 13.29 -14.10
N THR D 526 23.96 12.22 -14.82
CA THR D 526 23.94 10.88 -14.26
C THR D 526 24.85 9.99 -15.07
N ASN D 527 25.09 8.80 -14.54
CA ASN D 527 25.90 7.83 -15.26
C ASN D 527 25.15 7.29 -16.47
N ARG D 528 24.02 6.66 -16.24
CA ARG D 528 23.37 5.87 -17.27
C ARG D 528 22.60 6.77 -18.21
N PRO D 529 22.94 6.82 -19.50
CA PRO D 529 22.06 7.49 -20.46
C PRO D 529 20.93 6.57 -20.89
N HIS D 530 21.17 5.26 -20.82
CA HIS D 530 20.17 4.29 -21.25
C HIS D 530 18.87 4.42 -20.44
N ALA D 531 18.96 4.19 -19.14
CA ALA D 531 17.79 4.07 -18.29
C ALA D 531 16.99 5.38 -18.24
N LEU D 532 17.52 6.43 -18.85
CA LEU D 532 16.78 7.69 -18.91
C LEU D 532 15.50 7.52 -19.70
N ASP D 533 14.60 8.47 -19.54
CA ASP D 533 13.31 8.42 -20.22
C ASP D 533 13.47 8.90 -21.66
N ALA D 534 13.00 8.08 -22.60
CA ALA D 534 13.21 8.35 -24.01
C ALA D 534 12.75 9.75 -24.39
N ALA D 535 11.53 10.13 -23.98
CA ALA D 535 10.97 11.41 -24.37
C ALA D 535 11.83 12.58 -23.92
N LEU D 536 12.76 12.37 -22.99
CA LEU D 536 13.60 13.46 -22.55
C LEU D 536 14.57 13.91 -23.64
N ARG D 537 14.95 12.99 -24.53
CA ARG D 537 15.88 13.28 -25.60
C ARG D 537 15.21 13.88 -26.83
N ARG D 538 13.97 14.32 -26.70
CA ARG D 538 13.26 14.92 -27.80
C ARG D 538 13.65 16.39 -27.93
N PRO D 539 13.37 17.02 -29.07
CA PRO D 539 13.85 18.38 -29.32
C PRO D 539 13.47 19.35 -28.20
N GLY D 540 14.36 20.31 -27.96
CA GLY D 540 14.09 21.34 -26.97
C GLY D 540 13.93 20.83 -25.56
N ARG D 541 14.33 19.59 -25.28
CA ARG D 541 14.29 19.05 -23.94
C ARG D 541 15.66 18.66 -23.43
N PHE D 542 16.39 17.82 -24.16
CA PHE D 542 17.76 17.49 -23.81
C PHE D 542 18.50 17.15 -25.11
N ASP D 543 19.21 18.13 -25.65
CA ASP D 543 19.88 17.95 -26.93
C ASP D 543 21.36 17.67 -26.77
N LYS D 544 22.10 18.59 -26.17
CA LYS D 544 23.55 18.50 -26.13
C LYS D 544 23.96 17.61 -24.97
N GLU D 545 24.48 16.44 -25.27
CA GLU D 545 24.96 15.50 -24.26
C GLU D 545 26.48 15.61 -24.19
N ILE D 546 26.98 16.16 -23.09
CA ILE D 546 28.42 16.28 -22.86
C ILE D 546 28.86 15.11 -21.99
N GLU D 547 29.79 14.33 -22.51
CA GLU D 547 30.41 13.26 -21.75
C GLU D 547 31.60 13.80 -20.98
N ILE D 548 31.72 13.38 -19.72
CA ILE D 548 32.90 13.64 -18.91
C ILE D 548 33.35 12.28 -18.40
N GLY D 549 34.22 11.62 -19.16
CA GLY D 549 34.66 10.29 -18.83
C GLY D 549 35.76 10.27 -17.80
N VAL D 550 36.15 9.06 -17.44
CA VAL D 550 37.26 8.83 -16.53
C VAL D 550 38.47 9.58 -17.07
N PRO D 551 39.20 10.30 -16.25
CA PRO D 551 40.27 11.15 -16.76
C PRO D 551 41.41 10.39 -17.40
N ASN D 552 42.35 11.14 -17.97
CA ASN D 552 43.47 10.62 -18.72
C ASN D 552 44.76 10.89 -17.97
N ALA D 553 45.81 10.13 -18.34
CA ALA D 553 47.12 10.26 -17.73
C ALA D 553 47.55 11.71 -17.60
N GLN D 554 47.64 12.41 -18.72
CA GLN D 554 47.94 13.84 -18.66
C GLN D 554 46.91 14.58 -17.82
N ASP D 555 45.64 14.22 -17.97
CA ASP D 555 44.60 14.88 -17.20
C ASP D 555 44.70 14.53 -15.73
N ARG D 556 44.99 13.27 -15.42
CA ARG D 556 45.29 12.88 -14.06
C ARG D 556 46.34 13.81 -13.47
N LEU D 557 47.46 13.94 -14.17
CA LEU D 557 48.55 14.79 -13.69
C LEU D 557 48.07 16.22 -13.46
N ASP D 558 47.31 16.76 -14.41
CA ASP D 558 46.86 18.13 -14.29
C ASP D 558 46.02 18.33 -13.04
N ILE D 559 44.98 17.50 -12.88
CA ILE D 559 44.09 17.69 -11.75
C ILE D 559 44.85 17.45 -10.45
N LEU D 560 45.80 16.53 -10.46
CA LEU D 560 46.59 16.29 -9.26
C LEU D 560 47.39 17.52 -8.89
N GLN D 561 48.02 18.15 -9.88
CA GLN D 561 48.79 19.36 -9.62
C GLN D 561 47.92 20.45 -9.05
N LYS D 562 46.83 20.77 -9.76
CA LYS D 562 45.98 21.86 -9.32
C LYS D 562 45.42 21.60 -7.93
N LEU D 563 45.19 20.33 -7.59
CA LEU D 563 44.77 20.00 -6.24
C LEU D 563 45.90 20.26 -5.25
N LEU D 564 47.07 19.65 -5.50
CA LEU D 564 48.19 19.75 -4.58
C LEU D 564 48.66 21.18 -4.37
N ARG D 565 48.22 22.11 -5.22
CA ARG D 565 48.73 23.48 -5.24
C ARG D 565 49.13 24.07 -3.90
N ARG D 566 48.32 23.90 -2.86
CA ARG D 566 48.52 24.60 -1.59
C ARG D 566 48.98 23.68 -0.47
N VAL D 567 49.88 22.74 -0.76
CA VAL D 567 50.40 21.85 0.28
C VAL D 567 51.92 21.78 0.17
N PRO D 568 52.65 21.89 1.29
CA PRO D 568 54.11 21.80 1.22
C PRO D 568 54.56 20.40 0.82
N HIS D 569 55.39 20.34 -0.22
CA HIS D 569 55.89 19.07 -0.72
C HIS D 569 57.23 19.28 -1.39
N LEU D 570 57.89 18.18 -1.71
CA LEU D 570 59.26 18.17 -2.20
C LEU D 570 59.40 17.26 -3.41
N LEU D 571 58.52 17.44 -4.39
CA LEU D 571 58.44 16.53 -5.51
C LEU D 571 58.88 17.21 -6.81
N THR D 572 59.35 16.40 -7.75
CA THR D 572 59.75 16.88 -9.07
C THR D 572 58.77 16.35 -10.11
N GLU D 573 58.41 17.22 -11.05
CA GLU D 573 57.31 16.92 -11.95
C GLU D 573 57.54 15.70 -12.82
N ALA D 574 58.78 15.22 -12.93
CA ALA D 574 59.05 14.02 -13.73
C ALA D 574 58.60 12.77 -12.99
N GLU D 575 59.15 12.52 -11.80
CA GLU D 575 58.63 11.45 -10.97
C GLU D 575 57.18 11.70 -10.59
N LEU D 576 56.73 12.95 -10.58
CA LEU D 576 55.30 13.21 -10.45
C LEU D 576 54.54 12.60 -11.61
N LEU D 577 55.01 12.81 -12.83
CA LEU D 577 54.39 12.20 -13.99
C LEU D 577 54.44 10.68 -13.88
N GLN D 578 55.51 10.15 -13.30
CA GLN D 578 55.56 8.72 -13.03
C GLN D 578 54.39 8.31 -12.12
N LEU D 579 54.27 8.98 -10.98
CA LEU D 579 53.16 8.71 -10.07
C LEU D 579 51.84 8.79 -10.79
N ALA D 580 51.68 9.78 -11.67
CA ALA D 580 50.46 9.88 -12.46
C ALA D 580 50.25 8.62 -13.27
N ASN D 581 51.28 8.19 -14.00
CA ASN D 581 51.20 6.93 -14.73
C ASN D 581 50.72 5.80 -13.83
N SER D 582 51.10 5.83 -12.56
CA SER D 582 50.69 4.77 -11.66
C SER D 582 49.19 4.72 -11.43
N ALA D 583 48.46 5.79 -11.76
CA ALA D 583 47.08 5.92 -11.28
C ALA D 583 46.06 5.37 -12.27
N HIS D 584 46.27 4.14 -12.74
CA HIS D 584 45.27 3.52 -13.60
C HIS D 584 43.96 3.36 -12.86
N GLY D 585 42.86 3.51 -13.60
CA GLY D 585 41.54 3.33 -13.03
C GLY D 585 41.23 4.24 -11.86
N TYR D 586 42.02 5.28 -11.69
CA TYR D 586 41.83 6.21 -10.58
C TYR D 586 40.95 7.38 -11.00
N VAL D 587 40.35 8.03 -10.01
CA VAL D 587 39.46 9.16 -10.25
C VAL D 587 39.87 10.30 -9.33
N GLY D 588 39.40 11.49 -9.67
CA GLY D 588 39.69 12.67 -8.88
C GLY D 588 39.45 12.50 -7.41
N ALA D 589 38.19 12.32 -7.02
CA ALA D 589 37.81 12.18 -5.62
C ALA D 589 38.82 11.31 -4.89
N ASP D 590 39.19 10.21 -5.53
CA ASP D 590 40.19 9.36 -4.93
C ASP D 590 41.57 10.01 -4.96
N LEU D 591 41.83 10.93 -5.89
CA LEU D 591 43.09 11.65 -5.79
C LEU D 591 43.11 12.56 -4.58
N LYS D 592 41.98 13.19 -4.28
CA LYS D 592 41.91 14.00 -3.07
C LYS D 592 42.14 13.14 -1.84
N VAL D 593 41.47 11.99 -1.80
CA VAL D 593 41.68 11.07 -0.68
C VAL D 593 43.14 10.66 -0.61
N LEU D 594 43.78 10.48 -1.76
CA LEU D 594 45.19 10.13 -1.80
C LEU D 594 46.03 11.21 -1.15
N CYS D 595 45.82 12.46 -1.56
CA CYS D 595 46.60 13.55 -0.98
C CYS D 595 46.41 13.61 0.53
N ASN D 596 45.16 13.52 0.99
CA ASN D 596 44.90 13.56 2.42
C ASN D 596 45.67 12.46 3.12
N GLU D 597 45.48 11.22 2.68
CA GLU D 597 46.13 10.10 3.36
C GLU D 597 47.63 10.20 3.30
N ALA D 598 48.17 10.75 2.22
CA ALA D 598 49.62 10.87 2.09
C ALA D 598 50.16 11.84 3.12
N GLY D 599 49.55 13.01 3.23
CA GLY D 599 49.90 13.90 4.32
C GLY D 599 49.79 13.21 5.65
N LEU D 600 48.72 12.43 5.83
CA LEU D 600 48.53 11.71 7.09
C LEU D 600 49.73 10.81 7.38
N CYS D 601 50.15 10.03 6.40
CA CYS D 601 51.19 9.05 6.68
C CYS D 601 52.55 9.72 6.82
N ALA D 602 52.77 10.83 6.13
CA ALA D 602 54.00 11.58 6.37
C ALA D 602 54.02 12.11 7.80
N LEU D 603 52.87 12.58 8.27
CA LEU D 603 52.74 12.93 9.69
C LEU D 603 53.11 11.75 10.55
N ARG D 604 52.61 10.57 10.19
CA ARG D 604 52.93 9.35 10.94
C ARG D 604 54.43 9.13 10.97
N ARG D 605 55.10 9.33 9.84
CA ARG D 605 56.55 9.14 9.79
C ARG D 605 57.24 10.10 10.74
N ILE D 606 56.93 11.37 10.62
CA ILE D 606 57.56 12.37 11.49
C ILE D 606 57.32 12.01 12.95
N LEU D 607 56.11 11.55 13.28
CA LEU D 607 55.85 11.12 14.65
C LEU D 607 56.75 9.96 15.05
N LYS D 608 56.84 8.94 14.20
CA LYS D 608 57.70 7.81 14.49
C LYS D 608 59.18 8.20 14.52
N LYS D 609 59.52 9.42 14.12
CA LYS D 609 60.86 9.93 14.33
C LYS D 609 60.99 10.77 15.58
N GLN D 610 59.88 11.20 16.18
CA GLN D 610 59.92 12.04 17.38
C GLN D 610 58.71 11.77 18.25
N PRO D 611 58.91 11.29 19.48
CA PRO D 611 57.79 10.74 20.25
C PRO D 611 56.70 11.72 20.63
N ASN D 612 57.03 12.79 21.35
CA ASN D 612 56.02 13.60 22.02
C ASN D 612 56.30 15.09 21.85
N LEU D 613 56.53 15.50 20.62
CA LEU D 613 56.74 16.92 20.36
C LEU D 613 55.40 17.64 20.31
N PRO D 614 55.38 18.94 20.61
CA PRO D 614 54.10 19.66 20.64
C PRO D 614 53.52 19.83 19.25
N ASP D 615 52.18 19.75 19.18
CA ASP D 615 51.47 19.81 17.91
C ASP D 615 51.91 20.99 17.07
N VAL D 616 52.32 22.09 17.71
CA VAL D 616 52.79 23.26 16.96
C VAL D 616 54.04 22.91 16.15
N LYS D 617 55.06 22.37 16.81
CA LYS D 617 56.32 22.11 16.13
C LYS D 617 56.20 20.97 15.13
N VAL D 618 55.36 19.98 15.44
CA VAL D 618 55.04 18.94 14.46
C VAL D 618 54.44 19.57 13.21
N ALA D 619 53.32 20.28 13.39
CA ALA D 619 52.66 20.94 12.28
C ALA D 619 53.63 21.81 11.49
N GLY D 620 54.62 22.37 12.14
CA GLY D 620 55.61 23.16 11.44
C GLY D 620 56.66 22.38 10.69
N LEU D 621 56.50 21.07 10.53
CA LEU D 621 57.57 20.26 9.96
C LEU D 621 57.13 19.28 8.88
N VAL D 622 55.83 19.02 8.72
CA VAL D 622 55.41 18.03 7.74
C VAL D 622 55.83 18.46 6.35
N LYS D 623 56.35 17.51 5.57
CA LYS D 623 56.77 17.76 4.21
C LYS D 623 56.49 16.50 3.40
N ILE D 624 55.60 16.60 2.43
CA ILE D 624 55.17 15.44 1.67
C ILE D 624 56.21 15.12 0.61
N THR D 625 56.60 13.84 0.53
CA THR D 625 57.63 13.43 -0.42
C THR D 625 57.12 12.31 -1.32
N LEU D 626 58.02 11.74 -2.11
CA LEU D 626 57.62 10.68 -3.04
C LEU D 626 57.28 9.39 -2.30
N LYS D 627 58.22 8.88 -1.51
CA LYS D 627 57.97 7.67 -0.74
C LYS D 627 56.66 7.77 0.03
N ASP D 628 56.33 8.98 0.49
CA ASP D 628 55.05 9.22 1.11
C ASP D 628 53.91 8.78 0.20
N PHE D 629 53.86 9.35 -1.00
CA PHE D 629 52.80 9.00 -1.94
C PHE D 629 52.82 7.51 -2.26
N LEU D 630 54.01 6.94 -2.44
CA LEU D 630 54.11 5.53 -2.79
C LEU D 630 53.47 4.68 -1.71
N GLN D 631 53.98 4.77 -0.48
CA GLN D 631 53.40 4.03 0.62
C GLN D 631 51.92 4.32 0.74
N ALA D 632 51.50 5.53 0.39
CA ALA D 632 50.08 5.87 0.47
C ALA D 632 49.27 5.09 -0.55
N MET D 633 49.86 4.82 -1.71
CA MET D 633 49.10 4.31 -2.84
C MET D 633 48.33 3.05 -2.49
N ASN D 634 49.05 2.00 -2.08
CA ASN D 634 48.45 0.68 -1.88
C ASN D 634 47.42 0.68 -0.75
N ASP D 635 47.24 1.82 -0.08
CA ASP D 635 46.31 1.85 1.04
C ASP D 635 44.87 1.88 0.58
N ILE D 636 44.57 2.64 -0.49
CA ILE D 636 43.20 2.84 -0.93
C ILE D 636 43.06 2.45 -2.39
N ARG D 637 42.07 1.64 -2.68
CA ARG D 637 41.85 1.18 -4.03
C ARG D 637 41.19 2.26 -4.87
N PRO D 638 41.58 2.39 -6.13
CA PRO D 638 40.83 3.27 -7.04
C PRO D 638 39.43 2.75 -7.23
N SER D 639 38.56 3.61 -7.73
CA SER D 639 37.13 3.31 -7.77
C SER D 639 36.68 2.76 -9.11
N ALA D 640 36.90 3.48 -10.20
CA ALA D 640 36.23 3.13 -11.44
C ALA D 640 36.67 1.76 -11.97
N MET D 641 37.87 1.69 -12.53
CA MET D 641 38.49 0.44 -12.97
C MET D 641 37.50 -0.48 -13.67
N ARG D 642 36.46 0.10 -14.25
CA ARG D 642 35.42 -0.73 -14.83
C ARG D 642 35.08 -0.31 -16.26
N GLU D 643 35.06 0.99 -16.52
CA GLU D 643 34.81 1.45 -17.87
C GLU D 643 36.11 1.49 -18.65
N ILE D 644 36.03 1.12 -19.92
CA ILE D 644 37.22 1.09 -20.76
C ILE D 644 37.70 2.51 -20.97
N ALA D 645 38.78 2.88 -20.28
CA ALA D 645 39.26 4.25 -20.35
C ALA D 645 39.97 4.51 -21.67
N ILE D 646 40.12 5.78 -21.99
CA ILE D 646 40.85 6.16 -23.18
C ILE D 646 42.33 6.18 -22.81
N ASP D 647 42.95 5.02 -22.90
CA ASP D 647 44.33 4.88 -22.43
C ASP D 647 45.27 5.46 -23.45
N VAL D 648 46.57 5.29 -23.22
CA VAL D 648 47.58 5.65 -24.20
C VAL D 648 48.53 4.47 -24.33
N PRO D 649 48.84 4.04 -25.55
CA PRO D 649 49.72 2.88 -25.74
C PRO D 649 51.12 3.15 -25.19
N ASN D 650 51.50 2.39 -24.17
CA ASN D 650 52.79 2.56 -23.52
C ASN D 650 53.88 1.70 -24.14
N VAL D 651 53.52 0.68 -24.91
CA VAL D 651 54.49 -0.26 -25.44
C VAL D 651 55.35 0.41 -26.49
N SER D 652 56.42 -0.23 -26.89
CA SER D 652 57.41 0.37 -27.78
C SER D 652 57.67 -0.53 -28.97
N TRP D 653 57.79 0.09 -30.14
CA TRP D 653 58.35 -0.61 -31.31
C TRP D 653 59.68 -1.24 -30.97
N SER D 654 60.43 -0.64 -30.05
CA SER D 654 61.75 -1.15 -29.69
C SER D 654 61.68 -2.57 -29.17
N ASP D 655 60.61 -2.91 -28.45
CA ASP D 655 60.52 -4.22 -27.80
C ASP D 655 59.85 -5.24 -28.70
N ILE D 656 60.35 -5.36 -29.92
CA ILE D 656 59.81 -6.26 -30.94
C ILE D 656 60.97 -6.92 -31.64
N GLY D 657 60.80 -8.20 -31.99
CA GLY D 657 61.82 -8.91 -32.73
C GLY D 657 61.85 -8.56 -34.21
N GLY D 658 61.83 -7.27 -34.52
CA GLY D 658 61.89 -6.82 -35.90
C GLY D 658 60.55 -6.86 -36.59
N LEU D 659 60.42 -7.73 -37.61
CA LEU D 659 59.18 -7.89 -38.36
C LEU D 659 58.80 -6.62 -39.09
N GLU D 660 59.79 -5.81 -39.45
CA GLU D 660 59.52 -4.47 -39.97
C GLU D 660 58.75 -4.52 -41.27
N SER D 661 58.89 -5.59 -42.06
CA SER D 661 58.06 -5.72 -43.25
C SER D 661 56.58 -5.74 -42.88
N ILE D 662 56.24 -6.49 -41.83
CA ILE D 662 54.87 -6.50 -41.35
C ILE D 662 54.44 -5.12 -40.89
N LYS D 663 55.34 -4.41 -40.19
CA LYS D 663 55.02 -3.08 -39.71
C LYS D 663 54.78 -2.12 -40.87
N LEU D 664 55.55 -2.27 -41.94
CA LEU D 664 55.35 -1.43 -43.12
C LEU D 664 54.01 -1.71 -43.76
N LYS D 665 53.68 -3.00 -43.94
CA LYS D 665 52.36 -3.34 -44.44
C LYS D 665 51.27 -2.73 -43.56
N LEU D 666 51.47 -2.76 -42.24
CA LEU D 666 50.46 -2.27 -41.32
C LEU D 666 50.28 -0.76 -41.43
N GLU D 667 51.38 -0.02 -41.40
CA GLU D 667 51.28 1.42 -41.53
C GLU D 667 50.66 1.80 -42.86
N GLN D 668 51.03 1.09 -43.93
CA GLN D 668 50.48 1.39 -45.23
C GLN D 668 48.97 1.18 -45.24
N ALA D 669 48.54 0.04 -44.68
CA ALA D 669 47.12 -0.26 -44.59
C ALA D 669 46.38 0.84 -43.84
N VAL D 670 46.84 1.14 -42.62
CA VAL D 670 46.11 2.08 -41.80
C VAL D 670 46.17 3.50 -42.36
N GLU D 671 47.18 3.81 -43.17
CA GLU D 671 47.37 5.18 -43.62
C GLU D 671 46.63 5.48 -44.91
N TRP D 672 46.71 4.59 -45.90
CA TRP D 672 46.13 4.85 -47.23
C TRP D 672 44.77 5.52 -47.22
N PRO D 673 43.77 5.05 -46.46
CA PRO D 673 42.45 5.70 -46.50
C PRO D 673 42.43 7.11 -45.94
N LEU D 674 43.57 7.67 -45.54
CA LEU D 674 43.58 9.04 -45.05
C LEU D 674 43.81 10.03 -46.17
N LYS D 675 44.85 9.79 -46.98
CA LYS D 675 45.23 10.72 -48.04
C LYS D 675 44.88 10.20 -49.43
N HIS D 676 44.99 8.90 -49.66
CA HIS D 676 44.77 8.31 -50.96
C HIS D 676 43.34 8.31 -51.50
N PRO D 677 42.26 8.41 -50.66
CA PRO D 677 40.89 8.41 -51.20
C PRO D 677 40.70 9.13 -52.52
N GLU D 678 41.39 10.25 -52.70
CA GLU D 678 41.31 10.99 -53.95
C GLU D 678 41.85 10.19 -55.13
N SER D 679 42.72 9.21 -54.87
CA SER D 679 43.18 8.27 -55.89
C SER D 679 42.35 7.00 -55.91
N PHE D 680 41.77 6.61 -54.78
CA PHE D 680 40.88 5.46 -54.75
C PHE D 680 39.65 5.69 -55.62
N ILE D 681 39.00 6.84 -55.42
CA ILE D 681 37.86 7.16 -56.28
C ILE D 681 38.30 7.27 -57.73
N ARG D 682 39.53 7.72 -57.96
CA ARG D 682 40.09 7.66 -59.31
C ARG D 682 40.18 6.23 -59.79
N MET D 683 40.69 5.34 -58.93
CA MET D 683 40.59 3.92 -59.23
C MET D 683 39.15 3.45 -59.24
N GLY D 684 38.28 4.16 -58.51
CA GLY D 684 36.87 3.79 -58.48
C GLY D 684 36.61 2.50 -57.76
N ILE D 685 36.85 2.48 -56.45
CA ILE D 685 36.66 1.28 -55.65
C ILE D 685 36.62 1.69 -54.19
N GLN D 686 35.83 0.97 -53.41
CA GLN D 686 35.64 1.30 -52.00
C GLN D 686 36.89 0.97 -51.21
N PRO D 687 37.48 1.93 -50.49
CA PRO D 687 38.67 1.65 -49.68
C PRO D 687 38.39 0.63 -48.60
N PRO D 688 39.40 -0.12 -48.18
CA PRO D 688 39.22 -1.13 -47.13
C PRO D 688 39.43 -0.57 -45.74
N LYS D 689 38.75 -1.18 -44.78
CA LYS D 689 38.76 -0.69 -43.40
C LYS D 689 39.43 -1.66 -42.45
N GLY D 690 38.95 -2.90 -42.36
CA GLY D 690 39.34 -3.78 -41.27
C GLY D 690 40.61 -4.57 -41.51
N VAL D 691 41.56 -4.44 -40.59
CA VAL D 691 42.80 -5.21 -40.62
C VAL D 691 42.75 -6.25 -39.52
N LEU D 692 43.23 -7.45 -39.85
CA LEU D 692 43.09 -8.61 -39.00
C LEU D 692 44.39 -9.39 -39.04
N LEU D 693 44.81 -9.91 -37.90
CA LEU D 693 46.01 -10.71 -37.81
C LEU D 693 45.65 -12.09 -37.27
N TYR D 694 46.38 -13.10 -37.70
CA TYR D 694 46.11 -14.43 -37.19
C TYR D 694 47.40 -15.21 -37.06
N GLY D 695 47.45 -16.09 -36.06
CA GLY D 695 48.60 -16.93 -35.80
C GLY D 695 48.48 -17.67 -34.49
N PRO D 696 49.61 -18.05 -33.90
CA PRO D 696 49.59 -18.68 -32.58
C PRO D 696 49.14 -17.70 -31.52
N PRO D 697 48.76 -18.19 -30.33
CA PRO D 697 48.17 -17.30 -29.32
C PRO D 697 49.14 -16.35 -28.65
N GLY D 698 48.77 -15.08 -28.56
CA GLY D 698 49.49 -14.07 -27.81
C GLY D 698 50.93 -13.88 -28.25
N CYS D 699 51.36 -14.64 -29.25
CA CYS D 699 52.79 -14.77 -29.58
C CYS D 699 53.24 -13.48 -30.27
N SER D 700 53.47 -12.46 -29.46
CA SER D 700 53.96 -11.15 -29.85
C SER D 700 52.98 -10.39 -30.73
N LYS D 701 51.84 -10.98 -31.10
CA LYS D 701 50.88 -10.30 -31.95
C LYS D 701 50.34 -9.04 -31.28
N THR D 702 49.69 -9.20 -30.13
CA THR D 702 49.09 -8.06 -29.45
C THR D 702 50.12 -6.99 -29.19
N MET D 703 51.36 -7.40 -28.94
CA MET D 703 52.46 -6.45 -28.88
C MET D 703 52.54 -5.62 -30.15
N ILE D 704 52.49 -6.30 -31.30
CA ILE D 704 52.54 -5.58 -32.58
C ILE D 704 51.35 -4.65 -32.70
N ALA D 705 50.18 -5.10 -32.28
CA ALA D 705 48.99 -4.28 -32.36
C ALA D 705 49.15 -2.98 -31.60
N LYS D 706 49.44 -3.08 -30.30
CA LYS D 706 49.64 -1.90 -29.50
C LYS D 706 50.77 -1.04 -30.03
N ALA D 707 51.81 -1.66 -30.58
CA ALA D 707 52.97 -0.91 -31.05
C ALA D 707 52.60 -0.04 -32.25
N LEU D 708 51.91 -0.63 -33.21
CA LEU D 708 51.47 0.16 -34.36
C LEU D 708 50.43 1.18 -33.94
N ALA D 709 49.64 0.88 -32.91
CA ALA D 709 48.72 1.87 -32.37
C ALA D 709 49.48 3.09 -31.87
N ASN D 710 50.56 2.85 -31.13
CA ASN D 710 51.34 3.97 -30.59
C ASN D 710 52.05 4.73 -31.69
N GLU D 711 52.64 4.02 -32.64
CA GLU D 711 53.27 4.70 -33.77
C GLU D 711 52.28 5.57 -34.50
N SER D 712 51.06 5.07 -34.70
CA SER D 712 50.02 5.87 -35.34
C SER D 712 49.74 7.15 -34.55
N GLY D 713 50.00 7.13 -33.25
CA GLY D 713 49.58 8.25 -32.43
C GLY D 713 48.07 8.33 -32.43
N LEU D 714 47.43 7.33 -31.83
CA LEU D 714 45.98 7.28 -31.77
C LEU D 714 45.59 6.78 -30.38
N ASN D 715 44.34 6.37 -30.23
CA ASN D 715 43.81 5.92 -28.95
C ASN D 715 43.41 4.46 -29.03
N PHE D 716 43.59 3.75 -27.91
CA PHE D 716 43.43 2.31 -27.85
C PHE D 716 42.16 1.97 -27.10
N LEU D 717 41.33 1.12 -27.70
CA LEU D 717 40.08 0.71 -27.08
C LEU D 717 40.03 -0.81 -27.15
N ALA D 718 40.64 -1.47 -26.17
CA ALA D 718 40.75 -2.92 -26.19
C ALA D 718 39.53 -3.55 -25.56
N ILE D 719 39.01 -4.59 -26.20
CA ILE D 719 37.90 -5.37 -25.67
C ILE D 719 38.24 -6.84 -25.86
N LYS D 720 38.61 -7.51 -24.77
CA LYS D 720 38.99 -8.91 -24.84
C LYS D 720 37.76 -9.79 -25.01
N GLY D 721 37.92 -10.87 -25.76
CA GLY D 721 36.81 -11.69 -26.17
C GLY D 721 36.03 -12.31 -25.03
N PRO D 722 36.65 -13.27 -24.33
CA PRO D 722 35.92 -13.98 -23.27
C PRO D 722 35.42 -13.07 -22.18
N GLU D 723 35.98 -11.87 -22.05
CA GLU D 723 35.49 -10.92 -21.05
C GLU D 723 34.03 -10.57 -21.29
N LEU D 724 33.57 -10.69 -22.52
CA LEU D 724 32.23 -10.26 -22.90
C LEU D 724 31.15 -11.15 -22.38
N MET D 725 31.44 -12.10 -21.50
CA MET D 725 30.43 -13.00 -20.97
C MET D 725 30.05 -12.52 -19.57
N ASN D 726 28.95 -11.78 -19.49
CA ASN D 726 28.30 -11.45 -18.23
C ASN D 726 26.86 -11.91 -18.32
N LYS D 727 26.43 -12.70 -17.33
CA LYS D 727 25.05 -13.18 -17.36
C LYS D 727 24.03 -12.07 -17.15
N TYR D 728 24.49 -10.83 -16.97
CA TYR D 728 23.60 -9.69 -17.07
C TYR D 728 23.31 -9.47 -18.55
N VAL D 729 22.20 -10.04 -19.02
CA VAL D 729 21.95 -10.15 -20.44
C VAL D 729 21.87 -8.77 -21.09
N GLY D 730 22.44 -8.66 -22.28
CA GLY D 730 22.39 -7.41 -23.03
C GLY D 730 23.40 -6.39 -22.54
N GLU D 731 23.74 -6.46 -21.25
CA GLU D 731 24.64 -5.48 -20.68
C GLU D 731 26.00 -5.50 -21.37
N SER D 732 26.48 -6.68 -21.76
CA SER D 732 27.64 -6.75 -22.63
C SER D 732 27.42 -5.94 -23.91
N GLU D 733 26.29 -6.17 -24.56
CA GLU D 733 25.93 -5.39 -25.74
C GLU D 733 25.96 -3.90 -25.44
N ARG D 734 25.40 -3.51 -24.31
CA ARG D 734 25.36 -2.10 -23.94
C ARG D 734 26.77 -1.56 -23.74
N ALA D 735 27.65 -2.38 -23.17
CA ALA D 735 29.04 -1.99 -23.03
C ALA D 735 29.66 -1.75 -24.39
N VAL D 736 29.40 -2.65 -25.33
CA VAL D 736 29.88 -2.47 -26.68
C VAL D 736 29.36 -1.15 -27.24
N ARG D 737 28.09 -0.84 -26.93
CA ARG D 737 27.47 0.35 -27.49
C ARG D 737 28.16 1.60 -26.98
N GLU D 738 28.34 1.71 -25.68
CA GLU D 738 29.04 2.87 -25.14
C GLU D 738 30.49 2.90 -25.61
N THR D 739 31.08 1.72 -25.84
CA THR D 739 32.41 1.67 -26.42
C THR D 739 32.43 2.43 -27.73
N PHE D 740 31.52 2.06 -28.64
CA PHE D 740 31.47 2.72 -29.94
C PHE D 740 31.15 4.20 -29.78
N ARG D 741 30.28 4.54 -28.84
CA ARG D 741 29.96 5.94 -28.62
C ARG D 741 31.22 6.73 -28.29
N LYS D 742 31.99 6.25 -27.32
CA LYS D 742 33.23 6.93 -26.97
C LYS D 742 34.20 6.95 -28.14
N ALA D 743 34.27 5.85 -28.88
CA ALA D 743 35.11 5.80 -30.07
C ALA D 743 34.81 6.98 -30.97
N ARG D 744 33.54 7.12 -31.36
CA ARG D 744 33.12 8.27 -32.15
C ARG D 744 33.54 9.57 -31.50
N ALA D 745 33.25 9.71 -30.20
CA ALA D 745 33.54 10.96 -29.51
C ALA D 745 35.01 11.30 -29.55
N VAL D 746 35.88 10.31 -29.75
CA VAL D 746 37.31 10.54 -29.79
C VAL D 746 37.80 10.16 -31.18
N ALA D 747 37.00 10.52 -32.18
CA ALA D 747 37.01 10.01 -33.55
C ALA D 747 38.39 9.58 -34.06
N PRO D 748 39.45 10.39 -33.94
CA PRO D 748 40.76 9.85 -34.30
C PRO D 748 41.19 8.81 -33.27
N SER D 749 41.07 7.53 -33.63
CA SER D 749 41.25 6.43 -32.68
C SER D 749 41.16 5.09 -33.39
N ILE D 750 41.40 3.99 -32.67
CA ILE D 750 41.39 2.67 -33.27
C ILE D 750 40.75 1.69 -32.30
N ILE D 751 39.67 1.04 -32.73
CA ILE D 751 39.11 -0.07 -31.98
C ILE D 751 39.98 -1.30 -32.16
N PHE D 752 40.12 -2.08 -31.09
CA PHE D 752 40.90 -3.31 -31.13
C PHE D 752 40.06 -4.50 -30.68
N PHE D 753 40.35 -5.66 -31.27
CA PHE D 753 39.75 -6.90 -30.85
C PHE D 753 40.81 -7.97 -30.76
N ASP D 754 40.50 -9.02 -30.01
CA ASP D 754 41.43 -10.10 -29.77
C ASP D 754 40.65 -11.36 -29.42
N GLU D 755 41.11 -12.49 -29.96
CA GLU D 755 40.50 -13.79 -29.68
C GLU D 755 39.00 -13.75 -29.97
N LEU D 756 38.67 -13.35 -31.19
CA LEU D 756 37.28 -13.18 -31.57
C LEU D 756 36.49 -14.48 -31.44
N ASP D 757 37.16 -15.61 -31.60
CA ASP D 757 36.46 -16.89 -31.62
C ASP D 757 35.75 -17.21 -30.32
N ALA D 758 36.11 -16.54 -29.23
CA ALA D 758 35.43 -16.76 -27.96
C ALA D 758 33.93 -16.48 -28.11
N LEU D 759 33.58 -15.23 -28.42
CA LEU D 759 32.21 -14.91 -28.77
C LEU D 759 31.77 -15.63 -30.04
N ALA D 760 32.73 -16.09 -30.85
CA ALA D 760 32.44 -16.64 -32.17
C ALA D 760 32.40 -18.16 -32.17
N VAL D 761 31.90 -18.76 -31.10
CA VAL D 761 31.47 -20.15 -31.15
C VAL D 761 30.03 -20.17 -31.65
N GLU D 762 29.75 -20.98 -32.67
CA GLU D 762 28.48 -20.88 -33.36
C GLU D 762 27.34 -21.37 -32.49
N ARG D 763 26.15 -20.84 -32.74
CA ARG D 763 24.99 -21.12 -31.90
C ARG D 763 24.49 -22.55 -32.13
N GLY D 764 23.57 -22.96 -31.28
CA GLY D 764 23.07 -24.32 -31.24
C GLY D 764 23.82 -25.24 -30.30
N SER D 765 25.13 -25.05 -30.16
CA SER D 765 25.90 -25.85 -29.21
C SER D 765 25.43 -25.60 -27.78
N SER D 766 25.58 -24.36 -27.31
CA SER D 766 25.04 -23.94 -26.03
C SER D 766 23.74 -23.19 -26.28
N LEU D 767 22.64 -23.69 -25.71
CA LEU D 767 21.33 -23.14 -26.04
C LEU D 767 21.12 -21.76 -25.44
N GLY D 768 21.57 -21.56 -24.20
CA GLY D 768 21.32 -20.30 -23.51
C GLY D 768 22.40 -19.26 -23.74
N ALA D 769 23.66 -19.63 -23.55
CA ALA D 769 24.75 -18.66 -23.67
C ALA D 769 24.87 -18.13 -25.09
N GLY D 770 24.46 -18.93 -26.09
CA GLY D 770 24.49 -18.45 -27.45
C GLY D 770 23.54 -17.31 -27.74
N ASN D 771 22.55 -17.08 -26.87
CA ASN D 771 21.57 -16.01 -27.11
C ASN D 771 22.23 -14.64 -26.97
N VAL D 772 22.82 -14.37 -25.81
CA VAL D 772 23.56 -13.13 -25.63
C VAL D 772 24.67 -13.02 -26.65
N ALA D 773 25.25 -14.15 -27.06
CA ALA D 773 26.28 -14.13 -28.09
C ALA D 773 25.72 -13.57 -29.39
N ASP D 774 24.60 -14.12 -29.86
CA ASP D 774 23.99 -13.62 -31.07
C ASP D 774 23.65 -12.14 -30.92
N ARG D 775 23.11 -11.76 -29.76
CA ARG D 775 22.73 -10.37 -29.55
C ARG D 775 23.93 -9.44 -29.68
N VAL D 776 25.03 -9.79 -29.02
CA VAL D 776 26.18 -8.89 -29.00
C VAL D 776 26.84 -8.86 -30.37
N LEU D 777 26.95 -10.00 -31.04
CA LEU D 777 27.57 -9.96 -32.36
C LEU D 777 26.70 -9.20 -33.35
N ALA D 778 25.38 -9.32 -33.22
CA ALA D 778 24.49 -8.57 -34.11
C ALA D 778 24.65 -7.08 -33.87
N GLN D 779 24.60 -6.65 -32.62
CA GLN D 779 24.77 -5.23 -32.35
C GLN D 779 26.16 -4.76 -32.77
N LEU D 780 27.15 -5.64 -32.67
CA LEU D 780 28.49 -5.31 -33.14
C LEU D 780 28.47 -5.07 -34.63
N LEU D 781 27.81 -5.96 -35.38
CA LEU D 781 27.66 -5.74 -36.81
C LEU D 781 26.96 -4.42 -37.06
N THR D 782 25.96 -4.10 -36.26
CA THR D 782 25.24 -2.84 -36.43
C THR D 782 26.19 -1.66 -36.32
N GLU D 783 26.85 -1.54 -35.17
CA GLU D 783 27.82 -0.48 -34.95
C GLU D 783 28.81 -0.41 -36.09
N MET D 784 29.54 -1.49 -36.31
CA MET D 784 30.57 -1.50 -37.34
C MET D 784 30.02 -1.07 -38.68
N ASP D 785 29.03 -1.80 -39.20
CA ASP D 785 28.44 -1.52 -40.51
C ASP D 785 27.90 -0.11 -40.55
N GLY D 786 27.83 0.56 -39.41
CA GLY D 786 27.78 1.99 -39.44
C GLY D 786 29.14 2.51 -39.87
N ILE D 787 29.48 2.29 -41.14
CA ILE D 787 30.85 2.45 -41.62
C ILE D 787 31.13 3.87 -42.09
N GLU D 788 30.18 4.51 -42.76
CA GLU D 788 30.41 5.87 -43.22
C GLU D 788 30.77 6.78 -42.06
N GLN D 789 29.95 6.76 -41.00
CA GLN D 789 30.26 7.54 -39.82
C GLN D 789 31.61 7.17 -39.24
N LEU D 790 32.06 5.93 -39.47
CA LEU D 790 33.44 5.58 -39.19
C LEU D 790 34.28 6.22 -40.30
N LYS D 791 34.46 7.53 -40.17
CA LYS D 791 35.20 8.33 -41.13
C LYS D 791 36.67 8.24 -40.78
N ASP D 792 37.35 7.29 -41.42
CA ASP D 792 38.74 6.97 -41.10
C ASP D 792 38.89 6.62 -39.62
N VAL D 793 38.03 5.73 -39.16
CA VAL D 793 38.10 5.16 -37.81
C VAL D 793 38.35 3.67 -37.98
N THR D 794 39.62 3.28 -38.06
CA THR D 794 39.97 1.92 -38.44
C THR D 794 39.73 0.95 -37.30
N ILE D 795 39.47 -0.30 -37.66
CA ILE D 795 39.24 -1.36 -36.70
C ILE D 795 40.27 -2.45 -36.94
N LEU D 796 41.02 -2.80 -35.90
CA LEU D 796 42.01 -3.87 -35.96
C LEU D 796 41.59 -4.97 -35.01
N ALA D 797 41.63 -6.20 -35.50
CA ALA D 797 41.37 -7.37 -34.67
C ALA D 797 42.45 -8.41 -34.92
N ALA D 798 42.46 -9.43 -34.07
CA ALA D 798 43.38 -10.54 -34.25
C ALA D 798 42.84 -11.73 -33.48
N THR D 799 43.16 -12.92 -33.96
CA THR D 799 42.68 -14.15 -33.35
C THR D 799 43.67 -15.25 -33.73
N ASN D 800 43.33 -16.49 -33.42
CA ASN D 800 44.19 -17.62 -33.68
C ASN D 800 43.64 -18.53 -34.77
N ARG D 801 42.39 -18.99 -34.63
CA ARG D 801 41.75 -19.83 -35.62
C ARG D 801 40.71 -18.99 -36.35
N PRO D 802 41.09 -18.30 -37.43
CA PRO D 802 40.16 -17.34 -38.06
C PRO D 802 38.90 -17.98 -38.58
N ASP D 803 38.91 -19.30 -38.80
CA ASP D 803 37.74 -19.97 -39.33
C ASP D 803 36.54 -19.82 -38.41
N ARG D 804 36.78 -19.86 -37.10
CA ARG D 804 35.69 -20.02 -36.15
C ARG D 804 34.70 -18.87 -36.17
N ILE D 805 35.07 -17.72 -36.72
CA ILE D 805 34.17 -16.56 -36.72
C ILE D 805 33.14 -16.70 -37.83
N ASP D 806 32.09 -15.89 -37.76
CA ASP D 806 31.13 -15.82 -38.85
C ASP D 806 31.68 -14.93 -39.97
N LYS D 807 31.40 -15.32 -41.21
CA LYS D 807 31.83 -14.51 -42.34
C LYS D 807 31.06 -13.21 -42.45
N ALA D 808 30.07 -12.98 -41.59
CA ALA D 808 29.44 -11.67 -41.53
C ALA D 808 30.47 -10.59 -41.23
N LEU D 809 31.40 -10.88 -40.33
CA LEU D 809 32.51 -9.98 -40.11
C LEU D 809 33.46 -10.01 -41.30
N MET D 810 33.63 -11.18 -41.91
CA MET D 810 34.45 -11.31 -43.10
C MET D 810 33.71 -10.97 -44.37
N ARG D 811 32.47 -10.48 -44.27
CA ARG D 811 31.80 -9.97 -45.44
C ARG D 811 32.55 -8.76 -45.97
N PRO D 812 32.76 -8.67 -47.28
CA PRO D 812 33.59 -7.60 -47.83
C PRO D 812 33.08 -6.23 -47.45
N GLY D 813 34.02 -5.32 -47.20
CA GLY D 813 33.69 -3.99 -46.77
C GLY D 813 34.13 -3.69 -45.36
N ARG D 814 34.03 -4.69 -44.48
CA ARG D 814 34.31 -4.47 -43.07
C ARG D 814 35.76 -4.78 -42.72
N ILE D 815 36.16 -6.03 -42.90
CA ILE D 815 37.51 -6.50 -42.54
C ILE D 815 38.07 -7.19 -43.79
N ASP D 816 38.79 -6.44 -44.61
CA ASP D 816 39.26 -6.96 -45.89
C ASP D 816 40.77 -6.78 -46.01
N ARG D 817 41.47 -6.75 -44.89
CA ARG D 817 42.92 -6.69 -44.87
C ARG D 817 43.38 -7.62 -43.77
N ILE D 818 44.33 -8.52 -44.07
CA ILE D 818 44.70 -9.57 -43.13
C ILE D 818 46.16 -9.92 -43.31
N ILE D 819 46.76 -10.44 -42.24
CA ILE D 819 48.12 -10.93 -42.26
C ILE D 819 48.21 -12.14 -41.33
N TYR D 820 48.82 -13.21 -41.81
CA TYR D 820 49.33 -14.23 -40.92
C TYR D 820 50.61 -13.71 -40.27
N VAL D 821 50.58 -13.53 -38.96
CA VAL D 821 51.80 -13.13 -38.25
C VAL D 821 52.83 -14.23 -38.46
N PRO D 822 53.91 -13.94 -39.15
CA PRO D 822 54.91 -14.99 -39.43
C PRO D 822 55.63 -15.40 -38.16
N LEU D 823 55.95 -16.69 -38.08
CA LEU D 823 56.66 -17.18 -36.92
C LEU D 823 58.07 -16.59 -36.88
N PRO D 824 58.67 -16.49 -35.69
CA PRO D 824 59.95 -15.79 -35.54
C PRO D 824 61.05 -16.51 -36.31
N ASP D 825 61.65 -15.79 -37.26
CA ASP D 825 62.79 -16.31 -37.99
C ASP D 825 64.06 -16.07 -37.17
N ALA D 826 65.22 -16.30 -37.78
CA ALA D 826 66.48 -16.25 -37.05
C ALA D 826 66.73 -14.86 -36.47
N ALA D 827 66.72 -13.84 -37.31
CA ALA D 827 66.96 -12.48 -36.83
C ALA D 827 65.94 -12.07 -35.79
N THR D 828 64.68 -12.48 -35.98
CA THR D 828 63.64 -12.19 -34.99
C THR D 828 63.99 -12.77 -33.63
N ARG D 829 64.41 -14.04 -33.62
CA ARG D 829 64.75 -14.69 -32.37
C ARG D 829 65.98 -14.06 -31.73
N ARG D 830 66.94 -13.65 -32.56
CA ARG D 830 68.12 -12.97 -32.02
C ARG D 830 67.73 -11.64 -31.39
N GLU D 831 66.78 -10.93 -32.00
CA GLU D 831 66.30 -9.68 -31.43
C GLU D 831 65.60 -9.93 -30.10
N ILE D 832 64.77 -10.96 -30.05
CA ILE D 832 64.16 -11.37 -28.79
C ILE D 832 65.24 -11.61 -27.74
N PHE D 833 66.30 -12.30 -28.14
CA PHE D 833 67.38 -12.60 -27.21
C PHE D 833 68.05 -11.31 -26.73
N LYS D 834 68.23 -10.34 -27.61
CA LYS D 834 68.80 -9.06 -27.20
C LYS D 834 67.91 -8.40 -26.16
N LEU D 835 66.62 -8.32 -26.44
CA LEU D 835 65.69 -7.70 -25.52
C LEU D 835 65.61 -8.45 -24.20
N GLN D 836 65.98 -9.72 -24.18
CA GLN D 836 65.97 -10.45 -22.92
C GLN D 836 67.29 -10.37 -22.17
N PHE D 837 68.41 -10.29 -22.89
CA PHE D 837 69.68 -10.12 -22.20
C PHE D 837 69.83 -8.71 -21.66
N HIS D 838 69.13 -7.76 -22.25
CA HIS D 838 69.25 -6.39 -21.77
C HIS D 838 68.53 -6.15 -20.46
N SER D 839 68.07 -7.18 -19.75
CA SER D 839 67.42 -6.97 -18.46
C SER D 839 67.86 -7.95 -17.39
N MET D 840 68.83 -8.81 -17.66
CA MET D 840 69.31 -9.76 -16.68
C MET D 840 70.83 -9.82 -16.71
N PRO D 841 71.48 -9.93 -15.55
CA PRO D 841 72.93 -10.13 -15.55
C PRO D 841 73.30 -11.53 -16.01
N VAL D 842 73.80 -11.65 -17.23
CA VAL D 842 74.09 -12.95 -17.82
C VAL D 842 75.59 -13.11 -17.97
N SER D 843 76.01 -14.36 -18.11
CA SER D 843 77.42 -14.68 -18.26
C SER D 843 77.84 -14.48 -19.71
N ASN D 844 79.07 -14.87 -20.03
CA ASN D 844 79.62 -14.71 -21.36
C ASN D 844 79.57 -15.99 -22.19
N GLU D 845 79.34 -17.14 -21.56
CA GLU D 845 79.27 -18.40 -22.28
C GLU D 845 78.00 -18.52 -23.11
N VAL D 846 77.19 -17.47 -23.19
CA VAL D 846 76.03 -17.48 -24.05
C VAL D 846 76.46 -17.66 -25.51
N ASP D 847 75.55 -18.21 -26.31
CA ASP D 847 75.78 -18.37 -27.74
C ASP D 847 74.46 -18.15 -28.47
N LEU D 848 74.46 -17.18 -29.40
CA LEU D 848 73.26 -16.94 -30.18
C LEU D 848 72.97 -18.10 -31.12
N ASP D 849 74.02 -18.70 -31.70
CA ASP D 849 73.84 -19.67 -32.77
C ASP D 849 73.04 -20.87 -32.33
N GLU D 850 73.58 -21.66 -31.40
CA GLU D 850 72.90 -22.89 -31.01
C GLU D 850 71.56 -22.60 -30.35
N LEU D 851 71.45 -21.50 -29.62
CA LEU D 851 70.18 -21.18 -28.97
C LEU D 851 69.11 -20.89 -30.02
N ILE D 852 69.43 -20.08 -31.01
CA ILE D 852 68.51 -19.87 -32.12
C ILE D 852 68.21 -21.18 -32.82
N LEU D 853 69.19 -22.08 -32.86
CA LEU D 853 68.98 -23.36 -33.53
C LEU D 853 67.93 -24.21 -32.82
N GLN D 854 68.13 -24.46 -31.52
CA GLN D 854 67.21 -25.30 -30.77
C GLN D 854 66.02 -24.53 -30.21
N THR D 855 65.65 -23.41 -30.82
CA THR D 855 64.47 -22.67 -30.41
C THR D 855 63.43 -22.58 -31.51
N ASP D 856 63.64 -23.27 -32.62
CA ASP D 856 62.60 -23.34 -33.64
C ASP D 856 61.38 -24.06 -33.08
N ALA D 857 60.26 -23.90 -33.78
CA ALA D 857 58.96 -24.44 -33.36
C ALA D 857 58.54 -23.92 -32.00
N TYR D 858 59.12 -22.82 -31.55
CA TYR D 858 58.77 -22.19 -30.28
C TYR D 858 58.21 -20.80 -30.54
N SER D 859 57.69 -20.20 -29.48
CA SER D 859 57.16 -18.85 -29.52
C SER D 859 58.08 -17.91 -28.76
N GLY D 860 58.35 -16.75 -29.34
CA GLY D 860 59.22 -15.76 -28.73
C GLY D 860 58.98 -15.58 -27.26
N ALA D 861 57.71 -15.40 -26.87
CA ALA D 861 57.38 -15.21 -25.46
C ALA D 861 57.74 -16.45 -24.66
N GLU D 862 57.40 -17.64 -25.17
CA GLU D 862 57.76 -18.83 -24.42
C GLU D 862 59.27 -19.08 -24.47
N ILE D 863 59.97 -18.56 -25.47
CA ILE D 863 61.43 -18.62 -25.44
C ILE D 863 61.98 -17.73 -24.34
N VAL D 864 61.34 -16.58 -24.14
CA VAL D 864 61.67 -15.75 -22.99
C VAL D 864 61.42 -16.53 -21.71
N ALA D 865 60.35 -17.31 -21.68
CA ALA D 865 60.11 -18.17 -20.53
C ALA D 865 61.25 -19.18 -20.37
N VAL D 866 61.79 -19.68 -21.48
CA VAL D 866 62.90 -20.61 -21.41
C VAL D 866 64.10 -19.95 -20.74
N CYS D 867 64.46 -18.76 -21.20
CA CYS D 867 65.64 -18.13 -20.60
C CYS D 867 65.37 -17.76 -19.15
N ARG D 868 64.13 -17.40 -18.82
CA ARG D 868 63.78 -17.17 -17.42
C ARG D 868 63.98 -18.43 -16.59
N GLU D 869 63.55 -19.57 -17.11
CA GLU D 869 63.71 -20.82 -16.39
C GLU D 869 65.18 -21.18 -16.24
N ALA D 870 65.99 -20.87 -17.25
CA ALA D 870 67.42 -21.10 -17.14
C ALA D 870 68.02 -20.25 -16.02
N ALA D 871 67.58 -18.99 -15.93
CA ALA D 871 67.99 -18.14 -14.82
C ALA D 871 67.54 -18.74 -13.50
N LEU D 872 66.32 -19.27 -13.45
CA LEU D 872 65.82 -19.90 -12.25
C LEU D 872 66.69 -21.07 -11.84
N LEU D 873 67.12 -21.88 -12.81
CA LEU D 873 67.95 -23.03 -12.51
C LEU D 873 69.32 -22.60 -12.02
N ALA D 874 69.91 -21.61 -12.67
CA ALA D 874 71.19 -21.08 -12.21
C ALA D 874 71.09 -20.58 -10.78
N LEU D 875 70.02 -19.85 -10.46
CA LEU D 875 69.85 -19.33 -9.12
C LEU D 875 69.55 -20.44 -8.12
N GLU D 876 68.95 -21.53 -8.59
CA GLU D 876 68.70 -22.67 -7.71
C GLU D 876 69.99 -23.43 -7.42
N GLU D 877 70.92 -23.44 -8.36
CA GLU D 877 72.22 -24.05 -8.11
C GLU D 877 72.92 -23.37 -6.94
N ASP D 878 73.19 -22.07 -7.08
CA ASP D 878 73.62 -21.24 -5.99
C ASP D 878 72.68 -20.05 -5.88
N ILE D 879 72.17 -19.81 -4.67
CA ILE D 879 71.24 -18.71 -4.46
C ILE D 879 71.90 -17.35 -4.55
N GLN D 880 73.23 -17.31 -4.68
CA GLN D 880 73.95 -16.05 -4.77
C GLN D 880 74.72 -15.88 -6.07
N ALA D 881 74.69 -16.88 -6.96
CA ALA D 881 75.45 -16.79 -8.21
C ALA D 881 74.95 -15.64 -9.06
N ASN D 882 75.82 -14.67 -9.30
CA ASN D 882 75.49 -13.47 -10.05
C ASN D 882 75.51 -13.67 -11.56
N LEU D 883 75.56 -14.91 -12.04
CA LEU D 883 75.62 -15.19 -13.47
C LEU D 883 74.70 -16.35 -13.79
N ILE D 884 74.55 -16.63 -15.08
CA ILE D 884 73.71 -17.72 -15.55
C ILE D 884 74.52 -18.56 -16.53
N MET D 885 74.31 -19.87 -16.48
CA MET D 885 75.12 -20.82 -17.23
C MET D 885 74.36 -21.31 -18.46
N LYS D 886 75.02 -21.26 -19.62
CA LYS D 886 74.39 -21.75 -20.85
C LYS D 886 74.20 -23.26 -20.82
N ARG D 887 74.96 -23.98 -20.02
CA ARG D 887 74.66 -25.39 -19.81
C ARG D 887 73.29 -25.54 -19.16
N HIS D 888 73.02 -24.72 -18.15
CA HIS D 888 71.68 -24.70 -17.58
C HIS D 888 70.67 -24.20 -18.61
N PHE D 889 71.09 -23.33 -19.53
CA PHE D 889 70.20 -22.94 -20.62
C PHE D 889 69.79 -24.15 -21.44
N THR D 890 70.77 -24.97 -21.86
CA THR D 890 70.48 -26.18 -22.61
C THR D 890 69.60 -27.12 -21.80
N GLN D 891 69.85 -27.20 -20.50
CA GLN D 891 68.98 -27.95 -19.60
C GLN D 891 67.54 -27.47 -19.73
N ALA D 892 67.35 -26.15 -19.69
CA ALA D 892 66.02 -25.59 -19.86
C ALA D 892 65.43 -25.96 -21.20
N LEU D 893 66.21 -25.81 -22.27
CA LEU D 893 65.77 -26.21 -23.60
C LEU D 893 65.26 -27.64 -23.61
N SER D 894 65.98 -28.53 -22.92
CA SER D 894 65.51 -29.90 -22.78
C SER D 894 64.19 -29.96 -22.04
N THR D 895 64.08 -29.21 -20.94
CA THR D 895 62.86 -29.23 -20.15
C THR D 895 61.68 -28.69 -20.94
N VAL D 896 61.84 -27.52 -21.56
CA VAL D 896 60.74 -26.95 -22.32
C VAL D 896 60.51 -27.75 -23.59
N THR D 897 59.25 -28.02 -23.89
CA THR D 897 58.87 -28.67 -25.12
C THR D 897 57.99 -27.75 -25.95
N PRO D 898 58.11 -27.79 -27.26
CA PRO D 898 57.21 -26.99 -28.08
C PRO D 898 55.82 -27.60 -28.12
N ARG D 899 54.89 -27.01 -27.39
CA ARG D 899 53.51 -27.46 -27.42
C ARG D 899 52.77 -26.98 -28.65
N ILE D 900 53.50 -26.49 -29.64
CA ILE D 900 52.93 -26.04 -30.91
C ILE D 900 53.43 -26.97 -32.00
N PRO D 901 52.61 -27.90 -32.49
CA PRO D 901 53.06 -28.80 -33.54
C PRO D 901 53.06 -28.14 -34.91
N GLU D 902 53.81 -28.77 -35.83
CA GLU D 902 53.90 -28.26 -37.19
C GLU D 902 52.55 -28.22 -37.88
N SER D 903 51.64 -29.12 -37.48
CA SER D 903 50.29 -29.13 -38.04
C SER D 903 49.62 -27.77 -37.93
N LEU D 904 49.94 -27.02 -36.88
CA LEU D 904 49.37 -25.68 -36.75
C LEU D 904 49.91 -24.77 -37.85
N ARG D 905 51.21 -24.84 -38.14
CA ARG D 905 51.76 -24.10 -39.27
C ARG D 905 51.08 -24.49 -40.56
N ARG D 906 50.89 -25.80 -40.76
CA ARG D 906 50.20 -26.28 -41.95
C ARG D 906 48.84 -25.61 -42.09
N PHE D 907 47.96 -25.82 -41.10
CA PHE D 907 46.61 -25.27 -41.16
C PHE D 907 46.63 -23.76 -41.34
N TYR D 908 47.56 -23.08 -40.69
CA TYR D 908 47.67 -21.64 -40.85
C TYR D 908 47.91 -21.28 -42.31
N GLU D 909 48.92 -21.90 -42.93
CA GLU D 909 49.21 -21.61 -44.33
C GLU D 909 48.07 -22.02 -45.25
N ASP D 910 47.33 -23.07 -44.90
CA ASP D 910 46.23 -23.50 -45.75
C ASP D 910 45.08 -22.51 -45.69
N TYR D 911 44.76 -22.00 -44.50
CA TYR D 911 43.78 -20.94 -44.42
C TYR D 911 44.25 -19.71 -45.17
N GLN D 912 45.55 -19.40 -45.07
CA GLN D 912 46.13 -18.30 -45.82
C GLN D 912 45.84 -18.43 -47.32
N GLU D 913 46.16 -19.58 -47.89
CA GLU D 913 45.94 -19.78 -49.31
C GLU D 913 44.46 -19.82 -49.65
N LYS D 914 43.74 -20.81 -49.11
CA LYS D 914 42.36 -21.08 -49.49
C LYS D 914 41.34 -20.21 -48.79
N SER D 915 41.78 -19.10 -48.18
CA SER D 915 40.82 -18.15 -47.64
C SER D 915 39.90 -17.57 -48.72
N GLY D 916 40.33 -17.60 -49.97
CA GLY D 916 39.58 -16.92 -51.01
C GLY D 916 39.51 -15.44 -50.81
N LEU D 917 40.45 -14.87 -50.05
CA LEU D 917 40.39 -13.47 -49.68
C LEU D 917 41.63 -12.74 -50.20
N HIS D 918 41.74 -11.49 -49.77
CA HIS D 918 42.80 -10.59 -50.21
C HIS D 918 44.18 -11.15 -49.96
N THR D 919 44.54 -11.36 -48.68
CA THR D 919 45.91 -11.57 -48.22
C THR D 919 46.72 -10.30 -48.46
N LEU D 920 46.05 -9.28 -48.98
CA LEU D 920 46.70 -8.02 -49.35
C LEU D 920 45.68 -6.89 -49.41
N PRO E 225 39.83 -6.86 33.93
CA PRO E 225 40.81 -6.24 33.03
C PRO E 225 40.52 -6.57 31.57
N LEU E 226 41.58 -6.69 30.78
CA LEU E 226 41.45 -7.00 29.36
C LEU E 226 41.74 -8.48 29.14
N GLY E 227 40.83 -9.16 28.45
CA GLY E 227 41.01 -10.57 28.22
C GLY E 227 41.05 -10.95 26.75
N GLY E 228 42.22 -11.37 26.29
CA GLY E 228 42.36 -11.81 24.90
C GLY E 228 41.87 -10.81 23.88
N LEU E 229 42.06 -9.53 24.16
CA LEU E 229 41.56 -8.48 23.28
C LEU E 229 42.54 -7.33 23.09
N SER E 230 43.72 -7.36 23.74
CA SER E 230 44.64 -6.23 23.72
C SER E 230 45.21 -5.95 22.33
N GLU E 231 45.08 -6.89 21.39
CA GLU E 231 45.59 -6.66 20.05
C GLU E 231 44.72 -5.65 19.30
N ALA E 232 43.43 -5.94 19.16
CA ALA E 232 42.52 -4.97 18.57
C ALA E 232 42.46 -3.71 19.42
N ALA E 233 42.58 -3.87 20.74
CA ALA E 233 42.62 -2.72 21.63
C ALA E 233 43.75 -1.77 21.25
N ASP E 234 44.96 -2.31 21.10
CA ASP E 234 46.10 -1.48 20.75
C ASP E 234 45.91 -0.88 19.36
N SER E 235 45.48 -1.69 18.40
CA SER E 235 45.28 -1.19 17.04
C SER E 235 44.34 0.01 17.04
N LEU E 236 43.20 -0.13 17.71
CA LEU E 236 42.23 0.96 17.73
C LEU E 236 42.73 2.13 18.56
N ARG E 237 43.48 1.88 19.63
CA ARG E 237 44.03 2.99 20.38
C ARG E 237 44.98 3.80 19.52
N GLU E 238 45.70 3.14 18.61
CA GLU E 238 46.52 3.89 17.65
C GLU E 238 45.63 4.70 16.72
N LEU E 239 44.66 4.05 16.09
CA LEU E 239 43.82 4.73 15.11
C LEU E 239 43.06 5.90 15.71
N LEU E 240 42.83 5.89 17.02
CA LEU E 240 42.12 6.98 17.67
C LEU E 240 43.02 8.03 18.28
N ARG E 241 44.22 7.66 18.75
CA ARG E 241 45.13 8.71 19.18
C ARG E 241 45.59 9.53 17.99
N LEU E 242 45.60 8.93 16.80
CA LEU E 242 46.01 9.69 15.61
C LEU E 242 45.26 11.01 15.48
N PRO E 243 43.92 11.06 15.51
CA PRO E 243 43.26 12.38 15.52
C PRO E 243 43.34 13.05 16.88
N LEU E 244 43.12 12.27 17.94
CA LEU E 244 42.94 12.86 19.26
C LEU E 244 44.22 13.47 19.78
N ARG E 245 45.32 12.73 19.70
CA ARG E 245 46.55 13.21 20.32
C ARG E 245 47.15 14.40 19.59
N TYR E 246 46.72 14.69 18.36
CA TYR E 246 47.25 15.83 17.60
C TYR E 246 46.14 16.49 16.81
N PRO E 247 45.25 17.21 17.48
CA PRO E 247 44.21 17.95 16.76
C PRO E 247 44.75 19.21 16.12
N ARG E 248 45.79 19.80 16.70
CA ARG E 248 46.31 21.05 16.16
C ARG E 248 47.24 20.76 15.00
N ALA E 249 46.82 19.90 14.09
CA ALA E 249 47.56 19.69 12.85
C ALA E 249 46.68 19.57 11.61
N LEU E 250 45.43 19.14 11.74
CA LEU E 250 44.58 18.90 10.58
C LEU E 250 44.32 20.19 9.82
N THR E 251 43.59 21.12 10.43
CA THR E 251 43.39 22.42 9.81
C THR E 251 44.72 23.12 9.59
N ALA E 252 45.70 22.86 10.46
CA ALA E 252 47.05 23.35 10.22
C ALA E 252 47.57 22.89 8.88
N LEU E 253 47.06 21.78 8.36
CA LEU E 253 47.39 21.36 7.01
C LEU E 253 46.17 20.99 6.18
N GLY E 254 44.97 21.34 6.64
CA GLY E 254 43.75 21.02 5.92
C GLY E 254 43.58 19.52 5.73
N LEU E 255 43.58 18.77 6.84
CA LEU E 255 43.74 17.33 6.81
C LEU E 255 42.69 16.64 7.67
N ALA E 256 41.42 17.01 7.47
CA ALA E 256 40.34 16.38 8.22
C ALA E 256 40.36 14.87 8.05
N VAL E 257 40.59 14.16 9.16
CA VAL E 257 40.75 12.71 9.14
C VAL E 257 39.39 12.06 9.36
N PRO E 258 39.27 10.74 9.27
CA PRO E 258 38.00 10.10 9.64
C PRO E 258 37.65 10.36 11.09
N ARG E 259 36.36 10.54 11.33
CA ARG E 259 35.85 10.86 12.67
C ARG E 259 34.60 10.02 12.89
N GLY E 260 34.77 8.84 13.47
CA GLY E 260 33.67 7.93 13.70
C GLY E 260 34.05 6.50 13.36
N VAL E 261 33.86 5.59 14.32
CA VAL E 261 34.28 4.20 14.16
C VAL E 261 33.13 3.27 14.47
N LEU E 262 33.27 2.04 14.01
CA LEU E 262 32.24 1.01 14.20
C LEU E 262 32.86 -0.22 14.85
N LEU E 263 32.52 -0.46 16.12
CA LEU E 263 32.92 -1.68 16.82
C LEU E 263 31.83 -2.71 16.63
N ALA E 264 32.07 -3.69 15.76
CA ALA E 264 31.10 -4.74 15.48
C ALA E 264 31.53 -6.04 16.13
N GLY E 265 30.62 -6.68 16.85
CA GLY E 265 30.92 -7.94 17.47
C GLY E 265 30.05 -8.26 18.68
N PRO E 266 30.03 -9.52 19.08
CA PRO E 266 29.30 -9.93 20.28
C PRO E 266 29.78 -9.15 21.49
N PRO E 267 28.93 -8.33 22.07
CA PRO E 267 29.35 -7.46 23.16
C PRO E 267 29.33 -8.16 24.51
N GLY E 268 29.56 -7.40 25.58
CA GLY E 268 29.53 -7.94 26.92
C GLY E 268 30.81 -7.70 27.68
N VAL E 269 31.54 -8.78 27.97
CA VAL E 269 32.80 -8.67 28.71
C VAL E 269 33.87 -7.97 27.88
N GLY E 270 33.67 -7.86 26.57
CA GLY E 270 34.68 -7.30 25.69
C GLY E 270 34.46 -5.85 25.32
N LYS E 271 33.84 -5.65 24.15
CA LYS E 271 33.80 -4.37 23.46
C LYS E 271 33.66 -3.15 24.38
N THR E 272 32.63 -3.13 25.22
CA THR E 272 32.39 -1.95 26.04
C THR E 272 33.45 -1.80 27.12
N GLN E 273 33.81 -2.91 27.78
CA GLN E 273 34.92 -2.88 28.72
C GLN E 273 36.21 -2.43 28.03
N LEU E 274 36.37 -2.81 26.77
CA LEU E 274 37.53 -2.38 26.00
C LEU E 274 37.52 -0.87 25.76
N VAL E 275 36.38 -0.32 25.34
CA VAL E 275 36.34 1.11 25.08
C VAL E 275 36.58 1.88 26.35
N ARG E 276 36.07 1.35 27.47
CA ARG E 276 36.45 1.90 28.77
C ARG E 276 37.96 1.91 28.91
N ALA E 277 38.57 0.74 28.75
CA ALA E 277 40.00 0.58 28.98
C ALA E 277 40.79 1.55 28.12
N VAL E 278 40.35 1.80 26.88
CA VAL E 278 41.16 2.60 25.97
C VAL E 278 40.96 4.09 26.23
N ALA E 279 39.72 4.52 26.44
CA ALA E 279 39.51 5.90 26.85
C ALA E 279 40.33 6.20 28.08
N ARG E 280 40.52 5.21 28.94
CA ARG E 280 41.44 5.36 30.06
C ARG E 280 42.89 5.40 29.58
N GLU E 281 43.25 4.53 28.65
CA GLU E 281 44.60 4.50 28.09
C GLU E 281 45.02 5.85 27.57
N ALA E 282 44.06 6.69 27.19
CA ALA E 282 44.36 8.05 26.80
C ALA E 282 43.87 9.09 27.80
N GLY E 283 42.77 8.83 28.48
CA GLY E 283 42.16 9.84 29.31
C GLY E 283 40.99 10.47 28.57
N ALA E 284 39.78 10.02 28.86
CA ALA E 284 38.62 10.44 28.09
C ALA E 284 37.36 10.17 28.89
N GLU E 285 36.37 11.03 28.72
CA GLU E 285 35.11 10.92 29.44
C GLU E 285 34.34 9.70 28.96
N LEU E 286 34.28 8.67 29.80
CA LEU E 286 33.58 7.44 29.43
C LEU E 286 32.08 7.65 29.45
N LEU E 287 31.57 8.43 28.49
CA LEU E 287 30.15 8.77 28.44
C LEU E 287 29.34 7.57 27.91
N ALA E 288 29.45 6.46 28.64
CA ALA E 288 28.96 5.16 28.16
C ALA E 288 27.44 5.11 28.28
N VAL E 289 26.77 5.78 27.34
CA VAL E 289 25.32 5.77 27.28
C VAL E 289 24.90 4.71 26.27
N SER E 290 24.23 3.67 26.76
CA SER E 290 23.67 2.65 25.87
C SER E 290 22.59 3.30 25.02
N ALA E 291 22.84 3.37 23.70
CA ALA E 291 21.93 4.07 22.80
C ALA E 291 20.47 3.62 22.90
N PRO E 292 20.14 2.33 23.05
CA PRO E 292 18.73 1.97 23.19
C PRO E 292 18.10 2.37 24.51
N ALA E 293 18.81 3.09 25.37
CA ALA E 293 18.21 3.62 26.59
C ALA E 293 17.74 5.06 26.41
N LEU E 294 17.51 5.50 25.17
CA LEU E 294 17.03 6.83 24.90
C LEU E 294 15.92 6.81 23.84
N GLN E 295 15.23 5.70 23.69
CA GLN E 295 14.16 5.61 22.71
C GLN E 295 12.96 6.43 23.16
N GLY E 296 12.24 6.98 22.19
CA GLY E 296 11.10 7.83 22.46
C GLY E 296 9.83 7.29 21.82
N SER E 297 8.69 7.68 22.39
CA SER E 297 7.39 7.17 21.94
C SER E 297 6.80 8.00 20.80
N ARG E 298 7.13 9.29 20.72
CA ARG E 298 6.56 10.18 19.73
C ARG E 298 7.65 10.81 18.88
N PRO E 299 7.46 10.89 17.56
CA PRO E 299 8.49 11.48 16.70
C PRO E 299 8.78 12.93 17.06
N GLY E 300 10.04 13.21 17.36
CA GLY E 300 10.45 14.54 17.76
C GLY E 300 11.17 14.58 19.09
N GLU E 301 10.69 13.77 20.04
CA GLU E 301 11.41 13.61 21.30
C GLU E 301 12.68 12.79 21.10
N THR E 302 12.65 11.82 20.19
CA THR E 302 13.81 10.99 19.91
C THR E 302 14.96 11.84 19.37
N GLU E 303 14.73 12.52 18.25
CA GLU E 303 15.78 13.29 17.62
C GLU E 303 16.23 14.44 18.51
N GLU E 304 15.34 14.96 19.37
CA GLU E 304 15.77 15.98 20.31
C GLU E 304 16.64 15.39 21.42
N ASN E 305 16.34 14.16 21.85
CA ASN E 305 17.25 13.50 22.77
C ASN E 305 18.62 13.31 22.15
N VAL E 306 18.63 13.01 20.84
CA VAL E 306 19.89 12.92 20.12
C VAL E 306 20.60 14.27 20.12
N ARG E 307 19.85 15.34 19.86
CA ARG E 307 20.40 16.68 19.98
C ARG E 307 21.03 16.88 21.35
N ARG E 308 20.33 16.44 22.39
CA ARG E 308 20.79 16.62 23.75
C ARG E 308 22.14 15.95 23.96
N VAL E 309 22.22 14.66 23.66
CA VAL E 309 23.44 13.91 23.95
C VAL E 309 24.59 14.43 23.10
N PHE E 310 24.33 14.75 21.83
CA PHE E 310 25.41 15.26 21.00
C PHE E 310 25.83 16.66 21.43
N GLN E 311 24.92 17.42 22.04
CA GLN E 311 25.31 18.71 22.61
C GLN E 311 26.21 18.50 23.81
N ARG E 312 25.89 17.52 24.65
CA ARG E 312 26.82 17.14 25.71
C ARG E 312 28.18 16.85 25.11
N ALA E 313 28.20 16.09 24.02
CA ALA E 313 29.45 15.76 23.35
C ALA E 313 30.18 17.01 22.88
N ARG E 314 29.44 17.99 22.34
CA ARG E 314 30.09 19.17 21.80
C ARG E 314 30.68 20.04 22.90
N GLU E 315 29.87 20.36 23.92
CA GLU E 315 30.40 21.09 25.06
C GLU E 315 31.53 20.31 25.74
N LEU E 316 31.59 18.99 25.54
CA LEU E 316 32.78 18.25 25.94
C LEU E 316 33.94 18.56 25.01
N ALA E 317 33.68 18.65 23.71
CA ALA E 317 34.73 19.04 22.77
C ALA E 317 35.31 20.40 23.14
N SER E 318 34.56 21.22 23.88
CA SER E 318 35.15 22.43 24.42
C SER E 318 36.25 22.14 25.43
N ARG E 319 36.32 20.91 25.94
CA ARG E 319 37.24 20.54 27.02
C ARG E 319 38.56 20.00 26.43
N GLY E 320 39.36 19.36 27.28
CA GLY E 320 40.58 18.71 26.85
C GLY E 320 40.37 17.26 26.44
N PRO E 321 41.23 16.37 26.92
CA PRO E 321 41.15 14.95 26.51
C PRO E 321 39.80 14.32 26.83
N SER E 322 39.17 13.72 25.81
CA SER E 322 37.79 13.29 25.92
C SER E 322 37.47 12.31 24.80
N LEU E 323 36.28 11.74 24.87
CA LEU E 323 35.76 10.83 23.86
C LEU E 323 34.28 10.57 24.11
N LEU E 324 33.49 10.54 23.05
CA LEU E 324 32.08 10.18 23.12
C LEU E 324 31.92 8.72 22.73
N PHE E 325 31.10 8.00 23.48
CA PHE E 325 30.84 6.59 23.21
C PHE E 325 29.37 6.28 23.43
N LEU E 326 28.87 5.33 22.66
CA LEU E 326 27.55 4.74 22.86
C LEU E 326 27.62 3.27 22.46
N ASP E 327 26.54 2.54 22.73
CA ASP E 327 26.54 1.11 22.43
C ASP E 327 25.17 0.68 21.94
N GLU E 328 25.16 -0.38 21.13
CA GLU E 328 23.94 -0.99 20.61
C GLU E 328 23.13 -0.01 19.77
N MET E 329 23.85 0.81 18.99
CA MET E 329 23.19 1.74 18.09
C MET E 329 22.36 1.04 17.02
N ASP E 330 22.48 -0.28 16.89
CA ASP E 330 21.77 -1.01 15.85
C ASP E 330 20.26 -0.90 16.03
N ALA E 331 19.78 -1.02 17.28
CA ALA E 331 18.38 -0.73 17.56
C ALA E 331 18.02 0.67 17.12
N LEU E 332 18.94 1.61 17.23
CA LEU E 332 18.74 2.97 16.75
C LEU E 332 19.15 3.15 15.30
N CYS E 333 19.31 2.05 14.56
CA CYS E 333 19.82 2.11 13.19
C CYS E 333 19.43 0.86 12.43
N PRO E 334 18.21 0.84 11.86
CA PRO E 334 17.87 -0.21 10.90
C PRO E 334 18.55 0.03 9.57
N GLN E 335 18.25 -0.75 8.55
CA GLN E 335 18.86 -0.59 7.23
C GLN E 335 17.89 0.10 6.28
N ARG E 336 18.40 0.43 5.09
CA ARG E 336 17.62 1.15 4.09
C ARG E 336 16.47 0.27 3.58
N GLY E 337 15.60 0.90 2.78
CA GLY E 337 14.39 0.25 2.32
C GLY E 337 13.26 0.22 3.32
N SER E 338 13.48 0.75 4.53
CA SER E 338 12.47 0.78 5.58
C SER E 338 11.51 1.95 5.38
N ARG E 339 10.74 2.27 6.42
CA ARG E 339 9.70 3.29 6.36
C ARG E 339 10.26 4.71 6.44
N ALA E 340 9.39 5.68 6.69
CA ALA E 340 9.84 7.07 6.74
C ALA E 340 10.71 7.38 7.95
N PRO E 341 10.25 7.21 9.20
CA PRO E 341 10.95 7.83 10.34
C PRO E 341 12.41 7.42 10.48
N GLU E 342 12.80 6.27 9.93
CA GLU E 342 14.22 5.95 9.90
C GLU E 342 14.99 6.99 9.10
N SER E 343 14.37 7.53 8.05
CA SER E 343 15.00 8.61 7.29
C SER E 343 15.25 9.81 8.18
N ARG E 344 14.26 10.19 8.99
CA ARG E 344 14.43 11.31 9.91
C ARG E 344 15.58 11.05 10.88
N VAL E 345 15.59 9.86 11.50
CA VAL E 345 16.62 9.54 12.48
C VAL E 345 18.00 9.62 11.86
N VAL E 346 18.18 8.93 10.72
CA VAL E 346 19.51 8.85 10.11
C VAL E 346 19.94 10.22 9.59
N ALA E 347 19.03 10.99 9.01
CA ALA E 347 19.41 12.31 8.51
C ALA E 347 19.82 13.23 9.65
N GLN E 348 19.10 13.18 10.77
CA GLN E 348 19.43 14.11 11.85
C GLN E 348 20.67 13.69 12.61
N VAL E 349 20.96 12.39 12.70
CA VAL E 349 22.23 12.01 13.31
C VAL E 349 23.38 12.35 12.35
N LEU E 350 23.17 12.19 11.04
CA LEU E 350 24.16 12.65 10.08
C LEU E 350 24.39 14.14 10.23
N THR E 351 23.32 14.89 10.52
CA THR E 351 23.44 16.32 10.77
C THR E 351 24.31 16.57 11.98
N LEU E 352 24.04 15.88 13.08
CA LEU E 352 24.82 16.11 14.29
C LEU E 352 26.30 15.79 14.08
N LEU E 353 26.59 14.70 13.37
CA LEU E 353 28.00 14.37 13.16
C LEU E 353 28.66 15.33 12.17
N ASP E 354 27.92 15.76 11.14
CA ASP E 354 28.47 16.71 10.19
C ASP E 354 28.66 18.09 10.82
N GLY E 355 27.95 18.38 11.89
CA GLY E 355 28.21 19.56 12.68
C GLY E 355 29.43 19.37 13.55
N ALA E 356 29.50 18.23 14.24
CA ALA E 356 30.68 17.91 15.04
C ALA E 356 31.94 17.83 14.21
N SER E 357 31.81 17.73 12.89
CA SER E 357 32.95 17.84 11.98
C SER E 357 33.84 19.03 12.38
N GLY E 358 33.21 20.10 12.86
CA GLY E 358 33.93 21.25 13.37
C GLY E 358 34.28 21.21 14.84
N ASP E 359 33.80 20.21 15.58
CA ASP E 359 34.15 20.06 16.98
C ASP E 359 35.65 19.78 17.13
N ARG E 360 36.10 19.83 18.37
CA ARG E 360 37.53 19.83 18.65
C ARG E 360 38.07 18.45 19.00
N GLU E 361 37.52 17.80 20.01
CA GLU E 361 38.19 16.64 20.58
C GLU E 361 37.17 15.57 20.99
N VAL E 362 36.25 15.25 20.09
CA VAL E 362 35.27 14.19 20.31
C VAL E 362 34.99 13.48 19.00
N VAL E 363 34.72 12.18 19.11
CA VAL E 363 34.28 11.36 17.99
C VAL E 363 33.22 10.38 18.48
N VAL E 364 32.68 9.60 17.55
CA VAL E 364 31.58 8.69 17.80
C VAL E 364 32.06 7.27 17.62
N VAL E 365 31.75 6.41 18.60
CA VAL E 365 32.07 5.00 18.54
C VAL E 365 30.75 4.25 18.51
N GLY E 366 30.24 3.98 17.31
CA GLY E 366 29.05 3.15 17.20
C GLY E 366 29.39 1.72 17.54
N ALA E 367 28.82 1.24 18.64
CA ALA E 367 29.13 -0.10 19.15
C ALA E 367 27.91 -0.98 18.91
N THR E 368 28.04 -1.94 17.99
CA THR E 368 26.94 -2.82 17.62
C THR E 368 27.49 -4.23 17.48
N ASN E 369 26.68 -5.14 16.96
CA ASN E 369 27.08 -6.53 16.83
C ASN E 369 27.66 -6.82 15.44
N ARG E 370 26.87 -6.61 14.41
CA ARG E 370 27.27 -6.88 13.04
C ARG E 370 27.13 -5.61 12.22
N PRO E 371 28.12 -5.25 11.41
CA PRO E 371 28.04 -3.99 10.66
C PRO E 371 26.84 -3.92 9.75
N ASP E 372 26.45 -5.05 9.16
CA ASP E 372 25.28 -5.06 8.28
C ASP E 372 24.01 -4.63 9.01
N ALA E 373 23.95 -4.85 10.32
CA ALA E 373 22.75 -4.53 11.09
C ALA E 373 22.46 -3.04 11.12
N LEU E 374 23.29 -2.21 10.52
CA LEU E 374 23.12 -0.76 10.55
C LEU E 374 22.66 -0.24 9.20
N ASP E 375 22.37 1.06 9.18
CA ASP E 375 21.96 1.70 7.93
C ASP E 375 23.17 1.90 7.04
N PRO E 376 23.10 1.54 5.76
CA PRO E 376 24.26 1.75 4.88
C PRO E 376 24.57 3.22 4.65
N ALA E 377 23.55 4.07 4.59
CA ALA E 377 23.76 5.48 4.28
C ALA E 377 24.50 6.21 5.39
N LEU E 378 24.90 5.48 6.43
CA LEU E 378 25.69 6.06 7.51
C LEU E 378 27.13 5.55 7.55
N ARG E 379 27.50 4.64 6.64
CA ARG E 379 28.87 4.14 6.60
C ARG E 379 29.65 4.72 5.43
N ARG E 380 29.27 5.90 4.96
CA ARG E 380 29.87 6.51 3.78
C ARG E 380 31.31 6.92 4.06
N PRO E 381 32.08 7.24 3.01
CA PRO E 381 33.32 7.98 3.23
C PRO E 381 33.03 9.31 3.90
N GLY E 382 33.93 9.73 4.77
CA GLY E 382 33.70 10.92 5.57
C GLY E 382 32.57 10.68 6.56
N ARG E 383 32.23 9.41 6.73
CA ARG E 383 31.19 8.94 7.63
C ARG E 383 31.74 7.69 8.30
N PHE E 384 30.87 6.85 8.85
CA PHE E 384 31.33 5.70 9.64
C PHE E 384 32.01 4.70 8.70
N ASP E 385 33.28 4.97 8.43
CA ASP E 385 34.09 4.14 7.54
C ASP E 385 35.10 3.27 8.26
N ARG E 386 35.71 3.76 9.33
CA ARG E 386 36.67 2.96 10.09
C ARG E 386 35.88 1.92 10.87
N GLU E 387 35.81 0.72 10.30
CA GLU E 387 34.94 -0.34 10.78
C GLU E 387 35.80 -1.51 11.21
N VAL E 388 35.74 -1.87 12.49
CA VAL E 388 36.59 -2.90 13.06
C VAL E 388 35.74 -3.88 13.84
N VAL E 389 36.04 -5.16 13.66
CA VAL E 389 35.37 -6.24 14.36
C VAL E 389 36.11 -6.53 15.65
N ILE E 390 35.39 -7.02 16.66
CA ILE E 390 36.05 -7.48 17.88
C ILE E 390 36.84 -8.73 17.54
N GLY E 391 37.73 -9.12 18.43
CA GLY E 391 38.59 -10.26 18.15
C GLY E 391 37.82 -11.55 18.00
N THR E 392 38.43 -12.49 17.33
CA THR E 392 37.91 -13.84 17.22
C THR E 392 38.54 -14.71 18.29
N PRO E 393 37.77 -15.52 18.99
CA PRO E 393 38.26 -16.11 20.24
C PRO E 393 39.33 -17.17 20.06
N THR E 394 40.59 -16.76 19.89
CA THR E 394 41.67 -17.72 19.78
C THR E 394 42.02 -18.33 21.13
N LEU E 395 42.71 -19.47 21.07
CA LEU E 395 43.01 -20.23 22.28
C LEU E 395 43.77 -19.40 23.30
N LYS E 396 44.83 -18.72 22.85
CA LYS E 396 45.58 -17.85 23.75
C LYS E 396 44.66 -16.81 24.38
N GLN E 397 43.80 -16.20 23.56
CA GLN E 397 42.83 -15.25 24.06
C GLN E 397 41.83 -15.95 24.99
N ARG E 398 41.45 -17.18 24.66
CA ARG E 398 40.55 -17.93 25.54
C ARG E 398 41.16 -18.06 26.93
N LYS E 399 42.41 -18.49 27.01
CA LYS E 399 43.06 -18.64 28.31
C LYS E 399 43.17 -17.31 29.02
N GLU E 400 43.60 -16.27 28.30
CA GLU E 400 43.67 -14.94 28.88
C GLU E 400 42.35 -14.53 29.52
N ILE E 401 41.25 -14.76 28.80
CA ILE E 401 39.97 -14.27 29.30
C ILE E 401 39.46 -15.12 30.44
N LEU E 402 39.70 -16.44 30.41
CA LEU E 402 39.32 -17.26 31.57
C LEU E 402 40.04 -16.79 32.81
N GLN E 403 41.35 -16.53 32.68
CA GLN E 403 42.11 -16.01 33.81
C GLN E 403 41.54 -14.68 34.28
N VAL E 404 41.23 -13.80 33.33
CA VAL E 404 40.69 -12.48 33.67
C VAL E 404 39.40 -12.63 34.46
N ILE E 405 38.51 -13.52 34.01
CA ILE E 405 37.23 -13.71 34.69
C ILE E 405 37.47 -14.25 36.10
N THR E 406 38.11 -15.40 36.20
CA THR E 406 38.32 -16.01 37.50
C THR E 406 39.17 -15.15 38.43
N SER E 407 39.78 -14.08 37.92
CA SER E 407 40.59 -13.22 38.77
C SER E 407 39.81 -12.62 39.92
N LYS E 408 38.49 -12.79 39.97
CA LYS E 408 37.69 -12.24 41.06
C LYS E 408 36.79 -13.28 41.73
N MET E 409 36.89 -14.55 41.33
CA MET E 409 36.06 -15.59 41.90
C MET E 409 36.89 -16.84 42.13
N PRO E 410 36.65 -17.56 43.21
CA PRO E 410 37.51 -18.69 43.58
C PRO E 410 37.15 -19.96 42.80
N ILE E 411 38.02 -20.35 41.88
CA ILE E 411 37.94 -21.65 41.24
C ILE E 411 38.99 -22.54 41.87
N SER E 412 38.80 -23.85 41.75
CA SER E 412 39.74 -24.80 42.31
C SER E 412 41.14 -24.56 41.77
N SER E 413 42.13 -25.11 42.47
CA SER E 413 43.53 -24.97 42.11
C SER E 413 44.00 -26.12 41.23
N HIS E 414 43.11 -26.73 40.45
CA HIS E 414 43.45 -27.86 39.61
C HIS E 414 42.82 -27.71 38.23
N VAL E 415 42.90 -26.51 37.68
CA VAL E 415 42.21 -26.16 36.44
C VAL E 415 43.23 -25.99 35.32
N ASP E 416 43.10 -26.82 34.29
CA ASP E 416 43.79 -26.58 33.02
C ASP E 416 42.85 -25.73 32.19
N LEU E 417 42.98 -24.41 32.34
CA LEU E 417 42.06 -23.50 31.68
C LEU E 417 42.06 -23.71 30.18
N GLY E 418 43.23 -23.98 29.59
CA GLY E 418 43.30 -24.22 28.17
C GLY E 418 42.51 -25.43 27.74
N LEU E 419 42.36 -26.42 28.61
CA LEU E 419 41.53 -27.58 28.29
C LEU E 419 40.12 -27.13 27.96
N LEU E 420 39.45 -26.49 28.92
CA LEU E 420 38.10 -26.01 28.67
C LEU E 420 38.08 -25.03 27.50
N ALA E 421 39.13 -24.21 27.39
CA ALA E 421 39.22 -23.26 26.28
C ALA E 421 39.06 -23.97 24.95
N GLU E 422 39.92 -24.95 24.70
CA GLU E 422 39.84 -25.72 23.47
C GLU E 422 38.54 -26.52 23.40
N MET E 423 37.95 -26.83 24.55
CA MET E 423 36.62 -27.40 24.56
C MET E 423 35.55 -26.40 24.14
N THR E 424 35.90 -25.12 24.04
CA THR E 424 34.91 -24.07 23.79
C THR E 424 35.09 -23.39 22.44
N VAL E 425 35.29 -24.16 21.37
CA VAL E 425 35.30 -23.59 20.04
C VAL E 425 34.00 -22.84 19.77
N GLY E 426 34.12 -21.66 19.17
CA GLY E 426 32.95 -20.86 18.88
C GLY E 426 32.50 -20.02 20.06
N TYR E 427 32.70 -20.53 21.27
CA TYR E 427 32.26 -19.84 22.48
C TYR E 427 33.07 -18.57 22.66
N VAL E 428 32.42 -17.42 22.48
CA VAL E 428 33.09 -16.14 22.70
C VAL E 428 33.31 -15.98 24.19
N GLY E 429 34.12 -14.99 24.58
CA GLY E 429 34.42 -14.73 25.97
C GLY E 429 33.20 -14.72 26.88
N ALA E 430 32.21 -13.88 26.55
CA ALA E 430 31.01 -13.78 27.36
C ALA E 430 30.35 -15.14 27.56
N ASP E 431 30.35 -15.97 26.52
CA ASP E 431 29.87 -17.34 26.68
C ASP E 431 30.65 -18.05 27.77
N LEU E 432 31.97 -17.85 27.80
CA LEU E 432 32.79 -18.51 28.81
C LEU E 432 32.47 -17.98 30.19
N THR E 433 32.28 -16.66 30.29
CA THR E 433 31.80 -16.08 31.54
C THR E 433 30.55 -16.81 32.01
N ALA E 434 29.57 -16.94 31.11
CA ALA E 434 28.34 -17.63 31.47
C ALA E 434 28.62 -19.06 31.89
N LEU E 435 29.55 -19.71 31.21
CA LEU E 435 29.89 -21.08 31.54
C LEU E 435 30.37 -21.18 32.97
N CYS E 436 31.41 -20.41 33.30
CA CYS E 436 31.90 -20.40 34.68
C CYS E 436 30.80 -20.00 35.65
N ARG E 437 29.90 -19.12 35.22
CA ARG E 437 28.85 -18.65 36.09
C ARG E 437 27.94 -19.79 36.51
N GLU E 438 27.36 -20.47 35.53
CA GLU E 438 26.49 -21.59 35.87
C GLU E 438 27.26 -22.72 36.51
N ALA E 439 28.54 -22.86 36.18
CA ALA E 439 29.38 -23.83 36.86
C ALA E 439 29.37 -23.57 38.35
N ALA E 440 29.76 -22.36 38.74
CA ALA E 440 29.71 -21.97 40.14
C ALA E 440 28.29 -22.08 40.69
N MET E 441 27.29 -21.87 39.84
CA MET E 441 25.92 -21.96 40.29
C MET E 441 25.63 -23.35 40.83
N HIS E 442 25.88 -24.36 40.00
CA HIS E 442 25.66 -25.72 40.49
C HIS E 442 26.72 -26.13 41.51
N ALA E 443 27.85 -25.44 41.56
CA ALA E 443 28.79 -25.68 42.65
C ALA E 443 28.16 -25.33 43.98
N LEU E 444 27.61 -24.13 44.07
CA LEU E 444 26.89 -23.72 45.28
C LEU E 444 25.72 -24.66 45.55
N LEU E 445 24.91 -24.92 44.54
CA LEU E 445 23.76 -25.80 44.69
C LEU E 445 24.15 -27.24 45.00
N HIS E 446 25.43 -27.57 44.84
CA HIS E 446 25.93 -28.92 45.07
C HIS E 446 26.80 -29.02 46.31
N SER E 447 27.68 -28.05 46.53
CA SER E 447 28.38 -27.97 47.80
C SER E 447 27.38 -27.75 48.93
N GLU E 448 27.68 -28.33 50.09
CA GLU E 448 26.71 -28.34 51.19
C GLU E 448 27.19 -27.59 52.42
N LYS E 449 28.38 -27.89 52.93
CA LYS E 449 28.83 -27.31 54.19
C LYS E 449 29.63 -26.02 53.97
N ASN E 450 30.74 -26.12 53.24
CA ASN E 450 31.62 -24.97 53.02
C ASN E 450 31.15 -24.21 51.78
N GLN E 451 29.95 -23.65 51.89
CA GLN E 451 29.36 -22.84 50.83
C GLN E 451 29.87 -21.41 50.85
N ASP E 452 31.00 -21.15 51.53
CA ASP E 452 31.62 -19.84 51.52
C ASP E 452 32.94 -19.80 50.76
N ASN E 453 33.67 -20.92 50.74
CA ASN E 453 34.93 -21.04 50.01
C ASN E 453 34.75 -22.11 48.94
N PRO E 454 34.09 -21.77 47.84
CA PRO E 454 33.83 -22.78 46.80
C PRO E 454 35.09 -23.25 46.10
N VAL E 455 35.42 -24.52 46.30
CA VAL E 455 36.43 -25.17 45.45
C VAL E 455 35.65 -25.69 44.25
N ILE E 456 35.45 -24.81 43.28
CA ILE E 456 34.57 -25.09 42.16
C ILE E 456 35.27 -26.12 41.27
N ASP E 457 34.78 -27.35 41.30
CA ASP E 457 35.47 -28.46 40.66
C ASP E 457 35.12 -28.54 39.18
N GLU E 458 36.11 -28.93 38.37
CA GLU E 458 35.97 -28.94 36.92
C GLU E 458 34.90 -29.92 36.46
N ILE E 459 34.52 -30.89 37.30
CA ILE E 459 33.42 -31.77 36.95
C ILE E 459 32.15 -30.96 36.71
N ASP E 460 31.91 -29.97 37.57
CA ASP E 460 30.77 -29.08 37.34
C ASP E 460 30.97 -28.26 36.08
N PHE E 461 32.22 -27.98 35.71
CA PHE E 461 32.46 -27.28 34.45
C PHE E 461 32.07 -28.15 33.27
N LEU E 462 32.36 -29.45 33.35
CA LEU E 462 31.84 -30.38 32.35
C LEU E 462 30.33 -30.34 32.31
N GLU E 463 29.71 -30.42 33.50
CA GLU E 463 28.27 -30.28 33.61
C GLU E 463 27.79 -29.08 32.80
N ALA E 464 28.50 -27.96 32.94
CA ALA E 464 28.14 -26.76 32.20
C ALA E 464 28.30 -26.97 30.70
N PHE E 465 29.46 -27.47 30.28
CA PHE E 465 29.68 -27.80 28.87
C PHE E 465 28.47 -28.49 28.29
N LYS E 466 27.95 -29.49 29.00
CA LYS E 466 26.74 -30.15 28.57
C LYS E 466 25.63 -29.13 28.36
N ASN E 467 25.27 -28.40 29.41
CA ASN E 467 24.11 -27.53 29.34
C ASN E 467 24.46 -26.20 28.67
N ILE E 468 25.06 -26.26 27.49
CA ILE E 468 25.35 -25.03 26.75
C ILE E 468 25.70 -25.35 25.30
N GLN E 469 25.39 -24.42 24.40
CA GLN E 469 25.80 -24.48 23.01
C GLN E 469 26.40 -23.14 22.62
N PRO E 470 27.32 -23.14 21.65
CA PRO E 470 27.92 -21.87 21.25
C PRO E 470 27.09 -21.15 20.20
N SER E 471 27.59 -20.01 19.73
CA SER E 471 26.93 -19.26 18.66
C SER E 471 27.35 -19.84 17.32
N SER E 472 27.08 -19.09 16.24
CA SER E 472 27.47 -19.53 14.90
C SER E 472 28.92 -19.97 14.87
N PHE E 473 29.83 -19.08 15.23
CA PHE E 473 31.25 -19.43 15.34
C PHE E 473 31.90 -18.66 16.48
N ASP E 481 44.46 -21.72 9.60
CA ASP E 481 45.07 -22.99 9.97
C ASP E 481 46.23 -22.78 10.93
N ILE E 482 45.90 -22.36 12.15
CA ILE E 482 46.90 -22.09 13.17
C ILE E 482 47.77 -23.31 13.44
N LYS E 483 47.28 -24.50 13.12
CA LYS E 483 48.02 -25.72 13.36
C LYS E 483 49.35 -25.69 12.61
N PRO E 484 50.49 -25.75 13.30
CA PRO E 484 51.78 -25.77 12.61
C PRO E 484 52.15 -27.18 12.19
N VAL E 485 52.94 -27.26 11.12
CA VAL E 485 53.37 -28.51 10.51
C VAL E 485 54.82 -28.37 10.09
N ASP E 486 55.35 -29.42 9.45
CA ASP E 486 56.71 -29.41 8.96
C ASP E 486 56.84 -30.28 7.72
N TRP E 487 57.94 -30.10 7.00
CA TRP E 487 58.20 -30.87 5.80
C TRP E 487 58.50 -32.33 6.10
N GLU E 488 59.00 -32.64 7.29
CA GLU E 488 59.29 -34.01 7.63
C GLU E 488 58.03 -34.85 7.69
N GLU E 489 56.88 -34.22 7.94
CA GLU E 489 55.60 -34.89 8.00
C GLU E 489 55.08 -35.30 6.62
N ILE E 490 55.80 -34.98 5.55
CA ILE E 490 55.35 -35.27 4.20
C ILE E 490 56.53 -35.73 3.37
N GLY E 491 56.27 -36.66 2.45
CA GLY E 491 57.26 -37.08 1.48
C GLY E 491 56.61 -37.33 0.13
N GLY E 492 57.45 -37.65 -0.85
CA GLY E 492 56.95 -37.96 -2.17
C GLY E 492 56.55 -36.74 -2.98
N LEU E 493 56.81 -36.78 -4.29
CA LEU E 493 56.62 -35.63 -5.17
C LEU E 493 57.51 -34.48 -4.76
N GLU E 494 58.82 -34.76 -4.69
CA GLU E 494 59.78 -33.75 -4.32
C GLU E 494 59.86 -32.64 -5.37
N ASP E 495 59.52 -32.95 -6.63
CA ASP E 495 59.53 -31.94 -7.66
C ASP E 495 58.62 -30.76 -7.32
N VAL E 496 57.38 -31.07 -6.91
CA VAL E 496 56.43 -30.02 -6.61
C VAL E 496 56.88 -29.23 -5.39
N LYS E 497 57.49 -29.90 -4.41
CA LYS E 497 58.02 -29.20 -3.25
C LYS E 497 59.10 -28.21 -3.67
N LEU E 498 60.07 -28.66 -4.46
CA LEU E 498 61.11 -27.78 -4.94
C LEU E 498 60.53 -26.63 -5.75
N LYS E 499 59.48 -26.92 -6.53
CA LYS E 499 58.83 -25.85 -7.29
C LYS E 499 58.27 -24.78 -6.36
N LEU E 500 57.36 -25.18 -5.46
CA LEU E 500 56.78 -24.25 -4.52
C LEU E 500 57.85 -23.50 -3.74
N LYS E 501 58.97 -24.15 -3.45
CA LYS E 501 60.10 -23.45 -2.86
C LYS E 501 60.64 -22.39 -3.81
N GLN E 502 60.73 -22.72 -5.09
CA GLN E 502 61.29 -21.79 -6.06
C GLN E 502 60.42 -20.56 -6.20
N SER E 503 59.17 -20.74 -6.61
CA SER E 503 58.38 -19.64 -7.15
C SER E 503 57.44 -19.01 -6.13
N ILE E 504 57.52 -19.37 -4.87
CA ILE E 504 56.69 -18.67 -3.88
C ILE E 504 57.52 -18.14 -2.71
N GLU E 505 58.17 -19.04 -1.97
CA GLU E 505 58.85 -18.62 -0.76
C GLU E 505 60.13 -17.85 -1.08
N TRP E 506 60.86 -18.28 -2.10
CA TRP E 506 62.14 -17.64 -2.40
C TRP E 506 62.02 -16.17 -2.80
N PRO E 507 60.96 -15.73 -3.49
CA PRO E 507 60.77 -14.28 -3.63
C PRO E 507 60.75 -13.56 -2.30
N LEU E 508 60.17 -14.17 -1.26
CA LEU E 508 60.18 -13.53 0.05
C LEU E 508 61.55 -13.64 0.70
N LYS E 509 62.19 -14.80 0.60
CA LYS E 509 63.48 -15.00 1.23
C LYS E 509 64.63 -14.38 0.45
N PHE E 510 64.42 -14.03 -0.81
CA PHE E 510 65.45 -13.39 -1.63
C PHE E 510 64.81 -12.36 -2.56
N PRO E 511 64.13 -11.36 -2.00
CA PRO E 511 63.47 -10.37 -2.88
C PRO E 511 64.44 -9.52 -3.67
N TRP E 512 65.45 -8.97 -3.00
CA TRP E 512 66.47 -8.20 -3.71
C TRP E 512 67.19 -9.07 -4.72
N GLU E 513 67.44 -10.33 -4.39
CA GLU E 513 68.08 -11.23 -5.33
C GLU E 513 67.19 -11.43 -6.55
N PHE E 514 65.91 -11.67 -6.33
CA PHE E 514 64.97 -11.81 -7.44
C PHE E 514 65.01 -10.59 -8.35
N VAL E 515 64.94 -9.39 -7.75
CA VAL E 515 64.79 -8.20 -8.59
C VAL E 515 66.11 -7.85 -9.27
N ARG E 516 67.25 -8.14 -8.64
CA ARG E 516 68.51 -8.00 -9.36
C ARG E 516 68.57 -8.99 -10.51
N MET E 517 67.98 -10.18 -10.31
CA MET E 517 67.67 -11.02 -11.45
C MET E 517 66.52 -10.44 -12.26
N GLY E 518 65.54 -9.85 -11.57
CA GLY E 518 64.41 -9.23 -12.23
C GLY E 518 63.64 -10.16 -13.14
N LEU E 519 63.64 -11.46 -12.84
CA LEU E 519 63.03 -12.43 -13.72
C LEU E 519 61.54 -12.16 -13.86
N THR E 520 60.79 -12.38 -12.79
CA THR E 520 59.35 -12.18 -12.76
C THR E 520 58.90 -12.45 -11.33
N GLN E 521 57.72 -11.96 -11.00
CA GLN E 521 56.99 -12.41 -9.82
C GLN E 521 55.67 -13.01 -10.29
N PRO E 522 55.60 -14.32 -10.52
CA PRO E 522 54.32 -14.95 -10.81
C PRO E 522 53.38 -14.74 -9.63
N LYS E 523 52.26 -14.06 -9.89
CA LYS E 523 51.40 -13.65 -8.80
C LYS E 523 50.44 -14.74 -8.37
N GLY E 524 50.08 -15.65 -9.27
CA GLY E 524 49.10 -16.67 -8.98
C GLY E 524 49.58 -18.06 -9.32
N VAL E 525 49.28 -19.01 -8.44
CA VAL E 525 49.71 -20.39 -8.61
C VAL E 525 48.54 -21.32 -8.33
N LEU E 526 48.42 -22.39 -9.14
CA LEU E 526 47.37 -23.38 -8.99
C LEU E 526 47.97 -24.77 -8.90
N LEU E 527 47.37 -25.61 -8.06
CA LEU E 527 47.85 -26.96 -7.82
C LEU E 527 46.71 -27.96 -7.95
N TYR E 528 47.05 -29.16 -8.38
CA TYR E 528 46.03 -30.17 -8.64
C TYR E 528 46.66 -31.55 -8.72
N GLY E 529 45.89 -32.53 -8.27
CA GLY E 529 46.21 -33.92 -8.45
C GLY E 529 44.96 -34.77 -8.34
N PRO E 530 45.08 -35.95 -7.73
CA PRO E 530 43.89 -36.71 -7.37
C PRO E 530 43.40 -36.31 -6.00
N PRO E 531 42.10 -36.06 -5.84
CA PRO E 531 41.57 -35.66 -4.53
C PRO E 531 41.75 -36.77 -3.51
N GLY E 532 42.52 -36.48 -2.46
CA GLY E 532 42.82 -37.49 -1.47
C GLY E 532 44.29 -37.64 -1.17
N CYS E 533 45.09 -36.62 -1.49
CA CYS E 533 46.51 -36.61 -1.15
C CYS E 533 46.85 -35.61 -0.07
N ALA E 534 45.84 -35.11 0.64
CA ALA E 534 46.04 -34.20 1.77
C ALA E 534 46.91 -33.03 1.38
N LYS E 535 46.52 -32.36 0.29
CA LYS E 535 47.33 -31.29 -0.28
C LYS E 535 47.40 -30.11 0.68
N THR E 536 46.31 -29.88 1.41
CA THR E 536 46.28 -28.85 2.44
C THR E 536 47.50 -28.95 3.35
N THR E 537 47.96 -30.18 3.61
CA THR E 537 49.16 -30.35 4.42
C THR E 537 50.37 -29.69 3.77
N LEU E 538 50.54 -29.91 2.47
CA LEU E 538 51.67 -29.29 1.78
C LEU E 538 51.53 -27.77 1.78
N VAL E 539 50.30 -27.29 1.62
CA VAL E 539 50.09 -25.84 1.68
C VAL E 539 50.52 -25.30 3.03
N ARG E 540 50.11 -25.96 4.10
CA ARG E 540 50.48 -25.51 5.44
C ARG E 540 51.97 -25.62 5.67
N ALA E 541 52.62 -26.63 5.10
CA ALA E 541 54.07 -26.72 5.22
C ALA E 541 54.75 -25.54 4.56
N LEU E 542 54.31 -25.18 3.37
CA LEU E 542 54.78 -23.95 2.75
C LEU E 542 54.55 -22.76 3.67
N ALA E 543 53.33 -22.63 4.20
CA ALA E 543 53.02 -21.53 5.10
C ALA E 543 53.89 -21.55 6.36
N THR E 544 54.47 -22.70 6.67
CA THR E 544 55.31 -22.84 7.84
C THR E 544 56.75 -22.45 7.56
N SER E 545 57.26 -22.80 6.39
CA SER E 545 58.67 -22.61 6.09
C SER E 545 59.04 -21.18 5.75
N CYS E 546 58.18 -20.22 6.05
CA CYS E 546 58.43 -18.84 5.66
C CYS E 546 58.22 -17.88 6.81
N HIS E 547 57.45 -18.29 7.80
CA HIS E 547 57.02 -17.48 8.94
C HIS E 547 56.07 -16.37 8.52
N CYS E 548 55.77 -16.25 7.24
CA CYS E 548 54.89 -15.17 6.78
C CYS E 548 53.47 -15.39 7.28
N SER E 549 52.80 -14.29 7.59
CA SER E 549 51.40 -14.33 7.98
C SER E 549 50.59 -15.03 6.90
N PHE E 550 50.00 -16.16 7.25
CA PHE E 550 49.29 -17.01 6.32
C PHE E 550 47.81 -17.05 6.68
N VAL E 551 46.96 -16.98 5.66
CA VAL E 551 45.51 -17.12 5.84
C VAL E 551 44.95 -17.99 4.73
N SER E 552 44.07 -18.91 5.10
CA SER E 552 43.42 -19.81 4.16
C SER E 552 41.93 -19.53 4.11
N VAL E 553 41.32 -19.93 3.00
CA VAL E 553 39.91 -19.66 2.73
C VAL E 553 39.27 -20.93 2.22
N SER E 554 38.24 -21.41 2.91
CA SER E 554 37.53 -22.63 2.58
C SER E 554 36.07 -22.35 2.33
N GLY E 555 35.41 -23.30 1.68
CA GLY E 555 33.99 -23.16 1.40
C GLY E 555 33.13 -23.19 2.65
N ALA E 556 33.47 -24.07 3.59
CA ALA E 556 32.77 -24.07 4.87
C ALA E 556 33.00 -22.77 5.62
N ASP E 557 34.23 -22.26 5.59
CA ASP E 557 34.48 -20.91 6.08
C ASP E 557 33.74 -19.87 5.25
N LEU E 558 33.27 -20.25 4.06
CA LEU E 558 32.63 -19.33 3.13
C LEU E 558 31.12 -19.48 3.07
N PHE E 559 30.61 -20.72 3.03
CA PHE E 559 29.19 -20.96 2.78
C PHE E 559 28.37 -20.66 4.04
N SER E 560 28.21 -19.37 4.30
CA SER E 560 27.29 -18.90 5.32
C SER E 560 25.90 -18.70 4.71
N PRO E 561 24.86 -18.70 5.53
CA PRO E 561 23.49 -18.56 4.98
C PRO E 561 23.15 -17.15 4.53
N PHE E 562 24.14 -16.28 4.40
CA PHE E 562 23.94 -14.90 3.97
C PHE E 562 24.40 -14.76 2.52
N VAL E 563 23.47 -14.40 1.64
CA VAL E 563 23.80 -14.16 0.23
C VAL E 563 24.34 -12.75 0.09
N GLY E 564 25.45 -12.62 -0.65
CA GLY E 564 26.20 -11.39 -0.69
C GLY E 564 27.27 -11.30 0.39
N ASP E 565 27.42 -12.33 1.22
CA ASP E 565 28.41 -12.37 2.27
C ASP E 565 29.73 -12.96 1.80
N SER E 566 29.71 -13.87 0.84
CA SER E 566 30.94 -14.48 0.35
C SER E 566 31.87 -13.42 -0.25
N GLU E 567 31.31 -12.53 -1.06
CA GLU E 567 32.08 -11.47 -1.67
C GLU E 567 32.76 -10.61 -0.61
N LYS E 568 31.96 -10.09 0.33
CA LYS E 568 32.54 -9.25 1.37
C LYS E 568 33.55 -10.01 2.20
N VAL E 569 33.33 -11.30 2.43
CA VAL E 569 34.28 -12.08 3.22
C VAL E 569 35.64 -12.12 2.52
N LEU E 570 35.66 -12.58 1.26
CA LEU E 570 36.92 -12.65 0.55
C LEU E 570 37.56 -11.27 0.43
N SER E 571 36.75 -10.23 0.30
CA SER E 571 37.29 -8.88 0.31
C SER E 571 38.01 -8.60 1.61
N GLN E 572 37.37 -8.92 2.74
CA GLN E 572 38.00 -8.68 4.04
C GLN E 572 39.28 -9.47 4.17
N ILE E 573 39.29 -10.68 3.66
CA ILE E 573 40.49 -11.51 3.75
C ILE E 573 41.63 -10.85 3.00
N PHE E 574 41.37 -10.42 1.76
CA PHE E 574 42.42 -9.74 1.01
C PHE E 574 42.78 -8.41 1.66
N ARG E 575 41.83 -7.81 2.38
CA ARG E 575 42.10 -6.56 3.08
C ARG E 575 43.07 -6.78 4.22
N GLN E 576 42.92 -7.88 4.95
CA GLN E 576 43.90 -8.22 5.96
C GLN E 576 45.22 -8.63 5.32
N ALA E 577 45.14 -9.28 4.16
CA ALA E 577 46.35 -9.58 3.40
C ALA E 577 47.17 -8.33 3.19
N ARG E 578 46.57 -7.33 2.55
CA ARG E 578 47.26 -6.06 2.35
C ARG E 578 47.52 -5.35 3.67
N ALA E 579 46.80 -5.69 4.73
CA ALA E 579 47.10 -5.13 6.04
C ALA E 579 48.44 -5.61 6.54
N SER E 580 48.58 -6.92 6.75
CA SER E 580 49.89 -7.52 6.98
C SER E 580 50.52 -7.81 5.63
N THR E 581 50.83 -6.73 4.92
CA THR E 581 51.09 -6.78 3.49
C THR E 581 52.05 -7.89 3.06
N PRO E 582 53.10 -8.24 3.81
CA PRO E 582 53.80 -9.48 3.49
C PRO E 582 52.99 -10.68 3.96
N ALA E 583 52.02 -11.10 3.15
CA ALA E 583 51.08 -12.13 3.54
C ALA E 583 51.04 -13.24 2.48
N ILE E 584 50.51 -14.40 2.88
CA ILE E 584 50.33 -15.53 2.00
C ILE E 584 48.89 -16.01 2.13
N LEU E 585 48.14 -15.94 1.05
CA LEU E 585 46.73 -16.29 1.05
C LEU E 585 46.50 -17.53 0.19
N PHE E 586 45.61 -18.39 0.64
CA PHE E 586 45.46 -19.69 0.00
C PHE E 586 44.00 -20.10 -0.06
N LEU E 587 43.51 -20.36 -1.27
CA LEU E 587 42.13 -20.78 -1.50
C LEU E 587 42.10 -22.30 -1.59
N ASP E 588 41.47 -22.96 -0.62
CA ASP E 588 41.42 -24.41 -0.62
C ASP E 588 40.11 -24.90 -1.23
N GLU E 589 40.21 -25.96 -2.03
CA GLU E 589 39.06 -26.54 -2.74
C GLU E 589 38.19 -25.46 -3.36
N ILE E 590 38.79 -24.75 -4.32
CA ILE E 590 38.08 -23.68 -5.02
C ILE E 590 36.84 -24.20 -5.73
N ASP E 591 36.78 -25.50 -6.02
CA ASP E 591 35.53 -26.11 -6.46
C ASP E 591 34.43 -25.87 -5.44
N SER E 592 34.75 -25.98 -4.15
CA SER E 592 33.77 -25.64 -3.12
C SER E 592 33.63 -24.13 -2.99
N ILE E 593 34.73 -23.39 -3.19
CA ILE E 593 34.67 -21.94 -3.14
C ILE E 593 33.83 -21.42 -4.31
N LEU E 594 33.97 -22.02 -5.48
CA LEU E 594 33.13 -21.70 -6.62
C LEU E 594 32.67 -22.99 -7.27
N GLY E 595 31.38 -23.26 -7.21
CA GLY E 595 30.81 -24.48 -7.73
C GLY E 595 30.72 -24.51 -9.23
N ALA E 596 29.70 -25.19 -9.74
CA ALA E 596 29.54 -25.35 -11.18
C ALA E 596 29.25 -24.01 -11.85
N ARG E 597 29.72 -23.88 -13.09
CA ARG E 597 29.57 -22.64 -13.84
C ARG E 597 28.11 -22.43 -14.24
N SER E 598 27.57 -23.32 -15.08
CA SER E 598 26.20 -23.20 -15.55
C SER E 598 25.54 -24.58 -15.61
N ALA E 599 25.76 -25.41 -14.59
CA ALA E 599 25.07 -26.70 -14.54
C ALA E 599 23.58 -26.50 -14.31
N SER E 600 23.21 -25.66 -13.35
CA SER E 600 21.84 -25.21 -13.16
C SER E 600 21.74 -23.81 -13.73
N LYS E 601 21.25 -23.71 -14.97
CA LYS E 601 21.33 -22.50 -15.78
C LYS E 601 20.43 -21.37 -15.30
N THR E 602 19.83 -21.44 -14.11
CA THR E 602 18.97 -20.37 -13.62
C THR E 602 19.27 -19.92 -12.20
N GLY E 603 19.88 -20.78 -11.37
CA GLY E 603 20.11 -20.43 -9.98
C GLY E 603 21.57 -20.35 -9.59
N CYS E 604 22.39 -19.73 -10.44
CA CYS E 604 23.83 -19.59 -10.22
C CYS E 604 24.27 -18.14 -10.36
N ASP E 605 23.45 -17.22 -9.85
CA ASP E 605 23.74 -15.80 -10.04
C ASP E 605 24.76 -15.29 -9.03
N VAL E 606 24.55 -15.56 -7.73
CA VAL E 606 25.49 -15.04 -6.75
C VAL E 606 26.86 -15.68 -6.89
N GLN E 607 26.92 -16.90 -7.42
CA GLN E 607 28.23 -17.53 -7.66
C GLN E 607 29.02 -16.78 -8.73
N GLU E 608 28.35 -16.40 -9.83
CA GLU E 608 29.04 -15.60 -10.84
C GLU E 608 29.32 -14.19 -10.33
N ARG E 609 28.52 -13.69 -9.37
CA ARG E 609 28.83 -12.40 -8.76
C ARG E 609 30.10 -12.48 -7.93
N VAL E 610 30.23 -13.54 -7.14
CA VAL E 610 31.48 -13.80 -6.44
C VAL E 610 32.62 -13.92 -7.44
N LEU E 611 32.37 -14.57 -8.57
CA LEU E 611 33.38 -14.68 -9.62
C LEU E 611 33.84 -13.30 -10.08
N SER E 612 32.88 -12.42 -10.33
CA SER E 612 33.21 -11.07 -10.80
C SER E 612 34.03 -10.31 -9.76
N VAL E 613 33.55 -10.27 -8.51
CA VAL E 613 34.26 -9.50 -7.49
C VAL E 613 35.63 -10.09 -7.23
N LEU E 614 35.75 -11.42 -7.34
CA LEU E 614 37.04 -12.07 -7.20
C LEU E 614 37.99 -11.61 -8.30
N LEU E 615 37.56 -11.74 -9.56
CA LEU E 615 38.39 -11.27 -10.67
C LEU E 615 38.80 -9.81 -10.48
N ASN E 616 37.89 -9.00 -9.95
CA ASN E 616 38.22 -7.59 -9.73
C ASN E 616 39.31 -7.43 -8.68
N GLU E 617 39.20 -8.17 -7.58
CA GLU E 617 40.22 -8.07 -6.55
C GLU E 617 41.54 -8.70 -6.97
N LEU E 618 41.52 -9.64 -7.92
CA LEU E 618 42.72 -10.36 -8.30
C LEU E 618 43.75 -9.42 -8.91
N ASP E 619 43.42 -8.81 -10.05
CA ASP E 619 44.34 -7.88 -10.68
C ASP E 619 44.60 -6.64 -9.85
N GLY E 620 43.98 -6.52 -8.68
CA GLY E 620 44.40 -5.52 -7.73
C GLY E 620 45.77 -5.76 -7.12
N VAL E 621 46.40 -6.89 -7.44
CA VAL E 621 47.71 -7.22 -6.89
C VAL E 621 48.80 -6.69 -7.82
N GLY E 622 48.41 -5.84 -8.76
CA GLY E 622 49.38 -5.28 -9.68
C GLY E 622 50.21 -4.21 -9.01
N LEU E 623 51.45 -4.54 -8.69
CA LEU E 623 52.34 -3.66 -7.93
C LEU E 623 53.17 -2.83 -8.92
N LYS E 624 54.23 -2.22 -8.43
CA LYS E 624 55.00 -1.24 -9.19
C LYS E 624 56.49 -1.51 -8.92
N THR E 625 57.32 -0.51 -9.19
CA THR E 625 58.77 -0.58 -8.99
C THR E 625 59.42 -1.62 -9.91
N ILE E 626 59.28 -1.37 -11.21
CA ILE E 626 60.03 -2.11 -12.23
C ILE E 626 61.50 -1.71 -12.12
N GLU E 627 62.38 -2.48 -12.77
CA GLU E 627 63.80 -2.16 -12.74
C GLU E 627 64.09 -0.82 -13.39
N GLU E 640 64.85 -0.05 -0.74
CA GLU E 640 65.35 0.06 -2.10
C GLU E 640 64.50 -0.77 -3.06
N VAL E 641 64.12 -1.96 -2.60
CA VAL E 641 63.35 -2.90 -3.40
C VAL E 641 62.04 -3.28 -2.72
N PHE E 642 61.54 -2.43 -1.82
CA PHE E 642 60.32 -2.74 -1.08
C PHE E 642 59.13 -2.90 -2.00
N ASN E 643 58.64 -4.13 -2.13
CA ASN E 643 57.43 -4.40 -2.90
C ASN E 643 56.75 -5.61 -2.27
N ARG E 644 55.76 -5.35 -1.42
CA ARG E 644 55.06 -6.40 -0.69
C ARG E 644 53.78 -6.73 -1.43
N SER E 645 53.79 -7.83 -2.16
CA SER E 645 52.61 -8.39 -2.80
C SER E 645 52.21 -9.67 -2.06
N VAL E 646 51.08 -10.24 -2.46
CA VAL E 646 50.52 -11.41 -1.81
C VAL E 646 50.30 -12.47 -2.88
N MET E 647 51.30 -13.33 -3.08
CA MET E 647 51.24 -14.35 -4.11
C MET E 647 50.15 -15.35 -3.73
N ILE E 648 49.06 -15.35 -4.47
CA ILE E 648 47.92 -16.20 -4.13
C ILE E 648 48.10 -17.56 -4.78
N ILE E 649 47.83 -18.61 -4.00
CA ILE E 649 47.89 -19.98 -4.47
C ILE E 649 46.57 -20.66 -4.13
N ALA E 650 46.09 -21.49 -5.06
CA ALA E 650 44.90 -22.29 -4.83
C ALA E 650 45.16 -23.68 -5.36
N ALA E 651 44.25 -24.59 -5.04
CA ALA E 651 44.43 -25.98 -5.45
C ALA E 651 43.09 -26.70 -5.38
N THR E 652 42.92 -27.65 -6.28
CA THR E 652 41.71 -28.47 -6.32
C THR E 652 41.97 -29.64 -7.25
N ASN E 653 40.91 -30.37 -7.59
CA ASN E 653 41.01 -31.49 -8.52
C ASN E 653 39.97 -31.48 -9.63
N ARG E 654 38.89 -30.69 -9.52
CA ARG E 654 37.91 -30.63 -10.60
C ARG E 654 38.21 -29.42 -11.47
N PRO E 655 38.82 -29.62 -12.64
CA PRO E 655 39.27 -28.49 -13.46
C PRO E 655 38.17 -27.73 -14.19
N ASP E 656 37.24 -28.48 -14.80
CA ASP E 656 36.21 -27.85 -15.62
C ASP E 656 35.27 -27.01 -14.78
N VAL E 657 35.06 -27.37 -13.52
CA VAL E 657 34.13 -26.67 -12.65
C VAL E 657 34.54 -25.21 -12.45
N LEU E 658 35.79 -24.88 -12.71
CA LEU E 658 36.25 -23.50 -12.52
C LEU E 658 35.94 -22.68 -13.77
N ASP E 659 36.36 -21.41 -13.73
CA ASP E 659 36.18 -20.48 -14.83
C ASP E 659 37.52 -20.19 -15.50
N THR E 660 37.52 -20.13 -16.84
CA THR E 660 38.76 -20.07 -17.59
C THR E 660 39.47 -18.74 -17.39
N ALA E 661 38.71 -17.66 -17.21
CA ALA E 661 39.33 -16.35 -17.06
C ALA E 661 40.27 -16.31 -15.86
N LEU E 662 39.95 -17.07 -14.82
CA LEU E 662 40.86 -17.18 -13.68
C LEU E 662 42.19 -17.78 -14.12
N LEU E 663 42.13 -18.94 -14.79
CA LEU E 663 43.35 -19.61 -15.22
C LEU E 663 44.13 -18.79 -16.24
N ARG E 664 43.47 -17.85 -16.92
CA ARG E 664 44.09 -17.04 -17.97
C ARG E 664 45.38 -16.39 -17.47
N PRO E 665 46.42 -16.29 -18.32
CA PRO E 665 47.70 -15.73 -17.87
C PRO E 665 47.63 -14.27 -17.45
N GLY E 666 46.45 -13.67 -17.49
CA GLY E 666 46.29 -12.35 -16.90
C GLY E 666 46.23 -12.37 -15.40
N ARG E 667 45.77 -13.48 -14.82
CA ARG E 667 45.61 -13.58 -13.37
C ARG E 667 46.53 -14.63 -12.75
N LEU E 668 46.51 -15.85 -13.25
CA LEU E 668 47.30 -16.94 -12.68
C LEU E 668 48.04 -17.63 -13.82
N ASP E 669 49.37 -17.66 -13.72
CA ASP E 669 50.22 -18.21 -14.77
C ASP E 669 51.18 -19.24 -14.21
N LYS E 670 50.67 -20.11 -13.34
CA LYS E 670 51.48 -21.21 -12.82
C LYS E 670 50.53 -22.28 -12.29
N ILE E 671 50.48 -23.42 -12.96
CA ILE E 671 49.62 -24.53 -12.58
C ILE E 671 50.45 -25.80 -12.54
N ILE E 672 50.56 -26.41 -11.38
CA ILE E 672 51.49 -27.51 -11.17
C ILE E 672 50.71 -28.77 -10.79
N TYR E 673 51.18 -29.90 -11.30
CA TYR E 673 50.51 -31.19 -11.15
C TYR E 673 50.97 -31.89 -9.88
N ILE E 674 50.02 -32.50 -9.17
CA ILE E 674 50.31 -33.29 -7.98
C ILE E 674 49.91 -34.73 -8.23
N PRO E 675 50.66 -35.49 -9.04
CA PRO E 675 50.24 -36.85 -9.35
C PRO E 675 50.27 -37.73 -8.12
N PRO E 676 49.47 -38.80 -8.09
CA PRO E 676 49.56 -39.73 -6.97
C PRO E 676 50.92 -40.38 -6.93
N PRO E 677 51.41 -40.73 -5.74
CA PRO E 677 52.79 -41.18 -5.62
C PRO E 677 53.06 -42.47 -6.38
N ASP E 678 54.32 -42.66 -6.75
CA ASP E 678 54.77 -43.90 -7.37
C ASP E 678 55.00 -44.94 -6.29
N HIS E 679 55.66 -46.03 -6.67
CA HIS E 679 56.08 -47.02 -5.68
C HIS E 679 56.95 -46.39 -4.59
N LYS E 680 57.93 -45.60 -5.00
CA LYS E 680 58.84 -44.97 -4.04
C LYS E 680 58.10 -43.98 -3.16
N GLY E 681 57.21 -43.17 -3.75
CA GLY E 681 56.43 -42.24 -2.95
C GLY E 681 55.58 -42.93 -1.91
N ARG E 682 54.93 -44.03 -2.31
CA ARG E 682 54.14 -44.80 -1.36
C ARG E 682 55.03 -45.36 -0.25
N LEU E 683 56.19 -45.88 -0.61
CA LEU E 683 57.16 -46.35 0.38
C LEU E 683 57.49 -45.26 1.40
N SER E 684 57.85 -44.07 0.90
CA SER E 684 58.23 -42.97 1.78
C SER E 684 57.07 -42.55 2.67
N ILE E 685 55.88 -42.42 2.08
CA ILE E 685 54.71 -42.00 2.85
C ILE E 685 54.40 -43.01 3.95
N LEU E 686 54.50 -44.30 3.64
CA LEU E 686 54.31 -45.33 4.66
C LEU E 686 55.32 -45.15 5.78
N LYS E 687 56.60 -45.03 5.43
CA LYS E 687 57.64 -44.86 6.43
C LYS E 687 57.33 -43.68 7.35
N VAL E 688 56.97 -42.54 6.76
CA VAL E 688 56.83 -41.34 7.58
C VAL E 688 55.54 -41.34 8.38
N CYS E 689 54.47 -41.92 7.84
CA CYS E 689 53.24 -42.02 8.63
C CYS E 689 53.36 -43.05 9.73
N THR E 690 54.30 -43.97 9.61
CA THR E 690 54.47 -45.03 10.59
C THR E 690 55.51 -44.72 11.66
N LYS E 691 56.26 -43.62 11.51
CA LYS E 691 57.42 -43.36 12.37
C LYS E 691 57.08 -43.18 13.84
N THR E 692 55.80 -43.30 14.21
CA THR E 692 55.42 -43.29 15.60
C THR E 692 54.39 -44.37 15.92
N MET E 693 53.91 -45.10 14.90
CA MET E 693 52.97 -46.18 15.12
C MET E 693 53.61 -47.30 15.95
N PRO E 694 52.79 -48.16 16.54
CA PRO E 694 53.34 -49.34 17.24
C PRO E 694 53.94 -50.33 16.26
N ILE E 695 55.26 -50.40 16.22
CA ILE E 695 55.96 -51.23 15.25
C ILE E 695 56.69 -52.33 16.01
N GLY E 696 57.29 -53.28 15.29
CA GLY E 696 58.09 -54.31 15.92
C GLY E 696 59.04 -54.96 14.94
N PRO E 697 59.26 -56.27 15.11
CA PRO E 697 60.33 -56.95 14.36
C PRO E 697 59.94 -57.49 12.98
N ASP E 698 58.66 -57.77 12.74
CA ASP E 698 58.26 -58.46 11.52
C ASP E 698 57.76 -57.51 10.44
N VAL E 699 58.21 -56.27 10.44
CA VAL E 699 57.69 -55.26 9.53
C VAL E 699 58.56 -55.18 8.29
N SER E 700 57.92 -55.06 7.12
CA SER E 700 58.62 -54.90 5.86
C SER E 700 57.67 -54.16 4.92
N LEU E 701 57.85 -52.85 4.79
CA LEU E 701 56.88 -52.03 4.08
C LEU E 701 56.89 -52.26 2.58
N GLU E 702 57.98 -52.80 2.03
CA GLU E 702 58.11 -52.91 0.59
C GLU E 702 57.02 -53.79 -0.02
N ASN E 703 56.57 -54.80 0.74
CA ASN E 703 55.55 -55.69 0.21
C ASN E 703 54.21 -54.97 0.10
N LEU E 704 53.80 -54.28 1.16
CA LEU E 704 52.64 -53.41 1.07
C LEU E 704 52.78 -52.42 -0.08
N ALA E 705 53.96 -51.83 -0.22
CA ALA E 705 54.22 -50.92 -1.32
C ALA E 705 53.89 -51.56 -2.65
N ALA E 706 54.39 -52.78 -2.87
CA ALA E 706 54.04 -53.54 -4.06
C ALA E 706 52.53 -53.74 -4.17
N GLU E 707 51.85 -53.88 -3.03
CA GLU E 707 50.42 -54.15 -3.03
C GLU E 707 49.56 -52.89 -2.94
N THR E 708 50.14 -51.75 -2.60
CA THR E 708 49.38 -50.52 -2.43
C THR E 708 49.35 -49.65 -3.67
N CYS E 709 49.42 -50.24 -4.86
CA CYS E 709 49.31 -49.47 -6.08
C CYS E 709 47.89 -48.94 -6.24
N PHE E 710 47.79 -47.72 -6.79
CA PHE E 710 46.52 -47.03 -7.01
C PHE E 710 45.83 -46.70 -5.70
N PHE E 711 46.61 -46.40 -4.67
CA PHE E 711 46.10 -45.98 -3.38
C PHE E 711 46.14 -44.46 -3.28
N SER E 712 45.91 -43.93 -2.08
CA SER E 712 46.20 -42.55 -1.77
C SER E 712 46.98 -42.50 -0.46
N GLY E 713 47.56 -41.35 -0.17
CA GLY E 713 48.23 -41.20 1.12
C GLY E 713 47.27 -41.45 2.27
N ALA E 714 46.10 -40.80 2.23
CA ALA E 714 45.09 -41.05 3.24
C ALA E 714 44.71 -42.53 3.28
N ASP E 715 44.71 -43.18 2.12
CA ASP E 715 44.43 -44.62 2.10
C ASP E 715 45.42 -45.37 2.97
N LEU E 716 46.72 -45.14 2.74
CA LEU E 716 47.74 -45.83 3.52
C LEU E 716 47.61 -45.50 5.00
N ARG E 717 47.34 -44.23 5.31
CA ARG E 717 47.26 -43.81 6.70
C ARG E 717 46.07 -44.48 7.41
N ASN E 718 44.89 -44.43 6.80
CA ASN E 718 43.74 -45.13 7.37
C ASN E 718 44.01 -46.63 7.49
N LEU E 719 44.69 -47.20 6.49
CA LEU E 719 45.01 -48.62 6.51
C LEU E 719 45.83 -48.96 7.74
N CYS E 720 46.97 -48.29 7.92
CA CYS E 720 47.82 -48.63 9.03
C CYS E 720 47.14 -48.34 10.36
N THR E 721 46.26 -47.34 10.40
CA THR E 721 45.54 -47.08 11.65
C THR E 721 44.60 -48.23 12.01
N GLU E 722 43.72 -48.62 11.09
CA GLU E 722 42.81 -49.73 11.39
C GLU E 722 43.58 -51.01 11.65
N ALA E 723 44.73 -51.19 11.00
CA ALA E 723 45.54 -52.36 11.28
C ALA E 723 46.09 -52.33 12.70
N ALA E 724 46.58 -51.18 13.14
CA ALA E 724 47.03 -51.05 14.52
C ALA E 724 45.88 -51.34 15.48
N LEU E 725 44.68 -50.92 15.12
CA LEU E 725 43.50 -51.28 15.91
C LEU E 725 43.37 -52.80 16.03
N LEU E 726 43.44 -53.49 14.90
CA LEU E 726 43.36 -54.96 14.92
C LEU E 726 44.43 -55.53 15.84
N ALA E 727 45.67 -55.07 15.67
CA ALA E 727 46.77 -55.57 16.49
C ALA E 727 46.48 -55.37 17.97
N LEU E 728 45.97 -54.20 18.34
CA LEU E 728 45.63 -53.93 19.73
C LEU E 728 44.57 -54.90 20.24
N GLN E 729 43.43 -54.95 19.56
CA GLN E 729 42.32 -55.74 20.07
C GLN E 729 42.64 -57.23 20.10
N GLU E 730 43.54 -57.69 19.22
CA GLU E 730 43.86 -59.11 19.19
C GLU E 730 44.54 -59.55 20.48
N ASN E 731 45.70 -58.97 20.78
CA ASN E 731 46.42 -59.29 22.00
C ASN E 731 45.91 -58.52 23.20
N GLY E 732 44.83 -57.76 23.05
CA GLY E 732 44.26 -57.04 24.16
C GLY E 732 44.96 -55.72 24.41
N LEU E 733 44.51 -55.04 25.47
CA LEU E 733 45.05 -53.74 25.82
C LEU E 733 46.55 -53.83 26.06
N ASP E 734 46.96 -54.68 27.00
CA ASP E 734 48.37 -54.81 27.33
C ASP E 734 49.09 -55.54 26.20
N ALA E 735 49.64 -54.79 25.25
CA ALA E 735 50.27 -55.40 24.10
C ALA E 735 51.20 -54.38 23.44
N THR E 736 52.34 -54.87 22.93
CA THR E 736 53.28 -54.02 22.20
C THR E 736 53.83 -54.71 20.95
N THR E 737 53.26 -55.83 20.53
CA THR E 737 53.80 -56.62 19.44
C THR E 737 53.41 -55.97 18.12
N VAL E 738 53.68 -56.64 17.00
CA VAL E 738 53.35 -56.12 15.68
C VAL E 738 53.00 -57.29 14.78
N LYS E 739 52.63 -57.02 13.53
CA LYS E 739 52.12 -58.02 12.61
C LYS E 739 52.55 -57.65 11.20
N GLN E 740 52.11 -58.45 10.23
CA GLN E 740 52.41 -58.18 8.82
C GLN E 740 51.23 -58.39 7.89
N GLU E 741 50.12 -58.95 8.36
CA GLU E 741 49.10 -59.52 7.51
C GLU E 741 47.75 -58.85 7.67
N HIS E 742 47.42 -58.44 8.89
CA HIS E 742 46.17 -57.71 9.10
C HIS E 742 46.15 -56.43 8.29
N PHE E 743 47.32 -55.88 7.94
CA PHE E 743 47.36 -54.82 6.93
C PHE E 743 46.75 -55.29 5.62
N LEU E 744 47.12 -56.50 5.18
CA LEU E 744 46.58 -57.03 3.94
C LEU E 744 45.08 -57.24 4.05
N LYS E 745 44.62 -57.71 5.22
CA LYS E 745 43.19 -57.88 5.43
C LYS E 745 42.46 -56.55 5.34
N SER E 746 42.99 -55.53 6.01
CA SER E 746 42.40 -54.20 5.90
C SER E 746 42.42 -53.71 4.46
N LEU E 747 43.48 -54.03 3.72
CA LEU E 747 43.53 -53.73 2.30
C LEU E 747 42.32 -54.30 1.58
N LYS E 748 42.10 -55.60 1.70
CA LYS E 748 40.95 -56.19 1.03
C LYS E 748 39.62 -55.72 1.63
N THR E 749 39.66 -55.05 2.79
CA THR E 749 38.45 -54.36 3.27
C THR E 749 38.30 -53.02 2.57
N VAL E 750 39.30 -52.16 2.66
CA VAL E 750 39.21 -50.80 2.15
C VAL E 750 39.73 -50.79 0.72
N LYS E 751 38.84 -50.53 -0.23
CA LYS E 751 39.16 -50.52 -1.64
C LYS E 751 39.46 -49.10 -2.11
N PRO E 752 40.60 -48.88 -2.76
CA PRO E 752 41.00 -47.51 -3.11
C PRO E 752 40.50 -47.05 -4.48
N SER E 753 40.93 -45.86 -4.89
CA SER E 753 40.68 -45.35 -6.23
C SER E 753 41.61 -46.09 -7.19
N LEU E 754 41.19 -47.30 -7.56
CA LEU E 754 41.98 -48.21 -8.37
C LEU E 754 41.92 -47.91 -9.87
N SER E 755 41.06 -46.96 -10.28
CA SER E 755 40.76 -46.80 -11.69
C SER E 755 42.01 -46.54 -12.51
N CYS E 756 42.92 -45.70 -12.00
CA CYS E 756 44.08 -45.22 -12.74
C CYS E 756 43.66 -44.52 -14.03
N LYS E 757 42.39 -44.16 -14.13
CA LYS E 757 41.83 -43.50 -15.30
C LYS E 757 41.34 -42.10 -14.99
N ASP E 758 40.62 -41.92 -13.88
CA ASP E 758 40.15 -40.59 -13.50
C ASP E 758 41.30 -39.63 -13.26
N LEU E 759 42.44 -40.15 -12.79
CA LEU E 759 43.64 -39.32 -12.70
C LEU E 759 44.07 -38.85 -14.08
N ALA E 760 44.03 -39.75 -15.07
CA ALA E 760 44.36 -39.34 -16.44
C ALA E 760 43.37 -38.32 -16.94
N LEU E 761 42.10 -38.45 -16.58
CA LEU E 761 41.09 -37.48 -16.97
C LEU E 761 41.43 -36.10 -16.42
N TYR E 762 41.60 -36.00 -15.10
CA TYR E 762 41.95 -34.71 -14.51
C TYR E 762 43.23 -34.15 -15.11
N GLU E 763 44.24 -34.98 -15.32
CA GLU E 763 45.51 -34.51 -15.83
C GLU E 763 45.37 -33.96 -17.24
N ASN E 764 44.73 -34.73 -18.12
CA ASN E 764 44.51 -34.27 -19.49
C ASN E 764 43.68 -32.99 -19.50
N LEU E 765 42.64 -32.91 -18.67
CA LEU E 765 41.80 -31.73 -18.66
C LEU E 765 42.57 -30.51 -18.21
N PHE E 766 43.31 -30.62 -17.12
CA PHE E 766 44.14 -29.50 -16.67
C PHE E 766 45.14 -29.10 -17.74
N LYS E 767 45.80 -30.08 -18.36
CA LYS E 767 46.81 -29.77 -19.37
C LYS E 767 46.20 -29.11 -20.60
N LYS E 768 44.92 -29.39 -20.88
CA LYS E 768 44.20 -28.66 -21.90
C LYS E 768 43.66 -27.33 -21.40
N GLU E 769 43.65 -27.11 -20.10
CA GLU E 769 43.15 -25.88 -19.51
C GLU E 769 44.21 -24.82 -19.30
N GLY E 770 45.46 -25.10 -19.67
CA GLY E 770 46.53 -24.14 -19.51
C GLY E 770 47.62 -24.26 -20.56
N PRO F 225 -33.77 -3.97 -40.51
CA PRO F 225 -34.12 -5.32 -40.03
C PRO F 225 -32.95 -5.98 -39.32
N LEU F 226 -33.13 -7.23 -38.90
CA LEU F 226 -32.09 -7.94 -38.16
C LEU F 226 -31.25 -8.76 -39.14
N GLY F 227 -30.61 -8.04 -40.05
CA GLY F 227 -29.80 -8.66 -41.08
C GLY F 227 -28.68 -9.51 -40.52
N GLY F 228 -28.60 -10.76 -40.99
CA GLY F 228 -27.57 -11.66 -40.54
C GLY F 228 -27.62 -12.00 -39.07
N LEU F 229 -28.81 -11.93 -38.46
CA LEU F 229 -28.95 -12.20 -37.04
C LEU F 229 -30.14 -13.09 -36.68
N SER F 230 -31.01 -13.43 -37.63
CA SER F 230 -32.31 -14.03 -37.31
C SER F 230 -32.18 -15.36 -36.59
N GLU F 231 -31.08 -16.10 -36.76
CA GLU F 231 -30.96 -17.40 -36.10
C GLU F 231 -30.68 -17.23 -34.61
N ALA F 232 -29.65 -16.44 -34.27
CA ALA F 232 -29.42 -16.09 -32.88
C ALA F 232 -30.62 -15.34 -32.33
N ALA F 233 -31.25 -14.51 -33.18
CA ALA F 233 -32.45 -13.80 -32.80
C ALA F 233 -33.51 -14.76 -32.29
N ASP F 234 -33.81 -15.81 -33.06
CA ASP F 234 -34.90 -16.70 -32.66
C ASP F 234 -34.51 -17.61 -31.50
N SER F 235 -33.24 -18.02 -31.45
CA SER F 235 -32.80 -18.77 -30.28
C SER F 235 -33.01 -17.97 -29.01
N LEU F 236 -32.53 -16.72 -29.01
CA LEU F 236 -32.77 -15.88 -27.85
C LEU F 236 -34.25 -15.60 -27.67
N ARG F 237 -35.00 -15.54 -28.77
CA ARG F 237 -36.44 -15.39 -28.70
C ARG F 237 -37.02 -16.44 -27.77
N GLU F 238 -36.84 -17.71 -28.12
CA GLU F 238 -37.41 -18.77 -27.29
C GLU F 238 -36.86 -18.71 -25.88
N LEU F 239 -35.55 -18.46 -25.74
CA LEU F 239 -34.92 -18.54 -24.43
C LEU F 239 -35.51 -17.53 -23.47
N LEU F 240 -35.43 -16.24 -23.83
CA LEU F 240 -36.01 -15.22 -22.96
C LEU F 240 -37.52 -15.27 -22.97
N ARG F 241 -38.14 -15.91 -23.96
CA ARG F 241 -39.60 -15.93 -24.02
C ARG F 241 -40.16 -16.85 -22.94
N LEU F 242 -39.50 -18.00 -22.73
CA LEU F 242 -39.96 -19.00 -21.76
C LEU F 242 -40.56 -18.42 -20.48
N PRO F 243 -39.96 -17.44 -19.80
CA PRO F 243 -40.63 -16.85 -18.64
C PRO F 243 -41.70 -15.84 -19.03
N LEU F 244 -41.51 -15.22 -20.18
CA LEU F 244 -42.38 -14.11 -20.57
C LEU F 244 -43.50 -14.55 -21.50
N ARG F 245 -43.17 -15.35 -22.52
CA ARG F 245 -44.20 -15.86 -23.42
C ARG F 245 -45.23 -16.70 -22.67
N TYR F 246 -44.91 -17.16 -21.47
CA TYR F 246 -45.82 -18.03 -20.76
C TYR F 246 -45.91 -17.63 -19.30
N PRO F 247 -47.06 -17.87 -18.68
CA PRO F 247 -47.39 -17.19 -17.42
C PRO F 247 -46.58 -17.67 -16.23
N ARG F 248 -46.95 -17.16 -15.04
CA ARG F 248 -46.14 -17.31 -13.84
C ARG F 248 -46.65 -18.36 -12.87
N ALA F 249 -47.98 -18.46 -12.68
CA ALA F 249 -48.52 -19.39 -11.70
C ALA F 249 -47.96 -20.80 -11.87
N LEU F 250 -47.53 -21.15 -13.08
CA LEU F 250 -46.82 -22.41 -13.26
C LEU F 250 -45.46 -22.39 -12.60
N THR F 251 -44.77 -21.26 -12.65
CA THR F 251 -43.55 -21.12 -11.86
C THR F 251 -43.87 -21.22 -10.38
N ALA F 252 -44.93 -20.55 -9.95
CA ALA F 252 -45.44 -20.70 -8.60
C ALA F 252 -45.79 -22.14 -8.28
N LEU F 253 -45.97 -22.97 -9.29
CA LEU F 253 -46.11 -24.40 -9.05
C LEU F 253 -44.80 -25.04 -8.61
N GLY F 254 -43.79 -24.24 -8.30
CA GLY F 254 -42.55 -24.77 -7.76
C GLY F 254 -41.40 -24.69 -8.74
N LEU F 255 -41.33 -23.59 -9.47
CA LEU F 255 -40.35 -23.43 -10.53
C LEU F 255 -39.82 -22.01 -10.50
N ALA F 256 -38.50 -21.88 -10.68
CA ALA F 256 -37.81 -20.59 -10.61
C ALA F 256 -37.03 -20.42 -11.91
N VAL F 257 -37.63 -19.75 -12.88
CA VAL F 257 -36.99 -19.57 -14.19
C VAL F 257 -35.75 -18.70 -14.02
N PRO F 258 -34.67 -18.95 -14.75
CA PRO F 258 -33.54 -18.00 -14.74
C PRO F 258 -33.97 -16.64 -15.28
N ARG F 259 -33.43 -15.59 -14.67
CA ARG F 259 -33.77 -14.22 -15.01
C ARG F 259 -32.49 -13.41 -15.17
N GLY F 260 -32.36 -12.72 -16.29
CA GLY F 260 -31.18 -11.92 -16.55
C GLY F 260 -30.21 -12.61 -17.48
N VAL F 261 -29.98 -12.05 -18.66
CA VAL F 261 -29.17 -12.68 -19.69
C VAL F 261 -28.05 -11.74 -20.11
N LEU F 262 -27.12 -12.28 -20.89
CA LEU F 262 -25.96 -11.55 -21.37
C LEU F 262 -25.85 -11.65 -22.88
N LEU F 263 -25.72 -10.50 -23.54
CA LEU F 263 -25.42 -10.41 -24.96
C LEU F 263 -23.98 -9.93 -25.11
N ALA F 264 -23.07 -10.85 -25.39
CA ALA F 264 -21.65 -10.51 -25.49
C ALA F 264 -21.22 -10.49 -26.95
N GLY F 265 -20.66 -9.37 -27.38
CA GLY F 265 -20.16 -9.25 -28.73
C GLY F 265 -20.03 -7.83 -29.22
N PRO F 266 -19.34 -7.66 -30.33
CA PRO F 266 -19.19 -6.34 -30.94
C PRO F 266 -20.55 -5.74 -31.29
N PRO F 267 -20.91 -4.63 -30.67
CA PRO F 267 -22.25 -4.07 -30.87
C PRO F 267 -22.35 -3.24 -32.13
N GLY F 268 -23.48 -2.57 -32.32
CA GLY F 268 -23.69 -1.75 -33.49
C GLY F 268 -24.15 -2.56 -34.68
N VAL F 269 -23.77 -3.84 -34.71
CA VAL F 269 -24.19 -4.74 -35.76
C VAL F 269 -25.70 -4.92 -35.78
N GLY F 270 -26.36 -4.67 -34.65
CA GLY F 270 -27.77 -4.94 -34.53
C GLY F 270 -28.15 -5.44 -33.17
N LYS F 271 -27.16 -5.70 -32.30
CA LYS F 271 -27.43 -6.18 -30.95
C LYS F 271 -28.48 -5.31 -30.28
N THR F 272 -28.25 -4.00 -30.23
CA THR F 272 -29.28 -3.08 -29.81
C THR F 272 -30.52 -3.23 -30.66
N GLN F 273 -30.35 -3.18 -31.98
CA GLN F 273 -31.49 -3.27 -32.90
C GLN F 273 -32.24 -4.59 -32.70
N LEU F 274 -31.52 -5.67 -32.46
CA LEU F 274 -32.20 -6.96 -32.33
C LEU F 274 -32.94 -7.07 -31.01
N VAL F 275 -32.37 -6.55 -29.92
CA VAL F 275 -33.11 -6.62 -28.66
C VAL F 275 -34.35 -5.75 -28.76
N ARG F 276 -34.22 -4.60 -29.43
CA ARG F 276 -35.40 -3.83 -29.80
C ARG F 276 -36.41 -4.71 -30.51
N ALA F 277 -35.97 -5.36 -31.58
CA ALA F 277 -36.88 -6.11 -32.43
C ALA F 277 -37.55 -7.25 -31.69
N VAL F 278 -36.86 -7.87 -30.75
CA VAL F 278 -37.47 -9.02 -30.09
C VAL F 278 -38.43 -8.56 -29.01
N ALA F 279 -38.06 -7.54 -28.24
CA ALA F 279 -39.02 -6.93 -27.33
C ALA F 279 -40.26 -6.51 -28.09
N ARG F 280 -40.10 -6.17 -29.37
CA ARG F 280 -41.25 -5.91 -30.22
C ARG F 280 -42.03 -7.19 -30.52
N GLU F 281 -41.34 -8.17 -31.13
CA GLU F 281 -41.99 -9.40 -31.56
C GLU F 281 -42.84 -10.00 -30.45
N ALA F 282 -42.33 -9.96 -29.23
CA ALA F 282 -43.16 -10.40 -28.12
C ALA F 282 -44.10 -9.29 -27.67
N GLY F 283 -43.68 -8.04 -27.79
CA GLY F 283 -44.43 -6.93 -27.25
C GLY F 283 -43.88 -6.61 -25.89
N ALA F 284 -43.05 -5.58 -25.81
CA ALA F 284 -42.34 -5.25 -24.58
C ALA F 284 -41.74 -3.86 -24.71
N GLU F 285 -41.43 -3.27 -23.56
CA GLU F 285 -40.99 -1.88 -23.50
C GLU F 285 -39.49 -1.82 -23.77
N LEU F 286 -39.13 -1.20 -24.89
CA LEU F 286 -37.73 -1.09 -25.30
C LEU F 286 -37.00 -0.06 -24.45
N LEU F 287 -36.85 -0.33 -23.16
CA LEU F 287 -36.25 0.65 -22.25
C LEU F 287 -34.75 0.73 -22.47
N ALA F 288 -34.34 1.19 -23.66
CA ALA F 288 -32.95 1.11 -24.09
C ALA F 288 -32.09 2.19 -23.43
N VAL F 289 -32.03 2.16 -22.11
CA VAL F 289 -31.21 3.10 -21.37
C VAL F 289 -29.74 2.67 -21.49
N SER F 290 -28.88 3.63 -21.77
CA SER F 290 -27.44 3.37 -21.89
C SER F 290 -26.83 3.53 -20.51
N ALA F 291 -26.57 2.39 -19.84
CA ALA F 291 -25.94 2.43 -18.53
C ALA F 291 -24.58 3.14 -18.51
N PRO F 292 -23.78 3.15 -19.58
CA PRO F 292 -22.58 4.02 -19.56
C PRO F 292 -22.89 5.48 -19.36
N ALA F 293 -24.13 5.92 -19.59
CA ALA F 293 -24.52 7.29 -19.36
C ALA F 293 -25.02 7.53 -17.95
N LEU F 294 -24.55 6.73 -16.98
CA LEU F 294 -24.97 6.86 -15.59
C LEU F 294 -23.78 6.99 -14.64
N GLN F 295 -22.58 7.22 -15.14
CA GLN F 295 -21.43 7.33 -14.27
C GLN F 295 -21.57 8.52 -13.33
N GLY F 296 -21.06 8.38 -12.11
CA GLY F 296 -21.16 9.42 -11.12
C GLY F 296 -19.81 9.75 -10.54
N SER F 297 -19.70 10.99 -10.04
CA SER F 297 -18.47 11.49 -9.48
C SER F 297 -18.31 11.17 -7.99
N ARG F 298 -19.42 11.10 -7.26
CA ARG F 298 -19.42 10.84 -5.84
C ARG F 298 -20.22 9.57 -5.55
N PRO F 299 -19.70 8.66 -4.71
CA PRO F 299 -20.42 7.40 -4.46
C PRO F 299 -21.75 7.65 -3.76
N GLY F 300 -22.82 7.18 -4.39
CA GLY F 300 -24.15 7.31 -3.82
C GLY F 300 -25.18 7.84 -4.80
N GLU F 301 -24.77 8.80 -5.63
CA GLU F 301 -25.66 9.28 -6.68
C GLU F 301 -25.90 8.20 -7.74
N THR F 302 -24.84 7.46 -8.07
CA THR F 302 -24.94 6.34 -9.00
C THR F 302 -26.00 5.35 -8.55
N GLU F 303 -25.94 4.97 -7.27
CA GLU F 303 -26.91 4.01 -6.75
C GLU F 303 -28.33 4.56 -6.82
N GLU F 304 -28.51 5.87 -6.64
CA GLU F 304 -29.86 6.41 -6.77
C GLU F 304 -30.33 6.40 -8.21
N ASN F 305 -29.43 6.66 -9.16
CA ASN F 305 -29.82 6.56 -10.56
C ASN F 305 -30.22 5.14 -10.92
N VAL F 306 -29.48 4.17 -10.40
CA VAL F 306 -29.83 2.77 -10.63
C VAL F 306 -31.16 2.45 -9.94
N ARG F 307 -31.40 3.06 -8.78
CA ARG F 307 -32.71 2.94 -8.15
C ARG F 307 -33.80 3.43 -9.08
N ARG F 308 -33.60 4.60 -9.69
CA ARG F 308 -34.58 5.14 -10.61
C ARG F 308 -34.91 4.15 -11.70
N VAL F 309 -33.87 3.70 -12.42
CA VAL F 309 -34.12 2.86 -13.59
C VAL F 309 -34.73 1.53 -13.18
N PHE F 310 -34.18 0.89 -12.14
CA PHE F 310 -34.68 -0.42 -11.75
C PHE F 310 -36.06 -0.34 -11.13
N GLN F 311 -36.40 0.79 -10.50
CA GLN F 311 -37.74 0.95 -9.97
C GLN F 311 -38.74 1.14 -11.10
N ARG F 312 -38.38 1.91 -12.12
CA ARG F 312 -39.24 2.00 -13.29
C ARG F 312 -39.43 0.63 -13.91
N ALA F 313 -38.36 -0.17 -13.92
CA ALA F 313 -38.50 -1.56 -14.35
C ALA F 313 -39.47 -2.31 -13.46
N ARG F 314 -39.46 -2.02 -12.17
CA ARG F 314 -40.36 -2.72 -11.25
C ARG F 314 -41.81 -2.37 -11.53
N GLU F 315 -42.10 -1.10 -11.78
CA GLU F 315 -43.46 -0.74 -12.15
C GLU F 315 -43.82 -1.29 -13.52
N LEU F 316 -42.83 -1.45 -14.39
CA LEU F 316 -43.08 -2.14 -15.65
C LEU F 316 -43.51 -3.57 -15.40
N ALA F 317 -42.82 -4.26 -14.48
CA ALA F 317 -43.27 -5.59 -14.07
C ALA F 317 -44.66 -5.52 -13.47
N SER F 318 -44.99 -4.41 -12.81
CA SER F 318 -46.34 -4.22 -12.31
C SER F 318 -47.35 -4.12 -13.45
N ARG F 319 -46.92 -3.65 -14.62
CA ARG F 319 -47.83 -3.53 -15.76
C ARG F 319 -47.72 -4.68 -16.76
N GLY F 320 -46.51 -5.06 -17.14
CA GLY F 320 -46.31 -6.09 -18.13
C GLY F 320 -44.85 -6.51 -18.28
N PRO F 321 -44.42 -6.73 -19.53
CA PRO F 321 -43.05 -7.20 -19.76
C PRO F 321 -42.01 -6.13 -19.52
N SER F 322 -41.29 -6.23 -18.40
CA SER F 322 -40.27 -5.25 -18.03
C SER F 322 -38.94 -5.63 -18.68
N LEU F 323 -38.88 -5.43 -20.00
CA LEU F 323 -37.70 -5.81 -20.78
C LEU F 323 -36.61 -4.74 -20.64
N LEU F 324 -36.15 -4.59 -19.41
CA LEU F 324 -35.05 -3.67 -19.13
C LEU F 324 -33.83 -4.09 -19.93
N PHE F 325 -33.28 -3.14 -20.67
CA PHE F 325 -32.08 -3.36 -21.47
C PHE F 325 -31.00 -2.42 -20.95
N LEU F 326 -30.00 -3.01 -20.29
CA LEU F 326 -28.89 -2.25 -19.72
C LEU F 326 -27.59 -2.75 -20.34
N ASP F 327 -26.91 -1.86 -21.04
CA ASP F 327 -25.72 -2.18 -21.82
C ASP F 327 -24.45 -1.85 -21.06
N GLU F 328 -23.37 -2.53 -21.44
CA GLU F 328 -22.03 -2.25 -20.94
C GLU F 328 -21.98 -2.39 -19.41
N MET F 329 -22.24 -3.61 -18.96
CA MET F 329 -22.13 -3.92 -17.54
C MET F 329 -20.68 -4.04 -17.10
N ASP F 330 -19.79 -4.45 -18.02
CA ASP F 330 -18.39 -4.65 -17.68
C ASP F 330 -17.70 -3.34 -17.32
N ALA F 331 -18.04 -2.25 -18.02
CA ALA F 331 -17.54 -0.95 -17.57
C ALA F 331 -18.10 -0.58 -16.21
N LEU F 332 -19.27 -1.08 -15.88
CA LEU F 332 -19.78 -0.99 -14.52
C LEU F 332 -19.23 -2.09 -13.63
N CYS F 333 -18.28 -2.88 -14.12
CA CYS F 333 -17.72 -4.00 -13.37
C CYS F 333 -16.23 -4.15 -13.66
N PRO F 334 -15.39 -3.37 -12.98
CA PRO F 334 -13.94 -3.63 -13.00
C PRO F 334 -13.61 -4.73 -12.01
N GLN F 335 -13.02 -5.82 -12.51
CA GLN F 335 -12.88 -7.04 -11.73
C GLN F 335 -11.92 -6.85 -10.56
N ARG F 336 -11.73 -7.92 -9.77
CA ARG F 336 -11.06 -7.83 -8.49
C ARG F 336 -9.64 -7.27 -8.64
N GLY F 337 -9.06 -6.90 -7.50
CA GLY F 337 -7.88 -6.08 -7.49
C GLY F 337 -8.13 -4.64 -7.82
N SER F 338 -9.38 -4.26 -8.07
CA SER F 338 -9.74 -2.89 -8.39
C SER F 338 -10.15 -2.16 -7.10
N ARG F 339 -10.76 -0.99 -7.25
CA ARG F 339 -11.13 -0.16 -6.11
C ARG F 339 -12.35 -0.74 -5.39
N ALA F 340 -12.85 0.03 -4.42
CA ALA F 340 -13.99 -0.37 -3.59
C ALA F 340 -15.35 -0.16 -4.27
N PRO F 341 -15.68 1.04 -4.76
CA PRO F 341 -17.10 1.33 -5.08
C PRO F 341 -17.71 0.37 -6.09
N GLU F 342 -16.90 -0.34 -6.87
CA GLU F 342 -17.44 -1.42 -7.69
C GLU F 342 -18.18 -2.43 -6.82
N SER F 343 -17.66 -2.71 -5.63
CA SER F 343 -18.33 -3.63 -4.73
C SER F 343 -19.73 -3.12 -4.38
N ARG F 344 -19.82 -1.86 -3.97
CA ARG F 344 -21.13 -1.29 -3.63
C ARG F 344 -22.07 -1.34 -4.82
N VAL F 345 -21.59 -0.97 -6.01
CA VAL F 345 -22.45 -0.94 -7.20
C VAL F 345 -22.99 -2.34 -7.50
N VAL F 346 -22.09 -3.32 -7.57
CA VAL F 346 -22.50 -4.67 -7.97
C VAL F 346 -23.40 -5.29 -6.91
N ALA F 347 -23.05 -5.13 -5.63
CA ALA F 347 -23.92 -5.69 -4.59
C ALA F 347 -25.28 -5.01 -4.58
N GLN F 348 -25.33 -3.71 -4.87
CA GLN F 348 -26.59 -3.01 -4.84
C GLN F 348 -27.50 -3.44 -6.00
N VAL F 349 -26.94 -3.54 -7.20
CA VAL F 349 -27.77 -4.03 -8.30
C VAL F 349 -28.16 -5.49 -8.05
N LEU F 350 -27.31 -6.23 -7.34
CA LEU F 350 -27.68 -7.59 -6.96
C LEU F 350 -28.88 -7.60 -6.03
N THR F 351 -28.90 -6.67 -5.06
CA THR F 351 -30.09 -6.49 -4.23
C THR F 351 -31.31 -6.21 -5.09
N LEU F 352 -31.16 -5.29 -6.05
CA LEU F 352 -32.28 -4.94 -6.92
C LEU F 352 -32.84 -6.17 -7.61
N LEU F 353 -31.98 -6.94 -8.27
CA LEU F 353 -32.44 -8.09 -9.03
C LEU F 353 -32.98 -9.19 -8.12
N ASP F 354 -32.32 -9.44 -6.99
CA ASP F 354 -32.75 -10.51 -6.10
C ASP F 354 -34.07 -10.18 -5.41
N GLY F 355 -34.35 -8.89 -5.20
CA GLY F 355 -35.62 -8.48 -4.66
C GLY F 355 -36.71 -8.54 -5.72
N ALA F 356 -36.45 -7.96 -6.88
CA ALA F 356 -37.42 -7.98 -7.98
C ALA F 356 -37.72 -9.38 -8.46
N SER F 357 -36.89 -10.37 -8.10
CA SER F 357 -37.27 -11.77 -8.28
C SER F 357 -38.68 -12.02 -7.76
N GLY F 358 -39.05 -11.37 -6.65
CA GLY F 358 -40.40 -11.49 -6.15
C GLY F 358 -41.43 -10.90 -7.09
N ASP F 359 -41.12 -9.75 -7.69
CA ASP F 359 -41.99 -9.16 -8.69
C ASP F 359 -42.15 -10.11 -9.88
N ARG F 360 -43.11 -9.79 -10.74
CA ARG F 360 -43.65 -10.81 -11.64
C ARG F 360 -42.95 -10.89 -12.99
N GLU F 361 -42.50 -9.78 -13.55
CA GLU F 361 -42.05 -9.77 -14.95
C GLU F 361 -40.75 -9.00 -15.09
N VAL F 362 -39.78 -9.29 -14.23
CA VAL F 362 -38.51 -8.56 -14.21
C VAL F 362 -37.46 -9.35 -14.99
N VAL F 363 -36.91 -8.73 -16.03
CA VAL F 363 -35.87 -9.35 -16.85
C VAL F 363 -34.93 -8.26 -17.33
N VAL F 364 -33.63 -8.55 -17.32
CA VAL F 364 -32.62 -7.60 -17.74
C VAL F 364 -31.66 -8.27 -18.71
N VAL F 365 -31.11 -7.48 -19.63
CA VAL F 365 -30.21 -7.96 -20.67
C VAL F 365 -28.94 -7.12 -20.60
N GLY F 366 -27.91 -7.64 -19.95
CA GLY F 366 -26.63 -6.97 -19.93
C GLY F 366 -25.95 -7.08 -21.28
N ALA F 367 -25.68 -5.95 -21.92
CA ALA F 367 -25.11 -5.92 -23.27
C ALA F 367 -23.65 -5.49 -23.19
N THR F 368 -22.74 -6.40 -23.54
CA THR F 368 -21.31 -6.11 -23.51
C THR F 368 -20.66 -6.77 -24.72
N ASN F 369 -19.34 -6.88 -24.67
CA ASN F 369 -18.55 -7.47 -25.75
C ASN F 369 -18.09 -8.88 -25.42
N ARG F 370 -17.36 -9.05 -24.31
CA ARG F 370 -16.84 -10.33 -23.90
C ARG F 370 -17.25 -10.61 -22.47
N PRO F 371 -17.81 -11.78 -22.17
CA PRO F 371 -18.23 -12.06 -20.79
C PRO F 371 -17.11 -11.94 -19.79
N ASP F 372 -15.88 -12.24 -20.21
CA ASP F 372 -14.73 -12.15 -19.31
C ASP F 372 -14.54 -10.72 -18.77
N ALA F 373 -15.01 -9.71 -19.50
CA ALA F 373 -14.82 -8.33 -19.06
C ALA F 373 -15.71 -7.97 -17.88
N LEU F 374 -16.71 -8.78 -17.56
CA LEU F 374 -17.67 -8.44 -16.53
C LEU F 374 -17.15 -8.83 -15.14
N ASP F 375 -17.93 -8.47 -14.12
CA ASP F 375 -17.63 -8.85 -12.76
C ASP F 375 -17.75 -10.37 -12.62
N PRO F 376 -16.73 -11.06 -12.11
CA PRO F 376 -16.90 -12.49 -11.82
C PRO F 376 -18.08 -12.75 -10.89
N ALA F 377 -18.21 -11.97 -9.82
CA ALA F 377 -19.29 -12.15 -8.86
C ALA F 377 -20.67 -12.01 -9.50
N LEU F 378 -20.74 -11.62 -10.77
CA LEU F 378 -22.02 -11.54 -11.47
C LEU F 378 -22.16 -12.65 -12.51
N ARG F 379 -21.62 -13.83 -12.25
CA ARG F 379 -21.79 -14.97 -13.13
C ARG F 379 -22.30 -16.20 -12.41
N ARG F 380 -22.97 -16.02 -11.26
CA ARG F 380 -23.42 -17.15 -10.47
C ARG F 380 -24.72 -17.72 -11.04
N PRO F 381 -25.03 -18.97 -10.71
CA PRO F 381 -26.39 -19.46 -10.92
C PRO F 381 -27.38 -18.59 -10.17
N GLY F 382 -28.60 -18.49 -10.69
CA GLY F 382 -29.52 -17.52 -10.15
C GLY F 382 -29.07 -16.10 -10.34
N ARG F 383 -28.08 -15.89 -11.20
CA ARG F 383 -27.54 -14.57 -11.53
C ARG F 383 -27.29 -14.59 -13.03
N PHE F 384 -26.46 -13.68 -13.52
CA PHE F 384 -26.20 -13.62 -14.96
C PHE F 384 -25.44 -14.88 -15.36
N ASP F 385 -26.18 -15.85 -15.90
CA ASP F 385 -25.60 -17.13 -16.30
C ASP F 385 -25.99 -17.48 -17.73
N ARG F 386 -27.21 -17.14 -18.13
CA ARG F 386 -27.65 -17.36 -19.50
C ARG F 386 -26.98 -16.32 -20.38
N GLU F 387 -25.86 -16.71 -20.99
CA GLU F 387 -25.04 -15.80 -21.78
C GLU F 387 -24.94 -16.33 -23.20
N VAL F 388 -25.05 -15.43 -24.17
CA VAL F 388 -24.97 -15.80 -25.56
C VAL F 388 -24.09 -14.80 -26.29
N VAL F 389 -23.42 -15.29 -27.31
CA VAL F 389 -22.48 -14.51 -28.09
C VAL F 389 -23.22 -13.80 -29.22
N ILE F 390 -22.70 -12.67 -29.64
CA ILE F 390 -23.22 -12.04 -30.85
C ILE F 390 -22.97 -12.97 -32.03
N GLY F 391 -23.71 -12.72 -33.11
CA GLY F 391 -23.56 -13.53 -34.30
C GLY F 391 -22.14 -13.56 -34.84
N THR F 392 -21.60 -14.74 -35.02
CA THR F 392 -20.33 -14.88 -35.68
C THR F 392 -20.47 -14.49 -37.16
N PRO F 393 -19.57 -13.69 -37.69
CA PRO F 393 -19.79 -13.13 -39.04
C PRO F 393 -19.69 -14.17 -40.14
N THR F 394 -20.78 -14.90 -40.36
CA THR F 394 -20.79 -15.93 -41.38
C THR F 394 -21.01 -15.34 -42.77
N LEU F 395 -20.64 -16.13 -43.78
CA LEU F 395 -20.86 -15.76 -45.17
C LEU F 395 -22.30 -15.37 -45.43
N LYS F 396 -23.22 -16.29 -45.11
CA LYS F 396 -24.64 -16.06 -45.35
C LYS F 396 -25.10 -14.80 -44.65
N GLN F 397 -24.82 -14.68 -43.36
CA GLN F 397 -25.17 -13.48 -42.62
C GLN F 397 -24.44 -12.26 -43.17
N ARG F 398 -23.21 -12.43 -43.66
CA ARG F 398 -22.49 -11.32 -44.26
C ARG F 398 -23.27 -10.73 -45.42
N LYS F 399 -23.70 -11.59 -46.35
CA LYS F 399 -24.50 -11.15 -47.48
C LYS F 399 -25.82 -10.53 -47.01
N GLU F 400 -26.50 -11.20 -46.09
CA GLU F 400 -27.74 -10.68 -45.54
C GLU F 400 -27.57 -9.25 -45.05
N ILE F 401 -26.52 -9.00 -44.28
CA ILE F 401 -26.36 -7.71 -43.64
C ILE F 401 -25.90 -6.66 -44.64
N LEU F 402 -25.10 -7.04 -45.64
CA LEU F 402 -24.77 -6.08 -46.69
C LEU F 402 -26.04 -5.60 -47.38
N GLN F 403 -26.90 -6.54 -47.77
CA GLN F 403 -28.15 -6.17 -48.40
C GLN F 403 -29.01 -5.32 -47.47
N VAL F 404 -29.04 -5.67 -46.19
CA VAL F 404 -29.88 -4.95 -45.24
C VAL F 404 -29.40 -3.50 -45.10
N ILE F 405 -28.09 -3.30 -44.98
CA ILE F 405 -27.55 -1.95 -44.90
C ILE F 405 -27.90 -1.17 -46.15
N THR F 406 -27.51 -1.67 -47.31
CA THR F 406 -27.74 -0.92 -48.53
C THR F 406 -29.22 -0.78 -48.86
N SER F 407 -30.10 -1.49 -48.15
CA SER F 407 -31.53 -1.34 -48.37
C SER F 407 -32.02 0.09 -48.17
N LYS F 408 -31.20 0.97 -47.62
CA LYS F 408 -31.55 2.37 -47.51
C LYS F 408 -30.52 3.28 -48.18
N MET F 409 -29.48 2.70 -48.78
CA MET F 409 -28.40 3.43 -49.41
C MET F 409 -28.48 3.27 -50.93
N PRO F 410 -28.13 4.31 -51.68
CA PRO F 410 -28.22 4.25 -53.15
C PRO F 410 -26.94 3.70 -53.78
N ILE F 411 -26.58 2.47 -53.41
CA ILE F 411 -25.46 1.80 -54.05
C ILE F 411 -25.76 1.58 -55.53
N SER F 412 -24.70 1.37 -56.31
CA SER F 412 -24.89 1.02 -57.70
C SER F 412 -25.71 -0.25 -57.82
N SER F 413 -26.43 -0.37 -58.93
CA SER F 413 -27.29 -1.53 -59.15
C SER F 413 -26.46 -2.81 -59.19
N HIS F 414 -25.57 -2.91 -60.17
CA HIS F 414 -24.74 -4.11 -60.34
C HIS F 414 -23.76 -4.21 -59.18
N VAL F 415 -23.94 -5.23 -58.33
CA VAL F 415 -23.10 -5.42 -57.15
C VAL F 415 -22.85 -6.91 -56.98
N ASP F 416 -21.58 -7.32 -57.10
CA ASP F 416 -21.17 -8.67 -56.71
C ASP F 416 -20.86 -8.70 -55.22
N LEU F 417 -21.91 -8.45 -54.44
CA LEU F 417 -21.77 -8.35 -52.99
C LEU F 417 -21.05 -9.55 -52.39
N GLY F 418 -21.17 -10.73 -53.03
CA GLY F 418 -20.48 -11.89 -52.51
C GLY F 418 -18.97 -11.74 -52.58
N LEU F 419 -18.46 -11.13 -53.65
CA LEU F 419 -17.03 -10.90 -53.76
C LEU F 419 -16.53 -10.05 -52.61
N LEU F 420 -17.13 -8.87 -52.43
CA LEU F 420 -16.75 -8.00 -51.33
C LEU F 420 -16.89 -8.71 -49.99
N ALA F 421 -17.96 -9.49 -49.85
CA ALA F 421 -18.16 -10.27 -48.64
C ALA F 421 -16.96 -11.15 -48.36
N GLU F 422 -16.60 -11.99 -49.32
CA GLU F 422 -15.51 -12.93 -49.10
C GLU F 422 -14.18 -12.24 -48.94
N MET F 423 -14.04 -11.02 -49.48
CA MET F 423 -12.92 -10.18 -49.10
C MET F 423 -12.98 -9.85 -47.62
N THR F 424 -14.18 -9.65 -47.08
CA THR F 424 -14.34 -9.13 -45.71
C THR F 424 -14.36 -10.26 -44.68
N VAL F 425 -13.30 -11.05 -44.68
CA VAL F 425 -13.17 -12.11 -43.68
C VAL F 425 -13.02 -11.49 -42.29
N GLY F 426 -13.68 -12.09 -41.30
CA GLY F 426 -13.62 -11.62 -39.94
C GLY F 426 -14.30 -10.29 -39.69
N TYR F 427 -14.67 -9.56 -40.73
CA TYR F 427 -15.30 -8.25 -40.57
C TYR F 427 -16.71 -8.43 -40.05
N VAL F 428 -16.97 -7.94 -38.83
CA VAL F 428 -18.32 -8.00 -38.28
C VAL F 428 -19.18 -7.04 -39.08
N GLY F 429 -20.51 -7.15 -38.91
CA GLY F 429 -21.43 -6.29 -39.61
C GLY F 429 -21.09 -4.82 -39.56
N ALA F 430 -20.96 -4.27 -38.34
CA ALA F 430 -20.66 -2.86 -38.17
C ALA F 430 -19.44 -2.44 -39.00
N ASP F 431 -18.42 -3.28 -39.02
CA ASP F 431 -17.29 -3.04 -39.90
C ASP F 431 -17.76 -2.85 -41.33
N LEU F 432 -18.65 -3.72 -41.79
CA LEU F 432 -19.14 -3.66 -43.15
C LEU F 432 -19.92 -2.37 -43.39
N THR F 433 -20.78 -2.02 -42.43
CA THR F 433 -21.44 -0.73 -42.46
C THR F 433 -20.43 0.37 -42.72
N ALA F 434 -19.44 0.48 -41.85
CA ALA F 434 -18.45 1.55 -41.95
C ALA F 434 -17.74 1.51 -43.29
N LEU F 435 -17.49 0.31 -43.79
CA LEU F 435 -16.78 0.16 -45.06
C LEU F 435 -17.62 0.75 -46.18
N CYS F 436 -18.88 0.31 -46.27
CA CYS F 436 -19.80 0.92 -47.22
C CYS F 436 -19.87 2.43 -47.01
N ARG F 437 -19.77 2.86 -45.77
CA ARG F 437 -19.88 4.28 -45.45
C ARG F 437 -18.79 5.06 -46.15
N GLU F 438 -17.54 4.74 -45.85
CA GLU F 438 -16.44 5.44 -46.50
C GLU F 438 -16.45 5.22 -48.02
N ALA F 439 -16.93 4.06 -48.47
CA ALA F 439 -17.03 3.83 -49.90
C ALA F 439 -17.89 4.91 -50.54
N ALA F 440 -19.16 4.96 -50.14
CA ALA F 440 -20.05 6.00 -50.64
C ALA F 440 -19.51 7.38 -50.34
N MET F 441 -18.72 7.52 -49.27
CA MET F 441 -18.16 8.82 -48.93
C MET F 441 -17.26 9.31 -50.04
N HIS F 442 -16.26 8.52 -50.39
CA HIS F 442 -15.38 8.93 -51.47
C HIS F 442 -16.13 8.97 -52.79
N ALA F 443 -17.17 8.15 -52.95
CA ALA F 443 -18.03 8.26 -54.12
C ALA F 443 -18.56 9.69 -54.25
N LEU F 444 -19.18 10.18 -53.18
CA LEU F 444 -19.70 11.55 -53.20
C LEU F 444 -18.58 12.58 -53.31
N LEU F 445 -17.41 12.28 -52.75
CA LEU F 445 -16.32 13.25 -52.77
C LEU F 445 -15.80 13.45 -54.19
N HIS F 446 -15.36 12.38 -54.83
CA HIS F 446 -14.75 12.49 -56.15
C HIS F 446 -15.77 12.53 -57.28
N SER F 447 -17.04 12.80 -56.98
CA SER F 447 -18.06 12.99 -57.99
C SER F 447 -18.94 14.16 -57.59
N GLU F 448 -19.34 14.98 -58.56
CA GLU F 448 -20.05 16.21 -58.27
C GLU F 448 -21.29 16.46 -59.13
N LYS F 449 -21.42 15.79 -60.29
CA LYS F 449 -22.49 16.15 -61.21
C LYS F 449 -23.85 15.64 -60.72
N ASN F 450 -24.00 14.33 -60.59
CA ASN F 450 -25.26 13.75 -60.11
C ASN F 450 -25.29 13.86 -58.59
N GLN F 451 -25.59 15.07 -58.13
CA GLN F 451 -25.52 15.40 -56.71
C GLN F 451 -26.48 14.60 -55.85
N ASP F 452 -27.40 13.86 -56.44
CA ASP F 452 -28.45 13.19 -55.68
C ASP F 452 -28.49 11.69 -55.87
N ASN F 453 -28.30 11.21 -57.11
CA ASN F 453 -28.34 9.78 -57.39
C ASN F 453 -26.92 9.30 -57.66
N PRO F 454 -26.26 8.71 -56.67
CA PRO F 454 -24.90 8.21 -56.91
C PRO F 454 -24.90 6.78 -57.41
N VAL F 455 -24.21 6.54 -58.51
CA VAL F 455 -23.89 5.18 -58.88
C VAL F 455 -22.64 4.80 -58.10
N ILE F 456 -22.82 4.34 -56.88
CA ILE F 456 -21.69 4.10 -55.99
C ILE F 456 -20.97 2.87 -56.49
N ASP F 457 -19.91 3.09 -57.26
CA ASP F 457 -19.35 2.03 -58.08
C ASP F 457 -18.56 1.05 -57.23
N GLU F 458 -18.54 -0.20 -57.69
CA GLU F 458 -17.80 -1.26 -57.01
C GLU F 458 -16.31 -0.98 -56.97
N ILE F 459 -15.80 -0.11 -57.85
CA ILE F 459 -14.37 0.22 -57.82
C ILE F 459 -14.04 1.03 -56.57
N ASP F 460 -14.79 2.09 -56.32
CA ASP F 460 -14.59 2.86 -55.10
C ASP F 460 -14.84 1.99 -53.88
N PHE F 461 -15.81 1.08 -53.98
CA PHE F 461 -16.07 0.14 -52.90
C PHE F 461 -14.85 -0.70 -52.60
N LEU F 462 -14.27 -1.30 -53.64
CA LEU F 462 -13.04 -2.08 -53.49
C LEU F 462 -11.92 -1.26 -52.88
N GLU F 463 -11.71 -0.05 -53.39
CA GLU F 463 -10.58 0.74 -52.91
C GLU F 463 -10.78 1.13 -51.45
N ALA F 464 -12.02 1.41 -51.06
CA ALA F 464 -12.29 1.71 -49.67
C ALA F 464 -11.99 0.49 -48.80
N PHE F 465 -12.50 -0.67 -49.20
CA PHE F 465 -12.20 -1.89 -48.47
C PHE F 465 -10.69 -2.06 -48.29
N LYS F 466 -9.96 -1.88 -49.38
CA LYS F 466 -8.51 -1.87 -49.31
C LYS F 466 -8.03 -0.93 -48.22
N ASN F 467 -8.56 0.30 -48.22
CA ASN F 467 -8.12 1.28 -47.25
C ASN F 467 -8.45 0.86 -45.82
N ILE F 468 -9.51 0.09 -45.62
CA ILE F 468 -10.05 -0.08 -44.29
C ILE F 468 -9.16 -0.98 -43.46
N GLN F 469 -9.24 -0.79 -42.14
CA GLN F 469 -8.47 -1.59 -41.20
C GLN F 469 -8.91 -3.05 -41.29
N PRO F 470 -7.98 -3.99 -41.17
CA PRO F 470 -8.37 -5.40 -41.09
C PRO F 470 -9.29 -5.67 -39.92
N SER F 471 -9.87 -6.86 -39.94
CA SER F 471 -10.77 -7.27 -38.87
C SER F 471 -10.00 -7.40 -37.56
N SER F 472 -10.74 -7.27 -36.45
CA SER F 472 -10.18 -7.68 -35.17
C SER F 472 -9.87 -9.16 -35.17
N PHE F 473 -10.76 -9.96 -35.72
CA PHE F 473 -10.50 -11.35 -36.04
C PHE F 473 -11.56 -11.89 -36.98
N GLY F 478 -13.62 -21.65 -33.68
CA GLY F 478 -14.61 -22.65 -34.04
C GLY F 478 -15.24 -22.42 -35.40
N LEU F 479 -14.39 -22.29 -36.42
CA LEU F 479 -14.83 -22.04 -37.79
C LEU F 479 -15.03 -23.36 -38.50
N MET F 480 -16.29 -23.76 -38.67
CA MET F 480 -16.59 -24.96 -39.44
C MET F 480 -16.27 -24.74 -40.91
N ASP F 481 -15.63 -25.72 -41.53
CA ASP F 481 -15.30 -25.61 -42.95
C ASP F 481 -16.57 -25.77 -43.77
N ILE F 482 -17.11 -24.65 -44.25
CA ILE F 482 -18.29 -24.69 -45.10
C ILE F 482 -18.02 -25.47 -46.36
N LYS F 483 -16.75 -25.57 -46.77
CA LYS F 483 -16.40 -26.27 -48.00
C LYS F 483 -16.77 -27.74 -47.89
N PRO F 484 -17.67 -28.25 -48.73
CA PRO F 484 -17.95 -29.68 -48.75
C PRO F 484 -17.03 -30.39 -49.73
N VAL F 485 -16.60 -31.59 -49.35
CA VAL F 485 -15.75 -32.43 -50.19
C VAL F 485 -16.23 -33.87 -50.06
N ASP F 486 -16.31 -34.57 -51.18
CA ASP F 486 -16.85 -35.92 -51.21
C ASP F 486 -15.70 -36.94 -51.16
N TRP F 487 -16.05 -38.20 -51.39
CA TRP F 487 -15.05 -39.28 -51.44
C TRP F 487 -14.34 -39.37 -52.77
N GLU F 488 -14.58 -38.41 -53.66
CA GLU F 488 -13.96 -38.43 -54.97
C GLU F 488 -12.67 -37.61 -55.00
N GLU F 489 -12.59 -36.56 -54.19
CA GLU F 489 -11.39 -35.74 -54.13
C GLU F 489 -10.26 -36.46 -53.43
N ILE F 490 -10.52 -37.69 -52.99
CA ILE F 490 -9.55 -38.47 -52.22
C ILE F 490 -9.56 -39.90 -52.74
N GLY F 491 -8.37 -40.45 -52.97
CA GLY F 491 -8.21 -41.85 -53.29
C GLY F 491 -7.16 -42.48 -52.39
N GLY F 492 -7.03 -43.80 -52.54
CA GLY F 492 -6.02 -44.52 -51.78
C GLY F 492 -6.40 -44.73 -50.33
N LEU F 493 -5.92 -45.82 -49.74
CA LEU F 493 -6.25 -46.19 -48.36
C LEU F 493 -7.75 -46.29 -48.16
N GLU F 494 -8.43 -46.90 -49.14
CA GLU F 494 -9.86 -47.15 -49.00
C GLU F 494 -10.16 -48.09 -47.85
N ASP F 495 -9.17 -48.87 -47.41
CA ASP F 495 -9.31 -49.64 -46.18
C ASP F 495 -9.58 -48.72 -45.00
N VAL F 496 -8.76 -47.67 -44.85
CA VAL F 496 -8.98 -46.72 -43.77
C VAL F 496 -10.30 -45.98 -43.97
N LYS F 497 -10.68 -45.74 -45.21
CA LYS F 497 -11.99 -45.15 -45.49
C LYS F 497 -13.11 -46.02 -44.92
N LEU F 498 -13.09 -47.31 -45.25
CA LEU F 498 -14.11 -48.21 -44.71
C LEU F 498 -14.01 -48.32 -43.20
N LYS F 499 -12.81 -48.18 -42.64
CA LYS F 499 -12.68 -48.17 -41.19
C LYS F 499 -13.41 -46.98 -40.58
N LEU F 500 -13.14 -45.78 -41.10
CA LEU F 500 -13.83 -44.60 -40.63
C LEU F 500 -15.34 -44.74 -40.81
N LYS F 501 -15.75 -45.37 -41.91
CA LYS F 501 -17.17 -45.67 -42.09
C LYS F 501 -17.66 -46.60 -40.98
N GLN F 502 -16.81 -47.53 -40.56
CA GLN F 502 -17.20 -48.50 -39.54
C GLN F 502 -17.44 -47.80 -38.21
N SER F 503 -16.46 -47.07 -37.72
CA SER F 503 -16.48 -46.59 -36.35
C SER F 503 -17.07 -45.21 -36.19
N ILE F 504 -17.65 -44.62 -37.23
CA ILE F 504 -18.19 -43.28 -37.06
C ILE F 504 -19.63 -43.14 -37.54
N GLU F 505 -19.89 -43.48 -38.80
CA GLU F 505 -21.18 -43.13 -39.37
C GLU F 505 -22.23 -44.21 -39.19
N TRP F 506 -21.84 -45.49 -39.17
CA TRP F 506 -22.80 -46.54 -38.84
C TRP F 506 -23.48 -46.28 -37.50
N PRO F 507 -22.80 -45.67 -36.52
CA PRO F 507 -23.52 -45.19 -35.34
C PRO F 507 -24.80 -44.41 -35.63
N LEU F 508 -24.89 -43.72 -36.76
CA LEU F 508 -26.16 -43.06 -37.09
C LEU F 508 -27.30 -44.07 -37.12
N LYS F 509 -27.10 -45.19 -37.79
CA LYS F 509 -28.12 -46.23 -37.82
C LYS F 509 -28.19 -46.98 -36.49
N PHE F 510 -27.18 -46.81 -35.63
CA PHE F 510 -26.97 -47.52 -34.36
C PHE F 510 -28.25 -47.76 -33.56
N PRO F 511 -29.14 -46.75 -33.36
CA PRO F 511 -30.29 -46.94 -32.46
C PRO F 511 -31.06 -48.23 -32.66
N TRP F 512 -30.86 -48.89 -33.79
CA TRP F 512 -31.37 -50.24 -33.99
C TRP F 512 -30.28 -51.25 -34.35
N GLU F 513 -29.08 -50.80 -34.67
CA GLU F 513 -28.08 -51.73 -35.19
C GLU F 513 -27.53 -52.62 -34.10
N PHE F 514 -26.87 -52.04 -33.09
CA PHE F 514 -26.35 -52.83 -31.99
C PHE F 514 -27.45 -53.62 -31.29
N VAL F 515 -28.70 -53.18 -31.40
CA VAL F 515 -29.80 -53.93 -30.80
C VAL F 515 -29.78 -55.37 -31.32
N ARG F 516 -29.90 -55.53 -32.63
CA ARG F 516 -29.74 -56.83 -33.25
C ARG F 516 -28.29 -57.22 -33.43
N MET F 517 -27.35 -56.49 -32.81
CA MET F 517 -25.94 -56.81 -32.96
C MET F 517 -25.14 -56.80 -31.67
N GLY F 518 -25.60 -56.14 -30.60
CA GLY F 518 -24.79 -56.15 -29.40
C GLY F 518 -23.88 -54.94 -29.26
N LEU F 519 -22.65 -55.11 -29.76
CA LEU F 519 -21.51 -54.23 -29.48
C LEU F 519 -21.89 -52.76 -29.45
N THR F 520 -21.28 -52.05 -28.51
CA THR F 520 -21.52 -50.62 -28.35
C THR F 520 -20.72 -49.83 -29.39
N GLN F 521 -20.67 -48.54 -29.20
CA GLN F 521 -19.90 -47.64 -30.03
C GLN F 521 -18.59 -47.30 -29.35
N PRO F 522 -17.47 -47.37 -30.06
CA PRO F 522 -16.21 -46.91 -29.47
C PRO F 522 -16.21 -45.40 -29.35
N LYS F 523 -15.93 -44.91 -28.14
CA LYS F 523 -15.98 -43.48 -27.89
C LYS F 523 -15.06 -42.71 -28.83
N GLY F 524 -13.77 -42.99 -28.76
CA GLY F 524 -12.79 -42.18 -29.45
C GLY F 524 -11.86 -42.98 -30.34
N VAL F 525 -11.56 -42.40 -31.50
CA VAL F 525 -10.64 -43.00 -32.46
C VAL F 525 -9.59 -41.96 -32.81
N LEU F 526 -8.37 -42.43 -33.10
CA LEU F 526 -7.23 -41.56 -33.40
C LEU F 526 -6.57 -42.07 -34.67
N LEU F 527 -6.65 -41.28 -35.73
CA LEU F 527 -6.05 -41.62 -37.01
C LEU F 527 -4.70 -40.93 -37.12
N TYR F 528 -3.65 -41.70 -37.42
CA TYR F 528 -2.31 -41.15 -37.51
C TYR F 528 -1.69 -41.54 -38.83
N GLY F 529 -1.15 -40.56 -39.53
CA GLY F 529 -0.41 -40.77 -40.75
C GLY F 529 0.68 -39.73 -40.89
N PRO F 530 1.62 -39.93 -41.81
CA PRO F 530 2.76 -39.02 -41.92
C PRO F 530 2.31 -37.64 -42.36
N PRO F 531 2.83 -36.59 -41.73
CA PRO F 531 2.47 -35.22 -42.13
C PRO F 531 2.71 -34.97 -43.60
N GLY F 532 1.64 -34.76 -44.36
CA GLY F 532 1.76 -34.61 -45.79
C GLY F 532 0.64 -35.32 -46.52
N CYS F 533 -0.12 -36.14 -45.80
CA CYS F 533 -1.28 -36.81 -46.36
C CYS F 533 -2.54 -35.97 -46.26
N ALA F 534 -2.48 -34.81 -45.62
CA ALA F 534 -3.63 -33.90 -45.54
C ALA F 534 -4.84 -34.61 -44.98
N LYS F 535 -4.64 -35.33 -43.87
CA LYS F 535 -5.73 -36.08 -43.25
C LYS F 535 -6.97 -35.22 -43.06
N THR F 536 -6.77 -33.92 -42.80
CA THR F 536 -7.88 -32.99 -42.67
C THR F 536 -8.89 -33.15 -43.80
N THR F 537 -8.39 -33.40 -45.02
CA THR F 537 -9.28 -33.64 -46.15
C THR F 537 -10.18 -34.84 -45.88
N LEU F 538 -9.61 -35.94 -45.39
CA LEU F 538 -10.43 -37.11 -45.13
C LEU F 538 -11.44 -36.83 -44.03
N VAL F 539 -11.03 -36.11 -42.99
CA VAL F 539 -11.96 -35.79 -41.92
C VAL F 539 -13.13 -34.98 -42.47
N ARG F 540 -12.84 -33.99 -43.30
CA ARG F 540 -13.90 -33.14 -43.83
C ARG F 540 -14.80 -33.93 -44.77
N ALA F 541 -14.23 -34.86 -45.53
CA ALA F 541 -15.07 -35.71 -46.38
C ALA F 541 -16.00 -36.56 -45.54
N LEU F 542 -15.51 -37.10 -44.44
CA LEU F 542 -16.36 -37.80 -43.51
C LEU F 542 -17.48 -36.90 -43.03
N ALA F 543 -17.13 -35.71 -42.52
CA ALA F 543 -18.14 -34.76 -42.06
C ALA F 543 -19.13 -34.43 -43.16
N THR F 544 -18.72 -34.57 -44.42
CA THR F 544 -19.61 -34.32 -45.53
C THR F 544 -20.59 -35.47 -45.72
N SER F 545 -20.11 -36.70 -45.63
CA SER F 545 -20.91 -37.86 -46.01
C SER F 545 -21.90 -38.28 -44.94
N CYS F 546 -22.22 -37.41 -43.99
CA CYS F 546 -23.10 -37.78 -42.89
C CYS F 546 -24.18 -36.77 -42.58
N HIS F 547 -24.04 -35.51 -43.00
CA HIS F 547 -24.95 -34.41 -42.71
C HIS F 547 -24.92 -33.99 -41.24
N CYS F 548 -24.15 -34.68 -40.41
CA CYS F 548 -24.11 -34.35 -39.01
C CYS F 548 -23.46 -32.98 -38.81
N SER F 549 -23.95 -32.26 -37.81
CA SER F 549 -23.33 -30.99 -37.44
C SER F 549 -21.86 -31.22 -37.13
N PHE F 550 -21.03 -30.31 -37.61
CA PHE F 550 -19.59 -30.46 -37.53
C PHE F 550 -18.94 -29.16 -37.10
N VAL F 551 -18.00 -29.26 -36.18
CA VAL F 551 -17.20 -28.13 -35.74
C VAL F 551 -15.75 -28.57 -35.69
N SER F 552 -14.83 -27.67 -36.00
CA SER F 552 -13.41 -27.98 -36.03
C SER F 552 -12.70 -27.36 -34.84
N VAL F 553 -11.59 -27.97 -34.47
CA VAL F 553 -10.81 -27.58 -33.30
C VAL F 553 -9.35 -27.55 -33.73
N SER F 554 -8.79 -26.35 -33.89
CA SER F 554 -7.43 -26.21 -34.39
C SER F 554 -6.62 -25.30 -33.48
N GLY F 555 -5.30 -25.52 -33.49
CA GLY F 555 -4.42 -24.75 -32.62
C GLY F 555 -4.35 -23.28 -32.99
N ALA F 556 -4.30 -22.97 -34.30
CA ALA F 556 -4.33 -21.58 -34.72
C ALA F 556 -5.63 -20.91 -34.27
N ASP F 557 -6.75 -21.61 -34.38
CA ASP F 557 -7.97 -21.13 -33.76
C ASP F 557 -7.84 -21.09 -32.25
N LEU F 558 -6.94 -21.90 -31.70
CA LEU F 558 -6.83 -22.04 -30.25
C LEU F 558 -5.84 -21.06 -29.64
N PHE F 559 -4.66 -20.89 -30.25
CA PHE F 559 -3.57 -20.13 -29.64
C PHE F 559 -3.86 -18.63 -29.72
N SER F 560 -4.85 -18.21 -28.94
CA SER F 560 -5.11 -16.81 -28.73
C SER F 560 -4.24 -16.30 -27.59
N PRO F 561 -4.00 -14.98 -27.52
CA PRO F 561 -3.10 -14.46 -26.48
C PRO F 561 -3.71 -14.40 -25.09
N PHE F 562 -4.83 -15.08 -24.87
CA PHE F 562 -5.49 -15.12 -23.57
C PHE F 562 -5.22 -16.47 -22.93
N VAL F 563 -4.39 -16.47 -21.89
CA VAL F 563 -4.07 -17.71 -21.16
C VAL F 563 -5.23 -18.03 -20.22
N GLY F 564 -5.67 -19.28 -20.25
CA GLY F 564 -6.85 -19.70 -19.51
C GLY F 564 -8.13 -19.72 -20.30
N ASP F 565 -8.10 -19.27 -21.56
CA ASP F 565 -9.26 -19.27 -22.44
C ASP F 565 -9.32 -20.49 -23.35
N SER F 566 -8.20 -21.18 -23.55
CA SER F 566 -8.18 -22.38 -24.38
C SER F 566 -9.12 -23.44 -23.82
N GLU F 567 -8.98 -23.75 -22.53
CA GLU F 567 -9.93 -24.61 -21.85
C GLU F 567 -11.35 -24.11 -22.05
N LYS F 568 -11.52 -22.79 -22.05
CA LYS F 568 -12.87 -22.23 -22.13
C LYS F 568 -13.50 -22.50 -23.49
N VAL F 569 -12.76 -22.23 -24.57
CA VAL F 569 -13.31 -22.49 -25.89
C VAL F 569 -13.50 -23.99 -26.10
N LEU F 570 -12.64 -24.81 -25.49
CA LEU F 570 -12.86 -26.25 -25.49
C LEU F 570 -14.23 -26.60 -24.92
N SER F 571 -14.51 -26.10 -23.71
CA SER F 571 -15.82 -26.32 -23.11
C SER F 571 -16.92 -25.77 -23.98
N GLN F 572 -16.68 -24.62 -24.62
CA GLN F 572 -17.71 -23.97 -25.40
C GLN F 572 -18.10 -24.82 -26.60
N ILE F 573 -17.10 -25.31 -27.33
CA ILE F 573 -17.40 -26.11 -28.51
C ILE F 573 -18.03 -27.43 -28.09
N PHE F 574 -17.62 -27.97 -26.95
CA PHE F 574 -18.29 -29.19 -26.49
C PHE F 574 -19.74 -28.91 -26.12
N ARG F 575 -20.01 -27.74 -25.56
CA ARG F 575 -21.39 -27.36 -25.26
C ARG F 575 -22.19 -27.19 -26.55
N GLN F 576 -21.56 -26.65 -27.58
CA GLN F 576 -22.23 -26.56 -28.87
C GLN F 576 -22.53 -27.95 -29.42
N ALA F 577 -21.59 -28.87 -29.26
CA ALA F 577 -21.83 -30.26 -29.63
C ALA F 577 -23.06 -30.79 -28.90
N ARG F 578 -23.12 -30.54 -27.59
CA ARG F 578 -24.31 -30.93 -26.83
C ARG F 578 -25.56 -30.29 -27.41
N ALA F 579 -25.45 -29.03 -27.84
CA ALA F 579 -26.58 -28.30 -28.39
C ALA F 579 -27.10 -29.00 -29.63
N SER F 580 -26.28 -29.07 -30.67
CA SER F 580 -26.59 -29.89 -31.85
C SER F 580 -26.15 -31.30 -31.51
N THR F 581 -26.92 -31.94 -30.62
CA THR F 581 -26.49 -33.13 -29.91
C THR F 581 -25.97 -34.23 -30.82
N PRO F 582 -26.54 -34.47 -32.00
CA PRO F 582 -25.81 -35.27 -33.00
C PRO F 582 -24.64 -34.45 -33.53
N ALA F 583 -23.44 -34.80 -33.10
CA ALA F 583 -22.28 -33.96 -33.35
C ALA F 583 -21.02 -34.81 -33.52
N ILE F 584 -20.19 -34.42 -34.48
CA ILE F 584 -18.90 -35.05 -34.74
C ILE F 584 -17.83 -33.98 -34.60
N LEU F 585 -16.90 -34.18 -33.68
CA LEU F 585 -15.92 -33.15 -33.34
C LEU F 585 -14.51 -33.63 -33.62
N PHE F 586 -13.75 -32.80 -34.32
CA PHE F 586 -12.45 -33.16 -34.85
C PHE F 586 -11.35 -32.42 -34.12
N LEU F 587 -10.31 -33.15 -33.73
CA LEU F 587 -9.16 -32.63 -33.00
C LEU F 587 -7.93 -32.80 -33.89
N ASP F 588 -7.62 -31.78 -34.66
CA ASP F 588 -6.53 -31.89 -35.63
C ASP F 588 -5.18 -31.64 -34.97
N GLU F 589 -4.17 -32.33 -35.49
CA GLU F 589 -2.76 -32.08 -35.18
C GLU F 589 -2.55 -31.69 -33.72
N ILE F 590 -3.03 -32.58 -32.84
CA ILE F 590 -3.13 -32.24 -31.42
C ILE F 590 -1.76 -32.02 -30.78
N ASP F 591 -0.68 -32.50 -31.41
CA ASP F 591 0.65 -32.13 -30.94
C ASP F 591 0.85 -30.62 -31.01
N SER F 592 0.23 -29.97 -32.01
CA SER F 592 0.21 -28.51 -32.03
C SER F 592 -0.80 -27.98 -31.01
N ILE F 593 -1.97 -28.64 -30.92
CA ILE F 593 -2.97 -28.21 -29.95
C ILE F 593 -2.47 -28.41 -28.53
N LEU F 594 -1.87 -29.56 -28.26
CA LEU F 594 -1.19 -29.82 -26.99
C LEU F 594 0.27 -30.12 -27.29
N GLY F 595 1.16 -29.20 -26.93
CA GLY F 595 2.57 -29.36 -27.18
C GLY F 595 3.25 -30.40 -26.31
N ALA F 596 4.54 -30.24 -26.08
CA ALA F 596 5.27 -31.18 -25.25
C ALA F 596 4.90 -30.97 -23.78
N ARG F 597 5.10 -32.03 -22.99
CA ARG F 597 4.73 -31.97 -21.58
C ARG F 597 5.87 -31.41 -20.72
N SER F 598 7.07 -31.98 -20.85
CA SER F 598 8.20 -31.60 -20.01
C SER F 598 9.45 -31.43 -20.85
N ALA F 599 9.32 -30.73 -21.99
CA ALA F 599 10.46 -30.36 -22.80
C ALA F 599 10.98 -28.97 -22.42
N SER F 600 10.08 -28.00 -22.32
CA SER F 600 10.38 -26.66 -21.83
C SER F 600 9.71 -26.53 -20.46
N LYS F 601 10.50 -26.68 -19.40
CA LYS F 601 9.98 -26.81 -18.04
C LYS F 601 9.71 -25.47 -17.37
N THR F 602 9.49 -24.39 -18.13
CA THR F 602 9.23 -23.08 -17.54
C THR F 602 7.92 -22.45 -17.98
N GLY F 603 7.31 -22.91 -19.05
CA GLY F 603 6.08 -22.30 -19.54
C GLY F 603 5.03 -23.29 -19.99
N CYS F 604 4.95 -24.43 -19.32
CA CYS F 604 4.06 -25.53 -19.73
C CYS F 604 3.16 -25.93 -18.57
N ASP F 605 2.52 -24.96 -17.94
CA ASP F 605 1.55 -25.24 -16.88
C ASP F 605 0.12 -25.15 -17.37
N VAL F 606 -0.24 -24.06 -18.05
CA VAL F 606 -1.60 -23.94 -18.58
C VAL F 606 -1.87 -25.02 -19.61
N GLN F 607 -0.82 -25.53 -20.27
CA GLN F 607 -1.01 -26.65 -21.18
C GLN F 607 -1.48 -27.89 -20.41
N GLU F 608 -0.88 -28.15 -19.25
CA GLU F 608 -1.37 -29.25 -18.41
C GLU F 608 -2.76 -28.94 -17.85
N ARG F 609 -3.10 -27.65 -17.69
CA ARG F 609 -4.45 -27.30 -17.26
C ARG F 609 -5.47 -27.67 -18.33
N VAL F 610 -5.16 -27.34 -19.59
CA VAL F 610 -5.98 -27.79 -20.70
C VAL F 610 -6.04 -29.32 -20.73
N LEU F 611 -4.91 -29.96 -20.44
CA LEU F 611 -4.87 -31.41 -20.37
C LEU F 611 -5.89 -31.94 -19.37
N SER F 612 -5.92 -31.34 -18.18
CA SER F 612 -6.84 -31.79 -17.14
C SER F 612 -8.28 -31.56 -17.55
N VAL F 613 -8.60 -30.34 -18.00
CA VAL F 613 -9.99 -30.06 -18.35
C VAL F 613 -10.43 -30.93 -19.52
N LEU F 614 -9.51 -31.27 -20.42
CA LEU F 614 -9.81 -32.21 -21.48
C LEU F 614 -10.16 -33.57 -20.88
N LEU F 615 -9.20 -34.20 -20.20
CA LEU F 615 -9.42 -35.51 -19.60
C LEU F 615 -10.73 -35.56 -18.84
N ASN F 616 -11.14 -34.44 -18.26
CA ASN F 616 -12.45 -34.38 -17.60
C ASN F 616 -13.57 -34.40 -18.63
N GLU F 617 -13.62 -33.39 -19.49
CA GLU F 617 -14.77 -33.19 -20.37
C GLU F 617 -14.95 -34.32 -21.37
N LEU F 618 -13.90 -35.07 -21.68
CA LEU F 618 -13.92 -36.11 -22.72
C LEU F 618 -14.79 -37.31 -22.35
N ASP F 619 -15.56 -37.21 -21.27
CA ASP F 619 -16.31 -38.34 -20.72
C ASP F 619 -17.74 -38.40 -21.22
N GLY F 620 -18.00 -38.01 -22.47
CA GLY F 620 -19.35 -38.08 -23.00
C GLY F 620 -19.90 -39.49 -22.98
N VAL F 621 -20.82 -39.76 -22.05
CA VAL F 621 -21.41 -41.09 -21.88
C VAL F 621 -22.91 -40.91 -21.65
N GLY F 622 -23.64 -42.01 -21.79
CA GLY F 622 -25.07 -41.99 -21.58
C GLY F 622 -25.60 -43.25 -20.95
N LEU F 623 -26.91 -43.45 -21.00
CA LEU F 623 -27.53 -44.67 -20.50
C LEU F 623 -27.02 -45.87 -21.28
N LYS F 624 -27.36 -45.93 -22.57
CA LYS F 624 -26.83 -46.91 -23.52
C LYS F 624 -26.88 -48.33 -22.95
N THR F 625 -28.08 -48.77 -22.60
CA THR F 625 -28.28 -50.08 -21.99
C THR F 625 -29.54 -50.70 -22.56
N ILE F 626 -29.54 -52.04 -22.61
CA ILE F 626 -30.68 -52.79 -23.12
C ILE F 626 -31.88 -52.64 -22.19
N GLU F 640 -36.56 -48.68 -28.21
CA GLU F 640 -36.38 -47.26 -28.51
C GLU F 640 -35.20 -46.68 -27.76
N VAL F 641 -34.60 -45.63 -28.31
CA VAL F 641 -33.45 -44.99 -27.69
C VAL F 641 -33.28 -43.61 -28.32
N PHE F 642 -32.96 -42.63 -27.49
CA PHE F 642 -32.63 -41.28 -27.94
C PHE F 642 -31.11 -41.17 -27.95
N ASN F 643 -30.53 -41.22 -29.15
CA ASN F 643 -29.08 -41.29 -29.28
C ASN F 643 -28.51 -39.88 -29.14
N ARG F 644 -28.38 -39.45 -27.89
CA ARG F 644 -27.82 -38.15 -27.54
C ARG F 644 -26.39 -38.37 -27.09
N SER F 645 -25.49 -38.53 -28.07
CA SER F 645 -24.10 -38.88 -27.75
C SER F 645 -23.22 -38.38 -28.89
N VAL F 646 -22.51 -37.28 -28.63
CA VAL F 646 -21.57 -36.78 -29.62
C VAL F 646 -20.41 -37.78 -29.76
N MET F 647 -19.64 -37.61 -30.83
CA MET F 647 -18.46 -38.41 -31.05
C MET F 647 -17.26 -37.50 -31.27
N ILE F 648 -16.10 -37.96 -30.83
CA ILE F 648 -14.86 -37.18 -30.91
C ILE F 648 -13.82 -38.01 -31.64
N ILE F 649 -13.14 -37.40 -32.61
CA ILE F 649 -12.10 -38.04 -33.39
C ILE F 649 -10.93 -37.08 -33.50
N ALA F 650 -9.72 -37.60 -33.33
CA ALA F 650 -8.52 -36.78 -33.37
C ALA F 650 -7.55 -37.34 -34.40
N ALA F 651 -6.56 -36.52 -34.73
CA ALA F 651 -5.50 -36.90 -35.64
C ALA F 651 -4.35 -35.95 -35.44
N THR F 652 -3.13 -36.44 -35.69
CA THR F 652 -1.94 -35.66 -35.43
C THR F 652 -0.78 -36.27 -36.19
N ASN F 653 0.43 -35.80 -35.88
CA ASN F 653 1.64 -36.31 -36.49
C ASN F 653 2.73 -36.64 -35.49
N ARG F 654 2.62 -36.20 -34.25
CA ARG F 654 3.61 -36.50 -33.20
C ARG F 654 2.89 -37.04 -31.97
N PRO F 655 2.29 -38.23 -32.06
CA PRO F 655 1.65 -38.82 -30.88
C PRO F 655 2.63 -39.15 -29.76
N ASP F 656 3.90 -39.44 -30.08
CA ASP F 656 4.89 -39.73 -29.05
C ASP F 656 5.17 -38.52 -28.17
N VAL F 657 4.54 -37.40 -28.49
CA VAL F 657 4.73 -36.15 -27.77
C VAL F 657 3.57 -35.96 -26.79
N LEU F 658 2.38 -36.41 -27.18
CA LEU F 658 1.18 -36.14 -26.41
C LEU F 658 1.21 -36.88 -25.07
N ASP F 659 0.30 -36.48 -24.20
CA ASP F 659 0.15 -37.13 -22.90
C ASP F 659 -0.44 -38.52 -23.08
N THR F 660 0.19 -39.51 -22.44
CA THR F 660 -0.17 -40.90 -22.68
C THR F 660 -1.56 -41.23 -22.14
N ALA F 661 -2.00 -40.55 -21.10
CA ALA F 661 -3.30 -40.84 -20.52
C ALA F 661 -4.45 -40.56 -21.47
N LEU F 662 -4.21 -39.78 -22.53
CA LEU F 662 -5.26 -39.50 -23.50
C LEU F 662 -5.78 -40.78 -24.13
N LEU F 663 -4.90 -41.72 -24.42
CA LEU F 663 -5.26 -42.95 -25.12
C LEU F 663 -5.98 -43.94 -24.24
N ARG F 664 -6.47 -43.50 -23.08
CA ARG F 664 -7.10 -44.35 -22.09
C ARG F 664 -8.27 -45.12 -22.69
N PRO F 665 -8.27 -46.46 -22.59
CA PRO F 665 -9.52 -47.20 -22.87
C PRO F 665 -10.64 -46.67 -22.01
N GLY F 666 -11.63 -46.06 -22.65
CA GLY F 666 -12.62 -45.25 -21.98
C GLY F 666 -12.64 -43.81 -22.46
N ARG F 667 -11.54 -43.32 -23.03
CA ARG F 667 -11.50 -42.02 -23.68
C ARG F 667 -11.28 -42.16 -25.19
N LEU F 668 -10.20 -42.83 -25.59
CA LEU F 668 -9.84 -42.99 -27.00
C LEU F 668 -9.60 -44.48 -27.21
N ASP F 669 -10.67 -45.22 -27.52
CA ASP F 669 -10.64 -46.67 -27.53
C ASP F 669 -10.44 -47.25 -28.94
N LYS F 670 -9.78 -46.52 -29.82
CA LYS F 670 -9.45 -47.06 -31.13
C LYS F 670 -8.42 -46.15 -31.79
N ILE F 671 -7.46 -46.77 -32.47
CA ILE F 671 -6.39 -46.02 -33.16
C ILE F 671 -6.12 -46.69 -34.50
N ILE F 672 -5.98 -45.88 -35.54
CA ILE F 672 -5.88 -46.36 -36.91
C ILE F 672 -4.67 -45.72 -37.59
N TYR F 673 -4.05 -46.48 -38.49
CA TYR F 673 -2.84 -46.08 -39.18
C TYR F 673 -3.16 -45.66 -40.61
N ILE F 674 -2.42 -44.67 -41.09
CA ILE F 674 -2.61 -44.06 -42.40
C ILE F 674 -1.26 -44.05 -43.12
N PRO F 675 -0.87 -45.14 -43.77
CA PRO F 675 0.41 -45.15 -44.46
C PRO F 675 0.38 -44.22 -45.65
N PRO F 676 1.53 -43.66 -46.04
CA PRO F 676 1.60 -42.97 -47.32
C PRO F 676 1.30 -43.94 -48.44
N PRO F 677 0.68 -43.48 -49.52
CA PRO F 677 0.14 -44.40 -50.52
C PRO F 677 1.21 -45.29 -51.12
N ASP F 678 0.79 -46.47 -51.55
CA ASP F 678 1.67 -47.38 -52.27
C ASP F 678 1.78 -46.93 -53.72
N HIS F 679 2.37 -47.77 -54.57
CA HIS F 679 2.40 -47.48 -55.99
C HIS F 679 1.00 -47.26 -56.54
N LYS F 680 0.07 -48.15 -56.16
CA LYS F 680 -1.30 -48.03 -56.64
C LYS F 680 -1.97 -46.79 -56.09
N GLY F 681 -1.80 -46.52 -54.79
CA GLY F 681 -2.37 -45.31 -54.22
C GLY F 681 -1.80 -44.06 -54.85
N ARG F 682 -0.49 -44.04 -55.10
CA ARG F 682 0.12 -42.92 -55.81
C ARG F 682 -0.52 -42.73 -57.17
N LEU F 683 -0.64 -43.81 -57.94
CA LEU F 683 -1.29 -43.76 -59.24
C LEU F 683 -2.68 -43.16 -59.15
N SER F 684 -3.49 -43.68 -58.23
CA SER F 684 -4.88 -43.25 -58.13
C SER F 684 -4.98 -41.79 -57.73
N ILE F 685 -4.20 -41.38 -56.73
CA ILE F 685 -4.31 -40.00 -56.26
C ILE F 685 -3.79 -39.03 -57.31
N LEU F 686 -2.78 -39.44 -58.08
CA LEU F 686 -2.36 -38.62 -59.22
C LEU F 686 -3.49 -38.48 -60.22
N LYS F 687 -4.10 -39.61 -60.59
CA LYS F 687 -5.22 -39.58 -61.53
C LYS F 687 -6.29 -38.59 -61.07
N VAL F 688 -6.67 -38.66 -59.80
CA VAL F 688 -7.82 -37.87 -59.34
C VAL F 688 -7.43 -36.41 -59.14
N CYS F 689 -6.18 -36.13 -58.75
CA CYS F 689 -5.76 -34.75 -58.62
C CYS F 689 -5.59 -34.10 -59.97
N THR F 690 -5.38 -34.89 -61.01
CA THR F 690 -5.12 -34.37 -62.34
C THR F 690 -6.38 -34.26 -63.21
N LYS F 691 -7.54 -34.66 -62.69
CA LYS F 691 -8.75 -34.71 -63.51
C LYS F 691 -9.30 -33.35 -63.87
N THR F 692 -8.62 -32.25 -63.55
CA THR F 692 -9.05 -30.94 -64.01
C THR F 692 -7.94 -30.13 -64.64
N MET F 693 -6.68 -30.49 -64.46
CA MET F 693 -5.59 -29.79 -65.11
C MET F 693 -5.64 -30.06 -66.62
N PRO F 694 -5.14 -29.14 -67.44
CA PRO F 694 -5.14 -29.38 -68.89
C PRO F 694 -4.16 -30.48 -69.26
N ILE F 695 -4.69 -31.64 -69.57
CA ILE F 695 -3.87 -32.81 -69.84
C ILE F 695 -3.52 -32.82 -71.32
N GLY F 696 -2.34 -33.36 -71.63
CA GLY F 696 -1.94 -33.58 -73.00
C GLY F 696 -2.00 -35.05 -73.36
N PRO F 697 -2.07 -35.33 -74.66
CA PRO F 697 -2.13 -36.73 -75.10
C PRO F 697 -0.80 -37.48 -75.05
N ASP F 698 0.21 -36.95 -74.37
CA ASP F 698 1.53 -37.57 -74.31
C ASP F 698 1.88 -38.12 -72.93
N VAL F 699 1.14 -37.74 -71.88
CA VAL F 699 1.55 -38.09 -70.54
C VAL F 699 1.32 -39.58 -70.27
N SER F 700 2.05 -40.11 -69.28
CA SER F 700 1.91 -41.49 -68.83
C SER F 700 2.06 -41.49 -67.31
N LEU F 701 0.93 -41.40 -66.62
CA LEU F 701 0.94 -41.26 -65.16
C LEU F 701 1.61 -42.44 -64.48
N GLU F 702 1.52 -43.63 -65.06
CA GLU F 702 2.05 -44.82 -64.40
C GLU F 702 3.56 -44.74 -64.23
N ASN F 703 4.26 -44.07 -65.15
CA ASN F 703 5.71 -43.95 -65.02
C ASN F 703 6.07 -43.10 -63.81
N LEU F 704 5.49 -41.90 -63.72
CA LEU F 704 5.64 -41.10 -62.50
C LEU F 704 5.34 -41.95 -61.27
N ALA F 705 4.19 -42.64 -61.29
CA ALA F 705 3.81 -43.51 -60.18
C ALA F 705 4.97 -44.44 -59.80
N ALA F 706 5.59 -45.04 -60.81
CA ALA F 706 6.73 -45.93 -60.56
C ALA F 706 7.87 -45.17 -59.91
N GLU F 707 8.13 -43.93 -60.35
CA GLU F 707 9.27 -43.19 -59.85
C GLU F 707 8.92 -42.16 -58.79
N THR F 708 7.67 -41.74 -58.69
CA THR F 708 7.31 -40.75 -57.67
C THR F 708 7.05 -41.43 -56.33
N CYS F 709 7.99 -42.24 -55.88
CA CYS F 709 7.90 -42.86 -54.56
C CYS F 709 8.45 -41.91 -53.51
N PHE F 710 7.99 -42.10 -52.27
CA PHE F 710 8.25 -41.17 -51.17
C PHE F 710 7.64 -39.81 -51.47
N PHE F 711 6.46 -39.82 -52.06
CA PHE F 711 5.72 -38.61 -52.41
C PHE F 711 4.46 -38.55 -51.57
N SER F 712 4.27 -37.43 -50.87
CA SER F 712 2.99 -37.21 -50.21
C SER F 712 1.93 -36.84 -51.25
N GLY F 713 0.69 -36.77 -50.80
CA GLY F 713 -0.38 -36.31 -51.66
C GLY F 713 -0.07 -34.91 -52.16
N ALA F 714 0.19 -34.01 -51.21
CA ALA F 714 0.55 -32.65 -51.57
C ALA F 714 1.78 -32.61 -52.48
N ASP F 715 2.72 -33.53 -52.28
CA ASP F 715 3.87 -33.61 -53.16
C ASP F 715 3.42 -33.76 -54.61
N LEU F 716 2.62 -34.79 -54.89
CA LEU F 716 2.17 -35.03 -56.24
C LEU F 716 1.32 -33.89 -56.76
N ARG F 717 0.49 -33.31 -55.90
CA ARG F 717 -0.38 -32.23 -56.33
C ARG F 717 0.42 -31.01 -56.76
N ASN F 718 1.35 -30.56 -55.90
CA ASN F 718 2.24 -29.47 -56.28
C ASN F 718 3.08 -29.83 -57.50
N LEU F 719 3.42 -31.11 -57.66
CA LEU F 719 4.25 -31.52 -58.78
C LEU F 719 3.51 -31.31 -60.09
N CYS F 720 2.32 -31.91 -60.20
CA CYS F 720 1.55 -31.71 -61.42
C CYS F 720 1.23 -30.24 -61.63
N THR F 721 1.02 -29.49 -60.54
CA THR F 721 0.81 -28.06 -60.65
C THR F 721 1.99 -27.39 -61.36
N GLU F 722 3.18 -27.52 -60.78
CA GLU F 722 4.36 -26.84 -61.31
C GLU F 722 4.66 -27.29 -62.73
N ALA F 723 4.46 -28.58 -63.03
CA ALA F 723 4.72 -29.06 -64.37
C ALA F 723 3.76 -28.44 -65.37
N ALA F 724 2.48 -28.36 -65.01
CA ALA F 724 1.53 -27.65 -65.84
C ALA F 724 2.01 -26.23 -66.09
N LEU F 725 2.46 -25.56 -65.02
CA LEU F 725 2.97 -24.20 -65.16
C LEU F 725 4.08 -24.13 -66.19
N LEU F 726 5.08 -24.99 -66.05
CA LEU F 726 6.20 -25.01 -66.99
C LEU F 726 5.68 -25.14 -68.42
N ALA F 727 4.94 -26.22 -68.68
CA ALA F 727 4.42 -26.46 -70.01
C ALA F 727 3.72 -25.22 -70.56
N LEU F 728 2.71 -24.75 -69.83
CA LEU F 728 1.88 -23.65 -70.28
C LEU F 728 2.74 -22.44 -70.57
N GLN F 729 3.34 -21.84 -69.53
CA GLN F 729 4.11 -20.63 -69.74
C GLN F 729 5.10 -20.80 -70.88
N GLU F 730 6.07 -21.71 -70.68
CA GLU F 730 7.20 -21.85 -71.60
C GLU F 730 6.73 -22.02 -73.04
N ASN F 731 6.00 -23.10 -73.33
CA ASN F 731 5.63 -23.31 -74.73
C ASN F 731 4.43 -22.46 -75.11
N GLY F 732 3.28 -22.71 -74.50
CA GLY F 732 2.09 -21.95 -74.76
C GLY F 732 1.88 -20.83 -73.76
N LEU F 733 2.65 -19.75 -73.87
CA LEU F 733 2.32 -18.49 -73.20
C LEU F 733 0.80 -18.33 -73.11
N ASP F 734 0.10 -18.62 -74.21
CA ASP F 734 -1.33 -18.95 -74.17
C ASP F 734 -1.46 -20.38 -74.71
N ALA F 735 -1.56 -21.37 -73.82
CA ALA F 735 -1.41 -22.76 -74.18
C ALA F 735 -2.75 -23.48 -74.31
N THR F 736 -2.67 -24.75 -74.69
CA THR F 736 -3.77 -25.71 -74.68
C THR F 736 -3.42 -27.03 -74.00
N THR F 737 -2.18 -27.51 -74.14
CA THR F 737 -1.81 -28.85 -73.70
C THR F 737 -0.64 -28.78 -72.71
N VAL F 738 -0.27 -29.95 -72.18
CA VAL F 738 0.82 -30.09 -71.21
C VAL F 738 1.51 -31.42 -71.48
N LYS F 739 2.83 -31.46 -71.29
CA LYS F 739 3.63 -32.65 -71.53
C LYS F 739 4.20 -33.21 -70.23
N GLN F 740 4.50 -34.51 -70.26
CA GLN F 740 5.02 -35.19 -69.07
C GLN F 740 6.47 -34.82 -68.79
N GLU F 741 7.20 -34.41 -69.84
CA GLU F 741 8.58 -33.96 -69.67
C GLU F 741 8.71 -32.96 -68.54
N HIS F 742 7.72 -32.06 -68.41
CA HIS F 742 7.78 -31.04 -67.38
C HIS F 742 7.66 -31.65 -66.00
N PHE F 743 6.84 -32.70 -65.86
CA PHE F 743 6.78 -33.42 -64.60
C PHE F 743 8.13 -34.07 -64.28
N LEU F 744 8.73 -34.70 -65.29
CA LEU F 744 10.04 -35.31 -65.10
C LEU F 744 11.05 -34.28 -64.59
N LYS F 745 11.06 -33.11 -65.21
CA LYS F 745 11.98 -32.06 -64.78
C LYS F 745 11.65 -31.57 -63.38
N SER F 746 10.36 -31.40 -63.09
CA SER F 746 9.94 -30.88 -61.79
C SER F 746 10.26 -31.84 -60.67
N LEU F 747 10.47 -33.12 -60.99
CA LEU F 747 10.82 -34.10 -59.97
C LEU F 747 11.86 -33.57 -58.99
N LYS F 748 13.05 -33.20 -59.50
CA LYS F 748 14.09 -32.73 -58.61
C LYS F 748 13.76 -31.36 -58.01
N THR F 749 12.97 -30.56 -58.72
CA THR F 749 12.65 -29.22 -58.23
C THR F 749 12.01 -29.26 -56.86
N VAL F 750 11.18 -30.28 -56.60
CA VAL F 750 10.63 -30.51 -55.28
C VAL F 750 11.32 -31.75 -54.72
N LYS F 751 12.26 -31.55 -53.81
CA LYS F 751 13.02 -32.65 -53.24
C LYS F 751 12.14 -33.47 -52.31
N PRO F 752 11.80 -34.70 -52.66
CA PRO F 752 10.98 -35.53 -51.77
C PRO F 752 11.83 -36.14 -50.67
N SER F 753 11.69 -35.60 -49.45
CA SER F 753 12.48 -36.06 -48.32
C SER F 753 11.72 -37.06 -47.44
N LEU F 754 10.78 -37.80 -48.04
CA LEU F 754 10.04 -38.82 -47.30
C LEU F 754 10.85 -40.12 -47.26
N SER F 755 11.94 -40.06 -46.49
CA SER F 755 12.84 -41.19 -46.35
C SER F 755 12.11 -42.39 -45.75
N CYS F 756 12.29 -43.56 -46.38
CA CYS F 756 11.63 -44.76 -45.88
C CYS F 756 12.04 -45.08 -44.45
N LYS F 757 13.26 -44.68 -44.04
CA LYS F 757 13.64 -44.85 -42.66
C LYS F 757 12.75 -44.02 -41.73
N ASP F 758 12.39 -42.81 -42.17
CA ASP F 758 11.44 -42.01 -41.40
C ASP F 758 10.06 -42.66 -41.38
N LEU F 759 9.67 -43.33 -42.47
CA LEU F 759 8.44 -44.09 -42.49
C LEU F 759 8.45 -45.17 -41.42
N ALA F 760 9.52 -45.98 -41.40
CA ALA F 760 9.60 -47.05 -40.41
C ALA F 760 9.63 -46.49 -39.00
N LEU F 761 10.34 -45.40 -38.79
CA LEU F 761 10.36 -44.74 -37.48
C LEU F 761 8.96 -44.33 -37.05
N TYR F 762 8.28 -43.57 -37.92
CA TYR F 762 6.90 -43.15 -37.68
C TYR F 762 6.05 -44.35 -37.27
N GLU F 763 6.10 -45.41 -38.08
CA GLU F 763 5.22 -46.55 -37.90
C GLU F 763 5.51 -47.27 -36.59
N ASN F 764 6.78 -47.62 -36.35
CA ASN F 764 7.13 -48.30 -35.11
C ASN F 764 6.74 -47.46 -33.90
N LEU F 765 7.11 -46.18 -33.90
CA LEU F 765 6.79 -45.30 -32.80
C LEU F 765 5.31 -45.33 -32.49
N PHE F 766 4.49 -44.99 -33.47
CA PHE F 766 3.07 -44.77 -33.21
C PHE F 766 2.25 -46.03 -33.35
N LYS F 767 2.87 -47.18 -33.56
CA LYS F 767 2.23 -48.48 -33.36
C LYS F 767 2.54 -49.07 -31.99
N LYS F 768 3.72 -48.77 -31.44
CA LYS F 768 3.96 -49.03 -30.03
C LYS F 768 3.34 -47.97 -29.13
N GLU F 769 2.85 -46.88 -29.72
CA GLU F 769 2.13 -45.85 -28.97
C GLU F 769 0.87 -46.39 -28.31
N GLY F 770 0.34 -47.50 -28.81
CA GLY F 770 -0.92 -48.04 -28.32
C GLY F 770 -1.01 -48.25 -26.82
N ASP G 65 7.13 35.45 81.04
CA ASP G 65 5.84 36.05 80.76
C ASP G 65 5.98 37.20 79.77
N ARG G 66 6.53 38.31 80.24
CA ARG G 66 6.76 39.47 79.37
C ARG G 66 7.41 39.11 78.04
N PRO G 67 8.42 38.23 77.97
CA PRO G 67 8.89 37.79 76.65
C PRO G 67 7.79 37.17 75.80
N LEU G 68 6.97 36.30 76.40
CA LEU G 68 5.86 35.73 75.64
C LEU G 68 4.93 36.82 75.12
N LEU G 69 4.66 37.83 75.94
CA LEU G 69 3.88 38.95 75.45
C LEU G 69 4.63 39.71 74.36
N ALA G 70 5.95 39.75 74.44
CA ALA G 70 6.73 40.41 73.40
C ALA G 70 6.53 39.72 72.06
N VAL G 71 6.79 38.41 72.00
CA VAL G 71 6.65 37.70 70.75
C VAL G 71 5.20 37.69 70.30
N GLN G 72 4.26 37.66 71.23
CA GLN G 72 2.85 37.67 70.86
C GLN G 72 2.49 38.98 70.17
N GLU G 73 2.88 40.10 70.76
CA GLU G 73 2.68 41.39 70.12
C GLU G 73 3.36 41.43 68.76
N ALA G 74 4.60 40.95 68.70
CA ALA G 74 5.32 40.91 67.43
C ALA G 74 4.51 40.16 66.39
N LEU G 75 3.96 39.02 66.77
CA LEU G 75 3.27 38.17 65.79
C LEU G 75 1.99 38.84 65.30
N LYS G 76 1.08 39.15 66.21
CA LYS G 76 -0.17 39.73 65.78
C LYS G 76 -0.04 41.22 65.45
N LYS G 77 1.20 41.69 65.38
CA LYS G 77 1.54 42.94 64.72
C LYS G 77 2.00 42.70 63.29
N CYS G 78 2.72 41.60 63.07
CA CYS G 78 3.23 41.30 61.75
C CYS G 78 2.13 40.81 60.81
N PHE G 79 1.18 40.04 61.33
CA PHE G 79 0.19 39.44 60.46
C PHE G 79 -0.62 40.43 59.61
N PRO G 80 -1.21 41.49 60.17
CA PRO G 80 -2.05 42.34 59.32
C PRO G 80 -1.31 42.91 58.13
N VAL G 81 -0.02 43.20 58.32
CA VAL G 81 0.84 43.56 57.20
C VAL G 81 0.78 42.48 56.14
N VAL G 82 0.94 41.23 56.55
CA VAL G 82 0.93 40.14 55.58
C VAL G 82 -0.41 40.11 54.85
N GLU G 83 -1.50 40.33 55.58
CA GLU G 83 -2.82 40.33 54.92
C GLU G 83 -2.89 41.39 53.84
N GLU G 84 -2.67 42.65 54.22
CA GLU G 84 -2.81 43.74 53.26
C GLU G 84 -1.83 43.57 52.09
N GLN G 85 -0.60 43.19 52.39
CA GLN G 85 0.36 43.00 51.32
C GLN G 85 -0.06 41.88 50.39
N GLN G 86 -0.67 40.83 50.93
CA GLN G 86 -1.16 39.77 50.06
C GLN G 86 -2.24 40.30 49.15
N GLY G 87 -3.14 41.13 49.69
CA GLY G 87 -4.15 41.74 48.85
C GLY G 87 -3.53 42.53 47.71
N LEU G 88 -2.48 43.29 48.03
CA LEU G 88 -1.82 44.09 47.00
C LEU G 88 -1.16 43.20 45.95
N TRP G 89 -0.40 42.21 46.40
CA TRP G 89 0.16 41.20 45.51
C TRP G 89 -0.92 40.68 44.57
N GLN G 90 -2.05 40.29 45.13
CA GLN G 90 -3.10 39.67 44.33
C GLN G 90 -3.58 40.63 43.25
N SER G 91 -3.99 41.82 43.67
CA SER G 91 -4.51 42.79 42.71
C SER G 91 -3.49 43.06 41.62
N ALA G 92 -2.25 43.33 42.01
CA ALA G 92 -1.21 43.61 41.03
C ALA G 92 -1.05 42.44 40.07
N LEU G 93 -1.19 41.22 40.57
CA LEU G 93 -1.09 40.07 39.69
C LEU G 93 -2.22 40.05 38.69
N ARG G 94 -3.44 40.38 39.13
CA ARG G 94 -4.59 40.24 38.27
C ARG G 94 -4.52 41.18 37.06
N ASP G 95 -3.87 42.33 37.22
CA ASP G 95 -3.67 43.22 36.08
C ASP G 95 -2.84 42.57 35.00
N CYS G 96 -1.91 41.69 35.37
CA CYS G 96 -0.98 41.16 34.39
C CYS G 96 -1.64 40.25 33.36
N GLN G 97 -2.77 39.65 33.67
CA GLN G 97 -3.33 38.65 32.76
C GLN G 97 -3.70 39.24 31.41
N PRO G 98 -4.61 40.22 31.30
CA PRO G 98 -4.98 40.69 29.96
C PRO G 98 -3.82 41.30 29.21
N LEU G 99 -2.92 42.00 29.91
CA LEU G 99 -1.73 42.53 29.27
C LEU G 99 -0.97 41.42 28.58
N LEU G 100 -0.73 40.33 29.30
CA LEU G 100 0.04 39.24 28.71
C LEU G 100 -0.71 38.63 27.54
N SER G 101 -2.03 38.53 27.64
CA SER G 101 -2.79 38.02 26.50
C SER G 101 -2.55 38.87 25.27
N SER G 102 -2.76 40.19 25.41
CA SER G 102 -2.53 41.09 24.29
C SER G 102 -1.12 40.96 23.76
N LEU G 103 -0.15 40.74 24.63
CA LEU G 103 1.21 40.60 24.15
C LEU G 103 1.37 39.34 23.32
N SER G 104 0.76 38.24 23.75
CA SER G 104 0.78 37.05 22.91
C SER G 104 0.17 37.35 21.56
N ASN G 105 -0.87 38.16 21.54
CA ASN G 105 -1.52 38.46 20.27
C ASN G 105 -0.60 39.23 19.34
N LEU G 106 0.05 40.26 19.87
CA LEU G 106 1.00 41.01 19.05
C LEU G 106 2.11 40.11 18.56
N ALA G 107 2.55 39.20 19.40
CA ALA G 107 3.54 38.24 18.94
C ALA G 107 3.01 37.44 17.77
N GLU G 108 1.76 37.03 17.83
CA GLU G 108 1.22 36.22 16.73
C GLU G 108 1.17 37.02 15.44
N GLN G 109 0.66 38.24 15.51
CA GLN G 109 0.67 39.09 14.33
C GLN G 109 2.07 39.17 13.75
N LEU G 110 3.01 39.66 14.54
CA LEU G 110 4.37 39.84 14.04
C LEU G 110 4.95 38.53 13.52
N GLN G 111 4.51 37.41 14.07
CA GLN G 111 4.91 36.13 13.50
C GLN G 111 4.40 36.03 12.07
N ALA G 112 3.13 36.37 11.86
CA ALA G 112 2.57 36.25 10.53
C ALA G 112 2.77 37.52 9.72
N ALA G 113 4.00 38.01 9.75
CA ALA G 113 4.42 39.05 8.82
C ALA G 113 5.85 38.82 8.37
N GLN G 114 6.40 37.66 8.66
CA GLN G 114 7.60 37.18 8.00
C GLN G 114 7.32 36.07 7.01
N ASN G 115 6.17 35.42 7.12
CA ASN G 115 5.82 34.34 6.21
C ASN G 115 5.39 34.83 4.85
N LEU G 116 5.48 36.13 4.59
CA LEU G 116 5.22 36.67 3.27
C LEU G 116 6.53 37.23 2.73
N ARG G 117 6.46 37.85 1.56
CA ARG G 117 7.65 38.49 1.03
C ARG G 117 7.38 39.95 0.71
N PHE G 118 6.14 40.27 0.38
CA PHE G 118 5.66 41.62 0.11
C PHE G 118 6.27 42.21 -1.16
N GLU G 119 7.19 41.52 -1.79
CA GLU G 119 7.67 41.92 -3.10
C GLU G 119 6.89 41.26 -4.22
N ASP G 120 6.20 40.18 -3.92
CA ASP G 120 5.44 39.42 -4.90
C ASP G 120 4.06 39.11 -4.32
N VAL G 121 3.15 40.05 -4.52
CA VAL G 121 1.73 39.87 -4.27
C VAL G 121 1.07 41.03 -5.00
N PRO G 122 0.01 40.80 -5.75
CA PRO G 122 -0.41 41.78 -6.77
C PRO G 122 -0.65 43.16 -6.22
N ALA G 123 -1.56 43.29 -5.25
CA ALA G 123 -1.97 44.62 -4.84
C ALA G 123 -0.85 45.37 -4.13
N LEU G 124 -0.33 44.79 -3.05
CA LEU G 124 0.67 45.46 -2.23
C LEU G 124 1.88 45.89 -3.04
N ARG G 125 2.07 45.29 -4.21
CA ARG G 125 3.25 45.56 -5.01
C ARG G 125 3.41 47.04 -5.30
N ALA G 126 2.30 47.72 -5.56
CA ALA G 126 2.38 49.15 -5.78
C ALA G 126 2.67 49.93 -4.52
N PHE G 127 2.90 49.26 -3.40
CA PHE G 127 3.24 49.93 -2.16
C PHE G 127 4.67 49.63 -1.75
N PRO G 128 5.66 50.34 -2.27
CA PRO G 128 7.02 50.12 -1.82
C PRO G 128 7.19 50.59 -0.38
N ASP G 129 8.14 49.98 0.31
CA ASP G 129 8.50 50.40 1.65
C ASP G 129 7.30 50.30 2.59
N LEU G 130 6.77 49.09 2.69
CA LEU G 130 5.67 48.82 3.60
C LEU G 130 6.07 47.86 4.71
N LYS G 131 6.57 46.68 4.36
CA LYS G 131 6.93 45.67 5.35
C LYS G 131 7.65 46.28 6.53
N GLU G 132 8.65 47.11 6.25
CA GLU G 132 9.30 47.82 7.34
C GLU G 132 8.31 48.72 8.07
N ARG G 133 7.69 49.65 7.34
CA ARG G 133 6.86 50.65 7.98
C ARG G 133 5.71 50.05 8.76
N LEU G 134 5.51 48.74 8.65
CA LEU G 134 4.55 48.06 9.51
C LEU G 134 5.21 47.54 10.77
N ARG G 135 6.21 46.67 10.61
CA ARG G 135 6.93 46.12 11.75
C ARG G 135 7.26 47.21 12.75
N ARG G 136 7.94 48.25 12.28
CA ARG G 136 8.38 49.34 13.13
C ARG G 136 7.19 50.03 13.79
N LYS G 137 5.98 49.56 13.52
CA LYS G 137 4.85 49.97 14.34
C LYS G 137 4.43 48.91 15.33
N GLN G 138 4.34 47.65 14.88
CA GLN G 138 3.96 46.58 15.79
C GLN G 138 4.92 46.51 16.96
N LEU G 139 6.21 46.68 16.69
CA LEU G 139 7.17 46.60 17.77
C LEU G 139 6.93 47.69 18.81
N VAL G 140 6.59 48.90 18.38
CA VAL G 140 6.32 49.94 19.37
C VAL G 140 5.10 49.58 20.18
N ALA G 141 4.04 49.16 19.50
CA ALA G 141 2.82 48.82 20.23
C ALA G 141 3.02 47.61 21.13
N GLY G 142 4.09 46.86 20.93
CA GLY G 142 4.38 45.79 21.86
C GLY G 142 5.22 46.28 23.02
N ASP G 143 6.23 47.08 22.68
CA ASP G 143 7.16 47.55 23.69
C ASP G 143 6.45 48.34 24.78
N ILE G 144 5.42 49.09 24.40
CA ILE G 144 4.68 49.81 25.45
C ILE G 144 4.03 48.82 26.42
N VAL G 145 3.40 47.77 25.89
CA VAL G 145 2.83 46.74 26.76
C VAL G 145 3.89 46.16 27.69
N LEU G 146 5.03 45.80 27.11
CA LEU G 146 6.04 45.14 27.93
C LEU G 146 6.54 46.07 29.03
N ASP G 147 6.60 47.36 28.79
CA ASP G 147 6.96 48.25 29.89
C ASP G 147 5.87 48.31 30.94
N LYS G 148 4.61 48.19 30.54
CA LYS G 148 3.58 48.09 31.56
C LYS G 148 3.80 46.87 32.45
N LEU G 149 4.13 45.74 31.83
CA LEU G 149 4.46 44.55 32.62
C LEU G 149 5.60 44.83 33.57
N GLY G 150 6.64 45.49 33.08
CA GLY G 150 7.75 45.85 33.95
C GLY G 150 7.29 46.62 35.17
N GLU G 151 6.37 47.55 34.98
CA GLU G 151 5.85 48.29 36.12
C GLU G 151 5.18 47.36 37.13
N ARG G 152 4.32 46.47 36.64
CA ARG G 152 3.69 45.52 37.56
C ARG G 152 4.74 44.76 38.34
N LEU G 153 5.77 44.28 37.66
CA LEU G 153 6.77 43.48 38.35
C LEU G 153 7.52 44.31 39.37
N ALA G 154 7.67 45.61 39.14
CA ALA G 154 8.24 46.46 40.18
C ALA G 154 7.35 46.46 41.42
N ILE G 155 6.04 46.49 41.22
CA ILE G 155 5.13 46.36 42.37
C ILE G 155 5.43 45.07 43.13
N LEU G 156 5.51 43.98 42.39
CA LEU G 156 5.78 42.69 43.02
C LEU G 156 7.04 42.77 43.88
N LEU G 157 8.09 43.36 43.33
CA LEU G 157 9.36 43.44 44.04
C LEU G 157 9.21 44.23 45.33
N LYS G 158 8.46 45.33 45.28
CA LYS G 158 8.22 46.08 46.50
C LYS G 158 7.61 45.18 47.56
N VAL G 159 6.63 44.36 47.18
CA VAL G 159 5.94 43.60 48.20
C VAL G 159 6.85 42.53 48.79
N ARG G 160 7.71 41.91 47.98
CA ARG G 160 8.57 40.90 48.57
C ARG G 160 9.52 41.53 49.57
N ASP G 161 10.07 42.70 49.24
CA ASP G 161 11.00 43.30 50.18
C ASP G 161 10.30 43.68 51.48
N MET G 162 9.10 44.25 51.38
CA MET G 162 8.34 44.57 52.59
C MET G 162 8.18 43.34 53.49
N VAL G 163 7.63 42.27 52.92
CA VAL G 163 7.34 41.08 53.74
C VAL G 163 8.61 40.52 54.33
N SER G 164 9.67 40.43 53.53
CA SER G 164 10.90 39.83 54.03
C SER G 164 11.46 40.62 55.19
N SER G 165 11.50 41.94 55.07
CA SER G 165 11.98 42.75 56.18
C SER G 165 11.17 42.45 57.44
N HIS G 166 9.85 42.46 57.33
CA HIS G 166 9.04 42.30 58.53
C HIS G 166 9.26 40.93 59.18
N VAL G 167 9.26 39.88 58.37
CA VAL G 167 9.44 38.54 58.92
C VAL G 167 10.78 38.42 59.63
N GLU G 168 11.83 38.97 59.01
CA GLU G 168 13.13 38.92 59.66
C GLU G 168 13.09 39.65 61.00
N ARG G 169 12.37 40.78 61.05
CA ARG G 169 12.20 41.47 62.32
C ARG G 169 11.64 40.53 63.39
N VAL G 170 10.61 39.79 63.02
CA VAL G 170 9.96 38.88 63.97
C VAL G 170 10.96 37.86 64.49
N PHE G 171 11.56 37.11 63.58
CA PHE G 171 12.56 36.12 64.00
C PHE G 171 13.62 36.74 64.89
N GLN G 172 14.05 37.96 64.58
CA GLN G 172 15.14 38.54 65.36
C GLN G 172 14.70 38.80 66.78
N ILE G 173 13.47 39.31 66.96
CA ILE G 173 12.96 39.47 68.32
C ILE G 173 12.97 38.13 69.04
N TYR G 174 12.47 37.09 68.36
CA TYR G 174 12.40 35.78 69.01
C TYR G 174 13.79 35.33 69.45
N GLU G 175 14.74 35.31 68.53
CA GLU G 175 16.10 34.94 68.87
C GLU G 175 16.64 35.80 69.99
N GLN G 176 16.18 37.04 70.08
CA GLN G 176 16.58 37.88 71.20
C GLN G 176 16.04 37.35 72.51
N HIS G 177 14.88 36.70 72.49
CA HIS G 177 14.30 36.24 73.75
C HIS G 177 14.35 34.74 73.98
N ALA G 178 14.73 33.94 73.00
CA ALA G 178 14.55 32.50 73.15
C ALA G 178 15.63 31.84 73.98
N ASP G 179 15.88 32.33 75.18
CA ASP G 179 16.74 31.62 76.12
C ASP G 179 16.08 31.57 77.49
N THR G 180 15.27 32.58 77.79
CA THR G 180 14.55 32.65 79.05
C THR G 180 13.10 32.22 78.90
N VAL G 181 12.79 31.49 77.83
CA VAL G 181 11.45 30.99 77.56
C VAL G 181 11.60 29.54 77.12
N GLY G 182 11.32 28.61 78.05
CA GLY G 182 11.41 27.20 77.74
C GLY G 182 10.57 26.88 76.52
N ILE G 183 11.17 26.16 75.56
CA ILE G 183 10.48 25.89 74.31
C ILE G 183 9.15 25.21 74.55
N ASP G 184 8.99 24.54 75.68
CA ASP G 184 7.70 23.98 76.05
C ASP G 184 6.67 25.08 76.25
N ALA G 185 7.07 26.19 76.87
CA ALA G 185 6.18 27.35 76.93
C ALA G 185 5.94 27.92 75.55
N VAL G 186 6.97 27.90 74.70
CA VAL G 186 6.77 28.27 73.31
C VAL G 186 5.80 27.31 72.64
N LEU G 187 6.00 26.01 72.87
CA LEU G 187 5.24 24.99 72.18
C LEU G 187 4.18 24.43 73.12
N GLN G 188 3.05 25.11 73.17
CA GLN G 188 1.83 24.53 73.70
C GLN G 188 0.66 25.32 73.14
N PRO G 189 -0.27 24.65 72.47
CA PRO G 189 -1.40 25.36 71.88
C PRO G 189 -2.44 25.69 72.92
N SER G 190 -3.19 26.75 72.65
CA SER G 190 -4.31 27.15 73.49
C SER G 190 -5.61 26.88 72.76
N ALA G 191 -6.72 27.21 73.41
CA ALA G 191 -8.01 26.95 72.80
C ALA G 191 -8.32 27.89 71.66
N VAL G 192 -7.67 29.05 71.60
CA VAL G 192 -8.06 30.04 70.61
C VAL G 192 -6.84 30.54 69.83
N SER G 193 -5.77 29.76 69.81
CA SER G 193 -4.57 30.18 69.12
C SER G 193 -3.61 29.02 68.89
N PRO G 194 -3.12 28.84 67.69
CA PRO G 194 -2.15 27.77 67.45
C PRO G 194 -0.87 27.99 68.21
N SER G 195 0.04 27.02 68.14
CA SER G 195 1.28 27.10 68.89
C SER G 195 2.21 28.15 68.31
N VAL G 196 2.83 28.93 69.19
CA VAL G 196 3.81 29.93 68.82
C VAL G 196 4.79 29.36 67.81
N ALA G 197 5.28 28.15 68.08
CA ALA G 197 6.20 27.51 67.15
C ALA G 197 5.57 27.42 65.76
N ASP G 198 4.32 26.98 65.69
CA ASP G 198 3.68 26.88 64.38
C ASP G 198 3.52 28.26 63.75
N MET G 199 3.33 29.29 64.56
CA MET G 199 3.21 30.63 64.00
C MET G 199 4.51 31.05 63.33
N LEU G 200 5.62 30.91 64.03
CA LEU G 200 6.90 31.27 63.41
C LEU G 200 7.14 30.45 62.16
N GLU G 201 6.79 29.16 62.21
CA GLU G 201 6.98 28.32 61.04
C GLU G 201 6.19 28.84 59.85
N TRP G 202 4.94 29.22 60.08
CA TRP G 202 4.14 29.73 58.97
C TRP G 202 4.70 31.04 58.46
N LEU G 203 5.17 31.91 59.35
CA LEU G 203 5.77 33.14 58.87
C LEU G 203 6.93 32.84 57.94
N GLN G 204 7.83 31.96 58.36
CA GLN G 204 8.96 31.63 57.52
C GLN G 204 8.49 31.04 56.20
N ASP G 205 7.44 30.23 56.23
CA ASP G 205 6.96 29.64 54.99
C ASP G 205 6.37 30.68 54.07
N ILE G 206 5.69 31.68 54.61
CA ILE G 206 5.19 32.76 53.76
C ILE G 206 6.35 33.49 53.11
N GLU G 207 7.39 33.80 53.87
CA GLU G 207 8.47 34.56 53.27
C GLU G 207 9.11 33.77 52.14
N ARG G 208 9.33 32.48 52.35
CA ARG G 208 9.96 31.68 51.31
C ARG G 208 9.05 31.58 50.09
N HIS G 209 7.74 31.46 50.31
CA HIS G 209 6.81 31.38 49.20
C HIS G 209 6.86 32.64 48.36
N TYR G 210 6.80 33.79 49.01
CA TYR G 210 6.84 35.05 48.26
C TYR G 210 8.13 35.16 47.48
N ARG G 211 9.26 34.84 48.10
CA ARG G 211 10.53 34.97 47.40
C ARG G 211 10.56 34.09 46.16
N LYS G 212 10.25 32.81 46.32
CA LYS G 212 10.35 31.93 45.17
C LYS G 212 9.40 32.35 44.07
N SER G 213 8.17 32.75 44.43
CA SER G 213 7.25 33.15 43.38
C SER G 213 7.79 34.33 42.61
N TYR G 214 8.22 35.37 43.31
CA TYR G 214 8.71 36.56 42.63
C TYR G 214 9.84 36.21 41.69
N LEU G 215 10.81 35.46 42.19
CA LEU G 215 12.01 35.27 41.40
C LEU G 215 11.72 34.39 40.20
N LYS G 216 10.83 33.43 40.33
CA LYS G 216 10.49 32.61 39.18
C LYS G 216 9.72 33.44 38.17
N ARG G 217 8.84 34.32 38.65
CA ARG G 217 8.17 35.25 37.74
C ARG G 217 9.17 36.01 36.91
N LYS G 218 10.18 36.60 37.57
CA LYS G 218 11.11 37.44 36.82
C LYS G 218 11.91 36.62 35.83
N TYR G 219 12.53 35.52 36.28
CA TYR G 219 13.28 34.76 35.30
C TYR G 219 12.40 34.11 34.25
N LEU G 220 11.08 34.22 34.35
CA LEU G 220 10.27 33.92 33.18
C LEU G 220 10.13 35.14 32.29
N LEU G 221 9.84 36.28 32.90
CA LEU G 221 9.43 37.44 32.13
C LEU G 221 10.58 38.13 31.42
N SER G 222 11.79 38.07 31.97
CA SER G 222 12.93 38.74 31.36
C SER G 222 13.65 37.85 30.36
N SER G 223 12.99 36.85 29.83
CA SER G 223 13.53 36.03 28.77
C SER G 223 12.72 36.19 27.50
N ILE G 224 12.30 37.43 27.24
CA ILE G 224 11.46 37.76 26.10
C ILE G 224 12.32 38.54 25.13
N GLN G 225 12.46 38.02 23.91
CA GLN G 225 13.26 38.68 22.89
C GLN G 225 12.50 38.66 21.58
N TRP G 226 12.14 39.83 21.06
CA TRP G 226 11.60 39.85 19.73
C TRP G 226 12.63 39.22 18.81
N GLY G 227 12.32 38.05 18.29
CA GLY G 227 13.30 37.25 17.58
C GLY G 227 13.13 35.76 17.85
N ASP G 228 12.67 35.41 19.05
CA ASP G 228 12.15 34.06 19.29
C ASP G 228 10.62 34.07 19.28
N LEU G 229 10.07 34.37 18.13
CA LEU G 229 8.63 34.55 18.06
C LEU G 229 7.86 33.34 18.33
N ALA G 230 8.45 32.19 18.65
CA ALA G 230 7.64 31.09 19.12
C ALA G 230 7.45 31.15 20.62
N ASN G 231 8.56 31.27 21.36
CA ASN G 231 8.48 31.29 22.82
C ASN G 231 7.55 32.39 23.31
N ILE G 232 7.69 33.58 22.75
CA ILE G 232 6.90 34.72 23.18
C ILE G 232 5.42 34.44 23.00
N GLN G 233 5.09 33.43 22.21
CA GLN G 233 3.70 33.08 21.97
C GLN G 233 3.22 31.96 22.89
N ALA G 234 3.95 31.69 23.95
CA ALA G 234 3.50 30.71 24.92
C ALA G 234 3.41 31.28 26.32
N LEU G 235 3.80 32.53 26.51
CA LEU G 235 3.75 33.18 27.81
C LEU G 235 2.45 32.88 28.54
N PRO G 236 1.29 33.22 27.99
CA PRO G 236 0.06 33.14 28.78
C PRO G 236 -0.18 31.80 29.44
N LYS G 237 0.52 30.77 28.98
CA LYS G 237 0.40 29.47 29.60
C LYS G 237 1.48 29.23 30.65
N ALA G 238 2.74 29.51 30.31
CA ALA G 238 3.81 29.33 31.28
C ALA G 238 3.57 30.17 32.51
N TRP G 239 3.07 31.38 32.33
CA TRP G 239 2.71 32.22 33.46
C TRP G 239 1.69 31.52 34.34
N ASP G 240 0.51 31.24 33.78
CA ASP G 240 -0.54 30.59 34.56
C ASP G 240 0.00 29.39 35.31
N ARG G 241 0.86 28.60 34.65
CA ARG G 241 1.45 27.46 35.33
C ARG G 241 2.24 27.91 36.54
N ILE G 242 3.14 28.88 36.35
CA ILE G 242 3.93 29.37 37.46
C ILE G 242 3.06 29.82 38.61
N SER G 243 1.80 30.14 38.33
CA SER G 243 0.92 30.51 39.43
C SER G 243 0.28 29.28 40.05
N LYS G 244 -0.17 28.35 39.22
CA LYS G 244 -0.86 27.14 39.70
C LYS G 244 0.12 26.04 40.08
N ASP G 245 1.15 26.37 40.84
CA ASP G 245 2.04 25.36 41.36
C ASP G 245 2.48 25.64 42.78
N GLU G 246 2.11 26.77 43.33
CA GLU G 246 2.44 26.90 44.75
C GLU G 246 1.39 26.12 45.52
N HIS G 247 1.50 26.09 46.83
CA HIS G 247 0.40 25.41 47.58
C HIS G 247 -0.86 26.28 47.49
N GLN G 248 -2.04 25.67 47.45
CA GLN G 248 -3.22 26.55 47.26
C GLN G 248 -3.29 27.56 48.41
N ASP G 249 -3.48 28.82 48.02
CA ASP G 249 -3.57 30.05 48.85
C ASP G 249 -2.94 29.89 50.24
N LEU G 250 -1.62 29.93 50.35
CA LEU G 250 -1.04 29.81 51.68
C LEU G 250 -1.54 30.91 52.60
N VAL G 251 -1.25 32.15 52.22
CA VAL G 251 -1.59 33.29 53.06
C VAL G 251 -3.04 33.22 53.49
N GLN G 252 -3.92 32.71 52.63
CA GLN G 252 -5.32 32.61 53.00
C GLN G 252 -5.52 31.72 54.21
N ASP G 253 -5.01 30.49 54.15
CA ASP G 253 -5.24 29.57 55.25
C ASP G 253 -4.49 29.99 56.49
N ILE G 254 -3.29 30.53 56.33
CA ILE G 254 -2.56 31.00 57.50
C ILE G 254 -3.36 32.11 58.18
N LEU G 255 -3.82 33.07 57.39
CA LEU G 255 -4.63 34.15 57.93
C LEU G 255 -5.83 33.62 58.68
N LEU G 256 -6.50 32.61 58.13
CA LEU G 256 -7.61 32.02 58.86
C LEU G 256 -7.15 31.42 60.18
N ASN G 257 -6.22 30.46 60.12
CA ASN G 257 -5.77 29.78 61.33
C ASN G 257 -5.31 30.74 62.40
N VAL G 258 -4.97 31.97 62.04
CA VAL G 258 -4.60 32.95 63.04
C VAL G 258 -5.67 33.99 63.27
N SER G 259 -6.81 33.89 62.57
CA SER G 259 -7.88 34.87 62.69
C SER G 259 -8.15 35.26 64.14
N PHE G 260 -8.28 34.27 65.01
CA PHE G 260 -8.36 34.55 66.42
C PHE G 260 -6.98 34.99 66.87
N PHE G 261 -6.79 36.31 66.89
CA PHE G 261 -5.49 36.94 66.71
C PHE G 261 -4.32 36.19 67.35
N LEU G 262 -4.42 35.88 68.63
CA LEU G 262 -3.28 35.40 69.41
C LEU G 262 -2.56 34.24 68.77
N PRO H 67 -67.02 54.79 -16.69
CA PRO H 67 -65.99 54.66 -17.71
C PRO H 67 -64.67 54.11 -17.15
N LEU H 68 -63.56 54.42 -17.82
CA LEU H 68 -62.26 53.96 -17.36
C LEU H 68 -62.00 54.37 -15.92
N LEU H 69 -62.58 55.49 -15.49
CA LEU H 69 -62.46 55.89 -14.09
C LEU H 69 -62.94 54.79 -13.17
N ALA H 70 -63.87 53.94 -13.62
CA ALA H 70 -64.31 52.83 -12.79
C ALA H 70 -63.17 51.86 -12.55
N VAL H 71 -62.46 51.47 -13.61
CA VAL H 71 -61.32 50.58 -13.45
C VAL H 71 -60.27 51.21 -12.57
N GLN H 72 -60.02 52.50 -12.77
CA GLN H 72 -59.03 53.19 -11.94
C GLN H 72 -59.42 53.12 -10.47
N GLU H 73 -60.68 53.41 -10.17
CA GLU H 73 -61.15 53.31 -8.79
C GLU H 73 -61.01 51.89 -8.27
N ALA H 74 -61.31 50.90 -9.10
CA ALA H 74 -61.16 49.51 -8.69
C ALA H 74 -59.75 49.21 -8.27
N LEU H 75 -58.78 49.70 -9.03
CA LEU H 75 -57.38 49.44 -8.70
C LEU H 75 -56.97 50.17 -7.43
N LYS H 76 -57.36 51.44 -7.32
CA LYS H 76 -57.09 52.20 -6.10
C LYS H 76 -57.69 51.52 -4.89
N LYS H 77 -58.80 50.82 -5.06
CA LYS H 77 -59.42 50.12 -3.95
C LYS H 77 -58.70 48.82 -3.64
N CYS H 78 -58.26 48.11 -4.68
CA CYS H 78 -57.72 46.77 -4.48
C CYS H 78 -56.34 46.81 -3.85
N PHE H 79 -55.50 47.76 -4.24
CA PHE H 79 -54.11 47.71 -3.80
C PHE H 79 -53.91 47.76 -2.29
N PRO H 80 -54.49 48.70 -1.53
CA PRO H 80 -54.17 48.76 -0.10
C PRO H 80 -54.46 47.46 0.63
N VAL H 81 -55.52 46.77 0.20
CA VAL H 81 -55.78 45.43 0.69
C VAL H 81 -54.56 44.56 0.49
N VAL H 82 -53.99 44.59 -0.71
CA VAL H 82 -52.82 43.77 -0.98
C VAL H 82 -51.69 44.14 -0.04
N GLU H 83 -51.51 45.43 0.23
CA GLU H 83 -50.45 45.84 1.15
C GLU H 83 -50.65 45.22 2.52
N GLU H 84 -51.81 45.48 3.13
CA GLU H 84 -52.04 44.99 4.48
C GLU H 84 -51.96 43.47 4.55
N GLN H 85 -52.51 42.79 3.54
CA GLN H 85 -52.44 41.35 3.53
C GLN H 85 -51.01 40.86 3.43
N GLN H 86 -50.18 41.56 2.65
CA GLN H 86 -48.78 41.17 2.61
C GLN H 86 -48.15 41.29 3.98
N GLY H 87 -48.46 42.37 4.68
CA GLY H 87 -47.94 42.51 6.04
C GLY H 87 -48.34 41.35 6.92
N LEU H 88 -49.60 40.93 6.82
CA LEU H 88 -50.07 39.82 7.64
C LEU H 88 -49.34 38.53 7.28
N TRP H 89 -49.30 38.20 5.99
CA TRP H 89 -48.50 37.09 5.49
C TRP H 89 -47.11 37.09 6.10
N GLN H 90 -46.46 38.25 6.05
CA GLN H 90 -45.07 38.35 6.49
C GLN H 90 -44.95 38.01 7.96
N SER H 91 -45.76 38.67 8.80
CA SER H 91 -45.70 38.38 10.22
C SER H 91 -45.99 36.93 10.51
N ALA H 92 -46.91 36.34 9.76
CA ALA H 92 -47.23 34.93 9.95
C ALA H 92 -46.01 34.07 9.74
N LEU H 93 -45.39 34.20 8.56
CA LEU H 93 -44.22 33.38 8.29
C LEU H 93 -43.11 33.64 9.30
N ARG H 94 -43.01 34.89 9.77
CA ARG H 94 -41.99 35.24 10.75
C ARG H 94 -42.18 34.46 12.04
N ASP H 95 -43.40 34.46 12.57
CA ASP H 95 -43.71 33.57 13.68
C ASP H 95 -43.40 32.12 13.34
N CYS H 96 -43.66 31.73 12.09
CA CYS H 96 -43.57 30.33 11.73
C CYS H 96 -42.15 29.80 11.86
N GLN H 97 -41.16 30.64 11.59
CA GLN H 97 -39.77 30.14 11.52
C GLN H 97 -39.29 29.44 12.79
N PRO H 98 -39.21 30.11 13.95
CA PRO H 98 -38.54 29.48 15.09
C PRO H 98 -39.24 28.24 15.61
N LEU H 99 -40.57 28.20 15.54
CA LEU H 99 -41.28 26.97 15.86
C LEU H 99 -40.70 25.81 15.10
N LEU H 100 -40.50 26.00 13.80
CA LEU H 100 -40.00 24.90 12.99
C LEU H 100 -38.57 24.57 13.36
N SER H 101 -37.77 25.57 13.74
CA SER H 101 -36.45 25.27 14.25
C SER H 101 -36.53 24.33 15.44
N SER H 102 -37.35 24.70 16.42
CA SER H 102 -37.48 23.88 17.62
C SER H 102 -37.95 22.48 17.26
N LEU H 103 -38.83 22.37 16.27
CA LEU H 103 -39.31 21.05 15.89
C LEU H 103 -38.21 20.21 15.30
N SER H 104 -37.33 20.83 14.50
CA SER H 104 -36.17 20.09 14.02
C SER H 104 -35.36 19.56 15.18
N ASN H 105 -35.12 20.42 16.18
CA ASN H 105 -34.32 19.99 17.32
C ASN H 105 -34.97 18.82 18.03
N LEU H 106 -36.28 18.91 18.26
CA LEU H 106 -36.99 17.84 18.95
C LEU H 106 -36.86 16.54 18.18
N ALA H 107 -37.06 16.58 16.88
CA ALA H 107 -36.95 15.37 16.11
C ALA H 107 -35.56 14.77 16.19
N GLU H 108 -34.53 15.62 16.20
CA GLU H 108 -33.18 15.09 16.32
C GLU H 108 -33.00 14.39 17.64
N GLN H 109 -33.36 15.08 18.73
CA GLN H 109 -33.22 14.48 20.06
C GLN H 109 -33.93 13.15 20.13
N LEU H 110 -35.08 13.04 19.49
CA LEU H 110 -35.78 11.76 19.48
C LEU H 110 -35.00 10.73 18.69
N GLN H 111 -34.56 11.09 17.47
CA GLN H 111 -33.80 10.17 16.65
C GLN H 111 -32.65 9.57 17.43
N ALA H 112 -32.03 10.38 18.28
CA ALA H 112 -30.96 9.86 19.12
C ALA H 112 -31.47 8.78 20.05
N ALA H 113 -32.58 9.02 20.73
CA ALA H 113 -32.99 8.16 21.81
C ALA H 113 -33.63 6.88 21.35
N GLN H 114 -33.42 6.46 20.10
CA GLN H 114 -33.74 5.11 19.72
C GLN H 114 -32.53 4.39 19.14
N ASN H 115 -31.34 4.97 19.26
CA ASN H 115 -30.10 4.30 18.88
C ASN H 115 -29.44 3.60 20.05
N LEU H 116 -30.18 3.36 21.11
CA LEU H 116 -29.65 2.65 22.27
C LEU H 116 -30.43 1.37 22.46
N ARG H 117 -30.03 0.60 23.48
CA ARG H 117 -30.80 -0.55 23.88
C ARG H 117 -31.58 -0.34 25.17
N PHE H 118 -31.18 0.63 26.00
CA PHE H 118 -31.80 0.93 27.28
C PHE H 118 -31.95 -0.29 28.17
N GLU H 119 -31.22 -1.36 27.87
CA GLU H 119 -31.02 -2.41 28.84
C GLU H 119 -29.57 -2.84 28.85
N ASP H 120 -28.72 -2.20 28.06
CA ASP H 120 -27.31 -2.53 28.04
C ASP H 120 -26.50 -1.33 28.53
N VAL H 121 -27.04 -0.60 29.49
CA VAL H 121 -26.27 0.42 30.19
C VAL H 121 -26.52 0.25 31.68
N PRO H 122 -25.47 0.27 32.47
CA PRO H 122 -25.58 -0.23 33.85
C PRO H 122 -26.61 0.53 34.69
N ALA H 123 -26.44 1.84 34.79
CA ALA H 123 -27.31 2.62 35.66
C ALA H 123 -28.77 2.53 35.27
N LEU H 124 -29.08 2.82 34.00
CA LEU H 124 -30.46 2.82 33.54
C LEU H 124 -31.12 1.46 33.74
N ARG H 125 -30.31 0.41 33.85
CA ARG H 125 -30.85 -0.94 33.95
C ARG H 125 -31.77 -1.07 35.15
N ALA H 126 -31.41 -0.45 36.26
CA ALA H 126 -32.27 -0.52 37.44
C ALA H 126 -33.49 0.37 37.23
N PHE H 127 -34.25 0.07 36.19
CA PHE H 127 -35.41 0.88 35.85
C PHE H 127 -36.33 0.02 35.01
N PRO H 128 -37.61 0.00 35.30
CA PRO H 128 -38.51 -0.87 34.53
C PRO H 128 -38.56 -0.50 33.06
N ASP H 129 -38.89 0.76 32.79
CA ASP H 129 -39.10 1.17 31.41
C ASP H 129 -38.87 2.67 31.31
N LEU H 130 -37.86 3.06 30.54
CA LEU H 130 -37.67 4.46 30.20
C LEU H 130 -38.07 4.72 28.76
N LYS H 131 -37.50 3.96 27.82
CA LYS H 131 -37.72 4.20 26.40
C LYS H 131 -39.17 4.56 26.12
N GLU H 132 -40.09 3.77 26.63
CA GLU H 132 -41.49 4.02 26.32
C GLU H 132 -41.94 5.37 26.87
N ARG H 133 -41.69 5.63 28.16
CA ARG H 133 -42.24 6.85 28.74
C ARG H 133 -41.61 8.09 28.12
N LEU H 134 -40.29 8.05 27.94
CA LEU H 134 -39.62 9.20 27.34
C LEU H 134 -40.09 9.44 25.92
N ARG H 135 -40.23 8.37 25.13
CA ARG H 135 -40.73 8.56 23.78
C ARG H 135 -42.10 9.18 23.80
N ARG H 136 -42.98 8.71 24.67
CA ARG H 136 -44.31 9.27 24.74
C ARG H 136 -44.26 10.76 25.05
N LYS H 137 -43.42 11.16 25.99
CA LYS H 137 -43.36 12.57 26.32
C LYS H 137 -42.83 13.39 25.15
N GLN H 138 -41.76 12.92 24.51
CA GLN H 138 -41.20 13.64 23.39
C GLN H 138 -42.25 13.84 22.31
N LEU H 139 -43.00 12.79 22.01
CA LEU H 139 -43.99 12.94 20.97
C LEU H 139 -45.10 13.89 21.37
N VAL H 140 -45.47 13.94 22.65
CA VAL H 140 -46.47 14.92 23.01
C VAL H 140 -45.97 16.33 22.72
N ALA H 141 -44.74 16.61 23.08
CA ALA H 141 -44.20 17.95 22.80
C ALA H 141 -44.22 18.24 21.30
N GLY H 142 -43.74 17.28 20.52
CA GLY H 142 -43.76 17.45 19.08
C GLY H 142 -45.14 17.71 18.54
N ASP H 143 -46.13 16.99 19.06
CA ASP H 143 -47.48 17.18 18.56
C ASP H 143 -47.98 18.58 18.85
N ILE H 144 -47.65 19.12 20.02
CA ILE H 144 -48.10 20.47 20.32
C ILE H 144 -47.48 21.48 19.35
N VAL H 145 -46.16 21.39 19.17
CA VAL H 145 -45.53 22.39 18.30
C VAL H 145 -46.06 22.27 16.87
N LEU H 146 -46.32 21.04 16.42
CA LEU H 146 -46.80 20.90 15.07
C LEU H 146 -48.22 21.44 14.92
N ASP H 147 -49.03 21.34 15.96
CA ASP H 147 -50.34 21.99 15.84
C ASP H 147 -50.21 23.50 15.80
N LYS H 148 -49.21 24.06 16.47
CA LYS H 148 -48.98 25.49 16.30
C LYS H 148 -48.68 25.81 14.83
N LEU H 149 -47.80 25.02 14.21
CA LEU H 149 -47.55 25.22 12.79
C LEU H 149 -48.84 25.14 11.99
N GLY H 150 -49.70 24.18 12.31
CA GLY H 150 -50.97 24.07 11.62
C GLY H 150 -51.79 25.34 11.71
N GLU H 151 -51.84 25.93 12.90
CA GLU H 151 -52.58 27.19 13.03
C GLU H 151 -51.99 28.25 12.10
N ARG H 152 -50.68 28.38 12.08
CA ARG H 152 -50.06 29.34 11.17
C ARG H 152 -50.49 29.08 9.73
N LEU H 153 -50.47 27.82 9.33
CA LEU H 153 -50.84 27.50 7.96
C LEU H 153 -52.28 27.92 7.68
N ALA H 154 -53.15 27.79 8.68
CA ALA H 154 -54.52 28.26 8.48
C ALA H 154 -54.55 29.75 8.19
N ILE H 155 -53.74 30.53 8.90
CA ILE H 155 -53.76 31.97 8.64
C ILE H 155 -53.26 32.25 7.22
N LEU H 156 -52.27 31.47 6.79
CA LEU H 156 -51.79 31.61 5.42
C LEU H 156 -52.93 31.37 4.43
N LEU H 157 -53.68 30.28 4.63
CA LEU H 157 -54.79 29.99 3.75
C LEU H 157 -55.77 31.15 3.71
N LYS H 158 -56.04 31.75 4.85
CA LYS H 158 -56.98 32.87 4.86
C LYS H 158 -56.50 33.97 3.94
N VAL H 159 -55.22 34.36 4.05
CA VAL H 159 -54.77 35.49 3.25
C VAL H 159 -54.80 35.14 1.77
N ARG H 160 -54.46 33.91 1.42
CA ARG H 160 -54.51 33.52 0.03
C ARG H 160 -55.90 33.70 -0.54
N ASP H 161 -56.89 33.12 0.14
CA ASP H 161 -58.24 33.15 -0.39
C ASP H 161 -58.74 34.57 -0.51
N MET H 162 -58.46 35.41 0.49
CA MET H 162 -58.94 36.79 0.44
C MET H 162 -58.37 37.52 -0.77
N VAL H 163 -57.04 37.49 -0.94
CA VAL H 163 -56.48 38.27 -2.04
C VAL H 163 -56.93 37.71 -3.38
N SER H 164 -57.13 36.39 -3.47
CA SER H 164 -57.58 35.84 -4.74
C SER H 164 -58.98 36.34 -5.10
N SER H 165 -59.88 36.33 -4.12
CA SER H 165 -61.21 36.87 -4.38
C SER H 165 -61.12 38.32 -4.86
N HIS H 166 -60.28 39.12 -4.21
CA HIS H 166 -60.25 40.53 -4.58
C HIS H 166 -59.74 40.73 -6.01
N VAL H 167 -58.63 40.07 -6.34
CA VAL H 167 -58.09 40.21 -7.69
C VAL H 167 -59.12 39.78 -8.72
N GLU H 168 -59.86 38.70 -8.43
CA GLU H 168 -60.88 38.27 -9.37
C GLU H 168 -61.93 39.35 -9.55
N ARG H 169 -62.32 40.02 -8.46
CA ARG H 169 -63.28 41.11 -8.62
C ARG H 169 -62.76 42.16 -9.59
N VAL H 170 -61.49 42.53 -9.45
CA VAL H 170 -60.94 43.56 -10.32
C VAL H 170 -61.03 43.14 -11.77
N PHE H 171 -60.46 41.96 -12.08
CA PHE H 171 -60.50 41.46 -13.44
C PHE H 171 -61.92 41.44 -13.98
N GLN H 172 -62.89 41.04 -13.15
CA GLN H 172 -64.25 40.95 -13.65
C GLN H 172 -64.78 42.33 -14.01
N ILE H 173 -64.51 43.32 -13.18
CA ILE H 173 -64.90 44.69 -13.53
C ILE H 173 -64.35 45.05 -14.89
N TYR H 174 -63.06 44.80 -15.09
CA TYR H 174 -62.42 45.17 -16.34
C TYR H 174 -63.10 44.49 -17.53
N GLU H 175 -63.15 43.16 -17.50
CA GLU H 175 -63.79 42.43 -18.59
C GLU H 175 -65.22 42.87 -18.79
N GLN H 176 -65.85 43.40 -17.75
CA GLN H 176 -67.18 43.97 -17.92
C GLN H 176 -67.12 45.23 -18.77
N HIS H 177 -66.11 46.07 -18.56
CA HIS H 177 -66.10 47.35 -19.24
C HIS H 177 -65.28 47.39 -20.52
N ALA H 178 -64.43 46.40 -20.77
CA ALA H 178 -63.45 46.52 -21.86
C ALA H 178 -64.12 46.29 -23.22
N ASP H 179 -65.04 47.19 -23.55
CA ASP H 179 -65.52 47.27 -24.92
C ASP H 179 -65.63 48.73 -25.36
N THR H 180 -65.76 49.64 -24.40
CA THR H 180 -65.81 51.06 -24.69
C THR H 180 -64.50 51.75 -24.40
N VAL H 181 -63.59 51.08 -23.71
CA VAL H 181 -62.27 51.62 -23.44
C VAL H 181 -61.27 50.96 -24.38
N GLY H 182 -61.00 51.62 -25.51
CA GLY H 182 -60.08 51.09 -26.48
C GLY H 182 -58.75 50.72 -25.87
N ILE H 183 -58.20 49.60 -26.30
CA ILE H 183 -56.92 49.09 -25.79
C ILE H 183 -55.87 50.19 -25.75
N ASP H 184 -55.96 51.11 -26.70
CA ASP H 184 -55.02 52.23 -26.72
C ASP H 184 -55.15 53.09 -25.47
N ALA H 185 -56.38 53.39 -25.05
CA ALA H 185 -56.55 54.10 -23.79
C ALA H 185 -56.08 53.28 -22.60
N VAL H 186 -55.96 51.96 -22.76
CA VAL H 186 -55.37 51.11 -21.74
C VAL H 186 -53.86 51.27 -21.67
N LEU H 187 -53.26 51.96 -22.64
CA LEU H 187 -51.82 52.04 -22.75
C LEU H 187 -51.33 53.47 -22.78
N GLN H 188 -51.79 54.30 -21.84
CA GLN H 188 -51.36 55.68 -21.70
C GLN H 188 -50.58 55.80 -20.41
N PRO H 189 -49.28 55.52 -20.43
CA PRO H 189 -48.49 55.70 -19.22
C PRO H 189 -48.29 57.17 -18.91
N SER H 190 -49.03 57.66 -17.92
CA SER H 190 -49.00 59.07 -17.57
C SER H 190 -47.77 59.35 -16.71
N ALA H 191 -47.68 60.57 -16.20
CA ALA H 191 -46.48 60.97 -15.47
C ALA H 191 -46.40 60.25 -14.12
N VAL H 192 -47.53 59.91 -13.53
CA VAL H 192 -47.52 59.37 -12.17
C VAL H 192 -48.29 58.07 -12.07
N SER H 193 -48.39 57.34 -13.18
CA SER H 193 -49.19 56.13 -13.20
C SER H 193 -48.71 55.19 -14.29
N PRO H 194 -48.25 54.01 -13.95
CA PRO H 194 -47.63 53.14 -14.97
C PRO H 194 -48.55 52.83 -16.13
N SER H 195 -49.65 52.13 -15.87
CA SER H 195 -50.69 51.91 -16.87
C SER H 195 -51.80 51.10 -16.23
N VAL H 196 -53.02 51.22 -16.74
CA VAL H 196 -54.03 50.25 -16.33
C VAL H 196 -53.62 48.86 -16.80
N ALA H 197 -52.98 48.77 -17.96
CA ALA H 197 -52.55 47.48 -18.46
C ALA H 197 -51.57 46.82 -17.50
N ASP H 198 -50.46 47.48 -17.22
CA ASP H 198 -49.45 46.85 -16.37
C ASP H 198 -49.96 46.64 -14.96
N MET H 199 -50.91 47.46 -14.51
CA MET H 199 -51.44 47.22 -13.17
C MET H 199 -52.28 45.95 -13.14
N LEU H 200 -53.16 45.76 -14.13
CA LEU H 200 -53.87 44.49 -14.19
C LEU H 200 -52.89 43.33 -14.24
N GLU H 201 -51.84 43.48 -15.05
CA GLU H 201 -50.85 42.42 -15.17
C GLU H 201 -50.23 42.11 -13.82
N TRP H 202 -49.84 43.13 -13.08
CA TRP H 202 -49.19 42.90 -11.81
C TRP H 202 -50.14 42.27 -10.80
N LEU H 203 -51.40 42.70 -10.79
CA LEU H 203 -52.36 42.03 -9.91
C LEU H 203 -52.43 40.56 -10.22
N GLN H 204 -52.53 40.22 -11.51
CA GLN H 204 -52.56 38.81 -11.90
C GLN H 204 -51.32 38.09 -11.38
N ASP H 205 -50.15 38.71 -11.53
CA ASP H 205 -48.94 38.05 -11.11
C ASP H 205 -48.87 37.91 -9.60
N ILE H 206 -49.42 38.86 -8.86
CA ILE H 206 -49.32 38.77 -7.42
C ILE H 206 -50.25 37.69 -6.90
N GLU H 207 -51.41 37.51 -7.52
CA GLU H 207 -52.26 36.41 -7.09
C GLU H 207 -51.60 35.09 -7.37
N ARG H 208 -50.95 34.96 -8.53
CA ARG H 208 -50.27 33.72 -8.83
C ARG H 208 -49.17 33.45 -7.83
N HIS H 209 -48.41 34.48 -7.46
CA HIS H 209 -47.33 34.30 -6.50
C HIS H 209 -47.88 33.79 -5.18
N TYR H 210 -48.93 34.43 -4.68
CA TYR H 210 -49.47 34.00 -3.40
C TYR H 210 -49.94 32.56 -3.45
N ARG H 211 -50.68 32.20 -4.48
CA ARG H 211 -51.22 30.84 -4.52
C ARG H 211 -50.10 29.82 -4.61
N LYS H 212 -49.11 30.06 -5.46
CA LYS H 212 -48.07 29.06 -5.58
C LYS H 212 -47.28 28.93 -4.29
N SER H 213 -47.00 30.05 -3.63
CA SER H 213 -46.26 29.93 -2.38
C SER H 213 -47.03 29.11 -1.37
N TYR H 214 -48.33 29.40 -1.22
CA TYR H 214 -49.10 28.68 -0.22
C TYR H 214 -49.15 27.20 -0.54
N LEU H 215 -49.51 26.85 -1.77
CA LEU H 215 -49.67 25.45 -2.12
C LEU H 215 -48.34 24.73 -2.19
N LYS H 216 -47.22 25.43 -2.24
CA LYS H 216 -45.96 24.73 -2.13
C LYS H 216 -45.54 24.60 -0.69
N ARG H 217 -45.97 25.50 0.18
CA ARG H 217 -45.63 25.32 1.58
C ARG H 217 -46.43 24.19 2.21
N LYS H 218 -47.68 24.00 1.79
CA LYS H 218 -48.46 22.93 2.41
C LYS H 218 -47.87 21.57 2.09
N TYR H 219 -47.73 21.25 0.81
CA TYR H 219 -47.24 19.92 0.43
C TYR H 219 -45.82 19.69 0.90
N LEU H 220 -45.24 20.65 1.60
CA LEU H 220 -44.04 20.38 2.39
C LEU H 220 -44.38 20.10 3.84
N LEU H 221 -45.19 20.96 4.44
CA LEU H 221 -45.46 20.84 5.86
C LEU H 221 -46.29 19.62 6.20
N SER H 222 -47.06 19.08 5.26
CA SER H 222 -47.91 17.93 5.53
C SER H 222 -47.30 16.62 5.06
N SER H 223 -45.99 16.57 4.92
CA SER H 223 -45.29 15.32 4.66
C SER H 223 -44.38 14.99 5.83
N ILE H 224 -44.86 15.25 7.04
CA ILE H 224 -44.14 15.04 8.27
C ILE H 224 -44.71 13.81 8.93
N GLN H 225 -43.88 12.80 9.17
CA GLN H 225 -44.34 11.57 9.80
C GLN H 225 -43.26 11.11 10.77
N TRP H 226 -43.57 11.10 12.06
CA TRP H 226 -42.63 10.52 13.00
C TRP H 226 -42.40 9.09 12.57
N GLY H 227 -41.21 8.80 12.08
CA GLY H 227 -40.94 7.54 11.42
C GLY H 227 -40.05 7.73 10.21
N ASP H 228 -39.71 8.98 9.93
CA ASP H 228 -38.74 9.34 8.90
C ASP H 228 -37.79 10.41 9.44
N LEU H 229 -37.19 10.12 10.59
CA LEU H 229 -36.54 11.14 11.40
C LEU H 229 -35.36 11.81 10.72
N ALA H 230 -35.07 11.44 9.48
CA ALA H 230 -34.15 12.26 8.71
C ALA H 230 -34.86 13.46 8.12
N ASN H 231 -36.03 13.23 7.52
CA ASN H 231 -36.74 14.29 6.82
C ASN H 231 -37.04 15.45 7.77
N ILE H 232 -37.58 15.15 8.94
CA ILE H 232 -37.87 16.22 9.89
C ILE H 232 -36.61 16.99 10.20
N GLN H 233 -35.54 16.28 10.52
CA GLN H 233 -34.31 16.95 10.90
C GLN H 233 -33.77 17.80 9.78
N ALA H 234 -34.17 17.53 8.54
CA ALA H 234 -33.74 18.37 7.45
C ALA H 234 -34.71 19.52 7.16
N LEU H 235 -35.93 19.44 7.66
CA LEU H 235 -36.99 20.40 7.31
C LEU H 235 -36.55 21.85 7.17
N PRO H 236 -35.98 22.48 8.20
CA PRO H 236 -35.80 23.93 8.15
C PRO H 236 -35.10 24.42 6.90
N LYS H 237 -34.11 23.70 6.41
CA LYS H 237 -33.42 24.16 5.21
C LYS H 237 -34.37 24.16 4.02
N ALA H 238 -35.14 23.07 3.85
CA ALA H 238 -36.08 23.02 2.75
C ALA H 238 -37.12 24.11 2.86
N TRP H 239 -37.63 24.33 4.07
CA TRP H 239 -38.57 25.41 4.25
C TRP H 239 -37.98 26.72 3.80
N ASP H 240 -36.89 27.14 4.43
CA ASP H 240 -36.28 28.41 4.06
C ASP H 240 -36.05 28.51 2.56
N ARG H 241 -35.63 27.41 1.94
CA ARG H 241 -35.39 27.45 0.51
C ARG H 241 -36.67 27.70 -0.26
N ILE H 242 -37.81 27.24 0.26
CA ILE H 242 -39.06 27.47 -0.45
C ILE H 242 -39.31 28.96 -0.64
N SER H 243 -38.69 29.80 0.18
CA SER H 243 -38.93 31.23 0.10
C SER H 243 -37.89 31.96 -0.71
N LYS H 244 -36.68 31.42 -0.82
CA LYS H 244 -35.63 32.07 -1.57
C LYS H 244 -35.61 31.59 -3.01
N ASP H 245 -36.79 31.60 -3.65
CA ASP H 245 -36.87 31.37 -5.08
C ASP H 245 -37.94 32.18 -5.75
N GLU H 246 -38.64 33.03 -5.04
CA GLU H 246 -39.60 33.93 -5.64
C GLU H 246 -38.96 35.29 -5.83
N HIS H 247 -39.78 36.28 -6.15
CA HIS H 247 -39.31 37.65 -6.27
C HIS H 247 -39.90 38.47 -5.11
N GLN H 248 -39.21 38.48 -3.97
CA GLN H 248 -39.58 39.34 -2.84
C GLN H 248 -39.89 40.76 -3.31
N ASP H 249 -39.09 41.22 -4.25
CA ASP H 249 -39.44 42.42 -4.96
C ASP H 249 -40.85 42.37 -5.54
N LEU H 250 -41.48 41.20 -5.67
CA LEU H 250 -42.82 41.22 -6.25
C LEU H 250 -43.72 42.15 -5.45
N VAL H 251 -44.03 41.77 -4.22
CA VAL H 251 -44.89 42.65 -3.46
C VAL H 251 -44.19 43.98 -3.19
N GLN H 252 -42.89 43.92 -2.85
CA GLN H 252 -42.27 45.18 -2.41
C GLN H 252 -42.28 46.22 -3.53
N ASP H 253 -41.85 45.84 -4.72
CA ASP H 253 -41.79 46.77 -5.82
C ASP H 253 -43.16 47.12 -6.33
N ILE H 254 -44.09 46.16 -6.37
CA ILE H 254 -45.41 46.54 -6.84
C ILE H 254 -45.95 47.67 -5.97
N LEU H 255 -45.86 47.50 -4.65
CA LEU H 255 -46.28 48.56 -3.75
C LEU H 255 -45.59 49.87 -4.10
N LEU H 256 -44.26 49.87 -4.10
CA LEU H 256 -43.54 51.11 -4.37
C LEU H 256 -43.96 51.71 -5.71
N ASN H 257 -43.73 50.96 -6.77
CA ASN H 257 -44.03 51.33 -8.15
C ASN H 257 -45.41 51.92 -8.33
N VAL H 258 -46.37 51.54 -7.50
CA VAL H 258 -47.70 52.11 -7.66
C VAL H 258 -48.02 53.10 -6.55
N SER H 259 -47.07 53.39 -5.66
CA SER H 259 -47.34 54.31 -4.57
C SER H 259 -47.91 55.63 -5.08
N PHE H 260 -47.20 56.27 -6.00
CA PHE H 260 -47.60 57.59 -6.47
C PHE H 260 -49.01 57.61 -7.02
N PHE H 261 -49.55 56.46 -7.39
CA PHE H 261 -50.93 56.36 -7.85
C PHE H 261 -51.93 56.73 -6.77
N LEU H 262 -51.48 57.03 -5.56
CA LEU H 262 -52.38 57.39 -4.48
C LEU H 262 -51.98 58.71 -3.85
N SER I 44 -8.50 86.94 11.19
CA SER I 44 -7.91 85.99 10.25
C SER I 44 -7.43 84.74 10.95
N ALA I 45 -6.52 84.93 11.92
CA ALA I 45 -5.96 83.80 12.66
C ALA I 45 -7.04 82.97 13.33
N ARG I 46 -8.23 83.52 13.53
CA ARG I 46 -9.35 82.73 14.01
C ARG I 46 -9.59 81.53 13.11
N LYS I 47 -9.46 81.73 11.80
CA LYS I 47 -9.52 80.61 10.87
C LYS I 47 -8.47 79.57 11.20
N ILE I 48 -7.27 80.00 11.61
CA ILE I 48 -6.22 79.06 11.95
C ILE I 48 -6.62 78.25 13.18
N LYS I 49 -7.17 78.92 14.19
CA LYS I 49 -7.63 78.21 15.38
C LYS I 49 -8.70 77.19 15.02
N ASP I 50 -9.61 77.57 14.12
CA ASP I 50 -10.63 76.64 13.66
C ASP I 50 -10.00 75.46 12.96
N ASN I 51 -8.99 75.72 12.12
CA ASN I 51 -8.27 74.64 11.47
C ASN I 51 -7.71 73.67 12.51
N ALA I 52 -7.15 74.21 13.58
CA ALA I 52 -6.58 73.37 14.63
C ALA I 52 -7.65 72.48 15.26
N ALA I 53 -8.69 73.10 15.80
CA ALA I 53 -9.73 72.31 16.47
C ALA I 53 -10.37 71.31 15.52
N ASP I 54 -10.51 71.68 14.25
CA ASP I 54 -11.05 70.76 13.27
C ASP I 54 -10.11 69.59 13.04
N TRP I 55 -8.82 69.86 12.95
CA TRP I 55 -7.86 68.76 12.91
C TRP I 55 -8.13 67.78 14.03
N HIS I 56 -8.25 68.31 15.25
CA HIS I 56 -8.47 67.45 16.40
C HIS I 56 -9.70 66.57 16.22
N ASN I 57 -10.86 67.22 16.08
CA ASN I 57 -12.10 66.45 16.00
C ASN I 57 -12.09 65.51 14.80
N LEU I 58 -11.43 65.91 13.71
CA LEU I 58 -11.39 65.09 12.51
C LEU I 58 -10.62 63.81 12.78
N ILE I 59 -9.43 63.93 13.36
CA ILE I 59 -8.68 62.73 13.69
C ILE I 59 -9.49 61.82 14.60
N LEU I 60 -10.20 62.40 15.56
CA LEU I 60 -10.99 61.57 16.46
C LEU I 60 -12.04 60.78 15.70
N LYS I 61 -12.80 61.47 14.85
CA LYS I 61 -13.81 60.80 14.04
C LYS I 61 -13.18 59.71 13.20
N TRP I 62 -12.01 59.99 12.63
CA TRP I 62 -11.28 59.00 11.85
C TRP I 62 -11.10 57.74 12.66
N GLU I 63 -10.48 57.88 13.83
CA GLU I 63 -10.19 56.72 14.65
C GLU I 63 -11.45 55.93 14.94
N THR I 64 -12.54 56.62 15.25
CA THR I 64 -13.78 55.92 15.57
C THR I 64 -14.25 55.08 14.39
N LEU I 65 -14.26 55.69 13.21
CA LEU I 65 -14.66 54.96 12.01
C LEU I 65 -13.75 53.77 11.77
N ASN I 66 -12.46 53.94 12.03
CA ASN I 66 -11.53 52.84 11.80
C ASN I 66 -11.84 51.70 12.75
N ASP I 67 -12.25 52.02 13.97
CA ASP I 67 -12.64 50.97 14.92
C ASP I 67 -13.81 50.17 14.37
N ALA I 68 -14.87 50.86 13.98
CA ALA I 68 -16.03 50.15 13.44
C ALA I 68 -15.63 49.29 12.24
N GLY I 69 -14.83 49.86 11.34
CA GLY I 69 -14.42 49.11 10.18
C GLY I 69 -13.59 47.90 10.52
N PHE I 70 -12.73 48.02 11.52
CA PHE I 70 -11.96 46.87 11.94
C PHE I 70 -12.88 45.76 12.43
N THR I 71 -13.92 46.14 13.18
CA THR I 71 -14.91 45.14 13.58
C THR I 71 -15.47 44.44 12.34
N THR I 72 -15.87 45.24 11.35
CA THR I 72 -16.42 44.68 10.13
C THR I 72 -15.46 43.70 9.48
N ALA I 73 -14.21 44.10 9.30
CA ALA I 73 -13.26 43.26 8.60
C ALA I 73 -12.99 41.98 9.38
N ASN I 74 -12.98 42.08 10.70
CA ASN I 74 -12.87 40.88 11.52
C ASN I 74 -14.01 39.92 11.18
N ASN I 75 -15.24 40.44 11.14
CA ASN I 75 -16.38 39.60 10.81
C ASN I 75 -16.19 38.96 9.43
N ILE I 76 -15.67 39.73 8.48
CA ILE I 76 -15.51 39.19 7.13
C ILE I 76 -14.49 38.07 7.12
N ALA I 77 -13.36 38.28 7.78
CA ALA I 77 -12.34 37.25 7.81
C ALA I 77 -12.89 35.97 8.43
N ASN I 78 -13.59 36.09 9.55
CA ASN I 78 -14.11 34.91 10.22
C ASN I 78 -15.15 34.20 9.36
N LEU I 79 -16.10 34.97 8.82
CA LEU I 79 -17.13 34.38 7.98
C LEU I 79 -16.54 33.69 6.77
N LYS I 80 -15.50 34.28 6.19
CA LYS I 80 -14.84 33.66 5.05
C LYS I 80 -14.19 32.35 5.47
N ILE I 81 -13.39 32.37 6.54
CA ILE I 81 -12.64 31.18 6.90
C ILE I 81 -13.55 30.07 7.39
N SER I 82 -14.74 30.40 7.88
CA SER I 82 -15.71 29.35 8.19
C SER I 82 -16.12 28.60 6.94
N LEU I 83 -16.16 29.30 5.80
CA LEU I 83 -16.43 28.70 4.51
C LEU I 83 -15.19 28.10 3.88
N LEU I 84 -14.15 27.84 4.67
CA LEU I 84 -12.88 27.32 4.18
C LEU I 84 -12.21 28.33 3.24
N GLU I 111 -22.67 33.91 -0.15
CA GLU I 111 -23.43 34.72 -1.10
C GLU I 111 -24.29 35.74 -0.36
N GLU I 112 -23.97 35.95 0.91
CA GLU I 112 -24.68 36.94 1.71
C GLU I 112 -23.76 37.88 2.46
N LEU I 113 -22.48 37.54 2.62
CA LEU I 113 -21.48 38.45 3.16
C LEU I 113 -21.45 39.76 2.40
N GLU I 114 -22.09 39.76 1.23
CA GLU I 114 -22.14 40.96 0.40
C GLU I 114 -22.61 42.17 1.18
N LYS I 115 -23.61 41.99 2.05
CA LYS I 115 -24.05 43.13 2.85
C LYS I 115 -22.92 43.65 3.72
N LEU I 116 -22.14 42.74 4.31
CA LEU I 116 -20.97 43.15 5.09
C LEU I 116 -20.02 43.97 4.22
N CYS I 117 -19.66 43.42 3.06
CA CYS I 117 -18.70 44.09 2.21
C CYS I 117 -19.20 45.47 1.82
N GLU I 118 -20.50 45.59 1.59
CA GLU I 118 -21.06 46.88 1.18
C GLU I 118 -20.97 47.90 2.31
N GLU I 119 -21.34 47.51 3.52
CA GLU I 119 -21.27 48.49 4.59
C GLU I 119 -19.83 48.82 4.95
N LEU I 120 -18.90 47.89 4.71
CA LEU I 120 -17.49 48.24 4.84
C LEU I 120 -17.11 49.31 3.83
N GLN I 121 -17.57 49.15 2.59
CA GLN I 121 -17.36 50.20 1.60
C GLN I 121 -17.95 51.52 2.09
N ALA I 122 -19.11 51.48 2.72
CA ALA I 122 -19.69 52.70 3.27
C ALA I 122 -18.76 53.34 4.29
N THR I 123 -18.15 52.50 5.13
CA THR I 123 -17.14 52.99 6.06
C THR I 123 -16.04 53.73 5.31
N LEU I 124 -15.55 53.12 4.24
CA LEU I 124 -14.54 53.79 3.42
C LEU I 124 -15.04 55.13 2.92
N ASP I 125 -16.32 55.22 2.57
CA ASP I 125 -16.82 56.49 2.04
C ASP I 125 -16.84 57.56 3.12
N GLY I 126 -17.26 57.20 4.32
CA GLY I 126 -17.12 58.13 5.43
C GLY I 126 -15.70 58.61 5.59
N LEU I 127 -14.75 57.66 5.51
CA LEU I 127 -13.34 58.01 5.51
C LEU I 127 -13.05 59.04 4.44
N THR I 128 -13.56 58.82 3.23
CA THR I 128 -13.26 59.69 2.11
C THR I 128 -13.77 61.10 2.38
N LYS I 129 -14.97 61.20 2.93
CA LYS I 129 -15.50 62.51 3.31
C LYS I 129 -14.56 63.20 4.28
N ILE I 130 -14.08 62.45 5.28
CA ILE I 130 -13.10 63.00 6.21
C ILE I 130 -11.91 63.53 5.44
N GLN I 131 -11.45 62.75 4.47
CA GLN I 131 -10.25 63.13 3.72
C GLN I 131 -10.47 64.44 2.98
N VAL I 132 -11.64 64.59 2.38
CA VAL I 132 -11.88 65.78 1.57
C VAL I 132 -12.03 67.00 2.46
N LYS I 133 -12.61 66.84 3.64
CA LYS I 133 -12.66 67.95 4.57
C LYS I 133 -11.25 68.38 4.96
N MET I 134 -10.40 67.40 5.27
CA MET I 134 -9.01 67.73 5.58
C MET I 134 -8.35 68.46 4.43
N GLU I 135 -8.60 68.01 3.21
CA GLU I 135 -7.98 68.66 2.06
C GLU I 135 -8.42 70.11 1.95
N LYS I 136 -9.71 70.37 2.19
CA LYS I 136 -10.18 71.75 2.19
C LYS I 136 -9.47 72.58 3.24
N LEU I 137 -9.30 72.01 4.44
CA LEU I 137 -8.59 72.73 5.50
C LEU I 137 -7.17 73.06 5.05
N SER I 138 -6.49 72.09 4.44
CA SER I 138 -5.14 72.32 3.95
C SER I 138 -5.12 73.46 2.95
N SER I 139 -6.07 73.46 2.02
CA SER I 139 -6.09 74.50 0.99
C SER I 139 -6.30 75.87 1.62
N THR I 140 -7.23 75.97 2.57
CA THR I 140 -7.46 77.25 3.23
C THR I 140 -6.21 77.73 3.93
N THR I 141 -5.50 76.82 4.60
CA THR I 141 -4.27 77.20 5.29
C THR I 141 -3.24 77.72 4.29
N LYS I 142 -3.07 77.02 3.18
CA LYS I 142 -2.15 77.47 2.14
C LYS I 142 -2.54 78.85 1.64
N GLY I 143 -3.85 79.09 1.51
CA GLY I 143 -4.29 80.38 1.05
C GLY I 143 -3.99 81.49 2.03
N ILE I 144 -4.18 81.23 3.32
CA ILE I 144 -3.83 82.25 4.31
C ILE I 144 -2.34 82.51 4.30
N CYS I 145 -1.55 81.45 4.09
CA CYS I 145 -0.11 81.62 3.92
C CYS I 145 0.18 82.57 2.76
N GLU I 146 -0.43 82.32 1.62
CA GLU I 146 -0.23 83.18 0.45
C GLU I 146 -0.63 84.61 0.75
N LEU I 147 -1.74 84.79 1.47
CA LEU I 147 -2.22 86.13 1.79
C LEU I 147 -1.23 86.87 2.68
N GLU I 148 -0.70 86.20 3.70
CA GLU I 148 0.34 86.79 4.52
C GLU I 148 1.64 86.98 3.73
N ASN I 149 1.76 86.32 2.58
CA ASN I 149 2.86 86.59 1.67
C ASN I 149 2.63 87.85 0.82
N TYR I 150 1.69 88.70 1.25
CA TYR I 150 1.48 89.97 0.58
C TYR I 150 2.75 90.81 0.54
N HIS I 151 3.60 90.69 1.56
CA HIS I 151 4.84 91.46 1.60
C HIS I 151 5.95 90.69 2.30
N PRO I 166 5.49 82.65 13.73
CA PRO I 166 5.60 81.79 12.54
C PRO I 166 4.24 81.35 12.02
N THR I 167 4.10 81.29 10.71
CA THR I 167 2.87 80.79 10.11
C THR I 167 3.10 79.68 9.10
N THR I 168 4.20 79.75 8.33
CA THR I 168 4.56 78.64 7.45
C THR I 168 4.59 77.34 8.24
N HIS I 169 5.01 77.42 9.50
CA HIS I 169 4.86 76.35 10.47
C HIS I 169 3.53 75.63 10.27
N PHE I 170 2.43 76.39 10.28
CA PHE I 170 1.12 75.78 10.17
C PHE I 170 0.96 75.07 8.85
N TYR I 171 1.41 75.69 7.76
CA TYR I 171 1.22 75.08 6.45
C TYR I 171 1.93 73.74 6.37
N GLU I 172 3.21 73.71 6.74
CA GLU I 172 3.93 72.46 6.63
C GLU I 172 3.37 71.41 7.59
N VAL I 173 2.88 71.83 8.75
CA VAL I 173 2.21 70.90 9.65
C VAL I 173 1.04 70.24 8.95
N SER I 174 0.12 71.06 8.44
CA SER I 174 -1.06 70.51 7.81
C SER I 174 -0.71 69.70 6.59
N HIS I 175 0.39 70.04 5.91
CA HIS I 175 0.78 69.29 4.72
C HIS I 175 1.29 67.91 5.10
N LYS I 176 2.12 67.83 6.14
CA LYS I 176 2.53 66.52 6.65
C LYS I 176 1.32 65.69 7.01
N LEU I 177 0.41 66.26 7.81
CA LEU I 177 -0.80 65.54 8.19
C LEU I 177 -1.56 65.04 6.98
N LEU I 178 -1.77 65.92 6.02
CA LEU I 178 -2.56 65.56 4.85
C LEU I 178 -1.92 64.40 4.10
N GLU I 179 -0.62 64.52 3.78
CA GLU I 179 0.02 63.47 3.02
C GLU I 179 -0.04 62.14 3.76
N MET I 180 0.21 62.18 5.06
CA MET I 180 0.11 60.97 5.86
C MET I 180 -1.26 60.34 5.67
N TYR I 181 -2.30 61.06 6.07
CA TYR I 181 -3.62 60.43 6.10
C TYR I 181 -4.06 60.02 4.71
N ARG I 182 -3.62 60.72 3.67
CA ARG I 182 -4.03 60.34 2.33
C ARG I 182 -3.42 59.00 1.93
N LYS I 183 -2.12 58.85 2.13
CA LYS I 183 -1.52 57.54 1.86
C LYS I 183 -2.20 56.47 2.70
N GLU I 184 -2.54 56.81 3.93
CA GLU I 184 -3.24 55.86 4.79
C GLU I 184 -4.53 55.40 4.13
N LEU I 185 -5.30 56.36 3.63
CA LEU I 185 -6.56 56.02 2.99
C LEU I 185 -6.34 55.10 1.81
N LEU I 186 -5.30 55.35 1.04
CA LEU I 186 -5.02 54.49 -0.09
C LEU I 186 -4.77 53.06 0.37
N LEU I 187 -3.98 52.91 1.43
CA LEU I 187 -3.71 51.58 1.94
C LEU I 187 -4.99 50.91 2.41
N LYS I 188 -5.87 51.65 3.07
CA LYS I 188 -7.11 51.06 3.51
C LYS I 188 -7.93 50.58 2.31
N ARG I 189 -7.97 51.38 1.26
CA ARG I 189 -8.71 50.95 0.09
C ARG I 189 -8.18 49.64 -0.44
N THR I 190 -6.85 49.55 -0.56
CA THR I 190 -6.28 48.31 -1.08
C THR I 190 -6.55 47.14 -0.16
N VAL I 191 -6.56 47.36 1.16
CA VAL I 191 -6.79 46.21 2.03
C VAL I 191 -8.23 45.73 1.92
N ALA I 192 -9.19 46.64 1.73
CA ALA I 192 -10.56 46.18 1.51
C ALA I 192 -10.63 45.33 0.25
N LYS I 193 -10.17 45.93 -0.86
CA LYS I 193 -10.13 45.26 -2.15
C LYS I 193 -9.60 43.84 -2.01
N GLU I 194 -8.39 43.71 -1.49
CA GLU I 194 -7.79 42.39 -1.43
C GLU I 194 -8.48 41.51 -0.40
N LEU I 195 -9.09 42.10 0.63
CA LEU I 195 -9.52 41.31 1.77
C LEU I 195 -10.75 40.49 1.43
N ALA I 196 -11.66 41.07 0.64
CA ALA I 196 -12.91 40.37 0.34
C ALA I 196 -12.72 38.87 0.09
N HIS I 197 -11.73 38.51 -0.71
CA HIS I 197 -11.46 37.10 -1.01
C HIS I 197 -9.95 36.88 -0.99
N THR I 198 -9.47 36.27 0.09
CA THR I 198 -8.05 36.02 0.26
C THR I 198 -7.80 34.52 0.34
N GLY I 199 -6.53 34.15 0.21
CA GLY I 199 -6.15 32.77 0.25
C GLY I 199 -5.78 32.29 1.64
N ASP I 200 -4.51 31.95 1.80
CA ASP I 200 -4.03 31.40 3.07
C ASP I 200 -4.32 32.38 4.20
N PRO I 201 -4.43 31.92 5.45
CA PRO I 201 -4.83 32.83 6.52
C PRO I 201 -3.78 33.85 6.85
N ASP I 202 -2.51 33.56 6.61
CA ASP I 202 -1.45 34.48 7.02
C ASP I 202 -1.62 35.83 6.36
N LEU I 203 -1.95 35.85 5.07
CA LEU I 203 -2.36 37.10 4.44
C LEU I 203 -3.46 37.76 5.24
N THR I 204 -4.42 36.98 5.71
CA THR I 204 -5.57 37.59 6.37
C THR I 204 -5.16 38.28 7.66
N LEU I 205 -4.32 37.63 8.48
CA LEU I 205 -3.84 38.29 9.68
C LEU I 205 -3.03 39.54 9.34
N SER I 206 -2.11 39.42 8.39
CA SER I 206 -1.32 40.59 8.03
C SER I 206 -2.20 41.73 7.59
N TYR I 207 -3.29 41.42 6.89
CA TYR I 207 -4.17 42.47 6.40
C TYR I 207 -4.93 43.10 7.55
N LEU I 208 -5.54 42.29 8.41
CA LEU I 208 -6.21 42.83 9.58
C LEU I 208 -5.29 43.78 10.32
N SER I 209 -4.05 43.36 10.51
CA SER I 209 -3.07 44.23 11.14
C SER I 209 -2.94 45.52 10.38
N MET I 210 -2.57 45.42 9.11
CA MET I 210 -2.33 46.59 8.28
C MET I 210 -3.50 47.55 8.34
N TRP I 211 -4.69 47.05 8.62
CA TRP I 211 -5.82 47.92 8.85
C TRP I 211 -5.73 48.59 10.21
N LEU I 212 -5.47 47.81 11.25
CA LEU I 212 -5.60 48.35 12.59
C LEU I 212 -4.47 49.31 12.92
N HIS I 213 -3.23 48.88 12.74
CA HIS I 213 -2.11 49.73 13.14
C HIS I 213 -1.91 50.92 12.23
N GLN I 214 -2.63 51.01 11.11
CA GLN I 214 -2.54 52.05 10.09
C GLN I 214 -1.10 52.51 9.92
N PRO I 215 -0.26 51.67 9.40
CA PRO I 215 1.17 51.97 9.41
C PRO I 215 1.55 53.07 8.45
N TYR I 216 0.93 54.24 8.56
CA TYR I 216 1.47 55.39 7.85
C TYR I 216 1.33 56.66 8.67
N VAL I 217 1.34 56.54 9.99
CA VAL I 217 1.20 57.68 10.87
C VAL I 217 2.33 57.57 11.89
N GLU I 218 3.38 58.38 11.73
CA GLU I 218 4.55 58.28 12.60
C GLU I 218 4.26 58.63 14.05
N SER I 219 3.02 58.98 14.38
CA SER I 219 2.56 59.29 15.72
C SER I 219 3.13 60.61 16.21
N ASP I 220 4.16 61.11 15.51
CA ASP I 220 4.62 62.46 15.77
C ASP I 220 3.47 63.42 15.56
N SER I 221 2.56 63.05 14.66
CA SER I 221 1.31 63.75 14.44
C SER I 221 0.72 64.23 15.76
N ARG I 222 0.44 63.29 16.65
CA ARG I 222 -0.16 63.68 17.92
C ARG I 222 0.65 64.80 18.54
N LEU I 223 1.92 64.53 18.82
CA LEU I 223 2.83 65.58 19.26
C LEU I 223 2.69 66.80 18.38
N HIS I 224 2.98 66.62 17.09
CA HIS I 224 2.85 67.70 16.13
C HIS I 224 1.57 68.47 16.36
N LEU I 225 0.44 67.78 16.32
CA LEU I 225 -0.83 68.48 16.48
C LEU I 225 -0.83 69.27 17.78
N GLU I 226 -0.58 68.59 18.89
CA GLU I 226 -0.47 69.27 20.17
C GLU I 226 0.51 70.42 20.08
N SER I 227 1.69 70.14 19.52
CA SER I 227 2.72 71.17 19.40
C SER I 227 2.19 72.37 18.66
N MET I 228 1.41 72.15 17.61
CA MET I 228 0.80 73.27 16.93
C MET I 228 -0.41 73.77 17.70
N LEU I 229 -1.20 72.86 18.24
CA LEU I 229 -2.42 73.26 18.94
C LEU I 229 -2.10 74.25 20.05
N LEU I 230 -1.11 73.93 20.88
CA LEU I 230 -0.78 74.81 21.99
C LEU I 230 -0.18 76.12 21.55
N GLU I 231 0.24 76.26 20.29
CA GLU I 231 0.61 77.60 19.83
C GLU I 231 -0.60 78.50 19.78
N THR I 232 -1.81 77.92 19.80
CA THR I 232 -3.05 78.68 19.92
C THR I 232 -3.85 78.13 21.09
N GLY I 233 -5.11 78.53 21.21
CA GLY I 233 -5.97 78.01 22.25
C GLY I 233 -6.28 76.53 22.10
N SER J 44 -59.02 22.31 60.48
CA SER J 44 -58.63 21.16 59.67
C SER J 44 -58.53 21.54 58.20
N ALA J 45 -59.70 21.78 57.58
CA ALA J 45 -59.74 22.09 56.16
C ALA J 45 -58.82 23.24 55.79
N ARG J 46 -58.58 24.16 56.73
CA ARG J 46 -57.66 25.25 56.49
C ARG J 46 -56.27 24.71 56.17
N LYS J 47 -55.83 23.72 56.93
CA LYS J 47 -54.57 23.05 56.62
C LYS J 47 -54.59 22.47 55.22
N ILE J 48 -55.73 21.91 54.81
CA ILE J 48 -55.82 21.29 53.48
C ILE J 48 -55.64 22.34 52.40
N LYS J 49 -56.31 23.47 52.54
CA LYS J 49 -56.16 24.56 51.59
C LYS J 49 -54.71 25.03 51.53
N ASP J 50 -54.05 25.11 52.69
CA ASP J 50 -52.65 25.44 52.72
C ASP J 50 -51.83 24.39 51.95
N ASN J 51 -52.17 23.12 52.12
CA ASN J 51 -51.48 22.06 51.39
C ASN J 51 -51.60 22.27 49.90
N ALA J 52 -52.80 22.66 49.44
CA ALA J 52 -53.00 22.92 48.03
C ALA J 52 -52.06 24.02 47.54
N ALA J 53 -52.14 25.19 48.18
CA ALA J 53 -51.29 26.31 47.73
C ALA J 53 -49.82 25.95 47.79
N ASP J 54 -49.43 25.16 48.79
CA ASP J 54 -48.04 24.75 48.90
C ASP J 54 -47.67 23.82 47.75
N TRP J 55 -48.54 22.88 47.41
CA TRP J 55 -48.31 22.05 46.24
C TRP J 55 -47.98 22.93 45.05
N HIS J 56 -48.81 23.95 44.82
CA HIS J 56 -48.60 24.83 43.69
C HIS J 56 -47.20 25.43 43.72
N ASN J 57 -46.91 26.20 44.77
CA ASN J 57 -45.64 26.93 44.81
C ASN J 57 -44.45 25.98 44.78
N LEU J 58 -44.58 24.81 45.42
CA LEU J 58 -43.50 23.84 45.43
C LEU J 58 -43.18 23.36 44.03
N ILE J 59 -44.20 22.96 43.29
CA ILE J 59 -43.95 22.49 41.93
C ILE J 59 -43.32 23.59 41.11
N LEU J 60 -43.75 24.84 41.33
CA LEU J 60 -43.16 25.93 40.58
C LEU J 60 -41.66 26.03 40.84
N LYS J 61 -41.28 26.03 42.12
CA LYS J 61 -39.86 26.11 42.45
C LYS J 61 -39.11 24.92 41.86
N TRP J 62 -39.75 23.76 41.86
CA TRP J 62 -39.15 22.58 41.24
C TRP J 62 -38.77 22.88 39.81
N GLU J 63 -39.75 23.32 39.02
CA GLU J 63 -39.49 23.58 37.61
C GLU J 63 -38.35 24.57 37.45
N THR J 64 -38.33 25.61 38.27
CA THR J 64 -37.29 26.63 38.13
C THR J 64 -35.91 26.02 38.35
N LEU J 65 -35.77 25.25 39.42
CA LEU J 65 -34.48 24.63 39.69
C LEU J 65 -34.10 23.66 38.59
N ASN J 66 -35.09 22.98 38.00
CA ASN J 66 -34.78 22.07 36.91
C ASN J 66 -34.25 22.82 35.73
N ASP J 67 -34.78 24.01 35.47
CA ASP J 67 -34.26 24.85 34.40
C ASP J 67 -32.79 25.16 34.63
N ALA J 68 -32.47 25.67 35.82
CA ALA J 68 -31.09 25.99 36.12
C ALA J 68 -30.19 24.78 35.93
N GLY J 69 -30.62 23.63 36.46
CA GLY J 69 -29.82 22.43 36.31
C GLY J 69 -29.63 22.02 34.87
N PHE J 70 -30.66 22.21 34.05
CA PHE J 70 -30.52 21.88 32.64
C PHE J 70 -29.45 22.73 31.99
N THR J 71 -29.42 24.02 32.32
CA THR J 71 -28.34 24.86 31.82
C THR J 71 -26.99 24.31 32.25
N THR J 72 -26.88 23.94 33.52
CA THR J 72 -25.63 23.35 34.01
C THR J 72 -25.23 22.12 33.20
N ALA J 73 -26.19 21.22 32.97
CA ALA J 73 -25.86 19.99 32.29
C ALA J 73 -25.46 20.25 30.85
N ASN J 74 -26.10 21.22 30.20
CA ASN J 74 -25.63 21.62 28.89
C ASN J 74 -24.17 22.01 28.94
N ASN J 75 -23.81 22.85 29.92
CA ASN J 75 -22.41 23.26 30.04
C ASN J 75 -21.50 22.06 30.19
N ILE J 76 -21.90 21.09 31.01
CA ILE J 76 -21.04 19.94 31.26
C ILE J 76 -20.88 19.13 29.98
N ALA J 77 -21.96 18.89 29.27
CA ALA J 77 -21.88 18.10 28.06
C ALA J 77 -20.97 18.76 27.03
N ASN J 78 -21.11 20.08 26.86
CA ASN J 78 -20.27 20.77 25.90
C ASN J 78 -18.81 20.73 26.32
N LEU J 79 -18.55 21.02 27.60
CA LEU J 79 -17.18 21.02 28.10
C LEU J 79 -16.55 19.65 27.93
N LYS J 80 -17.33 18.59 28.10
CA LYS J 80 -16.81 17.26 27.88
C LYS J 80 -16.50 17.04 26.41
N ILE J 81 -17.45 17.36 25.53
CA ILE J 81 -17.24 17.13 24.11
C ILE J 81 -16.03 17.87 23.60
N SER J 82 -15.75 19.05 24.17
CA SER J 82 -14.58 19.81 23.75
C SER J 82 -13.28 19.06 23.95
N LEU J 83 -13.28 17.94 24.66
CA LEU J 83 -12.07 17.18 24.89
C LEU J 83 -12.38 15.71 25.13
N ASN J 110 -10.28 19.98 33.41
CA ASN J 110 -10.30 19.34 34.72
C ASN J 110 -11.12 20.17 35.71
N GLU J 111 -10.43 20.75 36.69
CA GLU J 111 -11.09 21.25 37.89
C GLU J 111 -12.27 22.17 37.59
N GLU J 112 -12.28 22.81 36.43
CA GLU J 112 -13.45 23.57 36.03
C GLU J 112 -14.68 22.67 35.99
N LEU J 113 -14.60 21.61 35.20
CA LEU J 113 -15.59 20.53 35.19
C LEU J 113 -15.98 20.14 36.60
N GLU J 114 -15.00 20.13 37.50
CA GLU J 114 -15.27 19.70 38.87
C GLU J 114 -16.18 20.69 39.58
N LYS J 115 -15.85 21.97 39.53
CA LYS J 115 -16.74 22.96 40.14
C LYS J 115 -18.13 22.86 39.53
N LEU J 116 -18.20 22.61 38.22
CA LEU J 116 -19.49 22.43 37.58
C LEU J 116 -20.28 21.31 38.23
N CYS J 117 -19.71 20.11 38.27
CA CYS J 117 -20.39 18.98 38.87
C CYS J 117 -20.80 19.29 40.31
N GLU J 118 -19.97 20.03 41.03
CA GLU J 118 -20.29 20.33 42.42
C GLU J 118 -21.55 21.17 42.51
N GLU J 119 -21.62 22.25 41.75
CA GLU J 119 -22.81 23.08 41.86
C GLU J 119 -24.04 22.37 41.30
N LEU J 120 -23.85 21.46 40.34
CA LEU J 120 -24.97 20.63 39.90
C LEU J 120 -25.50 19.79 41.06
N GLN J 121 -24.58 19.17 41.79
CA GLN J 121 -24.99 18.42 42.98
C GLN J 121 -25.73 19.32 43.96
N ALA J 122 -25.29 20.57 44.10
CA ALA J 122 -26.00 21.50 44.95
C ALA J 122 -27.44 21.69 44.47
N THR J 123 -27.62 21.82 43.16
CA THR J 123 -28.97 21.87 42.60
C THR J 123 -29.77 20.65 43.03
N LEU J 124 -29.15 19.47 42.91
CA LEU J 124 -29.82 18.25 43.34
C LEU J 124 -30.24 18.33 44.80
N ASP J 125 -29.41 18.93 45.64
CA ASP J 125 -29.75 19.01 47.05
C ASP J 125 -30.95 19.93 47.27
N GLY J 126 -30.99 21.05 46.56
CA GLY J 126 -32.19 21.87 46.60
C GLY J 126 -33.42 21.06 46.24
N LEU J 127 -33.30 20.27 45.17
CA LEU J 127 -34.37 19.35 44.80
C LEU J 127 -34.78 18.49 45.98
N THR J 128 -33.80 17.88 46.64
CA THR J 128 -34.10 16.97 47.73
C THR J 128 -34.83 17.68 48.85
N LYS J 129 -34.42 18.91 49.15
CA LYS J 129 -35.13 19.72 50.14
C LYS J 129 -36.60 19.85 49.76
N ILE J 130 -36.86 20.22 48.50
CA ILE J 130 -38.23 20.29 48.02
C ILE J 130 -38.94 18.96 48.26
N GLN J 131 -38.26 17.87 47.96
CA GLN J 131 -38.89 16.56 48.07
C GLN J 131 -39.30 16.28 49.50
N VAL J 132 -38.44 16.62 50.46
CA VAL J 132 -38.77 16.28 51.83
C VAL J 132 -39.89 17.18 52.34
N LYS J 133 -39.93 18.43 51.88
CA LYS J 133 -41.04 19.29 52.27
C LYS J 133 -42.36 18.73 51.76
N MET J 134 -42.41 18.34 50.50
CA MET J 134 -43.68 17.82 49.99
C MET J 134 -44.01 16.48 50.62
N GLU J 135 -43.00 15.70 51.02
CA GLU J 135 -43.30 14.46 51.73
C GLU J 135 -43.97 14.77 53.06
N LYS J 136 -43.47 15.78 53.78
CA LYS J 136 -44.15 16.19 55.00
C LYS J 136 -45.59 16.61 54.72
N LEU J 137 -45.79 17.33 53.61
CA LEU J 137 -47.13 17.69 53.19
C LEU J 137 -48.01 16.45 53.08
N SER J 138 -47.51 15.45 52.37
CA SER J 138 -48.23 14.20 52.19
C SER J 138 -48.59 13.59 53.54
N SER J 139 -47.62 13.55 54.45
CA SER J 139 -47.85 12.91 55.74
C SER J 139 -48.95 13.61 56.52
N THR J 140 -48.88 14.94 56.59
CA THR J 140 -49.92 15.67 57.31
C THR J 140 -51.28 15.46 56.67
N THR J 141 -51.33 15.41 55.34
CA THR J 141 -52.60 15.18 54.67
C THR J 141 -53.17 13.82 55.05
N LYS J 142 -52.32 12.80 55.03
CA LYS J 142 -52.76 11.46 55.44
C LYS J 142 -53.24 11.48 56.88
N GLY J 143 -52.58 12.25 57.73
CA GLY J 143 -52.99 12.32 59.12
C GLY J 143 -54.38 12.91 59.27
N ILE J 144 -54.63 14.03 58.59
CA ILE J 144 -55.96 14.63 58.64
C ILE J 144 -56.99 13.68 58.05
N CYS J 145 -56.61 12.97 56.99
CA CYS J 145 -57.47 11.93 56.42
C CYS J 145 -57.91 10.94 57.49
N GLU J 146 -56.94 10.39 58.23
CA GLU J 146 -57.29 9.42 59.25
C GLU J 146 -58.12 10.06 60.35
N LEU J 147 -57.78 11.28 60.73
CA LEU J 147 -58.46 11.91 61.86
C LEU J 147 -59.90 12.25 61.52
N GLU J 148 -60.21 12.45 60.24
CA GLU J 148 -61.60 12.70 59.89
C GLU J 148 -62.48 11.47 60.05
N ASN J 149 -61.95 10.36 60.58
CA ASN J 149 -62.78 9.19 60.83
C ASN J 149 -63.94 9.54 61.74
N TYR J 150 -63.65 9.95 62.97
CA TYR J 150 -64.68 10.34 63.91
C TYR J 150 -64.16 11.41 64.87
N PRO J 160 -69.31 17.94 53.89
CA PRO J 160 -68.04 17.37 54.36
C PRO J 160 -66.86 18.27 54.05
N LEU J 161 -67.08 19.24 53.16
CA LEU J 161 -66.06 20.23 52.83
C LEU J 161 -66.74 21.39 52.11
N PHE J 162 -65.93 22.24 51.48
CA PHE J 162 -66.46 23.33 50.66
C PHE J 162 -67.42 22.81 49.61
N HIS J 163 -66.97 21.88 48.78
CA HIS J 163 -67.71 21.47 47.60
C HIS J 163 -67.77 19.96 47.51
N THR J 164 -67.93 19.31 48.66
CA THR J 164 -68.36 17.92 48.76
C THR J 164 -67.41 16.98 48.01
N TRP J 165 -66.19 16.91 48.50
CA TRP J 165 -65.25 15.90 48.09
C TRP J 165 -65.09 14.84 49.18
N PRO J 166 -64.61 13.64 48.83
CA PRO J 166 -64.47 12.61 49.85
C PRO J 166 -63.44 12.94 50.90
N THR J 167 -62.44 13.75 50.57
CA THR J 167 -61.34 14.16 51.43
C THR J 167 -60.39 12.99 51.67
N THR J 168 -60.80 11.80 51.22
CA THR J 168 -59.84 10.74 50.97
C THR J 168 -59.19 10.96 49.61
N HIS J 169 -60.01 11.32 48.63
CA HIS J 169 -59.61 11.77 47.32
C HIS J 169 -58.41 12.70 47.43
N PHE J 170 -58.41 13.56 48.45
CA PHE J 170 -57.27 14.44 48.67
C PHE J 170 -55.99 13.64 48.88
N TYR J 171 -56.04 12.68 49.80
CA TYR J 171 -54.85 11.88 50.05
C TYR J 171 -54.44 11.12 48.81
N GLU J 172 -55.41 10.59 48.08
CA GLU J 172 -55.09 9.91 46.83
C GLU J 172 -54.32 10.83 45.90
N VAL J 173 -54.80 12.06 45.74
CA VAL J 173 -54.13 13.05 44.90
C VAL J 173 -52.70 13.24 45.36
N SER J 174 -52.53 13.59 46.63
CA SER J 174 -51.20 13.91 47.13
C SER J 174 -50.29 12.70 47.03
N HIS J 175 -50.83 11.50 47.16
CA HIS J 175 -50.00 10.31 47.09
C HIS J 175 -49.52 10.07 45.67
N LYS J 176 -50.41 10.22 44.68
CA LYS J 176 -49.98 10.11 43.30
C LYS J 176 -48.92 11.15 42.99
N LEU J 177 -49.15 12.39 43.41
CA LEU J 177 -48.17 13.45 43.20
C LEU J 177 -46.83 13.07 43.78
N LEU J 178 -46.83 12.64 45.05
CA LEU J 178 -45.60 12.31 45.72
C LEU J 178 -44.86 11.21 44.99
N GLU J 179 -45.56 10.14 44.62
CA GLU J 179 -44.91 9.02 43.95
C GLU J 179 -44.27 9.48 42.66
N MET J 180 -45.03 10.20 41.84
CA MET J 180 -44.48 10.73 40.61
C MET J 180 -43.19 11.48 40.89
N TYR J 181 -43.28 12.51 41.71
CA TYR J 181 -42.13 13.39 41.84
C TYR J 181 -40.94 12.66 42.44
N ARG J 182 -41.19 11.69 43.33
CA ARG J 182 -40.07 10.99 43.95
C ARG J 182 -39.33 10.13 42.93
N LYS J 183 -40.07 9.36 42.15
CA LYS J 183 -39.39 8.59 41.11
C LYS J 183 -38.65 9.52 40.17
N GLU J 184 -39.24 10.68 39.89
CA GLU J 184 -38.57 11.67 39.06
C GLU J 184 -37.23 12.06 39.67
N LEU J 185 -37.24 12.31 40.97
CA LEU J 185 -36.00 12.68 41.64
C LEU J 185 -34.96 11.58 41.49
N LEU J 186 -35.39 10.33 41.61
CA LEU J 186 -34.45 9.24 41.46
C LEU J 186 -33.80 9.26 40.08
N LEU J 187 -34.62 9.45 39.05
CA LEU J 187 -34.06 9.49 37.71
C LEU J 187 -33.08 10.64 37.54
N LYS J 188 -33.44 11.81 38.07
CA LYS J 188 -32.50 12.93 38.02
C LYS J 188 -31.20 12.56 38.71
N ARG J 189 -31.29 11.87 39.84
CA ARG J 189 -30.06 11.51 40.55
C ARG J 189 -29.20 10.61 39.68
N THR J 190 -29.81 9.66 38.98
CA THR J 190 -28.99 8.79 38.14
C THR J 190 -28.38 9.56 36.99
N VAL J 191 -29.12 10.47 36.38
CA VAL J 191 -28.52 11.19 35.26
C VAL J 191 -27.38 12.07 35.73
N ALA J 192 -27.47 12.62 36.95
CA ALA J 192 -26.31 13.32 37.49
C ALA J 192 -25.15 12.37 37.68
N LYS J 193 -25.42 11.26 38.38
CA LYS J 193 -24.42 10.23 38.64
C LYS J 193 -23.70 9.77 37.39
N GLU J 194 -24.31 9.90 36.22
CA GLU J 194 -23.65 9.40 35.03
C GLU J 194 -23.17 10.48 34.06
N LEU J 195 -23.63 11.71 34.20
CA LEU J 195 -23.43 12.68 33.12
C LEU J 195 -21.96 12.99 32.90
N ALA J 196 -21.15 12.96 33.96
CA ALA J 196 -19.78 13.44 33.86
C ALA J 196 -19.00 12.67 32.80
N HIS J 197 -18.82 11.38 33.02
CA HIS J 197 -17.99 10.55 32.14
C HIS J 197 -18.90 9.65 31.32
N THR J 198 -19.30 10.12 30.15
CA THR J 198 -20.10 9.36 29.22
C THR J 198 -19.34 9.23 27.90
N GLY J 199 -19.62 8.15 27.18
CA GLY J 199 -18.92 7.88 25.95
C GLY J 199 -19.59 8.52 24.75
N ASP J 200 -20.07 7.68 23.85
CA ASP J 200 -20.77 8.08 22.63
C ASP J 200 -21.76 9.21 22.89
N PRO J 201 -21.86 10.18 22.00
CA PRO J 201 -22.66 11.37 22.33
C PRO J 201 -24.14 11.08 22.42
N ASP J 202 -24.61 10.05 21.73
CA ASP J 202 -26.04 9.79 21.74
C ASP J 202 -26.55 9.54 23.15
N LEU J 203 -25.76 8.84 23.97
CA LEU J 203 -26.08 8.78 25.38
C LEU J 203 -26.25 10.18 25.95
N THR J 204 -25.36 11.10 25.58
CA THR J 204 -25.40 12.43 26.17
C THR J 204 -26.70 13.15 25.81
N LEU J 205 -27.10 13.07 24.54
CA LEU J 205 -28.37 13.69 24.16
C LEU J 205 -29.53 13.05 24.90
N SER J 206 -29.58 11.72 24.92
CA SER J 206 -30.68 11.07 25.62
C SER J 206 -30.71 11.46 27.09
N TYR J 207 -29.55 11.69 27.68
CA TYR J 207 -29.52 12.05 29.09
C TYR J 207 -30.02 13.47 29.29
N LEU J 208 -29.53 14.41 28.49
CA LEU J 208 -30.07 15.76 28.56
C LEU J 208 -31.57 15.73 28.43
N SER J 209 -32.08 14.89 27.53
CA SER J 209 -33.51 14.72 27.40
C SER J 209 -34.12 14.29 28.72
N MET J 210 -33.69 13.14 29.22
CA MET J 210 -34.21 12.63 30.49
C MET J 210 -34.26 13.72 31.54
N TRP J 211 -33.29 14.62 31.52
CA TRP J 211 -33.31 15.69 32.49
C TRP J 211 -34.42 16.67 32.20
N LEU J 212 -34.61 17.03 30.94
CA LEU J 212 -35.52 18.13 30.66
C LEU J 212 -36.98 17.69 30.65
N HIS J 213 -37.30 16.63 29.90
CA HIS J 213 -38.70 16.29 29.72
C HIS J 213 -39.35 15.67 30.96
N GLN J 214 -38.58 15.36 31.99
CA GLN J 214 -39.11 14.83 33.24
C GLN J 214 -39.99 13.61 32.99
N PRO J 215 -39.46 12.58 32.37
CA PRO J 215 -40.32 11.50 31.89
C PRO J 215 -40.85 10.64 33.01
N TYR J 216 -41.37 11.25 34.07
CA TYR J 216 -42.14 10.47 35.02
C TYR J 216 -43.31 11.28 35.57
N VAL J 217 -43.71 12.33 34.89
CA VAL J 217 -44.75 13.23 35.37
C VAL J 217 -45.85 13.21 34.31
N GLU J 218 -46.84 12.35 34.49
CA GLU J 218 -47.95 12.32 33.55
C GLU J 218 -48.68 13.65 33.58
N SER J 219 -48.93 14.21 32.40
CA SER J 219 -49.36 15.61 32.29
C SER J 219 -50.59 15.88 33.15
N ASP J 220 -51.56 14.96 33.14
CA ASP J 220 -52.79 15.17 33.89
C ASP J 220 -52.54 15.56 35.34
N SER J 221 -51.34 15.28 35.86
CA SER J 221 -50.97 15.74 37.18
C SER J 221 -51.39 17.18 37.39
N ARG J 222 -50.90 18.08 36.54
CA ARG J 222 -51.27 19.47 36.69
C ARG J 222 -52.78 19.61 36.75
N LEU J 223 -53.48 19.02 35.79
CA LEU J 223 -54.93 18.97 35.81
C LEU J 223 -55.43 18.55 37.19
N HIS J 224 -55.00 17.36 37.63
CA HIS J 224 -55.34 16.90 38.96
C HIS J 224 -55.20 18.01 39.96
N LEU J 225 -53.98 18.53 40.09
CA LEU J 225 -53.74 19.60 41.07
C LEU J 225 -54.73 20.72 40.87
N GLU J 226 -54.82 21.23 39.64
CA GLU J 226 -55.75 22.29 39.34
C GLU J 226 -57.13 21.96 39.89
N SER J 227 -57.65 20.79 39.51
CA SER J 227 -58.95 20.34 40.01
C SER J 227 -59.01 20.47 41.52
N MET J 228 -58.07 19.82 42.20
CA MET J 228 -58.04 19.93 43.65
C MET J 228 -57.83 21.38 44.06
N LEU J 229 -56.86 22.05 43.43
CA LEU J 229 -56.66 23.46 43.74
C LEU J 229 -57.93 24.25 43.52
N LEU J 230 -58.75 23.83 42.55
CA LEU J 230 -59.96 24.55 42.26
C LEU J 230 -60.93 24.51 43.43
N GLU J 231 -60.97 23.39 44.15
CA GLU J 231 -62.02 23.25 45.15
C GLU J 231 -61.76 24.08 46.40
N THR J 232 -60.63 24.79 46.47
CA THR J 232 -60.30 25.61 47.62
C THR J 232 -59.73 26.96 47.17
N GLY J 233 -60.39 27.58 46.19
CA GLY J 233 -59.94 28.87 45.68
C GLY J 233 -58.57 28.86 45.05
N GLY K 71 -15.67 15.85 78.45
CA GLY K 71 -15.64 14.50 77.91
C GLY K 71 -17.00 14.03 77.45
N THR K 72 -18.01 14.84 77.72
CA THR K 72 -19.39 14.53 77.36
C THR K 72 -19.99 15.70 76.61
N LEU K 73 -20.81 15.41 75.61
CA LEU K 73 -21.30 16.45 74.73
C LEU K 73 -22.51 15.93 73.95
N THR K 74 -23.37 16.85 73.53
CA THR K 74 -24.63 16.52 72.86
C THR K 74 -24.48 16.76 71.37
N VAL K 75 -24.66 15.69 70.58
CA VAL K 75 -24.55 15.81 69.14
C VAL K 75 -25.65 16.72 68.60
N THR K 76 -25.35 17.40 67.51
CA THR K 76 -26.29 18.28 66.83
C THR K 76 -25.92 18.28 65.35
N ASN K 77 -26.40 19.29 64.61
CA ASN K 77 -26.02 19.46 63.22
C ASN K 77 -25.32 20.79 63.06
N LEU K 78 -24.33 20.83 62.16
CA LEU K 78 -23.48 22.00 61.98
C LEU K 78 -24.26 23.14 61.33
N LEU K 79 -23.58 24.26 61.10
CA LEU K 79 -24.22 25.35 60.37
C LEU K 79 -24.39 24.98 58.90
N GLU K 80 -25.54 25.37 58.35
CA GLU K 80 -25.90 24.95 57.00
C GLU K 80 -24.89 25.48 55.98
N LYS K 81 -24.80 26.80 55.86
CA LYS K 81 -23.84 27.39 54.94
C LYS K 81 -22.43 27.17 55.44
N VAL K 82 -21.50 27.00 54.49
CA VAL K 82 -20.09 26.91 54.83
C VAL K 82 -19.57 28.33 54.86
N ASP K 83 -19.76 28.97 56.01
CA ASP K 83 -19.27 30.33 56.21
C ASP K 83 -17.77 30.35 55.91
N ASP K 84 -17.38 31.08 54.89
CA ASP K 84 -16.06 30.91 54.30
C ASP K 84 -14.96 31.27 55.22
N LYS K 85 -15.26 31.62 56.48
CA LYS K 85 -14.21 31.61 57.48
C LYS K 85 -13.90 30.16 57.83
N ILE K 86 -13.37 29.43 56.86
CA ILE K 86 -13.02 28.02 57.04
C ILE K 86 -11.79 27.73 56.20
N PRO K 87 -10.86 26.92 56.67
CA PRO K 87 -9.69 26.61 55.85
C PRO K 87 -10.06 25.76 54.65
N LYS K 88 -9.07 25.34 53.87
CA LYS K 88 -9.33 24.53 52.71
C LYS K 88 -8.72 23.14 52.76
N THR K 89 -7.74 22.92 53.61
CA THR K 89 -7.33 21.55 53.93
C THR K 89 -8.28 20.89 54.90
N PHE K 90 -9.37 21.57 55.24
CA PHE K 90 -10.34 21.08 56.21
C PHE K 90 -11.75 21.03 55.65
N GLN K 91 -11.93 21.17 54.34
CA GLN K 91 -13.28 21.22 53.77
C GLN K 91 -14.13 20.06 54.25
N ASN K 92 -13.52 18.90 54.47
CA ASN K 92 -14.16 17.77 55.09
C ASN K 92 -13.46 17.45 56.40
N SER K 93 -14.07 16.58 57.18
CA SER K 93 -13.54 16.19 58.48
C SER K 93 -13.46 17.40 59.41
N LEU K 94 -14.60 18.06 59.59
CA LEU K 94 -14.73 19.12 60.56
C LEU K 94 -15.83 18.79 61.54
N ILE K 95 -15.63 19.23 62.79
CA ILE K 95 -16.67 19.14 63.82
C ILE K 95 -16.68 20.50 64.52
N HIS K 96 -17.60 21.37 64.10
CA HIS K 96 -17.66 22.71 64.66
C HIS K 96 -17.85 22.64 66.17
N LEU K 97 -17.52 23.72 66.86
CA LEU K 97 -17.57 23.72 68.31
C LEU K 97 -17.85 25.14 68.78
N GLY K 98 -17.63 25.38 70.05
CA GLY K 98 -17.75 26.73 70.60
C GLY K 98 -16.56 27.03 71.47
N LEU K 99 -16.09 28.28 71.41
CA LEU K 99 -14.91 28.68 72.16
C LEU K 99 -15.01 28.25 73.61
N ASN K 100 -16.19 28.39 74.21
CA ASN K 100 -16.38 27.97 75.59
C ASN K 100 -16.23 26.46 75.72
N THR K 101 -16.98 25.71 74.91
CA THR K 101 -16.81 24.26 74.94
C THR K 101 -15.48 23.84 74.35
N MET K 102 -14.86 24.70 73.54
CA MET K 102 -13.47 24.45 73.14
C MET K 102 -12.58 24.40 74.36
N LYS K 103 -12.69 25.41 75.22
CA LYS K 103 -11.81 25.49 76.39
C LYS K 103 -12.15 24.44 77.42
N SER K 104 -13.44 24.12 77.60
CA SER K 104 -13.83 23.26 78.70
C SER K 104 -13.31 21.84 78.57
N ALA K 105 -12.60 21.51 77.49
CA ALA K 105 -12.08 20.16 77.33
C ALA K 105 -10.65 20.13 76.79
N ASN K 106 -9.96 21.27 76.77
CA ASN K 106 -8.61 21.35 76.24
C ASN K 106 -8.56 20.89 74.78
N ILE K 107 -9.28 21.64 73.95
CA ILE K 107 -9.40 21.35 72.53
C ILE K 107 -8.78 22.51 71.78
N CYS K 108 -7.66 22.28 71.12
CA CYS K 108 -6.90 23.35 70.49
C CYS K 108 -7.20 23.37 68.99
N ILE K 109 -7.18 24.58 68.42
CA ILE K 109 -7.57 24.73 67.03
C ILE K 109 -6.72 23.85 66.14
N GLY K 110 -7.27 23.46 65.00
CA GLY K 110 -6.51 22.76 63.99
C GLY K 110 -6.01 21.40 64.42
N ARG K 111 -6.14 21.07 65.69
CA ARG K 111 -5.70 19.79 66.20
C ARG K 111 -6.70 18.71 65.82
N PRO K 112 -6.33 17.46 65.94
CA PRO K 112 -7.30 16.38 65.85
C PRO K 112 -7.98 16.17 67.20
N VAL K 113 -8.99 15.29 67.19
CA VAL K 113 -9.76 14.99 68.39
C VAL K 113 -10.53 13.71 68.12
N LEU K 114 -10.93 13.01 69.18
CA LEU K 114 -11.51 11.69 69.09
C LEU K 114 -12.99 11.71 69.49
N LEU K 115 -13.78 10.90 68.80
CA LEU K 115 -15.21 10.78 69.02
C LEU K 115 -15.50 9.33 69.35
N THR K 116 -16.12 9.10 70.51
CA THR K 116 -16.49 7.77 70.97
C THR K 116 -18.01 7.70 71.09
N SER K 117 -18.58 6.65 70.50
CA SER K 117 -20.01 6.46 70.40
C SER K 117 -20.54 5.69 71.60
N LEU K 118 -21.82 5.82 71.85
CA LEU K 118 -22.40 5.04 72.93
C LEU K 118 -22.63 3.61 72.54
N ASN K 119 -22.22 3.20 71.35
CA ASN K 119 -22.30 1.81 70.93
C ASN K 119 -20.94 1.15 70.82
N GLY K 120 -19.86 1.88 71.10
CA GLY K 120 -18.53 1.34 70.96
C GLY K 120 -17.88 1.58 69.62
N LYS K 121 -18.29 2.60 68.90
CA LYS K 121 -17.65 2.98 67.65
C LYS K 121 -16.89 4.28 67.84
N GLN K 122 -15.86 4.48 67.03
CA GLN K 122 -14.96 5.60 67.21
C GLN K 122 -14.59 6.22 65.88
N GLU K 123 -14.37 7.52 65.89
CA GLU K 123 -13.78 8.17 64.73
C GLU K 123 -13.21 9.51 65.13
N VAL K 124 -12.18 9.93 64.40
CA VAL K 124 -11.37 11.10 64.75
C VAL K 124 -11.55 12.18 63.71
N TYR K 125 -11.55 13.43 64.18
CA TYR K 125 -11.83 14.55 63.30
C TYR K 125 -11.03 15.76 63.75
N THR K 126 -10.89 16.72 62.83
CA THR K 126 -10.12 17.92 63.07
C THR K 126 -11.02 18.97 63.70
N ALA K 127 -10.80 19.28 64.97
CA ALA K 127 -11.63 20.27 65.64
C ALA K 127 -11.50 21.61 64.95
N TRP K 128 -12.48 22.46 65.18
CA TRP K 128 -12.46 23.81 64.63
C TRP K 128 -13.43 24.69 65.41
N PRO K 129 -12.99 25.82 65.91
CA PRO K 129 -13.73 26.50 66.96
C PRO K 129 -14.78 27.47 66.46
N MET K 130 -15.18 27.36 65.20
CA MET K 130 -16.13 28.29 64.57
C MET K 130 -17.17 28.79 65.55
N ALA K 131 -17.29 30.11 65.67
CA ALA K 131 -18.11 30.74 66.71
C ALA K 131 -19.57 30.77 66.26
N GLY K 132 -20.22 29.63 66.39
CA GLY K 132 -21.64 29.53 66.09
C GLY K 132 -22.48 29.17 67.29
N PHE K 133 -23.00 27.95 67.30
CA PHE K 133 -23.88 27.49 68.35
C PHE K 133 -23.14 27.41 69.68
N PRO K 134 -23.85 27.40 70.80
CA PRO K 134 -23.20 27.41 72.11
C PRO K 134 -22.77 26.02 72.54
N GLY K 135 -22.23 25.95 73.75
CA GLY K 135 -21.64 24.74 74.27
C GLY K 135 -22.61 23.59 74.42
N GLY K 136 -22.10 22.42 74.78
CA GLY K 136 -22.92 21.23 74.89
C GLY K 136 -23.20 20.61 73.53
N LYS K 137 -23.26 21.45 72.51
CA LYS K 137 -23.55 21.02 71.16
C LYS K 137 -22.28 21.00 70.33
N VAL K 138 -22.09 19.91 69.58
CA VAL K 138 -20.93 19.75 68.71
C VAL K 138 -21.45 19.29 67.34
N GLY K 139 -21.62 20.25 66.44
CA GLY K 139 -22.10 19.91 65.12
C GLY K 139 -21.14 18.96 64.43
N LEU K 140 -21.69 18.02 63.68
CA LEU K 140 -20.89 17.10 62.91
C LEU K 140 -21.33 17.17 61.46
N SER K 141 -20.82 16.23 60.66
CA SER K 141 -21.32 16.04 59.31
C SER K 141 -22.25 14.84 59.28
N GLU K 142 -23.10 14.81 58.26
CA GLU K 142 -24.06 13.71 58.14
C GLU K 142 -23.35 12.38 58.04
N MET K 143 -22.29 12.32 57.23
CA MET K 143 -21.54 11.08 57.08
C MET K 143 -20.83 10.72 58.38
N ALA K 144 -20.39 11.72 59.14
CA ALA K 144 -19.88 11.47 60.48
C ALA K 144 -20.94 10.81 61.35
N GLN K 145 -22.14 11.37 61.36
CA GLN K 145 -23.22 10.81 62.17
C GLN K 145 -23.56 9.41 61.73
N LYS K 146 -23.41 9.11 60.44
CA LYS K 146 -23.60 7.74 59.98
C LYS K 146 -22.53 6.82 60.54
N ASN K 147 -21.26 7.19 60.34
CA ASN K 147 -20.17 6.33 60.78
C ASN K 147 -20.23 6.09 62.29
N VAL K 148 -20.43 7.16 63.06
CA VAL K 148 -20.63 6.99 64.49
C VAL K 148 -21.95 6.30 64.77
N GLY K 149 -22.92 6.47 63.88
CA GLY K 149 -24.24 5.90 64.08
C GLY K 149 -24.98 6.57 65.22
N VAL K 150 -25.18 7.87 65.13
CA VAL K 150 -25.96 8.61 66.10
C VAL K 150 -26.89 9.55 65.36
N ARG K 151 -27.69 10.31 66.11
CA ARG K 151 -28.65 11.23 65.55
C ARG K 151 -28.75 12.43 66.49
N PRO K 152 -29.29 13.56 66.01
CA PRO K 152 -29.32 14.78 66.83
C PRO K 152 -29.82 14.58 68.25
N GLY K 153 -29.40 15.46 69.15
CA GLY K 153 -29.80 15.39 70.54
C GLY K 153 -29.00 14.40 71.35
N ASP K 154 -28.60 13.30 70.72
CA ASP K 154 -27.85 12.25 71.38
C ASP K 154 -26.55 12.79 71.96
N ALA K 155 -25.99 12.03 72.91
CA ALA K 155 -24.72 12.36 73.54
C ALA K 155 -23.59 11.56 72.93
N ILE K 156 -22.36 12.09 73.07
CA ILE K 156 -21.17 11.47 72.51
C ILE K 156 -19.97 11.87 73.35
N GLN K 157 -18.88 11.11 73.24
CA GLN K 157 -17.68 11.35 74.02
C GLN K 157 -16.63 12.01 73.14
N VAL K 158 -16.02 13.07 73.66
CA VAL K 158 -15.00 13.84 72.96
C VAL K 158 -13.70 13.75 73.73
N GLN K 159 -12.59 13.52 73.02
CA GLN K 159 -11.32 13.45 73.71
C GLN K 159 -10.21 14.11 72.92
N PRO K 160 -9.49 15.07 73.50
CA PRO K 160 -8.39 15.70 72.78
C PRO K 160 -7.26 14.71 72.56
N LEU K 161 -6.97 14.45 71.29
CA LEU K 161 -5.93 13.50 70.95
C LEU K 161 -4.59 13.95 71.51
N VAL K 162 -3.84 13.01 72.09
CA VAL K 162 -2.56 13.34 72.72
C VAL K 162 -1.44 12.48 72.14
N GLY K 163 -1.77 11.30 71.66
CA GLY K 163 -0.75 10.36 71.27
C GLY K 163 -0.04 10.77 70.01
N ALA K 164 0.73 9.83 69.47
CA ALA K 164 1.50 10.07 68.27
C ALA K 164 0.60 10.15 67.06
N VAL K 165 1.14 10.73 65.99
CA VAL K 165 0.45 10.79 64.71
C VAL K 165 1.50 10.64 63.62
N LEU K 166 1.46 9.55 62.88
CA LEU K 166 2.50 9.31 61.90
C LEU K 166 1.89 9.35 60.51
N GLN K 167 2.70 9.05 59.51
CA GLN K 167 2.22 8.98 58.15
C GLN K 167 1.93 7.53 57.80
N ALA K 168 0.88 7.31 57.01
CA ALA K 168 0.30 5.99 56.79
C ALA K 168 0.68 5.51 55.40
N GLU K 169 1.54 4.50 55.33
CA GLU K 169 2.03 4.12 54.01
C GLU K 169 0.94 3.43 53.19
N GLU K 170 0.46 2.28 53.65
CA GLU K 170 -0.39 1.41 52.84
C GLU K 170 -1.78 1.30 53.44
N MET K 171 -2.79 1.43 52.60
CA MET K 171 -4.18 1.31 53.01
C MET K 171 -4.93 0.43 52.01
N ASP K 172 -5.77 -0.46 52.53
CA ASP K 172 -6.51 -1.39 51.69
C ASP K 172 -7.99 -1.29 51.98
N VAL K 173 -8.78 -0.96 50.96
CA VAL K 173 -10.21 -0.79 51.12
C VAL K 173 -10.92 -1.49 49.98
N ALA K 174 -12.18 -1.84 50.22
CA ALA K 174 -13.03 -2.47 49.23
C ALA K 174 -14.27 -1.62 49.01
N LEU K 175 -14.76 -1.62 47.79
CA LEU K 175 -15.92 -0.81 47.45
C LEU K 175 -17.16 -1.33 48.17
N SER K 176 -18.16 -0.46 48.29
CA SER K 176 -19.49 -0.84 48.76
C SER K 176 -20.29 -1.51 47.68
N ASP K 177 -19.61 -1.96 46.61
CA ASP K 177 -20.21 -2.67 45.49
C ASP K 177 -21.20 -1.78 44.74
N LYS K 178 -20.79 -0.54 44.49
CA LYS K 178 -21.36 0.18 43.37
C LYS K 178 -21.02 -0.51 42.06
N ASP K 179 -19.95 -1.30 42.05
CA ASP K 179 -19.53 -2.10 40.92
C ASP K 179 -19.51 -1.27 39.64
N MET K 180 -19.09 -0.03 39.78
CA MET K 180 -18.71 0.76 38.60
C MET K 180 -17.65 -0.01 37.83
N GLU K 181 -17.54 0.30 36.54
CA GLU K 181 -16.42 -0.22 35.79
C GLU K 181 -15.16 0.17 36.55
N ILE K 182 -14.45 -0.82 37.08
CA ILE K 182 -13.39 -0.55 38.05
C ILE K 182 -12.34 0.37 37.44
N ASN K 183 -11.97 1.39 38.20
CA ASN K 183 -11.07 2.45 37.73
C ASN K 183 -9.93 2.63 38.72
N GLU K 184 -9.26 1.52 39.05
CA GLU K 184 -8.40 1.40 40.22
C GLU K 184 -7.52 2.62 40.51
N GLU K 185 -6.60 2.94 39.61
CA GLU K 185 -5.73 4.08 39.90
C GLU K 185 -6.47 5.39 39.66
N GLU K 186 -7.38 5.42 38.70
CA GLU K 186 -8.14 6.62 38.44
C GLU K 186 -8.80 7.16 39.70
N LEU K 187 -9.14 6.27 40.63
CA LEU K 187 -9.84 6.71 41.83
C LEU K 187 -8.87 7.31 42.84
N THR K 188 -7.74 6.65 43.07
CA THR K 188 -6.77 7.13 44.06
C THR K 188 -6.40 8.58 43.81
N GLY K 189 -6.28 8.95 42.53
CA GLY K 189 -5.97 10.31 42.16
C GLY K 189 -6.94 11.32 42.73
N CYS K 190 -8.16 10.88 43.04
CA CYS K 190 -9.14 11.74 43.66
C CYS K 190 -9.25 11.52 45.16
N ILE K 191 -9.10 10.28 45.61
CA ILE K 191 -9.10 10.01 47.04
C ILE K 191 -8.07 10.88 47.74
N LEU K 192 -6.82 10.81 47.27
CA LEU K 192 -5.75 11.56 47.92
C LEU K 192 -5.99 13.06 47.80
N ARG K 193 -6.20 13.55 46.59
CA ARG K 193 -6.45 14.97 46.39
C ARG K 193 -7.71 15.45 47.10
N LYS K 194 -8.51 14.56 47.67
CA LYS K 194 -9.74 14.97 48.31
C LYS K 194 -9.79 14.63 49.80
N LEU K 195 -8.79 13.94 50.33
CA LEU K 195 -8.89 13.55 51.72
C LEU K 195 -7.63 13.69 52.54
N ASP K 196 -6.55 14.25 52.00
CA ASP K 196 -5.30 14.28 52.76
C ASP K 196 -5.50 14.98 54.10
N GLY K 197 -5.41 14.23 55.19
CA GLY K 197 -5.65 14.77 56.50
C GLY K 197 -6.59 13.92 57.31
N LYS K 198 -7.46 13.18 56.64
CA LYS K 198 -8.45 12.38 57.34
C LYS K 198 -7.77 11.18 57.96
N ILE K 199 -7.46 11.28 59.25
CA ILE K 199 -7.03 10.13 60.01
C ILE K 199 -8.04 9.01 59.83
N VAL K 200 -7.56 7.78 59.72
CA VAL K 200 -8.48 6.67 59.47
C VAL K 200 -8.38 5.66 60.59
N LEU K 201 -9.18 4.61 60.49
CA LEU K 201 -9.30 3.57 61.49
C LEU K 201 -9.80 2.32 60.81
N PRO K 202 -9.55 1.14 61.34
CA PRO K 202 -9.99 -0.07 60.66
C PRO K 202 -11.49 -0.08 60.52
N GLY K 203 -11.97 -0.23 59.28
CA GLY K 203 -13.39 -0.29 59.05
C GLY K 203 -14.10 1.03 59.26
N ASN K 204 -13.85 1.99 58.38
CA ASN K 204 -14.69 3.17 58.33
C ASN K 204 -15.16 3.43 56.90
N PHE K 205 -15.82 4.57 56.71
CA PHE K 205 -16.38 4.91 55.42
C PHE K 205 -15.79 6.23 54.96
N LEU K 206 -15.42 6.30 53.69
CA LEU K 206 -14.92 7.53 53.10
C LEU K 206 -15.94 8.04 52.09
N TYR K 207 -15.69 9.24 51.58
CA TYR K 207 -16.60 9.85 50.62
C TYR K 207 -15.81 10.73 49.67
N CYS K 208 -15.40 10.16 48.56
CA CYS K 208 -14.97 11.00 47.46
C CYS K 208 -16.14 11.23 46.52
N THR K 209 -16.00 12.19 45.62
CA THR K 209 -16.96 12.36 44.53
C THR K 209 -16.13 12.56 43.27
N PHE K 210 -15.74 11.45 42.65
CA PHE K 210 -14.87 11.49 41.48
C PHE K 210 -15.71 11.87 40.27
N TYR K 211 -15.66 13.13 39.88
CA TYR K 211 -16.41 13.63 38.73
C TYR K 211 -17.92 13.41 38.92
N GLY K 212 -18.46 14.07 39.92
CA GLY K 212 -19.91 14.01 40.14
C GLY K 212 -20.48 12.82 40.85
N ARG K 213 -20.08 11.61 40.43
CA ARG K 213 -20.70 10.41 40.99
C ARG K 213 -20.21 10.19 42.41
N PRO K 214 -20.97 9.45 43.21
CA PRO K 214 -20.55 9.20 44.59
C PRO K 214 -19.76 7.92 44.73
N TYR K 215 -19.34 7.63 45.96
CA TYR K 215 -18.62 6.41 46.26
C TYR K 215 -18.77 6.11 47.74
N LYS K 216 -18.28 4.94 48.12
CA LYS K 216 -18.31 4.55 49.52
C LYS K 216 -17.35 3.40 49.70
N LEU K 217 -16.30 3.60 50.50
CA LEU K 217 -15.25 2.62 50.68
C LEU K 217 -15.30 2.03 52.08
N GLN K 218 -14.44 1.04 52.31
CA GLN K 218 -14.42 0.34 53.58
C GLN K 218 -12.98 0.03 53.97
N VAL K 219 -12.52 0.63 55.06
CA VAL K 219 -11.17 0.40 55.52
C VAL K 219 -11.02 -1.04 55.98
N LEU K 220 -9.97 -1.70 55.51
CA LEU K 220 -9.67 -3.06 55.94
C LEU K 220 -8.34 -3.18 56.65
N ARG K 221 -7.29 -2.53 56.15
CA ARG K 221 -6.01 -2.58 56.82
C ARG K 221 -5.20 -1.36 56.47
N VAL K 222 -4.42 -0.89 57.43
CA VAL K 222 -3.48 0.21 57.23
C VAL K 222 -2.11 -0.22 57.73
N LYS K 223 -1.08 0.09 56.96
CA LYS K 223 0.30 -0.16 57.35
C LYS K 223 0.96 1.17 57.65
N GLY K 224 1.52 1.29 58.84
CA GLY K 224 2.07 2.53 59.32
C GLY K 224 3.58 2.50 59.33
N ALA K 225 4.17 3.57 58.78
CA ALA K 225 5.60 3.65 58.51
C ALA K 225 6.44 3.20 59.70
N ASP K 226 5.90 3.33 60.91
CA ASP K 226 6.59 2.74 62.04
C ASP K 226 6.26 1.26 62.08
N GLY K 227 6.41 0.60 60.93
CA GLY K 227 6.26 -0.83 60.79
C GLY K 227 5.15 -1.46 61.60
N MET K 228 3.97 -0.86 61.61
CA MET K 228 2.89 -1.45 62.36
C MET K 228 1.69 -1.66 61.44
N ILE K 229 0.70 -2.38 61.95
CA ILE K 229 -0.45 -2.79 61.16
C ILE K 229 -1.70 -2.60 62.00
N LEU K 230 -2.75 -2.09 61.37
CA LEU K 230 -4.05 -2.00 62.01
C LEU K 230 -5.10 -2.55 61.07
N GLY K 231 -6.04 -3.31 61.63
CA GLY K 231 -7.11 -3.89 60.84
C GLY K 231 -6.80 -5.28 60.35
N ALA K 343 -5.90 1.06 68.74
CA ALA K 343 -6.60 2.22 68.21
C ALA K 343 -8.00 2.32 68.79
N LYS K 344 -8.09 2.36 70.11
CA LYS K 344 -9.35 2.59 70.79
C LYS K 344 -9.28 3.62 71.90
N CYS K 345 -8.10 3.88 72.46
CA CYS K 345 -7.94 4.87 73.52
C CYS K 345 -7.27 6.12 72.97
N ASN K 346 -7.42 7.20 73.70
CA ASN K 346 -6.94 8.50 73.26
C ASN K 346 -5.44 8.65 73.33
N THR K 347 -4.63 7.65 73.63
CA THR K 347 -3.19 7.84 73.74
C THR K 347 -2.45 6.75 72.99
N ASP K 348 -2.87 6.51 71.75
CA ASP K 348 -2.24 5.44 70.98
C ASP K 348 -1.79 5.95 69.62
N THR K 349 -1.30 5.06 68.77
CA THR K 349 -0.97 5.44 67.42
C THR K 349 -2.21 5.90 66.68
N PHE K 350 -1.99 6.56 65.55
CA PHE K 350 -3.01 6.77 64.53
C PHE K 350 -2.28 6.89 63.21
N TYR K 351 -3.01 7.17 62.16
CA TYR K 351 -2.39 7.26 60.84
C TYR K 351 -3.24 8.17 59.98
N PHE K 352 -2.63 8.78 58.97
CA PHE K 352 -3.43 9.60 58.09
C PHE K 352 -2.85 9.53 56.70
N ILE K 353 -3.66 9.93 55.73
CA ILE K 353 -3.30 9.77 54.33
C ILE K 353 -2.59 11.02 53.86
N SER K 354 -1.46 10.84 53.20
CA SER K 354 -0.70 11.92 52.60
C SER K 354 -0.44 11.56 51.16
N SER K 355 0.18 12.46 50.46
CA SER K 355 0.31 12.21 49.04
C SER K 355 1.23 11.11 48.72
N THR K 356 1.73 10.34 49.68
CA THR K 356 2.56 9.19 49.35
C THR K 356 1.90 7.86 49.66
N THR K 357 0.77 7.86 50.36
CA THR K 357 0.11 6.61 50.71
C THR K 357 -0.35 5.89 49.45
N ARG K 358 -0.12 4.58 49.41
CA ARG K 358 -0.67 3.74 48.36
C ARG K 358 -1.85 2.96 48.91
N VAL K 359 -2.76 2.61 48.01
CA VAL K 359 -3.99 1.92 48.40
C VAL K 359 -4.23 0.75 47.47
N ASN K 360 -4.85 -0.30 48.00
CA ASN K 360 -5.31 -1.43 47.21
C ASN K 360 -6.80 -1.66 47.42
N PHE K 361 -7.40 -2.35 46.47
CA PHE K 361 -8.84 -2.59 46.44
C PHE K 361 -9.10 -4.09 46.40
N THR K 362 -9.16 -4.73 47.56
CA THR K 362 -9.43 -6.16 47.66
C THR K 362 -10.61 -6.39 48.60
N GLU K 363 -11.51 -7.27 48.21
CA GLU K 363 -12.71 -7.57 48.98
C GLU K 363 -12.40 -8.17 50.35
N THR L 72 -80.43 14.81 35.14
CA THR L 72 -81.69 15.42 34.69
C THR L 72 -81.58 16.93 34.67
N LEU L 73 -81.13 17.48 33.54
CA LEU L 73 -80.99 18.92 33.42
C LEU L 73 -80.90 19.28 31.95
N THR L 74 -81.24 20.53 31.63
CA THR L 74 -81.31 20.96 30.24
C THR L 74 -79.92 21.26 29.70
N VAL L 75 -79.79 21.12 28.38
CA VAL L 75 -78.51 21.14 27.68
C VAL L 75 -78.43 22.40 26.83
N THR L 76 -77.39 23.18 27.04
CA THR L 76 -77.02 24.27 26.18
C THR L 76 -75.80 23.86 25.36
N ASN L 77 -75.22 24.82 24.64
CA ASN L 77 -73.95 24.61 23.96
C ASN L 77 -72.80 25.06 24.84
N LEU L 78 -71.68 24.35 24.76
CA LEU L 78 -70.53 24.64 25.60
C LEU L 78 -70.02 26.05 25.32
N LEU L 79 -69.45 26.67 26.36
CA LEU L 79 -69.13 28.09 26.32
C LEU L 79 -67.82 28.31 25.57
N GLU L 80 -67.29 29.53 25.69
CA GLU L 80 -66.09 29.95 24.97
C GLU L 80 -65.01 30.47 25.90
N LYS L 81 -65.12 30.24 27.20
CA LYS L 81 -64.24 30.82 28.21
C LYS L 81 -63.13 29.86 28.62
N VAL L 82 -62.61 29.11 27.65
CA VAL L 82 -61.61 28.08 27.85
C VAL L 82 -60.43 28.59 28.66
N ASP L 83 -59.79 27.70 29.43
CA ASP L 83 -58.68 28.06 30.28
C ASP L 83 -57.36 27.68 29.62
N ASP L 84 -56.34 28.52 29.82
CA ASP L 84 -55.01 28.19 29.32
C ASP L 84 -54.47 26.94 30.00
N LYS L 85 -54.73 26.80 31.30
CA LYS L 85 -54.39 25.59 32.02
C LYS L 85 -55.22 24.43 31.49
N ILE L 86 -55.00 23.24 32.05
CA ILE L 86 -55.66 22.03 31.60
C ILE L 86 -55.41 21.89 30.11
N PRO L 87 -54.22 21.48 29.70
CA PRO L 87 -53.84 21.52 28.28
C PRO L 87 -54.86 20.93 27.31
N LYS L 88 -54.72 21.34 26.05
CA LYS L 88 -55.72 21.09 25.00
C LYS L 88 -56.35 19.70 25.08
N THR L 89 -55.53 18.68 25.26
CA THR L 89 -56.04 17.30 25.26
C THR L 89 -57.23 17.16 26.19
N PHE L 90 -57.06 17.54 27.45
CA PHE L 90 -58.18 17.45 28.38
C PHE L 90 -59.21 18.53 28.11
N GLN L 91 -58.79 19.67 27.56
CA GLN L 91 -59.73 20.71 27.19
C GLN L 91 -60.81 20.17 26.26
N ASN L 92 -60.45 19.21 25.41
CA ASN L 92 -61.42 18.56 24.55
C ASN L 92 -62.47 17.82 25.36
N SER L 93 -62.05 16.78 26.08
CA SER L 93 -63.00 15.93 26.81
C SER L 93 -63.42 16.66 28.07
N LEU L 94 -64.59 17.28 28.03
CA LEU L 94 -65.06 18.08 29.14
C LEU L 94 -66.54 18.35 28.96
N ILE L 95 -67.21 18.66 30.06
CA ILE L 95 -68.52 19.30 30.05
C ILE L 95 -68.50 20.39 31.09
N HIS L 96 -69.30 21.43 30.87
CA HIS L 96 -69.24 22.64 31.66
C HIS L 96 -70.52 22.79 32.49
N LEU L 97 -70.35 23.30 33.70
CA LEU L 97 -71.42 23.34 34.68
C LEU L 97 -71.32 24.59 35.54
N GLY L 98 -72.35 24.79 36.37
CA GLY L 98 -72.36 25.87 37.33
C GLY L 98 -72.36 25.32 38.76
N LEU L 99 -72.12 26.22 39.71
CA LEU L 99 -71.95 25.81 41.10
C LEU L 99 -73.16 25.03 41.60
N ASN L 100 -74.36 25.59 41.45
CA ASN L 100 -75.55 24.87 41.87
C ASN L 100 -75.72 23.57 41.11
N THR L 101 -75.30 23.53 39.84
CA THR L 101 -75.37 22.29 39.10
C THR L 101 -74.48 21.22 39.72
N MET L 102 -73.35 21.64 40.28
CA MET L 102 -72.52 20.69 41.02
C MET L 102 -73.19 20.29 42.32
N LYS L 103 -73.75 21.24 43.04
CA LYS L 103 -74.29 21.00 44.37
C LYS L 103 -75.75 20.55 44.35
N SER L 104 -76.29 20.20 43.17
CA SER L 104 -77.65 19.70 43.06
C SER L 104 -77.67 18.18 42.92
N ALA L 105 -76.99 17.65 41.91
CA ALA L 105 -76.79 16.21 41.79
C ALA L 105 -75.63 15.73 42.63
N ASN L 106 -74.99 16.62 43.39
CA ASN L 106 -73.93 16.27 44.33
C ASN L 106 -72.75 15.62 43.63
N ILE L 107 -72.45 16.03 42.41
CA ILE L 107 -71.32 15.47 41.68
C ILE L 107 -70.04 16.08 42.23
N CYS L 108 -68.90 15.53 41.84
CA CYS L 108 -67.61 15.94 42.38
C CYS L 108 -66.66 16.33 41.24
N ILE L 109 -65.99 17.45 41.42
CA ILE L 109 -65.10 18.06 40.42
C ILE L 109 -64.08 17.04 39.92
N GLY L 110 -63.71 17.13 38.65
CA GLY L 110 -62.64 16.33 38.12
C GLY L 110 -62.88 14.84 38.18
N ARG L 111 -64.10 14.44 38.45
CA ARG L 111 -64.43 13.04 38.52
C ARG L 111 -65.33 12.67 37.36
N PRO L 112 -65.06 11.57 36.68
CA PRO L 112 -65.90 11.20 35.53
C PRO L 112 -67.38 11.17 35.88
N VAL L 113 -68.20 11.50 34.88
CA VAL L 113 -69.62 11.68 35.05
C VAL L 113 -70.33 11.10 33.83
N LEU L 114 -71.51 10.53 34.05
CA LEU L 114 -72.25 9.86 32.99
C LEU L 114 -73.39 10.74 32.50
N LEU L 115 -73.62 10.68 31.20
CA LEU L 115 -74.68 11.41 30.52
C LEU L 115 -75.55 10.40 29.78
N THR L 116 -76.85 10.66 29.76
CA THR L 116 -77.77 9.77 29.05
C THR L 116 -78.85 10.58 28.37
N SER L 117 -79.16 10.18 27.14
CA SER L 117 -80.28 10.75 26.41
C SER L 117 -81.52 9.87 26.57
N LEU L 118 -82.68 10.48 26.32
CA LEU L 118 -83.92 9.71 26.37
C LEU L 118 -83.93 8.61 25.31
N ASN L 119 -83.23 8.83 24.19
CA ASN L 119 -83.15 7.82 23.14
C ASN L 119 -82.47 6.55 23.64
N GLY L 120 -81.50 6.68 24.54
CA GLY L 120 -80.78 5.53 25.03
C GLY L 120 -79.30 5.58 24.71
N LYS L 121 -78.74 6.77 24.62
CA LYS L 121 -77.31 6.96 24.38
C LYS L 121 -76.65 7.38 25.69
N GLN L 122 -75.77 6.54 26.20
CA GLN L 122 -75.01 6.80 27.42
C GLN L 122 -73.56 7.07 27.06
N GLU L 123 -73.02 8.17 27.59
CA GLU L 123 -71.65 8.56 27.30
C GLU L 123 -71.05 9.24 28.52
N VAL L 124 -69.77 8.99 28.75
CA VAL L 124 -69.10 9.49 29.94
C VAL L 124 -68.16 10.63 29.55
N TYR L 125 -67.93 11.52 30.50
CA TYR L 125 -67.03 12.65 30.28
C TYR L 125 -66.44 13.07 31.62
N THR L 126 -65.70 14.18 31.61
CA THR L 126 -65.09 14.73 32.80
C THR L 126 -65.79 16.05 33.11
N ALA L 127 -66.58 16.07 34.18
CA ALA L 127 -67.34 17.26 34.53
C ALA L 127 -66.41 18.39 34.97
N TRP L 128 -66.90 19.62 34.82
CA TRP L 128 -66.13 20.76 35.29
C TRP L 128 -67.05 21.96 35.46
N PRO L 129 -67.06 22.60 36.61
CA PRO L 129 -67.83 23.84 36.75
C PRO L 129 -67.04 25.04 36.28
N MET L 130 -67.56 25.75 35.29
CA MET L 130 -66.92 26.95 34.77
C MET L 130 -67.53 28.19 35.40
N ALA L 131 -66.70 29.20 35.63
CA ALA L 131 -67.16 30.42 36.26
C ALA L 131 -68.20 31.12 35.39
N GLY L 132 -69.20 31.72 36.03
CA GLY L 132 -70.23 32.42 35.30
C GLY L 132 -71.13 31.55 34.45
N PHE L 133 -71.24 30.26 34.77
CA PHE L 133 -72.12 29.39 34.03
C PHE L 133 -73.57 29.75 34.31
N PRO L 134 -74.44 29.70 33.31
CA PRO L 134 -75.87 29.95 33.56
C PRO L 134 -76.47 28.88 34.46
N GLY L 135 -76.86 29.28 35.67
CA GLY L 135 -77.33 28.35 36.69
C GLY L 135 -78.36 27.35 36.21
N GLY L 136 -78.22 26.10 36.67
CA GLY L 136 -79.18 25.07 36.36
C GLY L 136 -79.21 24.68 34.90
N LYS L 137 -78.03 24.51 34.30
CA LYS L 137 -77.92 24.09 32.91
C LYS L 137 -76.66 23.23 32.79
N VAL L 138 -76.52 22.58 31.65
CA VAL L 138 -75.30 21.82 31.37
C VAL L 138 -74.87 22.09 29.94
N GLY L 139 -73.65 22.55 29.77
CA GLY L 139 -73.10 22.75 28.44
C GLY L 139 -72.42 21.49 27.94
N LEU L 140 -72.40 21.32 26.63
CA LEU L 140 -71.81 20.14 26.04
C LEU L 140 -71.09 20.52 24.75
N SER L 141 -70.11 19.70 24.39
CA SER L 141 -69.36 19.93 23.17
C SER L 141 -70.23 19.64 21.95
N GLU L 142 -69.85 20.28 20.83
CA GLU L 142 -70.45 19.95 19.55
C GLU L 142 -70.37 18.44 19.30
N MET L 143 -69.19 17.86 19.52
CA MET L 143 -69.05 16.42 19.37
C MET L 143 -69.88 15.68 20.40
N ALA L 144 -70.09 16.28 21.58
CA ALA L 144 -70.99 15.68 22.54
C ALA L 144 -72.40 15.61 21.96
N GLN L 145 -72.95 16.76 21.56
CA GLN L 145 -74.30 16.78 21.01
C GLN L 145 -74.44 15.81 19.85
N LYS L 146 -73.42 15.70 19.01
CA LYS L 146 -73.45 14.71 17.93
C LYS L 146 -73.53 13.30 18.50
N ASN L 147 -72.52 12.90 19.27
CA ASN L 147 -72.45 11.53 19.76
C ASN L 147 -73.60 11.15 20.67
N VAL L 148 -74.44 12.11 21.09
CA VAL L 148 -75.60 11.78 21.87
C VAL L 148 -76.90 12.08 21.13
N GLY L 149 -76.91 13.04 20.22
CA GLY L 149 -78.11 13.38 19.49
C GLY L 149 -79.05 14.27 20.27
N VAL L 150 -78.56 15.41 20.74
CA VAL L 150 -79.38 16.41 21.41
C VAL L 150 -79.01 17.79 20.87
N ARG L 151 -79.98 18.68 20.91
CA ARG L 151 -79.84 20.04 20.37
C ARG L 151 -79.77 21.02 21.53
N PRO L 152 -79.38 22.26 21.29
CA PRO L 152 -79.49 23.28 22.35
C PRO L 152 -80.92 23.36 22.87
N GLY L 153 -81.05 23.51 24.18
CA GLY L 153 -82.34 23.56 24.83
C GLY L 153 -82.89 22.21 25.26
N ASP L 154 -82.33 21.11 24.75
CA ASP L 154 -82.83 19.80 25.14
C ASP L 154 -82.42 19.48 26.57
N ALA L 155 -83.02 18.43 27.10
CA ALA L 155 -82.69 17.92 28.43
C ALA L 155 -81.86 16.65 28.32
N ILE L 156 -81.24 16.29 29.44
CA ILE L 156 -80.32 15.17 29.53
C ILE L 156 -80.52 14.49 30.89
N GLN L 157 -79.78 13.41 31.12
CA GLN L 157 -79.79 12.74 32.42
C GLN L 157 -78.35 12.60 32.89
N VAL L 158 -77.99 13.33 33.94
CA VAL L 158 -76.62 13.37 34.44
C VAL L 158 -76.52 12.51 35.69
N GLN L 159 -75.37 11.85 35.84
CA GLN L 159 -75.15 10.96 36.97
C GLN L 159 -73.70 11.03 37.44
N PRO L 160 -73.46 11.33 38.71
CA PRO L 160 -72.10 11.24 39.25
C PRO L 160 -71.66 9.79 39.32
N LEU L 161 -70.63 9.45 38.56
CA LEU L 161 -70.19 8.07 38.45
C LEU L 161 -69.63 7.61 39.78
N VAL L 162 -70.21 6.55 40.34
CA VAL L 162 -69.84 6.03 41.65
C VAL L 162 -69.35 4.60 41.60
N GLY L 163 -69.25 4.00 40.42
CA GLY L 163 -68.75 2.66 40.29
C GLY L 163 -67.24 2.60 40.43
N ALA L 164 -66.69 1.43 40.10
CA ALA L 164 -65.26 1.20 40.14
C ALA L 164 -64.69 1.29 38.72
N VAL L 165 -63.87 2.29 38.49
CA VAL L 165 -63.22 2.48 37.20
C VAL L 165 -61.88 1.77 37.22
N LEU L 166 -61.58 1.06 36.14
CA LEU L 166 -60.36 0.27 36.07
C LEU L 166 -59.72 0.48 34.70
N GLN L 167 -58.71 -0.33 34.41
CA GLN L 167 -57.88 -0.15 33.22
C GLN L 167 -58.27 -1.20 32.19
N ALA L 168 -58.87 -0.76 31.07
CA ALA L 168 -59.25 -1.66 30.00
C ALA L 168 -58.01 -2.30 29.40
N GLU L 169 -57.98 -3.63 29.35
CA GLU L 169 -56.80 -4.29 28.84
C GLU L 169 -56.69 -4.15 27.34
N GLU L 170 -57.66 -4.68 26.60
CA GLU L 170 -57.63 -4.67 25.14
C GLU L 170 -58.99 -4.25 24.61
N MET L 171 -58.98 -3.56 23.48
CA MET L 171 -60.17 -2.90 22.98
C MET L 171 -60.29 -3.10 21.47
N ASP L 172 -61.48 -3.48 21.03
CA ASP L 172 -61.76 -3.62 19.61
C ASP L 172 -62.09 -2.27 19.00
N VAL L 173 -61.70 -2.09 17.75
CA VAL L 173 -61.87 -0.83 17.05
C VAL L 173 -62.45 -1.07 15.67
N ALA L 174 -63.36 -0.20 15.26
CA ALA L 174 -63.83 -0.13 13.89
C ALA L 174 -63.33 1.17 13.27
N LEU L 175 -62.71 1.06 12.10
CA LEU L 175 -62.14 2.24 11.46
C LEU L 175 -63.25 3.09 10.86
N SER L 176 -62.86 4.23 10.30
CA SER L 176 -63.77 4.99 9.46
C SER L 176 -64.01 4.31 8.12
N ASP L 177 -63.24 3.26 7.82
CA ASP L 177 -63.32 2.41 6.64
C ASP L 177 -62.91 3.13 5.36
N LYS L 178 -62.63 4.43 5.42
CA LYS L 178 -61.96 5.14 4.34
C LYS L 178 -60.45 5.02 4.48
N ASP L 179 -59.99 3.77 4.65
CA ASP L 179 -58.60 3.49 5.02
C ASP L 179 -57.72 3.66 3.78
N MET L 180 -57.32 4.91 3.54
CA MET L 180 -56.32 5.20 2.51
C MET L 180 -54.93 4.86 3.07
N GLU L 181 -54.66 3.55 3.14
CA GLU L 181 -53.40 3.01 3.60
C GLU L 181 -53.07 3.50 5.01
N ILE L 182 -53.90 3.08 5.97
CA ILE L 182 -53.71 3.45 7.35
C ILE L 182 -52.64 2.57 7.97
N ASN L 183 -51.70 3.18 8.68
CA ASN L 183 -50.59 2.48 9.32
C ASN L 183 -51.02 2.12 10.74
N GLU L 184 -51.43 0.86 10.92
CA GLU L 184 -52.08 0.47 12.18
C GLU L 184 -51.19 0.74 13.38
N GLU L 185 -49.88 0.56 13.24
CA GLU L 185 -48.99 0.90 14.33
C GLU L 185 -49.08 2.39 14.64
N GLU L 186 -48.93 3.22 13.61
CA GLU L 186 -48.99 4.65 13.84
C GLU L 186 -50.36 5.09 14.33
N LEU L 187 -51.42 4.51 13.75
CA LEU L 187 -52.76 4.87 14.17
C LEU L 187 -52.97 4.54 15.64
N THR L 188 -52.61 3.32 16.05
CA THR L 188 -52.82 2.95 17.44
C THR L 188 -51.92 3.76 18.36
N GLY L 189 -50.72 4.12 17.91
CA GLY L 189 -49.89 5.00 18.71
C GLY L 189 -50.56 6.32 18.97
N CYS L 190 -51.02 6.98 17.90
CA CYS L 190 -51.64 8.29 18.07
C CYS L 190 -52.91 8.18 18.90
N ILE L 191 -53.71 7.14 18.68
CA ILE L 191 -54.93 6.97 19.44
C ILE L 191 -54.60 6.85 20.92
N LEU L 192 -53.76 5.88 21.27
CA LEU L 192 -53.37 5.69 22.65
C LEU L 192 -52.86 6.99 23.26
N ARG L 193 -52.07 7.75 22.50
CA ARG L 193 -51.49 8.97 23.05
C ARG L 193 -52.57 10.00 23.37
N LYS L 194 -53.35 10.36 22.36
CA LYS L 194 -54.29 11.46 22.51
C LYS L 194 -55.54 11.08 23.28
N LEU L 195 -55.55 9.93 23.93
CA LEU L 195 -56.73 9.47 24.64
C LEU L 195 -56.35 8.87 25.99
N ASP L 196 -55.45 9.54 26.70
CA ASP L 196 -54.90 8.95 27.91
C ASP L 196 -55.99 8.68 28.94
N GLY L 197 -56.60 9.73 29.47
CA GLY L 197 -57.67 9.52 30.41
C GLY L 197 -59.01 9.52 29.72
N LYS L 198 -59.54 8.35 29.41
CA LYS L 198 -60.79 8.29 28.66
C LYS L 198 -61.44 6.94 28.89
N ILE L 199 -62.55 6.93 29.55
CA ILE L 199 -63.38 5.74 29.71
C ILE L 199 -64.35 5.68 28.54
N VAL L 200 -64.65 4.47 28.10
CA VAL L 200 -65.44 4.28 26.89
C VAL L 200 -66.25 3.00 26.99
N LEU L 201 -67.51 3.06 26.62
CA LEU L 201 -68.37 1.89 26.50
C LEU L 201 -68.47 1.48 25.04
N PRO L 202 -68.80 0.22 24.76
CA PRO L 202 -68.88 -0.23 23.38
C PRO L 202 -69.90 0.57 22.58
N GLY L 203 -69.76 0.50 21.25
CA GLY L 203 -70.63 1.22 20.35
C GLY L 203 -70.47 2.72 20.34
N ASN L 204 -69.69 3.28 21.26
CA ASN L 204 -69.41 4.71 21.24
C ASN L 204 -68.34 4.99 20.19
N PHE L 205 -67.82 6.21 20.17
CA PHE L 205 -66.90 6.61 19.11
C PHE L 205 -65.82 7.52 19.67
N LEU L 206 -64.74 7.60 18.91
CA LEU L 206 -63.56 8.35 19.30
C LEU L 206 -63.16 9.26 18.15
N TYR L 207 -62.55 10.40 18.50
CA TYR L 207 -62.13 11.37 17.50
C TYR L 207 -60.66 11.70 17.72
N CYS L 208 -59.84 11.39 16.73
CA CYS L 208 -58.42 11.70 16.80
C CYS L 208 -58.01 12.58 15.63
N THR L 209 -56.82 13.16 15.74
CA THR L 209 -56.30 14.08 14.72
C THR L 209 -54.94 13.56 14.29
N PHE L 210 -54.96 12.65 13.31
CA PHE L 210 -53.74 12.06 12.78
C PHE L 210 -53.11 13.08 11.82
N TYR L 211 -52.32 13.99 12.37
CA TYR L 211 -51.78 15.14 11.64
C TYR L 211 -52.89 15.95 10.98
N GLY L 212 -53.73 16.54 11.81
CA GLY L 212 -54.78 17.40 11.26
C GLY L 212 -55.93 16.68 10.62
N ARG L 213 -55.67 15.69 9.77
CA ARG L 213 -56.70 14.91 9.10
C ARG L 213 -57.50 14.13 10.13
N PRO L 214 -58.75 14.48 10.41
CA PRO L 214 -59.46 13.88 11.53
C PRO L 214 -59.95 12.48 11.21
N TYR L 215 -60.06 11.68 12.26
CA TYR L 215 -60.55 10.30 12.15
C TYR L 215 -61.58 10.06 13.24
N LYS L 216 -62.65 9.37 12.87
CA LYS L 216 -63.64 8.88 13.82
C LYS L 216 -63.58 7.38 13.86
N LEU L 217 -63.47 6.82 15.05
CA LEU L 217 -63.35 5.38 15.24
C LEU L 217 -64.53 4.88 16.06
N GLN L 218 -64.94 3.64 15.76
CA GLN L 218 -66.07 3.01 16.41
C GLN L 218 -65.56 1.85 17.26
N VAL L 219 -66.07 1.74 18.48
CA VAL L 219 -65.64 0.69 19.40
C VAL L 219 -66.66 -0.44 19.33
N LEU L 220 -66.16 -1.67 19.24
CA LEU L 220 -67.00 -2.85 19.14
C LEU L 220 -67.14 -3.56 20.48
N ARG L 221 -66.03 -3.99 21.06
CA ARG L 221 -66.05 -4.74 22.31
C ARG L 221 -64.92 -4.25 23.18
N VAL L 222 -65.04 -4.51 24.47
CA VAL L 222 -64.05 -4.10 25.46
C VAL L 222 -63.74 -5.29 26.35
N LYS L 223 -62.46 -5.51 26.60
CA LYS L 223 -62.02 -6.51 27.56
C LYS L 223 -61.39 -5.80 28.75
N GLY L 224 -62.04 -5.89 29.90
CA GLY L 224 -61.50 -5.32 31.11
C GLY L 224 -60.24 -6.04 31.55
N ALA L 225 -59.61 -5.49 32.58
CA ALA L 225 -58.40 -6.09 33.11
C ALA L 225 -58.66 -7.51 33.60
N ASP L 226 -59.80 -7.73 34.26
CA ASP L 226 -60.16 -9.02 34.83
C ASP L 226 -61.13 -9.79 33.95
N GLY L 227 -60.99 -9.66 32.62
CA GLY L 227 -61.88 -10.35 31.71
C GLY L 227 -63.32 -9.89 31.75
N MET L 228 -63.60 -8.78 32.42
CA MET L 228 -64.96 -8.26 32.52
C MET L 228 -65.29 -7.49 31.24
N ILE L 229 -65.97 -8.15 30.32
CA ILE L 229 -66.31 -7.52 29.04
C ILE L 229 -67.36 -6.44 29.25
N CYS L 345 -76.15 1.34 33.93
CA CYS L 345 -76.21 1.59 35.37
C CYS L 345 -75.03 2.41 35.85
N ASN L 346 -75.32 3.44 36.64
CA ASN L 346 -74.31 4.34 37.16
C ASN L 346 -73.56 3.77 38.36
N THR L 347 -73.69 2.47 38.63
CA THR L 347 -72.98 1.83 39.72
C THR L 347 -72.13 0.66 39.24
N ASP L 348 -72.00 0.47 37.93
CA ASP L 348 -71.25 -0.66 37.39
C ASP L 348 -69.77 -0.30 37.28
N THR L 349 -69.02 -1.15 36.58
CA THR L 349 -67.62 -0.90 36.30
C THR L 349 -67.45 -0.35 34.88
N PHE L 350 -66.45 0.50 34.71
CA PHE L 350 -66.09 1.05 33.42
C PHE L 350 -64.58 1.11 33.35
N TYR L 351 -64.06 1.38 32.17
CA TYR L 351 -62.62 1.22 31.96
C TYR L 351 -62.09 2.32 31.08
N PHE L 352 -60.89 2.77 31.38
CA PHE L 352 -60.21 3.81 30.62
C PHE L 352 -59.07 3.21 29.82
N ILE L 353 -58.30 4.08 29.18
CA ILE L 353 -57.25 3.66 28.27
C ILE L 353 -55.90 3.97 28.90
N SER L 354 -54.89 3.23 28.48
CA SER L 354 -53.54 3.45 28.98
C SER L 354 -52.55 2.82 28.02
N SER L 355 -51.28 3.13 28.24
CA SER L 355 -50.22 2.69 27.34
C SER L 355 -50.21 1.18 27.16
N THR L 356 -50.70 0.45 28.14
CA THR L 356 -50.63 -1.01 28.07
C THR L 356 -51.79 -1.60 27.27
N THR L 357 -52.91 -0.91 27.21
CA THR L 357 -54.07 -1.40 26.47
C THR L 357 -53.69 -1.72 25.03
N ARG L 358 -54.14 -2.87 24.56
CA ARG L 358 -53.95 -3.26 23.16
C ARG L 358 -55.15 -2.84 22.34
N VAL L 359 -54.91 -2.70 21.04
CA VAL L 359 -55.93 -2.26 20.09
C VAL L 359 -56.08 -3.35 19.04
N ASN L 360 -57.33 -3.73 18.76
CA ASN L 360 -57.64 -4.73 17.75
C ASN L 360 -58.68 -4.18 16.78
N PHE L 361 -58.59 -4.64 15.53
CA PHE L 361 -59.54 -4.23 14.49
C PHE L 361 -60.30 -5.42 13.92
N GLY M 71 -37.09 69.48 -22.62
CA GLY M 71 -36.18 68.87 -23.57
C GLY M 71 -34.73 69.17 -23.23
N THR M 72 -34.52 70.08 -22.28
CA THR M 72 -33.19 70.45 -21.85
C THR M 72 -33.24 70.77 -20.37
N LEU M 73 -32.32 70.18 -19.60
CA LEU M 73 -32.36 70.32 -18.15
C LEU M 73 -30.97 70.61 -17.61
N THR M 74 -30.92 70.93 -16.32
CA THR M 74 -29.72 71.33 -15.63
C THR M 74 -29.23 70.18 -14.76
N VAL M 75 -28.12 69.57 -15.14
CA VAL M 75 -27.60 68.42 -14.40
C VAL M 75 -27.14 68.88 -13.03
N THR M 76 -27.60 68.19 -12.00
CA THR M 76 -27.08 68.35 -10.65
C THR M 76 -26.50 67.00 -10.21
N ASN M 77 -26.13 66.92 -8.95
CA ASN M 77 -25.81 65.65 -8.32
C ASN M 77 -27.01 65.19 -7.53
N LEU M 78 -27.23 63.88 -7.52
CA LEU M 78 -28.38 63.31 -6.83
C LEU M 78 -28.38 63.70 -5.37
N LEU M 79 -29.52 64.20 -4.89
CA LEU M 79 -29.72 64.42 -3.47
C LEU M 79 -30.23 63.11 -2.87
N GLU M 80 -29.29 62.25 -2.55
CA GLU M 80 -29.59 60.88 -2.15
C GLU M 80 -29.88 60.82 -0.67
N LYS M 81 -31.12 60.49 -0.33
CA LYS M 81 -31.44 59.82 0.93
C LYS M 81 -32.69 58.98 0.64
N VAL M 82 -32.46 57.74 0.25
CA VAL M 82 -33.53 56.86 -0.25
C VAL M 82 -33.46 55.56 0.56
N ASP M 83 -34.20 55.52 1.65
CA ASP M 83 -34.23 54.31 2.47
C ASP M 83 -35.18 53.28 1.88
N ASP M 84 -36.37 53.83 1.61
CA ASP M 84 -37.48 53.22 0.85
C ASP M 84 -37.45 53.93 -0.50
N LYS M 85 -36.47 53.58 -1.34
CA LYS M 85 -36.25 54.23 -2.66
C LYS M 85 -36.87 53.40 -3.77
N ILE M 86 -37.83 52.56 -3.39
CA ILE M 86 -38.68 51.69 -4.27
C ILE M 86 -37.86 50.65 -5.05
N PRO M 87 -38.25 50.26 -6.29
CA PRO M 87 -37.69 49.10 -6.99
C PRO M 87 -36.28 48.59 -6.63
N LYS M 88 -36.21 47.49 -5.86
CA LYS M 88 -34.91 46.90 -5.44
C LYS M 88 -34.31 46.29 -6.70
N THR M 89 -34.24 47.13 -7.71
CA THR M 89 -33.84 46.86 -9.13
C THR M 89 -33.33 48.15 -9.79
N PHE M 90 -34.22 49.14 -9.99
CA PHE M 90 -33.83 50.41 -10.57
C PHE M 90 -32.65 50.97 -9.80
N GLN M 91 -32.21 50.27 -8.77
CA GLN M 91 -31.14 50.73 -7.89
C GLN M 91 -29.87 51.11 -8.65
N ASN M 92 -29.76 50.69 -9.91
CA ASN M 92 -28.58 51.00 -10.70
C ASN M 92 -28.80 52.10 -11.71
N SER M 93 -29.97 52.16 -12.34
CA SER M 93 -30.17 53.15 -13.41
C SER M 93 -30.40 54.54 -12.83
N LEU M 94 -31.53 54.73 -12.14
CA LEU M 94 -31.73 55.82 -11.18
C LEU M 94 -31.30 57.19 -11.69
N ILE M 95 -32.04 57.75 -12.63
CA ILE M 95 -32.01 59.18 -12.82
C ILE M 95 -33.25 59.76 -12.16
N HIS M 96 -33.06 60.44 -11.03
CA HIS M 96 -34.16 61.05 -10.35
C HIS M 96 -34.72 62.20 -11.17
N LEU M 97 -35.95 62.59 -10.85
CA LEU M 97 -36.56 63.72 -11.54
C LEU M 97 -37.55 64.38 -10.60
N GLY M 98 -38.30 65.34 -11.13
CA GLY M 98 -39.38 65.97 -10.41
C GLY M 98 -40.68 65.79 -11.17
N LEU M 99 -41.78 65.65 -10.41
CA LEU M 99 -43.06 65.31 -11.01
C LEU M 99 -43.41 66.21 -12.18
N ASN M 100 -43.48 67.51 -11.92
CA ASN M 100 -43.76 68.47 -12.99
C ASN M 100 -42.74 68.36 -14.12
N THR M 101 -41.49 68.07 -13.79
CA THR M 101 -40.49 67.85 -14.84
C THR M 101 -40.88 66.65 -15.69
N MET M 102 -41.32 65.56 -15.05
CA MET M 102 -41.82 64.41 -15.79
C MET M 102 -42.93 64.84 -16.74
N LYS M 103 -43.91 65.57 -16.21
CA LYS M 103 -45.03 66.00 -17.02
C LYS M 103 -44.58 66.84 -18.20
N SER M 104 -43.54 67.65 -18.02
CA SER M 104 -43.07 68.50 -19.09
C SER M 104 -42.47 67.69 -20.23
N ALA M 105 -41.65 66.69 -19.90
CA ALA M 105 -40.90 65.94 -20.89
C ALA M 105 -41.56 64.60 -21.22
N ASN M 106 -42.85 64.46 -20.95
CA ASN M 106 -43.60 63.26 -21.26
C ASN M 106 -43.00 62.01 -20.61
N ILE M 107 -42.26 62.19 -19.53
CA ILE M 107 -41.70 61.05 -18.83
C ILE M 107 -42.80 60.24 -18.17
N CYS M 108 -42.49 59.00 -17.82
CA CYS M 108 -43.43 58.14 -17.12
C CYS M 108 -42.66 57.00 -16.47
N ILE M 109 -43.06 56.68 -15.24
CA ILE M 109 -42.23 55.93 -14.31
C ILE M 109 -41.75 54.64 -14.95
N GLY M 110 -40.60 54.16 -14.53
CA GLY M 110 -40.12 52.86 -14.98
C GLY M 110 -39.77 52.78 -16.45
N ARG M 111 -40.11 53.79 -17.22
CA ARG M 111 -39.71 53.74 -18.62
C ARG M 111 -38.29 54.24 -18.79
N PRO M 112 -37.56 53.70 -19.74
CA PRO M 112 -36.23 54.23 -20.03
C PRO M 112 -36.32 55.65 -20.56
N VAL M 113 -35.15 56.29 -20.62
CA VAL M 113 -35.00 57.68 -21.03
C VAL M 113 -33.58 57.87 -21.53
N LEU M 114 -33.44 58.66 -22.59
CA LEU M 114 -32.18 58.87 -23.28
C LEU M 114 -31.53 60.18 -22.84
N LEU M 115 -30.21 60.16 -22.69
CA LEU M 115 -29.43 61.28 -22.22
C LEU M 115 -28.38 61.61 -23.27
N THR M 116 -28.38 62.85 -23.73
CA THR M 116 -27.42 63.34 -24.71
C THR M 116 -26.66 64.52 -24.14
N SER M 117 -25.34 64.50 -24.28
CA SER M 117 -24.45 65.51 -23.72
C SER M 117 -23.98 66.46 -24.81
N LEU M 118 -23.50 67.61 -24.37
CA LEU M 118 -23.02 68.61 -25.33
C LEU M 118 -21.71 68.24 -25.95
N ASN M 119 -21.20 67.03 -25.72
CA ASN M 119 -20.00 66.57 -26.38
C ASN M 119 -20.27 65.47 -27.39
N GLY M 120 -21.52 65.04 -27.52
CA GLY M 120 -21.85 63.95 -28.42
C GLY M 120 -21.78 62.57 -27.80
N LYS M 121 -21.88 62.46 -26.47
CA LYS M 121 -21.95 61.18 -25.80
C LYS M 121 -23.36 60.96 -25.30
N GLN M 122 -23.75 59.69 -25.18
CA GLN M 122 -25.13 59.35 -24.88
C GLN M 122 -25.19 58.16 -23.95
N GLU M 123 -26.22 58.16 -23.11
CA GLU M 123 -26.53 56.98 -22.32
C GLU M 123 -27.95 57.09 -21.78
N VAL M 124 -28.58 55.94 -21.55
CA VAL M 124 -29.99 55.88 -21.18
C VAL M 124 -30.11 55.30 -19.79
N TYR M 125 -31.30 55.45 -19.23
CA TYR M 125 -31.52 55.20 -17.81
C TYR M 125 -33.00 55.15 -17.53
N THR M 126 -33.37 54.39 -16.51
CA THR M 126 -34.76 54.27 -16.11
C THR M 126 -35.13 55.46 -15.25
N ALA M 127 -35.92 56.38 -15.79
CA ALA M 127 -36.28 57.57 -15.06
C ALA M 127 -37.06 57.20 -13.81
N TRP M 128 -36.97 58.08 -12.80
CA TRP M 128 -37.78 57.82 -11.63
C TRP M 128 -38.12 59.14 -10.94
N PRO M 129 -39.37 59.41 -10.68
CA PRO M 129 -39.77 60.70 -10.10
C PRO M 129 -39.77 60.68 -8.57
N MET M 130 -38.57 60.77 -7.99
CA MET M 130 -38.45 60.87 -6.55
C MET M 130 -38.79 62.29 -6.12
N ALA M 131 -39.77 62.43 -5.24
CA ALA M 131 -40.22 63.74 -4.81
C ALA M 131 -39.14 64.45 -3.99
N GLY M 132 -39.30 65.76 -3.86
CA GLY M 132 -38.33 66.57 -3.16
C GLY M 132 -37.26 67.17 -4.03
N PHE M 133 -37.58 67.57 -5.26
CA PHE M 133 -36.62 68.13 -6.19
C PHE M 133 -37.25 69.29 -6.93
N PRO M 134 -36.46 70.26 -7.36
CA PRO M 134 -36.98 71.38 -8.14
C PRO M 134 -36.89 71.13 -9.64
N GLY M 135 -37.56 71.98 -10.39
CA GLY M 135 -37.58 71.83 -11.83
C GLY M 135 -36.19 71.91 -12.44
N GLY M 136 -36.07 71.32 -13.63
CA GLY M 136 -34.85 71.38 -14.41
C GLY M 136 -33.66 70.69 -13.80
N LYS M 137 -33.76 70.17 -12.58
CA LYS M 137 -32.63 69.56 -11.90
C LYS M 137 -32.77 68.05 -12.00
N VAL M 138 -32.33 67.49 -13.12
CA VAL M 138 -32.41 66.04 -13.34
C VAL M 138 -31.16 65.44 -12.72
N GLY M 139 -31.21 65.25 -11.40
CA GLY M 139 -30.04 64.79 -10.68
C GLY M 139 -29.63 63.39 -11.08
N LEU M 140 -28.52 63.26 -11.78
CA LEU M 140 -28.07 61.96 -12.25
C LEU M 140 -27.37 61.24 -11.10
N SER M 141 -26.69 60.16 -11.42
CA SER M 141 -25.73 59.57 -10.52
C SER M 141 -24.33 59.98 -10.94
N GLU M 142 -23.42 59.97 -9.98
CA GLU M 142 -22.03 60.33 -10.25
C GLU M 142 -21.47 59.54 -11.43
N MET M 143 -21.83 58.26 -11.51
CA MET M 143 -21.21 57.42 -12.53
C MET M 143 -21.72 57.75 -13.91
N ALA M 144 -22.99 58.11 -14.03
CA ALA M 144 -23.48 58.68 -15.27
C ALA M 144 -22.72 59.96 -15.60
N GLN M 145 -22.55 60.84 -14.60
CA GLN M 145 -21.84 62.10 -14.81
C GLN M 145 -20.45 61.86 -15.36
N LYS M 146 -19.78 60.79 -14.95
CA LYS M 146 -18.50 60.46 -15.55
C LYS M 146 -18.69 59.90 -16.95
N ASN M 147 -19.43 58.80 -17.07
CA ASN M 147 -19.51 58.08 -18.34
C ASN M 147 -19.99 58.97 -19.48
N VAL M 148 -20.74 60.02 -19.17
CA VAL M 148 -21.13 60.97 -20.20
C VAL M 148 -20.39 62.30 -20.06
N GLY M 149 -19.60 62.48 -19.01
CA GLY M 149 -18.74 63.65 -18.90
C GLY M 149 -19.49 64.95 -18.70
N VAL M 150 -20.11 65.10 -17.54
CA VAL M 150 -20.86 66.31 -17.19
C VAL M 150 -20.46 66.68 -15.77
N ARG M 151 -20.96 67.82 -15.29
CA ARG M 151 -20.59 68.31 -13.97
C ARG M 151 -21.80 69.00 -13.37
N PRO M 152 -21.80 69.21 -12.06
CA PRO M 152 -23.02 69.67 -11.39
C PRO M 152 -23.39 71.11 -11.72
N GLY M 153 -24.14 71.29 -12.81
CA GLY M 153 -24.63 72.59 -13.17
C GLY M 153 -24.74 72.81 -14.67
N ASP M 154 -24.22 71.87 -15.44
CA ASP M 154 -24.22 71.98 -16.90
C ASP M 154 -25.64 71.73 -17.42
N ALA M 155 -25.78 71.70 -18.74
CA ALA M 155 -27.04 71.41 -19.39
C ALA M 155 -26.95 70.08 -20.12
N ILE M 156 -28.09 69.38 -20.21
CA ILE M 156 -28.14 68.07 -20.85
C ILE M 156 -29.49 67.91 -21.54
N GLN M 157 -29.53 66.99 -22.51
CA GLN M 157 -30.73 66.75 -23.29
C GLN M 157 -31.36 65.45 -22.84
N VAL M 158 -32.62 65.52 -22.42
CA VAL M 158 -33.39 64.37 -21.96
C VAL M 158 -34.43 64.04 -23.02
N GLN M 159 -34.59 62.75 -23.30
CA GLN M 159 -35.61 62.36 -24.26
C GLN M 159 -36.36 61.14 -23.74
N PRO M 160 -37.69 61.11 -23.92
CA PRO M 160 -38.45 59.91 -23.57
C PRO M 160 -38.30 58.86 -24.67
N LEU M 161 -37.71 57.73 -24.31
CA LEU M 161 -37.49 56.67 -25.29
C LEU M 161 -38.82 56.21 -25.86
N VAL M 162 -38.87 56.02 -27.18
CA VAL M 162 -40.11 55.63 -27.84
C VAL M 162 -39.91 54.37 -28.67
N GLY M 163 -38.69 54.12 -29.10
CA GLY M 163 -38.46 53.04 -30.03
C GLY M 163 -38.58 51.68 -29.38
N ALA M 164 -38.13 50.67 -30.10
CA ALA M 164 -38.20 49.29 -29.63
C ALA M 164 -37.21 49.06 -28.52
N VAL M 165 -37.44 47.99 -27.77
CA VAL M 165 -36.54 47.55 -26.72
C VAL M 165 -36.55 46.03 -26.71
N LEU M 166 -35.44 45.41 -27.05
CA LEU M 166 -35.43 43.96 -27.18
C LEU M 166 -34.48 43.37 -26.17
N GLN M 167 -34.34 42.05 -26.20
CA GLN M 167 -33.38 41.37 -25.37
C GLN M 167 -32.10 41.16 -26.14
N ALA M 168 -30.98 41.22 -25.44
CA ALA M 168 -29.66 41.26 -26.06
C ALA M 168 -28.91 39.99 -25.73
N GLU M 169 -28.51 39.24 -26.75
CA GLU M 169 -27.84 37.98 -26.48
C GLU M 169 -26.33 38.15 -26.27
N GLU M 170 -25.66 38.71 -27.26
CA GLU M 170 -24.20 38.72 -27.30
C GLU M 170 -23.70 40.12 -26.98
N MET M 171 -22.86 40.22 -25.95
CA MET M 171 -22.23 41.48 -25.57
C MET M 171 -20.78 41.20 -25.25
N ASP M 172 -19.87 41.90 -25.91
CA ASP M 172 -18.44 41.70 -25.72
C ASP M 172 -17.83 42.95 -25.10
N VAL M 173 -16.85 42.75 -24.22
CA VAL M 173 -16.41 43.82 -23.34
C VAL M 173 -15.05 43.44 -22.79
N ALA M 174 -14.20 44.44 -22.62
CA ALA M 174 -12.83 44.25 -22.14
C ALA M 174 -12.63 44.93 -20.80
N LEU M 175 -11.69 44.40 -20.03
CA LEU M 175 -11.42 44.91 -18.70
C LEU M 175 -10.60 46.19 -18.76
N SER M 176 -10.51 46.85 -17.61
CA SER M 176 -9.60 47.97 -17.42
C SER M 176 -8.24 47.42 -17.00
N ASP M 177 -7.36 48.30 -16.54
CA ASP M 177 -6.02 47.87 -16.15
C ASP M 177 -6.01 47.30 -14.74
N LYS M 178 -6.91 46.35 -14.47
CA LYS M 178 -6.92 45.62 -13.21
C LYS M 178 -6.73 44.15 -13.53
N ASP M 179 -5.75 43.88 -14.40
CA ASP M 179 -5.62 42.58 -15.03
C ASP M 179 -5.16 41.53 -14.04
N MET M 180 -6.12 40.83 -13.42
CA MET M 180 -5.82 39.70 -12.55
C MET M 180 -6.46 38.41 -13.04
N GLU M 181 -7.09 38.45 -14.21
CA GLU M 181 -7.70 37.28 -14.84
C GLU M 181 -8.64 36.56 -13.88
N ILE M 182 -9.65 37.30 -13.43
CA ILE M 182 -10.61 36.74 -12.51
C ILE M 182 -11.37 35.61 -13.17
N ASN M 183 -11.88 34.68 -12.34
CA ASN M 183 -12.65 33.55 -12.80
C ASN M 183 -13.77 34.01 -13.72
N GLU M 184 -13.68 33.62 -14.99
CA GLU M 184 -14.47 34.27 -16.03
C GLU M 184 -15.95 34.21 -15.73
N GLU M 185 -16.52 33.01 -15.67
CA GLU M 185 -17.95 32.90 -15.46
C GLU M 185 -18.39 33.56 -14.16
N GLU M 186 -17.51 33.56 -13.15
CA GLU M 186 -17.89 34.18 -11.89
C GLU M 186 -18.25 35.65 -12.09
N LEU M 187 -17.35 36.40 -12.74
CA LEU M 187 -17.66 37.79 -13.02
C LEU M 187 -18.91 37.92 -13.86
N THR M 188 -19.13 36.96 -14.76
CA THR M 188 -20.36 36.96 -15.54
C THR M 188 -21.56 36.87 -14.62
N GLY M 189 -21.53 35.92 -13.68
CA GLY M 189 -22.62 35.79 -12.74
C GLY M 189 -22.87 37.08 -11.98
N CYS M 190 -21.80 37.74 -11.53
CA CYS M 190 -22.01 38.96 -10.78
C CYS M 190 -22.58 40.07 -11.64
N ILE M 191 -22.05 40.26 -12.84
CA ILE M 191 -22.54 41.31 -13.72
C ILE M 191 -24.02 41.11 -13.99
N LEU M 192 -24.42 39.88 -14.30
CA LEU M 192 -25.82 39.63 -14.57
C LEU M 192 -26.67 39.88 -13.32
N ARG M 193 -26.38 39.19 -12.23
CA ARG M 193 -27.16 39.35 -11.02
C ARG M 193 -27.15 40.79 -10.50
N LYS M 194 -26.30 41.66 -11.02
CA LYS M 194 -26.29 43.03 -10.53
C LYS M 194 -26.85 44.05 -11.50
N LEU M 195 -26.80 43.80 -12.80
CA LEU M 195 -27.12 44.83 -13.78
C LEU M 195 -28.28 44.48 -14.69
N ASP M 196 -29.33 43.89 -14.16
CA ASP M 196 -30.51 43.69 -14.98
C ASP M 196 -31.03 45.03 -15.47
N GLY M 197 -31.57 45.03 -16.68
CA GLY M 197 -32.26 46.19 -17.19
C GLY M 197 -31.39 47.34 -17.64
N LYS M 198 -30.11 47.36 -17.33
CA LYS M 198 -29.29 48.47 -17.77
C LYS M 198 -29.05 48.34 -19.26
N ILE M 199 -29.87 49.05 -20.04
CA ILE M 199 -29.62 49.20 -21.46
C ILE M 199 -28.18 49.63 -21.68
N VAL M 200 -27.55 49.13 -22.74
CA VAL M 200 -26.16 49.42 -23.01
C VAL M 200 -26.05 49.99 -24.41
N LEU M 201 -24.85 50.39 -24.76
CA LEU M 201 -24.49 50.98 -26.04
C LEU M 201 -23.08 50.54 -26.35
N PRO M 202 -22.54 50.79 -27.53
CA PRO M 202 -21.13 50.47 -27.74
C PRO M 202 -20.27 51.48 -27.00
N GLY M 203 -19.30 50.96 -26.26
CA GLY M 203 -18.39 51.85 -25.57
C GLY M 203 -19.02 52.63 -24.45
N ASN M 204 -19.48 51.93 -23.42
CA ASN M 204 -19.78 52.57 -22.15
C ASN M 204 -19.06 51.82 -21.04
N PHE M 205 -19.31 52.20 -19.80
CA PHE M 205 -18.62 51.61 -18.67
C PHE M 205 -19.63 51.12 -17.65
N LEU M 206 -19.41 49.91 -17.15
CA LEU M 206 -20.25 49.33 -16.12
C LEU M 206 -19.47 49.25 -14.82
N TYR M 207 -20.18 48.96 -13.74
CA TYR M 207 -19.57 48.96 -12.41
C TYR M 207 -20.28 47.93 -11.56
N CYS M 208 -19.60 46.81 -11.30
CA CYS M 208 -20.18 45.73 -10.51
C CYS M 208 -19.21 45.40 -9.37
N THR M 209 -19.47 45.96 -8.20
CA THR M 209 -18.56 45.78 -7.06
C THR M 209 -18.71 44.35 -6.57
N PHE M 210 -18.04 43.44 -7.25
CA PHE M 210 -18.05 42.01 -6.95
C PHE M 210 -17.20 41.78 -5.72
N TYR M 211 -17.83 41.71 -4.56
CA TYR M 211 -17.14 41.59 -3.26
C TYR M 211 -16.18 42.76 -3.05
N GLY M 212 -16.74 43.96 -2.94
CA GLY M 212 -15.94 45.11 -2.61
C GLY M 212 -15.01 45.54 -3.73
N ARG M 213 -14.29 44.59 -4.30
CA ARG M 213 -13.32 44.84 -5.36
C ARG M 213 -14.02 45.43 -6.57
N PRO M 214 -13.76 46.68 -6.91
CA PRO M 214 -14.46 47.29 -8.04
C PRO M 214 -13.86 46.84 -9.36
N TYR M 215 -14.63 47.08 -10.41
CA TYR M 215 -14.23 46.83 -11.78
C TYR M 215 -14.61 48.01 -12.64
N LYS M 216 -14.20 47.94 -13.90
CA LYS M 216 -14.57 48.96 -14.87
C LYS M 216 -14.42 48.33 -16.24
N LEU M 217 -15.54 48.12 -16.92
CA LEU M 217 -15.55 47.38 -18.18
C LEU M 217 -15.89 48.30 -19.34
N GLN M 218 -15.30 48.03 -20.49
CA GLN M 218 -15.54 48.81 -21.70
C GLN M 218 -16.16 47.88 -22.75
N VAL M 219 -17.42 48.14 -23.10
CA VAL M 219 -18.13 47.30 -24.04
C VAL M 219 -17.76 47.68 -25.46
N LEU M 220 -17.56 46.68 -26.31
CA LEU M 220 -17.15 46.91 -27.70
C LEU M 220 -18.27 46.66 -28.69
N ARG M 221 -18.85 45.46 -28.70
CA ARG M 221 -19.90 45.15 -29.63
C ARG M 221 -20.99 44.37 -28.90
N VAL M 222 -22.23 44.55 -29.37
CA VAL M 222 -23.37 43.90 -28.75
C VAL M 222 -24.26 43.37 -29.86
N LYS M 223 -24.94 42.26 -29.60
CA LYS M 223 -25.80 41.65 -30.60
C LYS M 223 -27.11 41.23 -29.95
N GLY M 224 -28.23 41.63 -30.56
CA GLY M 224 -29.54 41.39 -30.02
C GLY M 224 -30.31 40.38 -30.83
N ALA M 225 -31.22 39.67 -30.16
CA ALA M 225 -31.89 38.53 -30.76
C ALA M 225 -32.56 38.88 -32.08
N ASP M 226 -32.96 40.12 -32.27
CA ASP M 226 -33.64 40.49 -33.51
C ASP M 226 -32.74 40.26 -34.71
N GLY M 227 -31.45 40.56 -34.58
CA GLY M 227 -30.52 40.26 -35.64
C GLY M 227 -29.46 41.31 -35.90
N MET M 228 -29.76 42.58 -35.66
CA MET M 228 -28.78 43.61 -35.91
C MET M 228 -27.62 43.47 -34.92
N ILE M 229 -26.63 44.35 -35.07
CA ILE M 229 -25.44 44.31 -34.24
C ILE M 229 -24.93 45.73 -34.04
N LEU M 230 -24.67 46.10 -32.79
CA LEU M 230 -24.09 47.38 -32.48
C LEU M 230 -22.76 47.18 -31.76
N ALA M 343 -27.88 53.82 -33.00
CA ALA M 343 -28.12 54.14 -31.60
C ALA M 343 -27.61 55.52 -31.26
N LYS M 344 -28.12 56.52 -31.95
CA LYS M 344 -27.81 57.89 -31.58
C LYS M 344 -29.06 58.73 -31.37
N CYS M 345 -30.10 58.50 -32.15
CA CYS M 345 -31.39 59.15 -31.94
C CYS M 345 -32.27 58.30 -31.03
N ASN M 346 -33.46 58.80 -30.73
CA ASN M 346 -34.35 58.09 -29.82
C ASN M 346 -35.08 56.96 -30.51
N THR M 347 -35.80 57.25 -31.58
CA THR M 347 -36.67 56.25 -32.19
C THR M 347 -35.87 55.24 -32.99
N ASP M 348 -35.32 54.23 -32.32
CA ASP M 348 -34.55 53.19 -32.96
C ASP M 348 -34.26 52.09 -31.94
N THR M 349 -33.53 51.07 -32.38
CA THR M 349 -33.29 49.91 -31.54
C THR M 349 -32.57 50.31 -30.25
N PHE M 350 -32.63 49.42 -29.27
CA PHE M 350 -31.72 49.39 -28.14
C PHE M 350 -31.61 47.95 -27.70
N TYR M 351 -30.96 47.72 -26.56
CA TYR M 351 -30.81 46.38 -26.06
C TYR M 351 -30.63 46.46 -24.56
N PHE M 352 -30.80 45.33 -23.88
CA PHE M 352 -30.48 45.32 -22.46
C PHE M 352 -30.09 43.91 -22.06
N ILE M 353 -29.64 43.78 -20.83
CA ILE M 353 -29.07 42.54 -20.34
C ILE M 353 -30.11 41.84 -19.49
N SER M 354 -30.37 40.58 -19.82
CA SER M 354 -31.25 39.74 -19.04
C SER M 354 -30.50 38.48 -18.67
N SER M 355 -31.13 37.65 -17.90
CA SER M 355 -30.41 36.52 -17.38
C SER M 355 -30.04 35.54 -18.42
N THR M 356 -30.25 35.79 -19.70
CA THR M 356 -29.83 34.85 -20.74
C THR M 356 -28.87 35.50 -21.72
N THR M 357 -28.03 36.41 -21.25
CA THR M 357 -27.10 37.13 -22.11
C THR M 357 -25.74 36.45 -22.10
N ARG M 358 -25.07 36.44 -23.24
CA ARG M 358 -23.71 35.96 -23.34
C ARG M 358 -22.77 37.14 -23.30
N VAL M 359 -21.67 37.00 -22.57
CA VAL M 359 -20.65 38.03 -22.49
C VAL M 359 -19.31 37.46 -22.93
N ASN M 360 -18.60 38.23 -23.75
CA ASN M 360 -17.25 37.92 -24.18
C ASN M 360 -16.27 38.85 -23.50
N PHE M 361 -15.09 38.35 -23.17
CA PHE M 361 -14.03 39.13 -22.56
C PHE M 361 -12.81 39.10 -23.47
N THR M 362 -12.57 40.17 -24.20
CA THR M 362 -11.40 40.24 -25.07
C THR M 362 -10.61 41.53 -24.82
N THR N 72 20.45 81.97 27.75
CA THR N 72 21.30 82.53 28.80
C THR N 72 20.53 82.68 30.10
N LEU N 73 20.03 81.56 30.62
CA LEU N 73 19.23 81.58 31.84
C LEU N 73 19.74 80.57 32.86
N THR N 74 18.98 80.36 33.92
CA THR N 74 19.37 79.44 34.99
C THR N 74 18.57 78.15 34.89
N VAL N 75 19.06 77.13 35.61
CA VAL N 75 18.56 75.77 35.51
C VAL N 75 17.87 75.40 36.82
N THR N 76 16.74 74.70 36.71
CA THR N 76 16.10 74.06 37.85
C THR N 76 15.81 72.61 37.50
N ASN N 77 15.33 71.86 38.49
CA ASN N 77 15.05 70.46 38.27
C ASN N 77 13.74 70.28 37.51
N LEU N 78 13.60 69.09 36.93
CA LEU N 78 12.40 68.76 36.16
C LEU N 78 11.17 68.81 37.06
N LEU N 79 10.01 69.03 36.43
CA LEU N 79 8.78 69.26 37.16
C LEU N 79 8.00 67.95 37.31
N GLU N 80 6.88 68.01 38.03
CA GLU N 80 6.05 66.86 38.32
C GLU N 80 4.63 67.08 37.82
N LYS N 81 4.50 67.60 36.61
CA LYS N 81 3.21 67.88 36.01
C LYS N 81 3.12 67.26 34.62
N VAL N 82 3.50 65.99 34.52
CA VAL N 82 3.54 65.30 33.24
C VAL N 82 2.16 65.32 32.61
N ASP N 83 2.09 65.71 31.35
CA ASP N 83 0.84 65.83 30.61
C ASP N 83 0.80 64.72 29.57
N ASP N 84 0.19 63.59 29.94
CA ASP N 84 0.14 62.44 29.04
C ASP N 84 -0.90 62.66 27.94
N LYS N 85 -0.66 63.72 27.16
CA LYS N 85 -1.30 63.86 25.87
C LYS N 85 -0.35 63.48 24.74
N ILE N 86 0.94 63.43 25.02
CA ILE N 86 1.94 62.98 24.06
C ILE N 86 2.43 61.62 24.52
N PRO N 87 3.11 60.86 23.67
CA PRO N 87 3.68 59.59 24.12
C PRO N 87 4.85 59.81 25.07
N LYS N 88 4.98 58.88 26.02
CA LYS N 88 6.06 58.95 27.00
C LYS N 88 7.43 59.02 26.33
N THR N 89 7.58 58.37 25.18
CA THR N 89 8.87 58.40 24.48
C THR N 89 9.34 59.83 24.28
N PHE N 90 8.42 60.73 23.98
CA PHE N 90 8.80 62.13 23.83
C PHE N 90 8.85 62.85 25.17
N GLN N 91 8.05 62.39 26.14
CA GLN N 91 8.18 62.88 27.50
C GLN N 91 9.62 62.73 27.98
N ASN N 92 10.34 61.74 27.46
CA ASN N 92 11.74 61.58 27.77
C ASN N 92 12.54 62.80 27.32
N SER N 93 12.59 63.04 26.01
CA SER N 93 13.39 64.14 25.46
C SER N 93 12.55 65.41 25.48
N LEU N 94 12.85 66.29 26.42
CA LEU N 94 12.07 67.51 26.60
C LEU N 94 12.81 68.44 27.53
N ILE N 95 12.44 69.72 27.49
CA ILE N 95 12.77 70.68 28.53
C ILE N 95 11.54 71.52 28.79
N HIS N 96 11.38 71.96 30.03
CA HIS N 96 10.14 72.56 30.51
C HIS N 96 10.40 74.02 30.89
N LEU N 97 9.69 74.93 30.23
CA LEU N 97 9.90 76.36 30.42
C LEU N 97 8.61 77.07 30.79
N GLY N 98 8.65 78.41 30.78
CA GLY N 98 7.49 79.22 31.07
C GLY N 98 7.11 80.11 29.88
N LEU N 99 6.00 80.81 30.06
CA LEU N 99 5.48 81.64 28.97
C LEU N 99 6.44 82.77 28.62
N ASN N 100 6.86 83.54 29.61
CA ASN N 100 7.81 84.60 29.36
C ASN N 100 9.11 84.07 28.79
N THR N 101 9.51 82.86 29.21
CA THR N 101 10.67 82.23 28.60
C THR N 101 10.48 82.07 27.10
N MET N 102 9.29 81.64 26.69
CA MET N 102 9.00 81.50 25.27
C MET N 102 9.03 82.84 24.57
N LYS N 103 8.26 83.80 25.08
CA LYS N 103 8.12 85.10 24.43
C LYS N 103 9.20 86.09 24.85
N SER N 104 10.33 85.60 25.35
CA SER N 104 11.44 86.45 25.74
C SER N 104 12.67 86.24 24.88
N ALA N 105 13.15 85.01 24.75
CA ALA N 105 14.25 84.68 23.86
C ALA N 105 13.78 84.16 22.52
N ASN N 106 12.50 84.37 22.19
CA ASN N 106 11.95 84.03 20.88
C ASN N 106 12.11 82.55 20.57
N ILE N 107 11.44 81.73 21.36
CA ILE N 107 11.50 80.28 21.25
C ILE N 107 10.27 79.79 20.50
N CYS N 108 10.46 78.74 19.70
CA CYS N 108 9.40 78.18 18.86
C CYS N 108 8.96 76.85 19.45
N ILE N 109 7.72 76.79 19.91
CA ILE N 109 7.19 75.58 20.53
C ILE N 109 7.41 74.39 19.61
N GLY N 110 7.77 73.25 20.21
CA GLY N 110 7.88 72.02 19.47
C GLY N 110 9.00 72.04 18.45
N ARG N 111 9.79 73.07 18.48
CA ARG N 111 10.90 73.13 17.56
C ARG N 111 12.20 73.04 18.33
N PRO N 112 13.15 72.24 17.86
CA PRO N 112 14.37 72.00 18.62
C PRO N 112 15.09 73.27 19.05
N VAL N 113 15.83 73.15 20.15
CA VAL N 113 16.47 74.27 20.81
C VAL N 113 17.79 73.78 21.38
N LEU N 114 18.80 74.65 21.34
CA LEU N 114 20.15 74.30 21.77
C LEU N 114 20.39 74.78 23.20
N LEU N 115 21.12 73.99 23.97
CA LEU N 115 21.55 74.33 25.31
C LEU N 115 23.07 74.28 25.34
N THR N 116 23.67 75.20 26.08
CA THR N 116 25.12 75.26 26.21
C THR N 116 25.48 75.49 27.67
N SER N 117 26.46 74.73 28.14
CA SER N 117 27.03 74.92 29.47
C SER N 117 28.31 75.73 29.36
N LEU N 118 28.59 76.51 30.42
CA LEU N 118 29.83 77.28 30.44
C LEU N 118 31.06 76.39 30.34
N ASN N 119 30.94 75.10 30.71
CA ASN N 119 32.05 74.18 30.56
C ASN N 119 32.40 73.95 29.10
N GLY N 120 31.42 73.99 28.22
CA GLY N 120 31.66 73.75 26.81
C GLY N 120 30.87 72.60 26.24
N LYS N 121 29.72 72.29 26.86
CA LYS N 121 28.83 71.26 26.36
C LYS N 121 27.69 71.90 25.57
N GLN N 122 27.43 71.38 24.38
CA GLN N 122 26.34 71.83 23.53
C GLN N 122 25.43 70.64 23.23
N GLU N 123 24.15 70.78 23.52
CA GLU N 123 23.21 69.67 23.34
C GLU N 123 21.84 70.21 23.01
N VAL N 124 21.16 69.56 22.07
CA VAL N 124 19.86 70.03 21.60
C VAL N 124 18.76 69.22 22.26
N TYR N 125 17.57 69.81 22.31
CA TYR N 125 16.40 69.16 22.88
C TYR N 125 15.16 69.76 22.24
N THR N 126 13.99 69.35 22.72
CA THR N 126 12.72 69.85 22.25
C THR N 126 12.09 70.68 23.36
N ALA N 127 12.01 71.99 23.14
CA ALA N 127 11.47 72.87 24.16
C ALA N 127 9.97 72.66 24.34
N TRP N 128 9.47 73.02 25.51
CA TRP N 128 8.04 72.95 25.75
C TRP N 128 7.68 73.83 26.93
N PRO N 129 6.69 74.69 26.80
CA PRO N 129 6.25 75.47 27.96
C PRO N 129 5.19 74.74 28.76
N MET N 130 5.42 74.57 30.06
CA MET N 130 4.50 73.86 30.92
C MET N 130 3.63 74.85 31.70
N ALA N 131 2.36 74.51 31.88
CA ALA N 131 1.39 75.41 32.49
C ALA N 131 1.74 75.59 33.96
N GLY N 132 2.33 76.74 34.28
CA GLY N 132 2.72 77.03 35.65
C GLY N 132 4.20 76.80 35.88
N PHE N 133 4.99 77.87 35.85
CA PHE N 133 6.42 77.73 35.93
C PHE N 133 7.07 79.07 36.25
N PRO N 134 8.08 79.10 37.12
CA PRO N 134 8.77 80.36 37.41
C PRO N 134 9.61 80.80 36.21
N GLY N 135 9.25 81.95 35.65
CA GLY N 135 9.87 82.39 34.42
C GLY N 135 11.37 82.56 34.55
N GLY N 136 12.04 82.54 33.40
CA GLY N 136 13.47 82.72 33.33
C GLY N 136 14.29 81.50 33.69
N LYS N 137 13.64 80.37 34.00
CA LYS N 137 14.34 79.16 34.36
C LYS N 137 14.10 78.09 33.30
N VAL N 138 15.01 77.11 33.26
CA VAL N 138 14.86 75.97 32.39
C VAL N 138 14.76 74.73 33.28
N GLY N 139 13.59 74.12 33.30
CA GLY N 139 13.41 72.91 34.07
C GLY N 139 13.99 71.74 33.29
N LEU N 140 15.13 71.23 33.74
CA LEU N 140 15.87 70.26 32.96
C LEU N 140 15.71 68.86 33.53
N SER N 141 15.85 67.88 32.66
CA SER N 141 15.70 66.49 33.07
C SER N 141 16.92 66.00 33.82
N GLU N 142 16.68 65.05 34.72
CA GLU N 142 17.76 64.47 35.51
C GLU N 142 18.84 63.89 34.62
N MET N 143 18.47 62.95 33.75
CA MET N 143 19.42 62.42 32.78
C MET N 143 20.04 63.54 31.96
N ALA N 144 19.23 64.54 31.60
CA ALA N 144 19.76 65.70 30.91
C ALA N 144 20.74 66.46 31.80
N GLN N 145 20.35 66.72 33.05
CA GLN N 145 21.21 67.47 33.95
C GLN N 145 22.56 66.80 34.14
N LYS N 146 22.59 65.47 34.11
CA LYS N 146 23.88 64.77 34.15
C LYS N 146 24.60 64.91 32.82
N ASN N 147 23.92 64.61 31.72
CA ASN N 147 24.56 64.66 30.41
C ASN N 147 25.20 66.01 30.14
N VAL N 148 24.66 67.07 30.74
CA VAL N 148 25.28 68.38 30.61
C VAL N 148 26.18 68.61 31.81
N GLY N 149 25.81 68.05 32.96
CA GLY N 149 26.60 68.20 34.16
C GLY N 149 26.40 69.50 34.90
N VAL N 150 25.15 69.94 35.07
CA VAL N 150 24.85 71.11 35.88
C VAL N 150 23.69 70.78 36.80
N ARG N 151 23.71 71.37 37.98
CA ARG N 151 22.80 71.10 39.07
C ARG N 151 21.79 72.23 39.22
N PRO N 152 20.79 72.05 40.07
CA PRO N 152 19.88 73.17 40.35
C PRO N 152 20.65 74.42 40.79
N GLY N 153 20.08 75.58 40.47
CA GLY N 153 20.72 76.85 40.74
C GLY N 153 21.75 77.27 39.71
N ASP N 154 22.25 76.35 38.89
CA ASP N 154 23.24 76.71 37.90
C ASP N 154 22.61 77.49 36.76
N ALA N 155 23.45 78.12 35.95
CA ALA N 155 23.02 78.86 34.78
C ALA N 155 23.28 78.05 33.52
N ILE N 156 22.69 78.51 32.41
CA ILE N 156 22.76 77.82 31.13
C ILE N 156 22.72 78.89 30.04
N GLN N 157 22.94 78.47 28.80
CA GLN N 157 22.81 79.37 27.64
C GLN N 157 21.91 78.69 26.62
N VAL N 158 20.69 79.19 26.49
CA VAL N 158 19.70 78.61 25.60
C VAL N 158 19.66 79.40 24.30
N GLN N 159 19.40 78.69 23.21
CA GLN N 159 19.39 79.30 21.88
C GLN N 159 18.30 78.67 21.02
N PRO N 160 17.38 79.47 20.49
CA PRO N 160 16.39 78.91 19.57
C PRO N 160 17.05 78.48 18.28
N LEU N 161 17.07 77.17 18.03
CA LEU N 161 17.78 76.64 16.88
C LEU N 161 17.17 77.17 15.59
N VAL N 162 17.98 77.86 14.80
CA VAL N 162 17.50 78.55 13.61
C VAL N 162 18.11 78.01 12.32
N GLY N 163 19.23 77.30 12.38
CA GLY N 163 19.86 76.79 11.19
C GLY N 163 19.08 75.70 10.49
N ALA N 164 19.76 74.93 9.64
CA ALA N 164 19.13 73.90 8.84
C ALA N 164 19.27 72.53 9.51
N VAL N 165 18.34 71.64 9.19
CA VAL N 165 18.31 70.29 9.74
C VAL N 165 18.34 69.31 8.59
N LEU N 166 18.72 68.07 8.90
CA LEU N 166 18.81 67.06 7.87
C LEU N 166 18.76 65.67 8.51
N GLN N 167 18.33 64.71 7.70
CA GLN N 167 18.34 63.30 8.08
C GLN N 167 19.75 62.76 7.96
N ALA N 168 20.41 62.54 9.10
CA ALA N 168 21.77 62.03 9.11
C ALA N 168 21.83 60.64 8.50
N GLU N 169 22.78 60.41 7.60
CA GLU N 169 22.81 59.14 6.91
C GLU N 169 23.32 58.02 7.81
N GLU N 170 24.56 58.13 8.27
CA GLU N 170 25.19 57.05 9.04
C GLU N 170 25.95 57.64 10.20
N MET N 171 25.93 56.94 11.32
CA MET N 171 26.39 57.47 12.59
C MET N 171 27.25 56.44 13.31
N ASP N 172 28.32 56.90 13.93
CA ASP N 172 29.21 56.02 14.67
C ASP N 172 28.71 55.80 16.09
N VAL N 173 29.03 54.65 16.64
CA VAL N 173 28.53 54.24 17.95
C VAL N 173 29.69 53.86 18.85
N ALA N 174 29.53 54.11 20.14
CA ALA N 174 30.47 53.66 21.16
C ALA N 174 29.68 52.98 22.26
N LEU N 175 29.99 51.72 22.52
CA LEU N 175 29.22 50.96 23.50
C LEU N 175 29.47 51.44 24.90
N SER N 176 28.45 51.31 25.75
CA SER N 176 28.52 51.77 27.13
C SER N 176 29.58 51.02 27.93
N ASP N 177 29.36 49.72 28.12
CA ASP N 177 30.23 48.91 28.96
C ASP N 177 31.39 48.30 28.18
N LYS N 178 31.32 48.29 26.86
CA LYS N 178 32.27 47.56 26.02
C LYS N 178 32.37 46.11 26.47
N ASP N 179 31.21 45.53 26.78
CA ASP N 179 31.14 44.12 27.16
C ASP N 179 31.23 43.27 25.88
N MET N 180 30.92 41.98 25.99
CA MET N 180 31.07 41.09 24.85
C MET N 180 30.24 41.60 23.67
N GLU N 181 28.91 41.52 23.79
CA GLU N 181 27.99 42.15 22.85
C GLU N 181 26.58 41.74 23.29
N ILE N 182 25.58 42.35 22.65
CA ILE N 182 24.24 41.82 22.52
C ILE N 182 23.90 41.83 21.04
N ASN N 183 22.68 41.42 20.70
CA ASN N 183 22.34 41.23 19.28
C ASN N 183 22.31 42.58 18.61
N GLU N 184 23.41 42.90 17.92
CA GLU N 184 23.61 44.25 17.39
C GLU N 184 22.52 44.63 16.42
N GLU N 185 21.93 43.68 15.70
CA GLU N 185 20.84 44.01 14.81
C GLU N 185 19.63 44.50 15.61
N GLU N 186 19.15 43.65 16.52
CA GLU N 186 18.04 44.07 17.37
C GLU N 186 18.42 45.27 18.22
N LEU N 187 19.69 45.35 18.62
CA LEU N 187 20.15 46.53 19.35
C LEU N 187 19.93 47.79 18.52
N THR N 188 20.42 47.79 17.28
CA THR N 188 20.23 48.93 16.39
C THR N 188 18.76 49.23 16.21
N GLY N 189 17.95 48.19 16.01
CA GLY N 189 16.51 48.41 15.93
C GLY N 189 15.99 49.15 17.13
N CYS N 190 16.36 48.70 18.32
CA CYS N 190 15.86 49.32 19.53
C CYS N 190 16.31 50.77 19.62
N ILE N 191 17.55 51.04 19.23
CA ILE N 191 18.04 52.41 19.26
C ILE N 191 17.20 53.29 18.35
N LEU N 192 17.03 52.85 17.11
CA LEU N 192 16.26 53.65 16.15
C LEU N 192 14.85 53.89 16.66
N ARG N 193 14.10 52.81 16.86
CA ARG N 193 12.70 52.93 17.21
C ARG N 193 12.47 53.75 18.47
N LYS N 194 13.50 54.00 19.27
CA LYS N 194 13.34 54.78 20.48
C LYS N 194 14.05 56.12 20.44
N LEU N 195 14.83 56.39 19.41
CA LEU N 195 15.52 57.67 19.28
C LEU N 195 15.04 58.46 18.08
N ASP N 196 13.86 58.15 17.57
CA ASP N 196 13.35 58.84 16.40
C ASP N 196 13.20 60.33 16.68
N GLY N 197 13.37 61.13 15.62
CA GLY N 197 13.18 62.56 15.74
C GLY N 197 14.12 63.25 16.71
N LYS N 198 15.27 62.66 16.99
CA LYS N 198 16.25 63.28 17.88
C LYS N 198 17.49 63.66 17.10
N ILE N 199 18.02 64.85 17.40
CA ILE N 199 19.20 65.37 16.75
C ILE N 199 20.41 65.05 17.63
N VAL N 200 21.39 64.39 17.03
CA VAL N 200 22.59 64.00 17.74
C VAL N 200 23.69 65.00 17.39
N LEU N 201 24.73 65.04 18.20
CA LEU N 201 25.92 65.83 17.93
C LEU N 201 27.09 65.04 18.50
N PRO N 202 28.22 64.99 17.79
CA PRO N 202 29.31 64.09 18.19
C PRO N 202 29.75 64.32 19.63
N GLY N 203 30.34 63.28 20.20
CA GLY N 203 30.78 63.31 21.58
C GLY N 203 29.68 63.21 22.60
N ASN N 204 28.43 63.33 22.20
CA ASN N 204 27.32 63.21 23.13
C ASN N 204 27.00 61.73 23.34
N PHE N 205 25.87 61.45 23.99
CA PHE N 205 25.56 60.09 24.40
C PHE N 205 24.07 59.83 24.22
N LEU N 206 23.71 58.55 24.30
CA LEU N 206 22.35 58.11 24.09
C LEU N 206 21.85 57.36 25.32
N TYR N 207 20.55 57.07 25.34
CA TYR N 207 19.95 56.35 26.45
C TYR N 207 18.81 55.50 25.88
N CYS N 208 19.12 54.24 25.60
CA CYS N 208 18.11 53.28 25.20
C CYS N 208 17.64 52.48 26.41
N THR N 209 16.63 51.64 26.20
CA THR N 209 16.16 50.72 27.24
C THR N 209 15.96 49.36 26.57
N PHE N 210 17.02 48.57 26.54
CA PHE N 210 16.99 47.27 25.89
C PHE N 210 16.37 46.28 26.86
N TYR N 211 15.04 46.18 26.83
CA TYR N 211 14.29 45.34 27.75
C TYR N 211 14.56 45.73 29.21
N GLY N 212 14.20 46.96 29.56
CA GLY N 212 14.28 47.37 30.94
C GLY N 212 15.65 47.82 31.40
N ARG N 213 16.71 47.19 30.88
CA ARG N 213 17.99 47.70 31.38
C ARG N 213 18.55 48.75 30.43
N PRO N 214 19.19 49.78 30.97
CA PRO N 214 19.66 50.89 30.14
C PRO N 214 21.11 50.72 29.71
N TYR N 215 21.43 51.38 28.61
CA TYR N 215 22.80 51.50 28.11
C TYR N 215 23.16 52.98 28.08
N LYS N 216 24.34 53.28 27.55
CA LYS N 216 24.73 54.67 27.29
C LYS N 216 25.65 54.65 26.08
N LEU N 217 25.07 54.84 24.90
CA LEU N 217 25.83 54.82 23.66
C LEU N 217 26.38 56.20 23.37
N GLN N 218 27.66 56.27 23.04
CA GLN N 218 28.30 57.52 22.68
C GLN N 218 28.45 57.60 21.17
N VAL N 219 28.34 58.82 20.65
CA VAL N 219 28.46 59.07 19.21
C VAL N 219 29.86 59.57 18.91
N LEU N 220 30.57 58.85 18.04
CA LEU N 220 31.93 59.22 17.67
C LEU N 220 31.93 60.25 16.54
N ARG N 221 31.38 59.88 15.38
CA ARG N 221 31.34 60.74 14.23
C ARG N 221 29.96 60.70 13.62
N VAL N 222 29.67 61.69 12.78
CA VAL N 222 28.38 61.80 12.14
C VAL N 222 28.60 62.10 10.66
N LYS N 223 27.85 61.41 9.80
CA LYS N 223 27.86 61.69 8.37
C LYS N 223 26.47 62.15 7.97
N GLY N 224 26.35 63.43 7.62
CA GLY N 224 25.11 63.92 7.04
C GLY N 224 24.88 63.33 5.66
N ALA N 225 23.67 63.53 5.15
CA ALA N 225 23.34 63.02 3.82
C ALA N 225 24.25 63.59 2.76
N ASP N 226 24.72 64.83 2.93
CA ASP N 226 25.57 65.50 1.97
C ASP N 226 27.04 65.47 2.37
N GLY N 227 27.48 64.39 3.01
CA GLY N 227 28.88 64.24 3.37
C GLY N 227 29.40 65.29 4.32
N MET N 228 28.51 65.95 5.06
CA MET N 228 28.91 67.03 5.96
C MET N 228 29.33 66.44 7.31
N ILE N 229 30.49 65.78 7.29
CA ILE N 229 30.98 65.08 8.47
C ILE N 229 31.31 66.07 9.57
N LEU N 230 31.17 65.62 10.82
CA LEU N 230 31.57 66.37 11.98
C LEU N 230 32.71 65.64 12.70
N GLY N 231 33.23 66.27 13.74
CA GLY N 231 34.31 65.69 14.52
C GLY N 231 33.88 64.49 15.32
N CYS N 345 27.54 78.43 16.93
CA CYS N 345 27.13 77.46 15.93
C CYS N 345 25.61 77.45 15.79
N ASN N 346 24.95 78.40 16.45
CA ASN N 346 23.49 78.45 16.44
C ASN N 346 22.90 78.68 15.05
N THR N 347 23.72 79.06 14.08
CA THR N 347 23.31 79.16 12.69
C THR N 347 24.18 78.19 11.91
N ASP N 348 23.74 76.95 11.83
CA ASP N 348 24.54 75.89 11.22
C ASP N 348 23.61 74.77 10.78
N THR N 349 24.19 73.62 10.48
CA THR N 349 23.46 72.42 10.14
C THR N 349 23.48 71.43 11.29
N PHE N 350 22.37 70.70 11.43
CA PHE N 350 22.26 69.67 12.45
C PHE N 350 21.45 68.52 11.88
N TYR N 351 21.53 67.37 12.55
CA TYR N 351 21.07 66.15 11.92
C TYR N 351 20.31 65.30 12.92
N PHE N 352 19.16 64.80 12.50
CA PHE N 352 18.34 63.92 13.32
C PHE N 352 18.52 62.48 12.86
N ILE N 353 17.71 61.59 13.43
CA ILE N 353 17.84 60.15 13.19
C ILE N 353 16.55 59.64 12.58
N SER N 354 16.69 58.65 11.71
CA SER N 354 15.52 58.03 11.09
C SER N 354 15.88 56.61 10.68
N SER N 355 14.84 55.84 10.33
CA SER N 355 15.00 54.43 10.03
C SER N 355 16.05 54.19 8.96
N THR N 356 16.19 55.12 8.02
CA THR N 356 17.16 54.93 6.95
C THR N 356 18.59 55.07 7.43
N THR N 357 18.83 55.92 8.42
CA THR N 357 20.16 56.05 9.00
C THR N 357 20.69 54.68 9.42
N ARG N 358 21.96 54.45 9.14
CA ARG N 358 22.62 53.23 9.56
C ARG N 358 23.70 53.57 10.58
N VAL N 359 24.15 52.55 11.29
CA VAL N 359 25.06 52.74 12.41
C VAL N 359 26.33 51.94 12.17
N ASN N 360 27.44 52.46 12.69
CA ASN N 360 28.74 51.81 12.65
C ASN N 360 29.34 51.79 14.03
N PHE N 361 30.03 50.70 14.36
CA PHE N 361 30.63 50.55 15.68
C PHE N 361 32.15 50.66 15.63
N PRO O 36 18.76 7.44 74.48
CA PRO O 36 17.61 6.63 74.08
C PRO O 36 17.80 6.00 72.71
N LEU O 37 16.74 6.01 71.90
CA LEU O 37 16.82 5.48 70.56
C LEU O 37 15.62 5.97 69.78
N LEU O 38 15.85 6.35 68.53
CA LEU O 38 14.86 7.07 67.74
C LEU O 38 14.66 6.40 66.41
N LYS O 39 13.40 6.30 65.99
CA LYS O 39 13.13 5.81 64.65
C LYS O 39 13.29 6.94 63.65
N LEU O 40 13.35 6.57 62.38
CA LEU O 40 13.56 7.51 61.30
C LEU O 40 12.49 7.28 60.25
N LEU O 41 11.37 7.97 60.39
CA LEU O 41 10.29 7.85 59.44
C LEU O 41 10.71 8.49 58.12
N PRO O 42 9.92 8.34 57.09
CA PRO O 42 10.17 9.13 55.87
C PRO O 42 9.76 10.56 56.12
N LEU O 43 9.79 11.40 55.08
CA LEU O 43 9.48 12.81 55.25
C LEU O 43 8.36 13.21 54.29
N ASP O 44 7.24 13.63 54.84
CA ASP O 44 6.13 14.12 54.04
C ASP O 44 6.54 15.35 53.23
N ALA O 45 5.65 15.78 52.33
CA ALA O 45 6.04 16.69 51.26
C ALA O 45 6.46 18.04 51.79
N ARG O 46 5.63 18.64 52.65
CA ARG O 46 5.84 20.02 53.06
C ARG O 46 7.27 20.26 53.51
N ASP O 47 7.71 19.55 54.54
CA ASP O 47 9.09 19.68 54.96
C ASP O 47 10.04 19.33 53.83
N ARG O 48 9.77 18.21 53.14
CA ARG O 48 10.64 17.66 52.12
C ARG O 48 11.16 18.76 51.21
N GLY O 49 10.30 19.72 50.93
CA GLY O 49 10.82 20.89 50.24
C GLY O 49 12.00 21.50 50.94
N THR O 50 11.78 22.07 52.12
CA THR O 50 12.79 22.90 52.76
C THR O 50 13.84 22.08 53.48
N GLN O 51 14.60 22.74 54.34
CA GLN O 51 15.76 22.14 54.97
C GLN O 51 15.45 21.45 56.28
N ARG O 52 14.53 22.02 57.06
CA ARG O 52 14.36 21.71 58.47
C ARG O 52 14.22 20.23 58.77
N CYS O 53 14.51 19.83 60.01
CA CYS O 53 14.30 18.47 60.47
C CYS O 53 13.45 18.51 61.72
N ARG O 54 12.44 17.66 61.78
CA ARG O 54 11.49 17.69 62.88
C ARG O 54 11.94 16.73 63.98
N LEU O 55 11.34 16.87 65.15
CA LEU O 55 11.87 16.19 66.32
C LEU O 55 10.90 16.38 67.48
N GLY O 56 10.85 15.39 68.35
CA GLY O 56 9.92 15.41 69.46
C GLY O 56 10.46 16.15 70.66
N PRO O 57 9.59 16.83 71.40
CA PRO O 57 10.05 17.69 72.50
C PRO O 57 10.92 16.99 73.51
N ALA O 58 10.90 15.66 73.56
CA ALA O 58 11.82 14.95 74.43
C ALA O 58 13.26 15.30 74.09
N ALA O 59 13.70 14.94 72.89
CA ALA O 59 15.09 15.21 72.53
C ALA O 59 15.37 16.69 72.44
N LEU O 60 14.38 17.51 72.08
CA LEU O 60 14.60 18.95 72.09
C LEU O 60 14.93 19.43 73.50
N HIS O 61 14.21 18.94 74.50
CA HIS O 61 14.61 19.24 75.87
C HIS O 61 15.98 18.67 76.19
N ALA O 62 16.34 17.55 75.57
CA ALA O 62 17.61 16.91 75.88
C ALA O 62 18.78 17.82 75.55
N LEU O 63 18.96 18.16 74.28
CA LEU O 63 20.10 18.98 73.88
C LEU O 63 19.85 20.47 74.03
N GLY O 64 18.64 20.87 74.43
CA GLY O 64 18.34 22.27 74.73
C GLY O 64 18.75 23.29 73.68
N ALA O 65 18.20 23.19 72.48
CA ALA O 65 18.36 24.20 71.45
C ALA O 65 17.00 24.87 71.26
N ARG O 66 16.99 26.21 71.25
CA ARG O 66 15.72 26.92 71.32
C ARG O 66 14.85 26.57 70.11
N LEU O 67 15.26 26.95 68.91
CA LEU O 67 14.53 26.68 67.69
C LEU O 67 15.40 27.05 66.52
N GLY O 68 15.07 26.56 65.34
CA GLY O 68 15.78 26.94 64.14
C GLY O 68 17.28 26.82 64.24
N SER O 69 17.76 26.13 65.26
CA SER O 69 19.18 26.01 65.47
C SER O 69 19.77 25.04 64.47
N ALA O 70 21.08 24.83 64.59
CA ALA O 70 21.77 23.86 63.77
C ALA O 70 21.94 22.58 64.57
N VAL O 71 21.88 21.45 63.87
CA VAL O 71 22.09 20.16 64.50
C VAL O 71 22.91 19.32 63.54
N LYS O 72 24.19 19.14 63.85
CA LYS O 72 25.02 18.27 63.06
C LYS O 72 24.59 16.82 63.30
N ILE O 73 24.12 16.16 62.25
CA ILE O 73 23.65 14.80 62.31
C ILE O 73 24.60 13.91 61.53
N SER O 74 25.07 12.85 62.17
CA SER O 74 25.97 11.89 61.54
C SER O 74 25.13 10.70 61.09
N LEU O 75 24.88 10.61 59.80
CA LEU O 75 24.15 9.47 59.26
C LEU O 75 24.84 8.18 59.67
N PRO O 76 24.12 7.08 59.81
CA PRO O 76 24.76 5.79 60.10
C PRO O 76 25.39 5.13 58.89
N ASP O 77 25.52 5.84 57.77
CA ASP O 77 26.08 5.29 56.55
C ASP O 77 27.30 6.08 56.09
N GLY O 78 27.93 6.82 57.00
CA GLY O 78 29.10 7.60 56.65
C GLY O 78 28.74 8.93 56.03
N GLY O 79 29.35 10.01 56.53
CA GLY O 79 29.07 11.33 56.02
C GLY O 79 28.04 12.06 56.86
N SER O 80 28.48 13.11 57.54
CA SER O 80 27.59 13.82 58.44
C SER O 80 26.58 14.65 57.67
N CYS O 81 25.63 15.24 58.40
CA CYS O 81 24.67 16.14 57.79
C CYS O 81 24.28 17.21 58.80
N LEU O 82 23.70 18.28 58.27
CA LEU O 82 23.37 19.46 59.06
C LEU O 82 21.93 19.85 58.75
N CYS O 83 21.16 20.13 59.79
CA CYS O 83 19.76 20.48 59.60
C CYS O 83 19.32 21.47 60.66
N THR O 84 18.16 22.05 60.43
CA THR O 84 17.59 23.07 61.29
C THR O 84 16.52 22.45 62.17
N ALA O 85 16.43 22.91 63.41
CA ALA O 85 15.54 22.29 64.37
C ALA O 85 14.15 22.90 64.31
N TRP O 86 13.15 22.07 64.52
CA TRP O 86 11.76 22.49 64.57
C TRP O 86 10.96 21.44 65.30
N PRO O 87 10.09 21.82 66.22
CA PRO O 87 9.46 20.84 67.09
C PRO O 87 8.50 19.96 66.33
N ARG O 88 8.19 18.82 66.95
CA ARG O 88 7.21 17.90 66.40
C ARG O 88 5.84 18.53 66.43
N ARG O 89 5.01 18.16 65.45
CA ARG O 89 3.72 18.82 65.32
C ARG O 89 2.79 18.49 66.48
N ASP O 90 2.86 17.28 67.01
CA ASP O 90 1.84 16.79 67.95
C ASP O 90 2.47 16.27 69.22
N GLY O 91 3.42 17.01 69.77
CA GLY O 91 4.01 16.69 71.06
C GLY O 91 4.38 15.23 71.22
N ALA O 92 4.68 14.58 70.10
CA ALA O 92 4.91 13.14 70.09
C ALA O 92 6.28 12.86 70.67
N ASP O 93 6.78 11.64 70.50
CA ASP O 93 8.04 11.30 71.13
C ASP O 93 8.88 10.38 70.26
N GLY O 94 10.18 10.41 70.50
CA GLY O 94 11.09 9.38 70.05
C GLY O 94 11.23 9.16 68.56
N PHE O 95 10.68 10.03 67.73
CA PHE O 95 10.80 9.89 66.29
C PHE O 95 11.54 11.09 65.72
N VAL O 96 12.19 10.90 64.58
CA VAL O 96 12.99 11.95 63.98
C VAL O 96 12.82 11.87 62.46
N GLN O 97 12.10 12.83 61.90
CA GLN O 97 12.09 13.00 60.46
C GLN O 97 13.12 14.06 60.13
N LEU O 98 13.90 13.82 59.08
CA LEU O 98 14.88 14.82 58.71
C LEU O 98 15.02 14.86 57.21
N ASP O 99 15.56 15.98 56.72
CA ASP O 99 15.79 16.19 55.31
C ASP O 99 17.23 16.54 55.05
N PRO O 100 17.91 15.84 54.17
CA PRO O 100 19.32 16.09 53.93
C PRO O 100 19.55 17.14 52.85
N LEU O 101 19.40 18.41 53.21
CA LEU O 101 19.79 19.45 52.28
C LEU O 101 21.28 19.72 52.35
N CYS O 102 21.76 20.14 53.51
CA CYS O 102 23.19 20.38 53.70
C CYS O 102 23.82 19.04 54.05
N ALA O 103 24.14 18.28 53.02
CA ALA O 103 24.56 16.90 53.17
C ALA O 103 26.07 16.81 53.37
N SER O 104 26.60 15.60 53.27
CA SER O 104 27.99 15.25 53.05
C SER O 104 28.13 14.70 51.64
N PRO O 105 29.21 15.02 50.94
CA PRO O 105 29.26 14.78 49.50
C PRO O 105 28.91 13.35 49.13
N GLY O 106 27.91 13.20 48.26
CA GLY O 106 27.51 11.90 47.79
C GLY O 106 26.67 11.09 48.74
N ALA O 107 26.73 11.40 50.03
CA ALA O 107 26.00 10.63 51.04
C ALA O 107 24.55 11.07 51.19
N ALA O 108 24.01 11.77 50.19
CA ALA O 108 22.68 12.36 50.29
C ALA O 108 21.60 11.31 50.47
N VAL O 109 21.41 10.46 49.47
CA VAL O 109 20.26 9.56 49.47
C VAL O 109 20.29 8.61 50.67
N GLY O 110 21.46 8.41 51.27
CA GLY O 110 21.56 7.56 52.44
C GLY O 110 20.67 7.99 53.59
N ALA O 111 20.05 9.16 53.49
CA ALA O 111 19.19 9.66 54.55
C ALA O 111 17.77 9.12 54.48
N SER O 112 17.30 8.76 53.29
CA SER O 112 15.94 8.28 53.13
C SER O 112 15.92 6.75 53.20
N ARG O 113 14.78 6.17 52.81
CA ARG O 113 14.63 4.75 52.48
C ARG O 113 15.29 3.84 53.51
N SER O 114 14.76 3.90 54.73
CA SER O 114 15.33 3.10 55.81
C SER O 114 14.27 2.84 56.86
N ARG O 115 14.65 2.00 57.83
CA ARG O 115 13.99 1.91 59.12
C ARG O 115 15.01 1.91 60.24
N ARG O 116 16.26 2.25 59.94
CA ARG O 116 17.32 2.17 60.93
C ARG O 116 17.08 3.18 62.05
N SER O 117 17.58 2.84 63.22
CA SER O 117 17.45 3.72 64.36
C SER O 117 18.35 4.94 64.18
N LEU O 118 18.35 5.81 65.19
CA LEU O 118 19.34 6.88 65.27
C LEU O 118 19.49 7.25 66.74
N SER O 119 20.61 6.92 67.33
CA SER O 119 20.81 7.26 68.73
C SER O 119 21.03 8.76 68.89
N LEU O 120 20.55 9.28 70.02
CA LEU O 120 20.62 10.72 70.25
C LEU O 120 22.07 11.22 70.22
N ASN O 121 23.00 10.41 70.70
CA ASN O 121 24.40 10.80 70.68
C ASN O 121 24.90 11.09 69.27
N ARG O 122 24.23 10.55 68.26
CA ARG O 122 24.60 10.84 66.87
C ARG O 122 24.21 12.24 66.44
N LEU O 123 23.49 12.99 67.26
CA LEU O 123 23.15 14.38 66.96
C LEU O 123 23.97 15.29 67.85
N LEU O 124 24.28 16.48 67.33
CA LEU O 124 25.06 17.43 68.10
C LEU O 124 24.56 18.84 67.86
N LEU O 125 24.49 19.63 68.92
CA LEU O 125 24.26 21.05 68.79
C LEU O 125 25.57 21.72 68.38
N VAL O 126 25.49 22.61 67.40
CA VAL O 126 26.68 23.24 66.83
C VAL O 126 26.53 24.75 66.89
N PRO O 127 27.51 25.48 67.41
CA PRO O 127 27.44 26.94 67.34
C PRO O 127 27.48 27.43 65.90
N CYS O 128 26.88 28.59 65.67
CA CYS O 128 26.73 29.14 64.32
C CYS O 128 27.16 30.60 64.30
N PRO O 129 28.28 30.93 63.69
CA PRO O 129 28.72 32.33 63.62
C PRO O 129 28.18 33.00 62.38
N PRO O 130 28.19 34.34 62.34
CA PRO O 130 27.58 35.07 61.22
C PRO O 130 28.37 35.06 59.92
N LEU O 131 29.58 34.50 59.89
CA LEU O 131 30.18 34.04 58.63
C LEU O 131 30.28 35.17 57.60
N ARG O 132 31.17 36.13 57.90
CA ARG O 132 31.25 37.38 57.14
C ARG O 132 31.20 37.18 55.63
N ARG O 133 32.06 36.31 55.09
CA ARG O 133 32.11 36.13 53.64
C ARG O 133 32.31 34.66 53.30
N VAL O 134 31.79 34.25 52.14
CA VAL O 134 31.86 32.86 51.71
C VAL O 134 32.29 32.80 50.25
N ALA O 135 32.55 31.57 49.78
CA ALA O 135 33.08 31.36 48.45
C ALA O 135 32.76 29.95 47.99
N VAL O 136 32.28 29.82 46.75
CA VAL O 136 31.63 28.60 46.30
C VAL O 136 32.10 28.21 44.90
N TRP O 137 31.85 26.96 44.54
CA TRP O 137 32.04 26.48 43.17
C TRP O 137 30.77 25.78 42.71
N PRO O 138 29.98 26.39 41.85
CA PRO O 138 28.71 25.80 41.46
C PRO O 138 28.76 24.98 40.19
N VAL O 139 28.04 23.87 40.22
CA VAL O 139 27.58 23.23 38.99
C VAL O 139 26.52 24.15 38.42
N LEU O 140 26.10 23.90 37.20
CA LEU O 140 24.93 24.60 36.66
C LEU O 140 23.87 23.57 36.31
N ARG O 141 22.62 24.02 36.29
CA ARG O 141 21.58 23.15 35.79
C ARG O 141 21.75 22.98 34.29
N GLU O 142 21.37 21.80 33.80
CA GLU O 142 21.57 21.51 32.39
C GLU O 142 20.51 22.26 31.57
N ARG O 143 20.67 23.58 31.53
CA ARG O 143 19.93 24.38 30.57
C ARG O 143 20.54 24.10 29.21
N ALA O 144 20.36 22.88 28.72
CA ALA O 144 21.06 22.41 27.54
C ALA O 144 20.61 23.21 26.33
N GLY O 145 21.53 23.97 25.75
CA GLY O 145 21.21 24.80 24.60
C GLY O 145 21.93 26.13 24.61
N ALA O 146 22.46 26.53 25.75
CA ALA O 146 23.17 27.81 25.81
C ALA O 146 24.18 27.86 26.94
N PRO O 147 25.32 27.17 26.84
CA PRO O 147 26.43 27.41 27.76
C PRO O 147 27.44 28.38 27.16
N GLY O 148 28.24 28.97 28.05
CA GLY O 148 29.26 29.91 27.62
C GLY O 148 29.15 31.32 28.17
N ALA O 149 30.12 31.65 29.02
CA ALA O 149 30.34 32.97 29.62
C ALA O 149 29.27 33.30 30.66
N ARG O 150 28.19 32.53 30.65
CA ARG O 150 27.24 32.37 31.75
C ARG O 150 26.98 33.62 32.57
N ASN O 151 26.95 34.79 31.94
CA ASN O 151 26.31 36.01 32.47
C ASN O 151 26.37 36.08 33.98
N THR O 152 27.59 36.03 34.53
CA THR O 152 27.83 35.75 35.94
C THR O 152 26.89 36.46 36.89
N ALA O 153 26.42 37.65 36.52
CA ALA O 153 25.42 38.33 37.33
C ALA O 153 24.24 37.42 37.61
N ALA O 154 23.80 36.68 36.60
CA ALA O 154 22.67 35.77 36.78
C ALA O 154 22.99 34.69 37.81
N VAL O 155 24.05 33.92 37.56
CA VAL O 155 24.36 32.82 38.46
C VAL O 155 24.70 33.35 39.83
N LEU O 156 25.33 34.51 39.92
CA LEU O 156 25.66 35.06 41.22
C LEU O 156 24.41 35.44 41.98
N GLU O 157 23.44 36.06 41.31
CA GLU O 157 22.19 36.40 41.98
C GLU O 157 21.47 35.15 42.45
N ALA O 158 21.40 34.14 41.58
CA ALA O 158 20.68 32.93 41.97
C ALA O 158 21.36 32.25 43.16
N ALA O 159 22.68 32.19 43.16
CA ALA O 159 23.37 31.56 44.28
C ALA O 159 23.16 32.36 45.56
N GLN O 160 23.41 33.67 45.51
CA GLN O 160 23.15 34.50 46.67
C GLN O 160 21.73 34.30 47.19
N GLU O 161 20.79 34.04 46.30
CA GLU O 161 19.43 33.72 46.73
C GLU O 161 19.40 32.41 47.50
N LEU O 162 19.86 31.34 46.85
CA LEU O 162 19.77 30.01 47.44
C LEU O 162 20.52 29.89 48.75
N LEU O 163 21.43 30.81 49.06
CA LEU O 163 22.18 30.75 50.30
C LEU O 163 21.62 31.64 51.39
N ARG O 164 20.41 32.16 51.25
CA ARG O 164 19.94 33.16 52.19
C ARG O 164 19.62 32.54 53.53
N ASN O 165 20.26 33.04 54.58
CA ASN O 165 19.92 32.75 55.97
C ASN O 165 20.08 31.29 56.33
N ARG O 166 20.51 30.46 55.39
CA ARG O 166 20.75 29.07 55.73
C ARG O 166 22.02 28.96 56.57
N PRO O 167 22.06 28.00 57.46
CA PRO O 167 23.34 27.59 58.01
C PRO O 167 23.95 26.48 57.17
N ILE O 168 25.21 26.63 56.79
CA ILE O 168 25.94 25.61 56.08
C ILE O 168 27.26 25.37 56.79
N SER O 169 27.79 24.17 56.63
CA SER O 169 29.06 23.79 57.23
C SER O 169 30.02 23.37 56.13
N LEU O 170 31.25 23.89 56.19
CA LEU O 170 32.24 23.69 55.15
C LEU O 170 32.37 22.23 54.75
N GLY O 171 32.61 21.99 53.47
CA GLY O 171 32.81 20.65 52.97
C GLY O 171 31.53 19.92 52.63
N HIS O 172 30.53 20.64 52.14
CA HIS O 172 29.21 20.06 51.96
C HIS O 172 28.60 20.53 50.65
N VAL O 173 27.84 19.63 50.06
CA VAL O 173 26.97 20.02 48.97
C VAL O 173 25.73 20.70 49.53
N VAL O 174 25.13 21.58 48.73
CA VAL O 174 23.82 22.14 49.07
C VAL O 174 22.97 22.04 47.82
N VAL O 175 22.08 21.06 47.78
CA VAL O 175 21.33 20.76 46.57
C VAL O 175 20.34 21.89 46.33
N ALA O 176 19.83 21.99 45.12
CA ALA O 176 18.76 22.97 45.12
C ALA O 176 17.42 22.26 45.19
N PRO O 177 16.44 22.84 45.88
CA PRO O 177 15.13 22.22 45.98
C PRO O 177 14.54 22.01 44.60
N PRO O 178 13.61 21.07 44.46
CA PRO O 178 13.08 20.78 43.13
C PRO O 178 12.28 21.95 42.60
N GLY O 179 12.35 22.13 41.29
CA GLY O 179 11.67 23.25 40.67
C GLY O 179 12.12 24.59 41.17
N ALA O 180 13.32 24.67 41.74
CA ALA O 180 13.86 25.95 42.15
C ALA O 180 14.02 26.85 40.93
N PRO O 181 14.05 28.14 41.13
CA PRO O 181 14.18 29.06 40.00
C PRO O 181 15.62 29.09 39.52
N GLY O 182 15.87 29.96 38.55
CA GLY O 182 17.23 30.28 38.18
C GLY O 182 17.97 29.13 37.51
N LEU O 183 19.28 29.13 37.68
CA LEU O 183 20.18 28.22 36.99
C LEU O 183 20.95 27.31 37.93
N VAL O 184 21.27 27.79 39.13
CA VAL O 184 22.18 27.04 39.98
C VAL O 184 21.51 25.76 40.44
N ALA O 185 22.33 24.73 40.63
CA ALA O 185 21.83 23.48 41.18
C ALA O 185 22.79 22.84 42.16
N ALA O 186 23.80 23.56 42.62
CA ALA O 186 24.75 23.00 43.57
C ALA O 186 25.66 24.11 44.06
N LEU O 187 26.06 24.02 45.32
CA LEU O 187 26.93 25.01 45.92
C LEU O 187 28.02 24.36 46.76
N HIS O 188 28.76 23.42 46.17
CA HIS O 188 29.89 22.82 46.87
C HIS O 188 30.68 23.90 47.62
N ILE O 189 30.76 23.74 48.93
CA ILE O 189 31.22 24.81 49.81
C ILE O 189 32.73 24.67 50.03
N VAL O 190 33.47 25.71 49.71
CA VAL O 190 34.92 25.67 49.83
C VAL O 190 35.46 26.81 50.69
N GLY O 191 35.25 28.05 50.26
CA GLY O 191 35.88 29.14 50.97
C GLY O 191 35.00 29.69 52.07
N GLY O 192 35.50 29.66 53.31
CA GLY O 192 34.76 30.27 54.38
C GLY O 192 35.63 31.19 55.19
N THR O 193 35.23 32.45 55.35
CA THR O 193 36.15 33.44 55.92
C THR O 193 36.47 33.18 57.38
N PRO O 194 35.51 33.14 58.31
CA PRO O 194 35.84 32.84 59.71
C PRO O 194 35.86 31.35 59.99
N SER O 195 36.46 30.58 59.09
CA SER O 195 36.73 29.15 59.27
C SER O 195 35.47 28.39 59.67
N PRO O 196 34.54 28.18 58.76
CA PRO O 196 33.31 27.46 59.13
C PRO O 196 33.52 25.94 59.16
N ASP O 197 34.37 25.47 60.07
CA ASP O 197 34.55 24.03 60.14
C ASP O 197 33.38 23.34 60.85
N PRO O 198 32.92 23.80 62.04
CA PRO O 198 31.74 23.14 62.60
C PRO O 198 30.53 23.42 61.74
N ALA O 199 30.23 24.70 61.57
CA ALA O 199 29.14 25.20 60.74
C ALA O 199 29.17 26.72 60.82
N GLY O 200 28.31 27.36 60.02
CA GLY O 200 28.22 28.80 59.98
C GLY O 200 26.98 29.29 59.28
N LEU O 201 26.46 30.43 59.72
CA LEU O 201 25.22 30.99 59.20
C LEU O 201 25.55 32.05 58.15
N VAL O 202 25.05 31.86 56.94
CA VAL O 202 25.25 32.88 55.91
C VAL O 202 24.21 33.97 56.11
N THR O 203 24.65 35.19 56.19
CA THR O 203 23.71 36.26 56.51
C THR O 203 23.41 37.10 55.27
N PRO O 204 22.32 37.85 55.27
CA PRO O 204 21.99 38.69 54.10
C PRO O 204 23.06 39.73 53.76
N ARG O 205 24.08 39.90 54.59
CA ARG O 205 25.11 40.89 54.32
C ARG O 205 26.46 40.20 54.18
N THR O 206 26.51 39.12 53.41
CA THR O 206 27.73 38.34 53.27
C THR O 206 28.12 38.23 51.81
N ARG O 207 29.34 38.67 51.50
CA ARG O 207 29.88 38.49 50.17
C ARG O 207 29.87 37.03 49.79
N VAL O 208 29.53 36.76 48.54
CA VAL O 208 29.50 35.40 48.01
C VAL O 208 30.42 35.39 46.79
N SER O 209 31.68 35.03 47.00
CA SER O 209 32.65 34.99 45.93
C SER O 209 32.48 33.69 45.15
N LEU O 210 32.06 33.81 43.89
CA LEU O 210 31.98 32.64 43.03
C LEU O 210 33.39 32.24 42.63
N GLY O 211 34.19 31.81 43.59
CA GLY O 211 35.55 31.41 43.33
C GLY O 211 35.67 30.46 42.16
N GLY O 212 35.14 29.26 42.31
CA GLY O 212 35.07 28.34 41.19
C GLY O 212 36.16 27.30 41.14
N GLU O 213 36.55 26.76 42.29
CA GLU O 213 37.62 25.77 42.37
C GLU O 213 37.03 24.42 42.76
N PRO O 214 36.69 23.57 41.80
CA PRO O 214 36.24 22.21 42.12
C PRO O 214 37.29 21.49 42.94
N PRO O 215 36.98 21.16 44.19
CA PRO O 215 37.99 20.59 45.08
C PRO O 215 38.00 19.07 45.08
N SER O 216 39.21 18.52 45.11
CA SER O 216 39.48 17.12 45.39
C SER O 216 38.51 16.20 44.62
N GLU O 217 38.60 16.28 43.31
CA GLU O 217 37.74 15.48 42.43
C GLU O 217 38.43 14.16 42.15
N ALA O 218 37.96 13.10 42.79
CA ALA O 218 38.51 11.77 42.60
C ALA O 218 37.44 10.70 42.80
N PRO P 36 -48.82 41.64 -42.55
CA PRO P 36 -47.40 41.96 -42.40
C PRO P 36 -46.57 40.73 -42.08
N LEU P 37 -45.40 40.94 -41.49
CA LEU P 37 -44.57 39.85 -41.04
C LEU P 37 -43.97 40.21 -39.69
N LEU P 38 -44.05 39.28 -38.75
CA LEU P 38 -43.64 39.52 -37.37
C LEU P 38 -42.48 38.60 -37.03
N LYS P 39 -41.43 39.19 -36.49
CA LYS P 39 -40.30 38.39 -36.06
C LYS P 39 -40.61 37.76 -34.72
N LEU P 40 -40.41 36.45 -34.63
CA LEU P 40 -40.46 35.80 -33.35
C LEU P 40 -39.19 36.11 -32.56
N LEU P 41 -39.21 35.81 -31.27
CA LEU P 41 -38.11 36.14 -30.38
C LEU P 41 -38.08 35.09 -29.28
N PRO P 42 -37.05 35.09 -28.47
CA PRO P 42 -37.10 34.25 -27.27
C PRO P 42 -38.03 34.87 -26.25
N LEU P 43 -38.11 34.29 -25.06
CA LEU P 43 -38.94 34.86 -24.01
C LEU P 43 -38.08 35.47 -22.91
N ASP P 44 -38.58 36.54 -22.34
CA ASP P 44 -37.77 37.40 -21.49
C ASP P 44 -37.48 36.81 -20.15
N ALA P 45 -37.74 35.52 -19.91
CA ALA P 45 -37.47 34.81 -18.67
C ALA P 45 -38.33 35.31 -17.52
N ARG P 46 -39.17 36.31 -17.73
CA ARG P 46 -40.16 36.68 -16.73
C ARG P 46 -41.48 35.98 -17.02
N ASP P 47 -42.01 36.17 -18.22
CA ASP P 47 -43.21 35.49 -18.66
C ASP P 47 -43.06 33.98 -18.64
N ARG P 48 -41.83 33.47 -18.52
CA ARG P 48 -41.49 32.09 -18.85
C ARG P 48 -42.57 31.09 -18.48
N GLY P 49 -42.99 31.09 -17.22
CA GLY P 49 -43.98 30.12 -16.80
C GLY P 49 -45.37 30.46 -17.26
N THR P 50 -45.67 31.74 -17.41
CA THR P 50 -47.05 32.16 -17.62
C THR P 50 -47.52 31.67 -18.97
N GLN P 51 -48.78 31.93 -19.26
CA GLN P 51 -49.33 31.58 -20.55
C GLN P 51 -49.23 32.70 -21.55
N ARG P 52 -48.88 33.90 -21.11
CA ARG P 52 -49.06 35.09 -21.92
C ARG P 52 -48.24 35.03 -23.20
N CYS P 53 -48.64 35.84 -24.16
CA CYS P 53 -47.87 36.09 -25.37
C CYS P 53 -47.99 37.56 -25.69
N ARG P 54 -46.88 38.23 -25.94
CA ARG P 54 -46.87 39.68 -26.01
C ARG P 54 -46.84 40.15 -27.45
N LEU P 55 -47.46 41.30 -27.70
CA LEU P 55 -47.56 41.86 -29.03
C LEU P 55 -47.50 43.37 -28.95
N GLY P 56 -47.22 43.99 -30.10
CA GLY P 56 -47.28 45.42 -30.20
C GLY P 56 -48.68 45.88 -30.54
N PRO P 57 -49.04 47.07 -30.07
CA PRO P 57 -50.42 47.53 -30.30
C PRO P 57 -50.82 47.56 -31.74
N ALA P 58 -49.84 47.49 -32.66
CA ALA P 58 -50.19 47.37 -34.07
C ALA P 58 -51.06 46.15 -34.31
N ALA P 59 -50.53 44.96 -34.02
CA ALA P 59 -51.29 43.75 -34.26
C ALA P 59 -52.54 43.71 -33.41
N LEU P 60 -52.46 44.21 -32.17
CA LEU P 60 -53.63 44.20 -31.30
C LEU P 60 -54.77 44.98 -31.91
N HIS P 61 -54.50 46.20 -32.38
CA HIS P 61 -55.53 46.92 -33.11
C HIS P 61 -55.98 46.15 -34.34
N ALA P 62 -55.03 45.56 -35.08
CA ALA P 62 -55.37 44.79 -36.25
C ALA P 62 -56.21 43.57 -35.92
N LEU P 63 -56.36 43.24 -34.65
CA LEU P 63 -57.12 42.08 -34.24
C LEU P 63 -58.45 42.42 -33.60
N GLY P 64 -58.66 43.67 -33.19
CA GLY P 64 -59.82 43.99 -32.38
C GLY P 64 -59.95 43.14 -31.15
N ALA P 65 -58.86 42.53 -30.71
CA ALA P 65 -58.91 41.53 -29.66
C ALA P 65 -59.01 42.22 -28.29
N ARG P 66 -58.82 41.45 -27.24
CA ARG P 66 -59.03 41.90 -25.88
C ARG P 66 -57.76 41.65 -25.08
N LEU P 67 -57.31 42.68 -24.36
CA LEU P 67 -56.25 42.47 -23.40
C LEU P 67 -56.66 41.34 -22.46
N GLY P 68 -55.97 40.21 -22.53
CA GLY P 68 -56.32 39.04 -21.77
C GLY P 68 -57.16 38.03 -22.50
N SER P 69 -57.48 38.25 -23.76
CA SER P 69 -58.28 37.31 -24.51
C SER P 69 -57.46 36.09 -24.87
N ALA P 70 -58.05 35.18 -25.62
CA ALA P 70 -57.37 34.00 -26.11
C ALA P 70 -57.01 34.19 -27.58
N VAL P 71 -55.95 33.52 -28.00
CA VAL P 71 -55.49 33.60 -29.37
C VAL P 71 -54.90 32.26 -29.74
N LYS P 72 -55.41 31.66 -30.82
CA LYS P 72 -54.86 30.42 -31.33
C LYS P 72 -53.80 30.73 -32.38
N ILE P 73 -52.61 30.18 -32.18
CA ILE P 73 -51.47 30.44 -33.04
C ILE P 73 -51.03 29.13 -33.64
N SER P 74 -51.16 28.99 -34.95
CA SER P 74 -50.71 27.77 -35.61
C SER P 74 -49.23 27.91 -35.92
N LEU P 75 -48.40 27.17 -35.19
CA LEU P 75 -46.97 27.23 -35.39
C LEU P 75 -46.62 26.93 -36.85
N PRO P 76 -45.46 27.37 -37.31
CA PRO P 76 -45.01 27.05 -38.67
C PRO P 76 -44.40 25.67 -38.82
N ASP P 77 -44.50 24.82 -37.79
CA ASP P 77 -43.90 23.50 -37.83
C ASP P 77 -44.93 22.40 -37.56
N GLY P 78 -46.21 22.69 -37.81
CA GLY P 78 -47.26 21.72 -37.58
C GLY P 78 -47.70 21.67 -36.13
N GLY P 79 -49.00 21.68 -35.90
CA GLY P 79 -49.53 21.67 -34.56
C GLY P 79 -49.75 23.08 -34.03
N SER P 80 -50.89 23.31 -33.41
CA SER P 80 -51.25 24.65 -32.97
C SER P 80 -50.98 24.84 -31.49
N CYS P 81 -51.04 26.10 -31.07
CA CYS P 81 -50.89 26.50 -29.68
C CYS P 81 -51.92 27.56 -29.35
N LEU P 82 -51.99 27.93 -28.08
CA LEU P 82 -52.99 28.85 -27.62
C LEU P 82 -52.37 29.72 -26.54
N CYS P 83 -52.67 31.01 -26.56
CA CYS P 83 -52.05 31.91 -25.59
C CYS P 83 -53.01 33.04 -25.25
N THR P 84 -52.59 33.85 -24.29
CA THR P 84 -53.34 35.00 -23.82
C THR P 84 -52.59 36.27 -24.22
N ALA P 85 -53.33 37.30 -24.60
CA ALA P 85 -52.74 38.49 -25.18
C ALA P 85 -52.43 39.53 -24.13
N TRP P 86 -51.31 40.23 -24.33
CA TRP P 86 -50.87 41.30 -23.45
C TRP P 86 -49.96 42.21 -24.24
N PRO P 87 -50.10 43.52 -24.11
CA PRO P 87 -49.31 44.42 -24.94
C PRO P 87 -47.84 44.39 -24.55
N ARG P 88 -47.01 44.86 -25.48
CA ARG P 88 -45.60 45.09 -25.17
C ARG P 88 -45.47 46.22 -24.17
N ARG P 89 -44.44 46.14 -23.34
CA ARG P 89 -44.28 47.15 -22.32
C ARG P 89 -43.68 48.43 -22.84
N ASP P 90 -43.57 48.59 -24.16
CA ASP P 90 -42.92 49.77 -24.69
C ASP P 90 -43.62 50.34 -25.92
N GLY P 91 -44.84 49.91 -26.23
CA GLY P 91 -45.50 50.40 -27.43
C GLY P 91 -44.72 50.12 -28.69
N ALA P 92 -43.94 49.05 -28.71
CA ALA P 92 -43.09 48.72 -29.85
C ALA P 92 -43.98 48.18 -30.95
N ASP P 93 -43.37 47.62 -32.00
CA ASP P 93 -44.16 47.23 -33.15
C ASP P 93 -43.68 45.92 -33.75
N GLY P 94 -44.60 45.23 -34.40
CA GLY P 94 -44.29 44.16 -35.33
C GLY P 94 -43.53 42.97 -34.79
N PHE P 95 -43.38 42.84 -33.48
CA PHE P 95 -42.69 41.70 -32.91
C PHE P 95 -43.68 40.86 -32.13
N VAL P 96 -43.42 39.55 -32.04
CA VAL P 96 -44.30 38.65 -31.34
C VAL P 96 -43.45 37.61 -30.63
N GLN P 97 -43.41 37.68 -29.31
CA GLN P 97 -42.82 36.64 -28.50
C GLN P 97 -43.93 35.95 -27.73
N LEU P 98 -43.85 34.63 -27.65
CA LEU P 98 -44.95 33.86 -27.08
C LEU P 98 -44.39 32.66 -26.35
N ASP P 99 -45.24 32.07 -25.51
CA ASP P 99 -44.92 30.82 -24.86
C ASP P 99 -45.90 29.73 -25.25
N PRO P 100 -45.41 28.55 -25.55
CA PRO P 100 -46.30 27.41 -25.69
C PRO P 100 -46.50 26.75 -24.33
N LEU P 101 -47.73 26.78 -23.84
CA LEU P 101 -48.07 26.03 -22.65
C LEU P 101 -49.20 25.05 -22.91
N CYS P 102 -50.26 25.51 -23.57
CA CYS P 102 -51.31 24.63 -24.05
C CYS P 102 -51.08 24.44 -25.54
N ALA P 103 -50.69 23.22 -25.93
CA ALA P 103 -50.16 23.01 -27.27
C ALA P 103 -50.65 21.70 -27.85
N SER P 104 -50.53 21.60 -29.17
CA SER P 104 -50.73 20.33 -29.84
C SER P 104 -49.61 19.37 -29.43
N PRO P 105 -49.90 18.09 -29.25
CA PRO P 105 -48.94 17.18 -28.65
C PRO P 105 -47.63 17.17 -29.42
N GLY P 106 -46.54 17.02 -28.68
CA GLY P 106 -45.24 16.91 -29.30
C GLY P 106 -44.68 18.22 -29.80
N ALA P 107 -45.48 18.98 -30.54
CA ALA P 107 -45.02 20.21 -31.20
C ALA P 107 -44.69 21.29 -30.24
N ALA P 108 -44.74 21.05 -28.93
CA ALA P 108 -44.48 22.11 -27.96
C ALA P 108 -42.99 22.31 -27.74
N VAL P 109 -42.22 22.42 -28.82
CA VAL P 109 -40.86 22.91 -28.74
C VAL P 109 -40.67 23.90 -29.88
N GLY P 110 -41.59 23.89 -30.83
CA GLY P 110 -41.46 24.68 -32.05
C GLY P 110 -41.24 26.16 -31.80
N ALA P 111 -41.52 26.60 -30.58
CA ALA P 111 -41.33 28.01 -30.24
C ALA P 111 -39.86 28.33 -30.05
N SER P 112 -39.20 27.65 -29.13
CA SER P 112 -37.87 28.05 -28.71
C SER P 112 -36.86 27.89 -29.85
N ARG P 113 -35.70 28.52 -29.65
CA ARG P 113 -34.54 28.39 -30.53
C ARG P 113 -34.94 28.52 -32.00
N SER P 114 -35.43 29.70 -32.34
CA SER P 114 -36.07 29.90 -33.62
C SER P 114 -35.65 31.23 -34.21
N ARG P 115 -35.85 31.36 -35.53
CA ARG P 115 -35.74 32.64 -36.19
C ARG P 115 -36.87 32.83 -37.20
N ARG P 116 -37.82 31.90 -37.27
CA ARG P 116 -38.95 31.98 -38.17
C ARG P 116 -39.71 33.28 -37.95
N SER P 117 -40.55 33.67 -38.90
CA SER P 117 -41.27 34.94 -38.84
C SER P 117 -42.76 34.68 -39.09
N LEU P 118 -43.53 34.53 -38.02
CA LEU P 118 -44.95 34.27 -38.17
C LEU P 118 -45.64 35.44 -38.85
N SER P 119 -46.77 35.16 -39.47
CA SER P 119 -47.57 36.18 -40.13
C SER P 119 -48.93 36.31 -39.44
N LEU P 120 -49.51 37.50 -39.51
CA LEU P 120 -50.70 37.79 -38.73
C LEU P 120 -51.86 36.89 -39.14
N ASN P 121 -52.03 36.64 -40.44
CA ASN P 121 -53.08 35.74 -40.87
C ASN P 121 -52.96 34.37 -40.22
N ARG P 122 -51.77 33.99 -39.81
CA ARG P 122 -51.53 32.73 -39.14
C ARG P 122 -51.94 32.77 -37.66
N LEU P 123 -52.46 33.90 -37.20
CA LEU P 123 -52.98 34.05 -35.85
C LEU P 123 -54.50 34.16 -35.91
N LEU P 124 -55.18 33.77 -34.83
CA LEU P 124 -56.63 33.85 -34.83
C LEU P 124 -57.15 34.19 -33.44
N LEU P 125 -58.17 35.02 -33.39
CA LEU P 125 -58.94 35.22 -32.18
C LEU P 125 -59.99 34.13 -32.08
N VAL P 126 -60.10 33.50 -30.92
CA VAL P 126 -60.98 32.36 -30.70
C VAL P 126 -62.00 32.76 -29.64
N PRO P 127 -63.30 32.58 -29.87
CA PRO P 127 -64.26 32.79 -28.79
C PRO P 127 -64.07 31.74 -27.71
N CYS P 128 -64.12 32.19 -26.46
CA CYS P 128 -63.86 31.32 -25.31
C CYS P 128 -65.07 31.23 -24.41
N PRO P 129 -65.78 30.11 -24.37
CA PRO P 129 -66.90 29.97 -23.44
C PRO P 129 -66.46 29.33 -22.14
N PRO P 130 -67.18 29.60 -21.04
CA PRO P 130 -66.85 28.96 -19.76
C PRO P 130 -67.43 27.56 -19.72
N LEU P 131 -66.56 26.56 -19.64
CA LEU P 131 -67.02 25.18 -19.64
C LEU P 131 -67.76 24.88 -18.35
N ARG P 132 -68.39 23.70 -18.31
CA ARG P 132 -69.13 23.22 -17.15
C ARG P 132 -68.44 22.06 -16.46
N ARG P 133 -67.97 21.08 -17.21
CA ARG P 133 -67.22 19.98 -16.65
C ARG P 133 -66.14 19.57 -17.64
N VAL P 134 -64.97 19.21 -17.13
CA VAL P 134 -63.81 18.94 -17.96
C VAL P 134 -63.21 17.60 -17.55
N ALA P 135 -62.61 16.91 -18.52
CA ALA P 135 -62.00 15.61 -18.27
C ALA P 135 -60.61 15.54 -18.87
N VAL P 136 -59.69 14.94 -18.13
CA VAL P 136 -58.26 15.08 -18.37
C VAL P 136 -57.55 13.83 -17.92
N TRP P 137 -56.52 13.41 -18.66
CA TRP P 137 -55.67 12.33 -18.22
C TRP P 137 -54.37 12.91 -17.71
N PRO P 138 -54.02 12.66 -16.49
CA PRO P 138 -52.76 13.17 -15.96
C PRO P 138 -51.58 12.24 -16.11
N VAL P 139 -50.50 12.73 -16.71
CA VAL P 139 -49.22 12.05 -16.64
C VAL P 139 -48.48 12.63 -15.44
N LEU P 140 -48.17 11.78 -14.49
CA LEU P 140 -47.74 12.25 -13.18
C LEU P 140 -46.23 12.40 -13.14
N ARG P 141 -45.78 13.27 -12.25
CA ARG P 141 -44.35 13.49 -12.10
C ARG P 141 -43.70 12.22 -11.54
N GLU P 142 -42.42 12.05 -11.83
CA GLU P 142 -41.76 10.86 -11.34
C GLU P 142 -41.52 10.99 -9.84
N ARG P 143 -42.59 10.83 -9.07
CA ARG P 143 -42.44 10.71 -7.63
C ARG P 143 -41.89 9.32 -7.35
N ALA P 144 -40.64 9.10 -7.74
CA ALA P 144 -40.03 7.78 -7.63
C ALA P 144 -39.91 7.40 -6.17
N GLY P 145 -40.74 6.46 -5.73
CA GLY P 145 -40.73 6.05 -4.33
C GLY P 145 -42.10 5.69 -3.78
N ALA P 146 -43.17 6.12 -4.44
CA ALA P 146 -44.50 5.77 -3.97
C ALA P 146 -45.54 5.81 -5.09
N PRO P 147 -45.52 4.84 -6.02
CA PRO P 147 -46.56 4.75 -7.05
C PRO P 147 -47.72 3.82 -6.67
N GLY P 148 -48.31 4.04 -5.50
CA GLY P 148 -49.50 3.28 -5.16
C GLY P 148 -50.70 4.16 -4.85
N ALA P 149 -51.64 4.20 -5.80
CA ALA P 149 -52.88 4.96 -5.73
C ALA P 149 -52.61 6.47 -5.66
N ARG P 150 -51.35 6.82 -5.39
CA ARG P 150 -50.83 8.19 -5.36
C ARG P 150 -51.81 9.19 -4.74
N ASN P 151 -52.61 8.75 -3.77
CA ASN P 151 -53.47 9.63 -2.99
C ASN P 151 -54.42 10.42 -3.90
N THR P 152 -55.36 9.68 -4.49
CA THR P 152 -56.16 10.18 -5.60
C THR P 152 -56.95 11.44 -5.27
N ALA P 153 -56.85 11.92 -4.04
CA ALA P 153 -57.33 13.27 -3.75
C ALA P 153 -56.25 14.31 -4.03
N ALA P 154 -54.99 13.99 -3.77
CA ALA P 154 -53.91 14.94 -4.01
C ALA P 154 -53.81 15.28 -5.48
N VAL P 155 -53.79 14.27 -6.35
CA VAL P 155 -53.73 14.52 -7.78
C VAL P 155 -54.89 15.40 -8.20
N LEU P 156 -56.10 15.08 -7.72
CA LEU P 156 -57.25 15.87 -8.14
C LEU P 156 -57.12 17.31 -7.70
N GLU P 157 -56.63 17.54 -6.48
CA GLU P 157 -56.47 18.91 -6.00
C GLU P 157 -55.45 19.65 -6.84
N ALA P 158 -54.29 19.04 -7.09
CA ALA P 158 -53.27 19.71 -7.87
C ALA P 158 -53.76 20.05 -9.26
N ALA P 159 -54.47 19.12 -9.90
CA ALA P 159 -54.97 19.40 -11.23
C ALA P 159 -56.01 20.50 -11.22
N GLN P 160 -57.01 20.37 -10.34
CA GLN P 160 -58.01 21.43 -10.23
C GLN P 160 -57.35 22.77 -10.02
N GLU P 161 -56.20 22.81 -9.36
CA GLU P 161 -55.46 24.06 -9.27
C GLU P 161 -54.91 24.47 -10.62
N LEU P 162 -54.09 23.61 -11.21
CA LEU P 162 -53.36 23.96 -12.42
C LEU P 162 -54.27 24.35 -13.56
N LEU P 163 -55.55 24.02 -13.49
CA LEU P 163 -56.50 24.42 -14.52
C LEU P 163 -57.26 25.69 -14.19
N ARG P 164 -56.72 26.54 -13.34
CA ARG P 164 -57.46 27.73 -12.91
C ARG P 164 -57.40 28.79 -13.99
N ASN P 165 -58.52 28.98 -14.69
CA ASN P 165 -58.76 30.07 -15.64
C ASN P 165 -57.91 30.01 -16.89
N ARG P 166 -57.00 29.06 -17.01
CA ARG P 166 -56.18 29.02 -18.20
C ARG P 166 -57.01 28.52 -19.37
N PRO P 167 -57.41 29.37 -20.31
CA PRO P 167 -58.24 28.89 -21.41
C PRO P 167 -57.53 27.79 -22.16
N ILE P 168 -58.25 26.70 -22.40
CA ILE P 168 -57.69 25.51 -23.05
C ILE P 168 -58.56 25.13 -24.24
N SER P 169 -57.99 24.30 -25.10
CA SER P 169 -58.67 23.79 -26.28
C SER P 169 -58.40 22.29 -26.39
N LEU P 170 -59.41 21.55 -26.81
CA LEU P 170 -59.33 20.09 -26.87
C LEU P 170 -58.13 19.61 -27.66
N GLY P 171 -57.69 18.38 -27.41
CA GLY P 171 -56.55 17.83 -28.11
C GLY P 171 -55.31 18.63 -27.80
N HIS P 172 -54.98 18.74 -26.52
CA HIS P 172 -53.86 19.57 -26.13
C HIS P 172 -53.19 19.04 -24.88
N VAL P 173 -51.91 19.14 -24.87
CA VAL P 173 -51.12 18.97 -23.68
C VAL P 173 -51.06 20.32 -22.97
N VAL P 174 -51.18 20.29 -21.65
CA VAL P 174 -50.88 21.43 -20.80
C VAL P 174 -49.80 20.95 -19.85
N VAL P 175 -48.59 21.44 -20.04
CA VAL P 175 -47.45 21.04 -19.22
C VAL P 175 -47.52 21.86 -17.95
N ALA P 176 -46.79 21.49 -16.94
CA ALA P 176 -46.77 22.30 -15.76
C ALA P 176 -45.51 23.14 -15.72
N PRO P 177 -45.61 24.37 -15.24
CA PRO P 177 -44.44 25.23 -15.15
C PRO P 177 -43.38 24.59 -14.27
N PRO P 178 -42.12 24.97 -14.44
CA PRO P 178 -41.07 24.33 -13.67
C PRO P 178 -41.21 24.66 -12.19
N GLY P 179 -40.76 23.74 -11.36
CA GLY P 179 -40.90 23.92 -9.93
C GLY P 179 -42.32 24.09 -9.46
N ALA P 180 -43.28 23.61 -10.22
CA ALA P 180 -44.66 23.67 -9.80
C ALA P 180 -44.85 22.84 -8.54
N PRO P 181 -45.86 23.10 -7.78
CA PRO P 181 -46.08 22.33 -6.57
C PRO P 181 -46.60 20.95 -6.89
N GLY P 182 -46.92 20.18 -5.86
CA GLY P 182 -47.73 19.01 -6.03
C GLY P 182 -47.10 17.90 -6.88
N LEU P 183 -48.00 17.10 -7.44
CA LEU P 183 -47.65 15.86 -8.12
C LEU P 183 -47.84 15.94 -9.62
N VAL P 184 -48.92 16.58 -10.07
CA VAL P 184 -49.23 16.60 -11.48
C VAL P 184 -48.08 17.19 -12.25
N ALA P 185 -47.80 16.61 -13.42
CA ALA P 185 -46.76 17.12 -14.29
C ALA P 185 -47.23 17.34 -15.71
N ALA P 186 -48.33 16.74 -16.14
CA ALA P 186 -48.85 17.09 -17.44
C ALA P 186 -50.31 16.67 -17.51
N LEU P 187 -51.13 17.47 -18.17
CA LEU P 187 -52.52 17.11 -18.39
C LEU P 187 -52.80 17.02 -19.88
N HIS P 188 -53.23 15.85 -20.33
CA HIS P 188 -53.77 15.73 -21.68
C HIS P 188 -55.27 15.95 -21.59
N ILE P 189 -55.76 17.01 -22.22
CA ILE P 189 -57.14 17.43 -22.05
C ILE P 189 -58.00 16.72 -23.08
N VAL P 190 -58.92 15.87 -22.62
CA VAL P 190 -59.63 14.94 -23.48
C VAL P 190 -61.14 15.17 -23.45
N GLY P 191 -61.72 15.21 -22.26
CA GLY P 191 -63.16 15.33 -22.12
C GLY P 191 -63.55 16.73 -21.71
N GLY P 192 -64.36 17.36 -22.55
CA GLY P 192 -64.87 18.68 -22.24
C GLY P 192 -66.34 18.77 -22.52
N THR P 193 -67.11 19.29 -21.58
CA THR P 193 -68.55 19.14 -21.72
C THR P 193 -69.16 19.96 -22.85
N PRO P 194 -69.20 21.29 -22.81
CA PRO P 194 -70.02 21.98 -23.80
C PRO P 194 -69.49 21.78 -25.20
N SER P 195 -68.31 22.33 -25.48
CA SER P 195 -67.57 22.02 -26.69
C SER P 195 -66.17 22.62 -26.59
N PRO P 196 -65.19 21.94 -26.03
CA PRO P 196 -63.85 22.53 -26.03
C PRO P 196 -63.19 22.35 -27.38
N ASP P 197 -63.95 22.54 -28.45
CA ASP P 197 -63.44 22.31 -29.81
C ASP P 197 -62.56 23.47 -30.26
N PRO P 198 -63.04 24.71 -30.36
CA PRO P 198 -62.11 25.79 -30.68
C PRO P 198 -61.18 26.06 -29.50
N ALA P 199 -61.76 26.30 -28.33
CA ALA P 199 -61.06 26.52 -27.07
C ALA P 199 -62.12 26.75 -26.00
N GLY P 200 -61.70 26.72 -24.74
CA GLY P 200 -62.63 26.91 -23.65
C GLY P 200 -61.97 27.43 -22.41
N LEU P 201 -62.70 28.23 -21.66
CA LEU P 201 -62.30 28.71 -20.34
C LEU P 201 -62.71 27.69 -19.29
N VAL P 202 -62.02 27.72 -18.15
CA VAL P 202 -62.30 26.81 -17.04
C VAL P 202 -62.37 27.66 -15.79
N THR P 203 -63.58 28.04 -15.39
CA THR P 203 -63.76 28.87 -14.21
C THR P 203 -63.52 28.03 -12.96
N PRO P 204 -63.42 28.68 -11.79
CA PRO P 204 -63.35 27.91 -10.54
C PRO P 204 -64.60 27.10 -10.27
N ARG P 205 -65.68 27.30 -11.03
CA ARG P 205 -66.91 26.57 -10.78
C ARG P 205 -66.88 25.19 -11.43
N THR P 206 -66.26 25.07 -12.60
CA THR P 206 -66.31 23.83 -13.34
C THR P 206 -65.49 22.73 -12.66
N ARG P 207 -66.10 21.56 -12.54
CA ARG P 207 -65.43 20.43 -11.92
C ARG P 207 -64.24 20.00 -12.74
N VAL P 208 -63.46 19.09 -12.17
CA VAL P 208 -62.42 18.38 -12.90
C VAL P 208 -62.53 16.92 -12.49
N SER P 209 -63.16 16.10 -13.31
CA SER P 209 -63.31 14.68 -13.07
C SER P 209 -62.41 13.94 -14.04
N LEU P 210 -61.53 13.09 -13.51
CA LEU P 210 -60.58 12.39 -14.36
C LEU P 210 -61.30 11.46 -15.32
N GLY P 211 -61.34 11.83 -16.60
CA GLY P 211 -62.00 11.01 -17.61
C GLY P 211 -61.15 9.86 -18.10
N GLY P 212 -60.15 9.48 -17.32
CA GLY P 212 -59.41 8.26 -17.56
C GLY P 212 -58.34 8.32 -18.62
N GLU P 213 -58.29 7.28 -19.45
CA GLU P 213 -57.20 6.86 -20.32
C GLU P 213 -56.53 7.98 -21.10
N PRO P 214 -55.23 7.87 -21.37
CA PRO P 214 -54.59 8.75 -22.32
C PRO P 214 -54.79 8.22 -23.73
N PRO P 215 -55.53 8.95 -24.56
CA PRO P 215 -55.75 8.48 -25.93
C PRO P 215 -54.44 8.34 -26.68
N SER P 216 -54.40 7.35 -27.58
CA SER P 216 -53.22 7.08 -28.39
C SER P 216 -51.99 6.79 -27.55
#